data_8GTO
#
_entry.id   8GTO
#
loop_
_entity.id
_entity.type
_entity.pdbx_description
1 polymer 'Spike glycoprotein'
2 polymer 'heavy chain of XGv282'
3 polymer 'light chain of XGv282'
4 branched 2-acetamido-2-deoxy-beta-D-glucopyranose-(1-4)-2-acetamido-2-deoxy-beta-D-glucopyranose
5 non-polymer 2-acetamido-2-deoxy-beta-D-glucopyranose
#
loop_
_entity_poly.entity_id
_entity_poly.type
_entity_poly.pdbx_seq_one_letter_code
_entity_poly.pdbx_strand_id
1 'polypeptide(L)'
;MFVFLVLLPLVSSQCVNLITRTQLPPAYTNSFTRGVYYPDKVFRSSVLHSTQDLFLPFFSNVTWFHAISGTNGTKRFDNP
VLPFNDGVYFASTEKSNIIRGWIFGTTLDSKTQSLLIVNNATNVVIKVCEFQFCNDPFLDVYYHKNNKSWMESEFRVYSS
ANNCTFEYVSQPFLMDLEGKQGNFKNLREFVFKNIDGYFKIYSKHTPINLGRDLPQGFSALEPLVDLPIGINITRFQTLL
ALHRSYLTPGDSSSGWTAGAAAYYVGYLQPRTFLLKYNENGTITDAVDCALDPLSETKCTLKSFTVEKGIYQTSNFRVQP
TESIVRFPNITNLCPFDEVFNATRFASVYAWNRKRISNCVADYSVLYNFAPFFAFKCYGVSPTKLNDLCFTNVYADSFVI
RGNEVSQIAPGQTGNIADYNYKLPDDFTGCVIAWNSNKLDSKVGGNYNYRYRLFRKSNLKPFERDISTEIYQAGNKPCNG
VAGVNCYFPLQSYGFRPTYGVGHQPYRVVVLSFELLHAPATVCGPKKSTNLVKNKCVNFNFNGLTGTGVLTESNKKFLPF
QQFGRDIADTTDAVRDPQTLEILDITPCSFGGVSVITPGTNTSNQVAVLYQGVNCTEVPVAIHADQLTPTWRVYSTGSNV
FQTRAGCLIGAEYVNNSYECDIPIGAGICASYQTQTKSHRRARSVASQSIIAYTMSLGAENSVAYSNNSIAIPTNFTISV
TTEILPVSMTKTSVDCTMYICGDSTECSNLLLQYGSFCTQLKRALTGIAVEQDKNTQEVFAQVKQIYKTPPIKYFGGFNF
SQILPDPSKPSKRSPIEDLLFNKVTLADAGFIKQYGDCLGDIAARDLICAQKFNGLTVLPPLLTDEMIAQYTSALLAGTI
TSGWTFGAGPALQIPFPMQMAYRFNGIGVTQNVLYENQKLIANQFNSAIGKIQDSLSSTPSALGKLQDVVNHNAQALNTL
VKQLSSKFGAISSVLNDILSRLDPPEAEVQIDRLITGRLQSLQTYVTQQLIRAAEIRASANLAATKMSECVLGQSKRVDF
CGKGYHLMSFPQSAPHGVVFLHVTYVPAQEKNFTTAPAICHDGKAHFPREGVFVSNGTHWFVTQRNFYEPQIITTDNTFV
SGNCDVVIGIVNNTVYDPLQPELDSFKEELDKYFKNHTSPDVDLGDISGINASVVNIQKEIDRLNEVAKNLNESLIDLQE
LGKYEQYIKWPWYIWLGFIAGLIAIVMVTIMLCCMTSCCSCLKGCCSCGSCCKFDEDDSEPVLKGVKLHYT
;
A,B,C
2 'polypeptide(L)'
;QLVQSGAEVKKPGSSVKVSCKASGDTFSSYTFSWVRQAPGQGLEWMGRSIPIVGKAIYAQEFQGRVTISADRSTTTVYME
LSSLRSDDTAVYYCARDQSGFDFFYYDHWGQGTLVAV
;
H,I,J
3 'polypeptide(L)'
;QSVLTQPPSASGTPGQRVTISCSGSGSNIGSNTINWYQQLPGTAPKVLIYRNNERPSGVPDRFSGSKSGTSASLTISGLQ
SEDEAYYHCAAWDDSLNGPVFGGGTKLTVLG
;
L,M,N
#
# COMPACT_ATOMS: atom_id res chain seq x y z
N PRO A 25 -44.29 -25.44 39.14
CA PRO A 25 -42.94 -25.33 39.71
C PRO A 25 -41.88 -25.93 38.79
N PRO A 26 -40.67 -25.36 38.79
CA PRO A 26 -39.61 -25.88 37.93
C PRO A 26 -38.91 -27.08 38.56
N ALA A 27 -38.14 -27.77 37.73
CA ALA A 27 -37.33 -28.90 38.17
C ALA A 27 -36.17 -29.04 37.21
N TYR A 28 -34.95 -28.96 37.72
CA TYR A 28 -33.76 -28.88 36.90
C TYR A 28 -33.01 -30.19 36.91
N THR A 29 -32.12 -30.34 35.93
CA THR A 29 -31.23 -31.50 35.85
C THR A 29 -29.90 -31.04 35.27
N ASN A 30 -28.81 -31.55 35.84
CA ASN A 30 -27.47 -31.22 35.35
C ASN A 30 -27.21 -32.02 34.09
N SER A 31 -27.02 -31.33 32.97
CA SER A 31 -26.55 -31.94 31.74
C SER A 31 -25.05 -31.83 31.71
N PHE A 32 -24.37 -32.97 31.70
CA PHE A 32 -22.92 -32.99 31.93
C PHE A 32 -22.16 -32.67 30.64
N THR A 33 -22.23 -33.55 29.67
CA THR A 33 -21.62 -33.33 28.36
C THR A 33 -22.64 -33.80 27.34
N ARG A 34 -23.56 -32.92 26.98
CA ARG A 34 -24.67 -33.27 26.12
C ARG A 34 -24.78 -32.24 25.01
N GLY A 35 -25.40 -32.66 23.91
CA GLY A 35 -25.71 -31.72 22.85
C GLY A 35 -24.54 -31.27 22.02
N VAL A 36 -23.47 -32.06 21.96
CA VAL A 36 -22.36 -31.77 21.08
C VAL A 36 -22.67 -32.36 19.72
N TYR A 37 -22.78 -31.52 18.71
CA TYR A 37 -23.17 -31.99 17.39
C TYR A 37 -22.03 -31.78 16.41
N TYR A 38 -22.13 -32.44 15.27
CA TYR A 38 -21.16 -32.25 14.22
C TYR A 38 -21.35 -30.88 13.60
N PRO A 39 -20.33 -30.01 13.61
CA PRO A 39 -20.56 -28.64 13.11
C PRO A 39 -20.71 -28.56 11.61
N ASP A 40 -20.01 -29.40 10.85
CA ASP A 40 -20.05 -29.31 9.40
C ASP A 40 -19.90 -30.70 8.80
N LYS A 41 -20.25 -30.80 7.52
CA LYS A 41 -20.21 -32.07 6.80
C LYS A 41 -18.85 -32.24 6.15
N VAL A 42 -17.86 -32.47 7.00
CA VAL A 42 -16.45 -32.58 6.61
C VAL A 42 -15.85 -33.74 7.38
N PHE A 43 -15.22 -34.66 6.67
CA PHE A 43 -14.51 -35.75 7.31
C PHE A 43 -13.20 -35.26 7.87
N ARG A 44 -12.87 -35.68 9.09
CA ARG A 44 -11.60 -35.33 9.70
C ARG A 44 -11.07 -36.54 10.43
N SER A 45 -9.77 -36.82 10.25
CA SER A 45 -9.08 -37.93 10.88
C SER A 45 -8.73 -37.59 12.33
N SER A 46 -7.77 -38.28 12.92
CA SER A 46 -7.45 -38.05 14.33
C SER A 46 -6.86 -36.65 14.52
N VAL A 47 -7.75 -35.71 14.82
CA VAL A 47 -7.47 -34.28 14.73
C VAL A 47 -8.27 -33.59 15.83
N LEU A 48 -7.62 -32.71 16.59
CA LEU A 48 -8.32 -31.87 17.54
C LEU A 48 -8.65 -30.54 16.86
N HIS A 49 -9.92 -30.33 16.57
CA HIS A 49 -10.38 -29.15 15.85
C HIS A 49 -11.08 -28.20 16.81
N SER A 50 -10.71 -26.93 16.75
CA SER A 50 -11.27 -25.91 17.64
C SER A 50 -12.29 -25.10 16.87
N THR A 51 -13.56 -25.24 17.22
CA THR A 51 -14.66 -24.58 16.52
C THR A 51 -15.33 -23.58 17.45
N GLN A 52 -16.13 -22.69 16.85
CA GLN A 52 -16.83 -21.66 17.59
C GLN A 52 -18.21 -21.51 17.00
N ASP A 53 -19.23 -21.95 17.72
CA ASP A 53 -20.58 -22.03 17.17
C ASP A 53 -21.56 -22.07 18.32
N LEU A 54 -22.84 -22.29 18.03
CA LEU A 54 -23.85 -22.38 19.07
C LEU A 54 -23.82 -23.77 19.67
N PHE A 55 -23.37 -23.89 20.91
CA PHE A 55 -23.36 -25.16 21.61
C PHE A 55 -24.05 -25.00 22.95
N LEU A 56 -24.64 -26.09 23.42
CA LEU A 56 -25.17 -26.10 24.78
C LEU A 56 -24.02 -26.23 25.76
N PRO A 57 -23.91 -25.34 26.75
CA PRO A 57 -22.71 -25.31 27.60
C PRO A 57 -22.61 -26.52 28.52
N PHE A 58 -21.37 -26.88 28.84
CA PHE A 58 -21.12 -28.07 29.63
C PHE A 58 -21.54 -27.87 31.08
N PHE A 59 -22.03 -28.96 31.69
CA PHE A 59 -22.45 -29.01 33.09
C PHE A 59 -23.53 -27.97 33.40
N SER A 60 -24.50 -27.86 32.50
CA SER A 60 -25.51 -26.81 32.60
C SER A 60 -26.76 -27.34 33.28
N ASN A 61 -27.71 -26.43 33.49
CA ASN A 61 -29.00 -26.77 34.10
C ASN A 61 -30.05 -26.80 33.00
N VAL A 62 -30.43 -27.98 32.57
CA VAL A 62 -31.56 -28.10 31.66
C VAL A 62 -32.81 -28.23 32.51
N THR A 63 -33.96 -27.89 31.92
CA THR A 63 -35.21 -27.92 32.65
C THR A 63 -35.93 -29.22 32.32
N TRP A 64 -36.43 -29.88 33.35
CA TRP A 64 -37.02 -31.22 33.23
C TRP A 64 -38.53 -31.08 33.33
N PHE A 65 -39.17 -30.91 32.18
CA PHE A 65 -40.62 -30.77 32.15
C PHE A 65 -41.28 -32.14 32.18
N HIS A 66 -42.51 -32.18 32.68
CA HIS A 66 -43.31 -33.38 32.69
C HIS A 66 -44.46 -33.32 31.69
N ALA A 67 -45.29 -32.27 31.77
CA ALA A 67 -46.52 -32.12 30.98
C ALA A 67 -47.45 -33.31 31.15
N ILE A 68 -47.52 -33.83 32.37
CA ILE A 68 -48.43 -34.91 32.73
C ILE A 68 -48.65 -34.90 34.24
N ARG A 76 -53.48 -32.07 35.14
CA ARG A 76 -52.39 -32.97 34.81
C ARG A 76 -51.65 -32.51 33.55
N PHE A 77 -52.40 -32.34 32.47
CA PHE A 77 -51.83 -31.97 31.18
C PHE A 77 -51.50 -30.49 31.17
N ASP A 78 -50.21 -30.16 31.16
CA ASP A 78 -49.77 -28.77 31.13
C ASP A 78 -48.43 -28.69 30.41
N ASN A 79 -48.47 -28.36 29.11
CA ASN A 79 -47.24 -28.15 28.36
C ASN A 79 -47.11 -26.68 27.99
N PRO A 80 -45.99 -26.05 28.31
CA PRO A 80 -45.87 -24.60 28.13
C PRO A 80 -45.33 -24.22 26.77
N VAL A 81 -45.48 -22.94 26.45
CA VAL A 81 -44.98 -22.37 25.21
C VAL A 81 -43.67 -21.67 25.55
N LEU A 82 -42.59 -22.29 25.21
CA LEU A 82 -41.28 -21.85 25.62
C LEU A 82 -40.65 -20.95 24.56
N PRO A 83 -39.73 -20.08 24.95
CA PRO A 83 -38.95 -19.33 23.96
C PRO A 83 -37.92 -20.21 23.28
N PHE A 84 -37.24 -19.61 22.30
CA PHE A 84 -36.22 -20.26 21.50
C PHE A 84 -34.84 -19.67 21.75
N ASN A 85 -34.70 -18.38 21.44
CA ASN A 85 -33.63 -17.42 21.73
C ASN A 85 -32.31 -17.66 21.02
N ASP A 86 -31.89 -18.92 20.85
CA ASP A 86 -30.85 -19.41 19.96
C ASP A 86 -30.92 -20.93 20.00
N GLY A 87 -31.63 -21.60 19.10
CA GLY A 87 -31.72 -23.05 19.19
C GLY A 87 -32.35 -23.66 20.45
N VAL A 88 -32.49 -24.98 20.46
CA VAL A 88 -33.03 -25.73 21.58
C VAL A 88 -32.41 -27.12 21.55
N TYR A 89 -31.85 -27.55 22.67
CA TYR A 89 -31.51 -28.95 22.88
C TYR A 89 -32.69 -29.61 23.57
N PHE A 90 -33.18 -30.70 23.00
CA PHE A 90 -34.41 -31.35 23.44
C PHE A 90 -34.14 -32.83 23.61
N ALA A 91 -34.09 -33.31 24.84
CA ALA A 91 -33.90 -34.72 25.11
C ALA A 91 -35.20 -35.32 25.61
N SER A 92 -35.40 -36.60 25.35
CA SER A 92 -36.61 -37.25 25.82
C SER A 92 -36.36 -38.72 26.04
N THR A 93 -37.04 -39.30 27.02
CA THR A 93 -36.90 -40.70 27.38
C THR A 93 -38.29 -41.28 27.47
N GLU A 94 -38.80 -41.82 26.35
CA GLU A 94 -40.16 -42.33 26.31
C GLU A 94 -40.21 -43.57 25.44
N LYS A 95 -40.60 -44.70 26.04
CA LYS A 95 -40.69 -45.94 25.29
C LYS A 95 -41.96 -46.02 24.46
N SER A 96 -42.99 -45.24 24.78
CA SER A 96 -44.18 -45.17 23.98
C SER A 96 -44.00 -44.10 22.91
N ASN A 97 -45.09 -43.76 22.21
CA ASN A 97 -45.05 -42.71 21.20
C ASN A 97 -46.03 -41.62 21.63
N ILE A 98 -45.55 -40.71 22.46
CA ILE A 98 -46.34 -39.59 22.96
C ILE A 98 -45.77 -38.26 22.47
N ILE A 99 -44.48 -38.03 22.68
CA ILE A 99 -43.87 -36.81 22.18
C ILE A 99 -43.73 -36.96 20.68
N ARG A 100 -44.69 -36.39 19.96
CA ARG A 100 -44.94 -36.74 18.57
C ARG A 100 -44.95 -35.51 17.71
N GLY A 101 -43.94 -34.66 17.87
CA GLY A 101 -43.75 -33.52 17.00
C GLY A 101 -43.63 -32.23 17.77
N TRP A 102 -43.46 -31.15 17.02
CA TRP A 102 -43.23 -29.83 17.57
C TRP A 102 -43.98 -28.77 16.78
N ILE A 103 -44.08 -27.59 17.38
CA ILE A 103 -44.70 -26.41 16.80
C ILE A 103 -43.72 -25.27 17.01
N PHE A 104 -43.28 -24.64 15.92
CA PHE A 104 -42.42 -23.48 16.00
C PHE A 104 -43.12 -22.29 15.36
N GLY A 105 -42.84 -21.09 15.86
CA GLY A 105 -43.45 -19.92 15.25
C GLY A 105 -43.01 -18.67 15.95
N THR A 106 -43.67 -17.57 15.63
CA THR A 106 -43.40 -16.31 16.29
C THR A 106 -44.58 -15.78 17.09
N THR A 107 -45.81 -15.91 16.59
CA THR A 107 -46.97 -15.63 17.42
C THR A 107 -47.85 -16.85 17.65
N LEU A 108 -47.58 -17.95 16.94
CA LEU A 108 -48.39 -19.18 16.97
C LEU A 108 -49.85 -18.90 16.65
N ASP A 109 -50.06 -18.13 15.59
CA ASP A 109 -51.39 -17.69 15.22
C ASP A 109 -51.42 -17.52 13.71
N SER A 110 -52.49 -16.94 13.19
CA SER A 110 -52.58 -16.56 11.79
C SER A 110 -51.79 -15.28 11.57
N LYS A 111 -51.91 -14.70 10.36
CA LYS A 111 -51.32 -13.44 9.90
C LYS A 111 -49.79 -13.37 9.99
N THR A 112 -49.15 -14.49 10.34
CA THR A 112 -47.71 -14.70 10.26
C THR A 112 -47.49 -16.21 10.25
N GLN A 113 -46.44 -16.63 9.57
CA GLN A 113 -46.31 -18.05 9.29
C GLN A 113 -45.68 -18.77 10.47
N SER A 114 -45.83 -20.10 10.45
CA SER A 114 -45.32 -20.94 11.52
C SER A 114 -45.09 -22.34 10.97
N LEU A 115 -44.18 -23.05 11.63
CA LEU A 115 -43.69 -24.35 11.21
C LEU A 115 -44.28 -25.43 12.10
N LEU A 116 -44.56 -26.59 11.50
CA LEU A 116 -45.21 -27.68 12.22
C LEU A 116 -44.53 -28.98 11.83
N ILE A 117 -43.99 -29.70 12.80
CA ILE A 117 -43.40 -31.01 12.59
C ILE A 117 -44.31 -32.03 13.24
N VAL A 118 -45.01 -32.82 12.44
CA VAL A 118 -45.80 -33.92 12.97
C VAL A 118 -45.14 -35.20 12.54
N ASN A 119 -45.39 -36.26 13.29
CA ASN A 119 -44.58 -37.48 13.22
C ASN A 119 -45.50 -38.69 13.22
N ASN A 120 -45.91 -39.12 12.03
CA ASN A 120 -46.80 -40.27 11.91
C ASN A 120 -46.04 -41.56 12.19
N ALA A 121 -46.74 -42.69 12.07
CA ALA A 121 -46.10 -43.97 12.34
C ALA A 121 -45.15 -44.38 11.22
N THR A 122 -45.26 -43.78 10.04
CA THR A 122 -44.36 -44.10 8.94
C THR A 122 -43.51 -42.92 8.46
N ASN A 123 -44.00 -41.68 8.56
CA ASN A 123 -43.25 -40.59 7.96
C ASN A 123 -43.51 -39.28 8.69
N VAL A 124 -42.52 -38.41 8.65
CA VAL A 124 -42.59 -37.07 9.21
C VAL A 124 -43.03 -36.11 8.11
N VAL A 125 -43.91 -35.17 8.45
CA VAL A 125 -44.44 -34.20 7.49
C VAL A 125 -44.20 -32.81 8.09
N ILE A 126 -43.18 -32.12 7.61
CA ILE A 126 -42.92 -30.75 8.02
C ILE A 126 -43.73 -29.82 7.13
N LYS A 127 -44.40 -28.83 7.74
CA LYS A 127 -45.33 -27.97 7.01
C LYS A 127 -45.24 -26.56 7.56
N VAL A 128 -45.02 -25.58 6.70
CA VAL A 128 -44.81 -24.19 7.14
C VAL A 128 -45.98 -23.37 6.60
N CYS A 129 -47.08 -23.35 7.33
CA CYS A 129 -48.25 -22.60 6.88
C CYS A 129 -48.78 -21.64 7.95
N GLU A 130 -49.73 -20.79 7.56
CA GLU A 130 -50.31 -19.82 8.48
C GLU A 130 -51.35 -20.55 9.32
N PHE A 131 -50.88 -21.29 10.30
CA PHE A 131 -51.75 -22.10 11.14
C PHE A 131 -52.44 -21.24 12.18
N GLN A 132 -53.76 -21.39 12.29
CA GLN A 132 -54.51 -20.83 13.42
C GLN A 132 -54.42 -21.86 14.53
N PHE A 133 -53.36 -21.76 15.34
CA PHE A 133 -53.11 -22.76 16.36
C PHE A 133 -54.09 -22.62 17.51
N CYS A 134 -54.53 -23.76 18.04
CA CYS A 134 -55.46 -23.78 19.15
C CYS A 134 -54.73 -23.45 20.45
N ASN A 135 -55.49 -23.41 21.54
CA ASN A 135 -54.90 -23.05 22.83
C ASN A 135 -54.09 -24.21 23.40
N ASP A 136 -54.71 -25.39 23.52
CA ASP A 136 -54.03 -26.60 23.96
C ASP A 136 -53.93 -27.54 22.78
N PRO A 137 -52.83 -27.53 22.03
CA PRO A 137 -52.75 -28.39 20.83
C PRO A 137 -52.34 -29.81 21.19
N PHE A 138 -53.07 -30.77 20.62
CA PHE A 138 -52.73 -32.17 20.76
C PHE A 138 -53.25 -32.92 19.55
N LEU A 139 -52.59 -34.03 19.22
CA LEU A 139 -53.14 -34.95 18.25
C LEU A 139 -54.21 -35.80 18.91
N ASP A 140 -55.01 -36.48 18.10
CA ASP A 140 -56.13 -37.27 18.64
C ASP A 140 -56.17 -38.61 17.93
N VAL A 141 -55.76 -39.66 18.64
CA VAL A 141 -55.70 -41.01 18.09
C VAL A 141 -56.92 -41.78 18.57
N TYR A 142 -57.33 -42.80 17.80
CA TYR A 142 -58.42 -43.69 18.16
C TYR A 142 -58.15 -44.44 19.47
N MET A 151 -57.40 -44.71 13.17
CA MET A 151 -57.80 -43.31 13.11
C MET A 151 -56.77 -42.44 13.80
N GLU A 152 -56.37 -41.36 13.14
CA GLU A 152 -55.42 -40.41 13.71
C GLU A 152 -55.73 -39.04 13.09
N SER A 153 -56.35 -38.17 13.87
CA SER A 153 -56.87 -36.92 13.34
C SER A 153 -55.91 -35.77 13.60
N GLU A 154 -56.24 -34.60 13.07
CA GLU A 154 -55.37 -33.43 13.14
C GLU A 154 -56.12 -32.16 13.52
N PHE A 155 -57.44 -32.18 13.59
CA PHE A 155 -58.25 -30.97 13.72
C PHE A 155 -58.26 -30.38 15.12
N ARG A 156 -57.65 -31.06 16.10
CA ARG A 156 -57.52 -30.51 17.43
C ARG A 156 -56.23 -29.73 17.62
N VAL A 157 -55.35 -29.72 16.62
CA VAL A 157 -54.13 -28.92 16.69
C VAL A 157 -54.40 -27.49 16.23
N TYR A 158 -54.90 -27.35 15.00
CA TYR A 158 -55.14 -26.03 14.42
C TYR A 158 -56.52 -26.00 13.78
N SER A 159 -56.85 -24.87 13.16
CA SER A 159 -58.14 -24.73 12.49
C SER A 159 -58.06 -23.96 11.18
N SER A 160 -56.86 -23.69 10.66
CA SER A 160 -56.69 -23.00 9.39
C SER A 160 -55.33 -23.35 8.83
N ALA A 161 -55.26 -23.56 7.53
CA ALA A 161 -54.02 -23.99 6.88
C ALA A 161 -53.79 -23.22 5.60
N ASN A 162 -53.91 -21.89 5.68
CA ASN A 162 -53.84 -21.06 4.49
C ASN A 162 -52.39 -20.77 4.10
N ASN A 163 -52.07 -21.03 2.83
CA ASN A 163 -50.89 -20.53 2.13
C ASN A 163 -49.58 -21.00 2.77
N CYS A 164 -49.34 -22.29 2.67
CA CYS A 164 -48.01 -22.84 2.92
C CYS A 164 -47.17 -22.99 1.67
N THR A 165 -45.91 -22.60 1.82
CA THR A 165 -44.91 -22.54 0.76
C THR A 165 -43.83 -23.59 0.93
N PHE A 166 -44.03 -24.57 1.81
CA PHE A 166 -43.01 -25.60 2.03
C PHE A 166 -43.67 -26.86 2.55
N GLU A 167 -43.36 -28.00 1.91
CA GLU A 167 -43.79 -29.30 2.36
C GLU A 167 -42.60 -30.24 2.27
N TYR A 168 -42.61 -31.29 3.10
CA TYR A 168 -41.48 -32.20 3.19
C TYR A 168 -41.96 -33.51 3.77
N VAL A 169 -41.45 -34.62 3.25
CA VAL A 169 -41.78 -35.96 3.74
C VAL A 169 -40.49 -36.78 3.77
N SER A 170 -40.09 -37.22 4.96
CA SER A 170 -39.01 -38.18 5.16
C SER A 170 -39.53 -39.33 6.00
N GLN A 171 -38.85 -40.46 5.96
CA GLN A 171 -39.42 -41.60 6.68
C GLN A 171 -39.25 -41.56 8.20
N PRO A 172 -38.03 -41.71 8.80
CA PRO A 172 -38.01 -42.09 10.22
C PRO A 172 -38.33 -41.00 11.24
N PHE A 173 -37.35 -40.10 11.43
CA PHE A 173 -37.33 -38.93 12.31
C PHE A 173 -37.46 -39.20 13.80
N LEU A 174 -37.78 -40.44 14.19
CA LEU A 174 -38.14 -40.74 15.58
C LEU A 174 -38.19 -42.25 15.71
N MET A 175 -37.70 -42.77 16.85
CA MET A 175 -37.52 -44.20 17.10
C MET A 175 -36.63 -44.86 16.03
N ASP A 176 -35.69 -44.09 15.49
CA ASP A 176 -34.82 -44.44 14.37
C ASP A 176 -35.60 -44.97 13.15
N PHE A 184 -32.44 -50.97 27.98
CA PHE A 184 -33.83 -50.87 28.42
C PHE A 184 -34.52 -49.70 27.74
N LYS A 185 -34.49 -48.53 28.37
CA LYS A 185 -35.05 -47.33 27.77
C LYS A 185 -34.06 -46.74 26.77
N ASN A 186 -34.53 -45.76 26.01
CA ASN A 186 -33.73 -45.15 24.95
C ASN A 186 -33.85 -43.64 25.01
N LEU A 187 -32.71 -42.96 25.09
CA LEU A 187 -32.72 -41.51 25.08
C LEU A 187 -32.71 -41.02 23.64
N ARG A 188 -33.51 -40.00 23.36
CA ARG A 188 -33.55 -39.40 22.03
C ARG A 188 -33.25 -37.93 22.17
N GLU A 189 -32.21 -37.45 21.51
CA GLU A 189 -31.76 -36.08 21.65
C GLU A 189 -31.85 -35.38 20.31
N PHE A 190 -32.35 -34.15 20.32
CA PHE A 190 -32.46 -33.31 19.14
C PHE A 190 -31.88 -31.94 19.45
N VAL A 191 -31.39 -31.27 18.41
CA VAL A 191 -30.99 -29.88 18.52
C VAL A 191 -31.57 -29.15 17.32
N PHE A 192 -32.40 -28.15 17.58
CA PHE A 192 -32.96 -27.32 16.54
C PHE A 192 -32.26 -25.98 16.56
N LYS A 193 -31.84 -25.50 15.40
CA LYS A 193 -31.38 -24.12 15.33
C LYS A 193 -31.71 -23.55 13.97
N ASN A 194 -32.17 -22.31 13.96
CA ASN A 194 -32.64 -21.62 12.75
C ASN A 194 -31.67 -20.48 12.48
N ILE A 195 -30.94 -20.58 11.37
CA ILE A 195 -29.94 -19.59 11.02
C ILE A 195 -30.03 -19.30 9.53
N ASP A 196 -30.18 -18.00 9.19
CA ASP A 196 -30.17 -17.49 7.82
C ASP A 196 -31.26 -18.12 6.96
N GLY A 197 -32.43 -18.31 7.54
CA GLY A 197 -33.53 -18.92 6.83
C GLY A 197 -33.42 -20.43 6.69
N TYR A 198 -32.42 -21.04 7.30
CA TYR A 198 -32.22 -22.49 7.23
C TYR A 198 -32.50 -23.07 8.61
N PHE A 199 -33.47 -23.98 8.67
CA PHE A 199 -33.74 -24.74 9.88
C PHE A 199 -32.87 -25.99 9.87
N LYS A 200 -32.14 -26.21 10.96
CA LYS A 200 -31.22 -27.33 11.05
C LYS A 200 -31.62 -28.17 12.26
N ILE A 201 -31.93 -29.44 12.01
CA ILE A 201 -32.31 -30.39 13.04
C ILE A 201 -31.22 -31.45 13.11
N TYR A 202 -30.63 -31.63 14.29
CA TYR A 202 -29.63 -32.64 14.54
C TYR A 202 -30.23 -33.66 15.49
N SER A 203 -29.92 -34.94 15.32
CA SER A 203 -30.62 -35.95 16.09
C SER A 203 -29.71 -37.14 16.39
N LYS A 204 -29.97 -37.77 17.54
CA LYS A 204 -29.23 -38.98 17.92
C LYS A 204 -30.06 -39.78 18.91
N HIS A 205 -30.26 -41.05 18.61
CA HIS A 205 -31.06 -41.95 19.43
C HIS A 205 -30.14 -43.03 20.00
N THR A 206 -29.99 -43.05 21.32
CA THR A 206 -29.05 -43.98 21.92
C THR A 206 -29.68 -44.81 23.03
N PRO A 207 -29.40 -46.11 23.06
CA PRO A 207 -29.90 -46.95 24.17
C PRO A 207 -29.05 -46.76 25.41
N ILE A 208 -29.72 -46.49 26.53
CA ILE A 208 -29.03 -46.25 27.80
C ILE A 208 -29.61 -47.16 28.87
N ASN A 209 -28.81 -47.36 29.91
CA ASN A 209 -29.24 -48.09 31.10
C ASN A 209 -30.02 -47.16 32.02
N LEU A 210 -30.44 -47.69 33.16
CA LEU A 210 -31.22 -46.91 34.11
C LEU A 210 -30.31 -45.96 34.87
N GLY A 211 -30.59 -44.66 34.76
CA GLY A 211 -29.80 -43.63 35.40
C GLY A 211 -30.58 -42.36 35.63
N ARG A 212 -29.93 -41.22 35.45
CA ARG A 212 -30.57 -39.92 35.65
C ARG A 212 -31.26 -39.39 34.41
N ASP A 213 -31.41 -40.23 33.37
CA ASP A 213 -32.00 -39.96 32.06
C ASP A 213 -31.21 -38.94 31.23
N LEU A 214 -30.07 -38.48 31.75
CA LEU A 214 -29.10 -37.70 31.00
C LEU A 214 -27.75 -38.24 31.44
N PRO A 215 -27.30 -39.35 30.85
CA PRO A 215 -26.25 -40.15 31.48
C PRO A 215 -24.87 -39.53 31.30
N GLN A 216 -23.98 -39.94 32.20
CA GLN A 216 -22.59 -39.52 32.17
C GLN A 216 -21.90 -40.26 31.03
N GLY A 217 -21.64 -39.54 29.94
CA GLY A 217 -21.02 -40.15 28.78
C GLY A 217 -20.90 -39.13 27.68
N PHE A 218 -20.75 -39.63 26.45
CA PHE A 218 -20.60 -38.73 25.33
C PHE A 218 -21.15 -39.39 24.07
N SER A 219 -21.91 -38.63 23.29
CA SER A 219 -22.45 -39.10 22.03
C SER A 219 -22.71 -37.89 21.15
N ALA A 220 -22.07 -37.86 19.98
CA ALA A 220 -22.22 -36.74 19.06
C ALA A 220 -23.53 -36.83 18.30
N LEU A 221 -24.10 -35.68 17.96
CA LEU A 221 -25.37 -35.61 17.27
C LEU A 221 -25.12 -35.41 15.77
N GLU A 222 -25.69 -36.27 14.96
CA GLU A 222 -25.48 -36.23 13.52
C GLU A 222 -26.66 -35.58 12.82
N PRO A 223 -26.43 -34.79 11.76
CA PRO A 223 -27.51 -34.00 11.19
C PRO A 223 -28.56 -34.82 10.47
N LEU A 224 -29.78 -34.30 10.45
CA LEU A 224 -30.92 -35.02 9.91
C LEU A 224 -31.49 -34.35 8.67
N VAL A 225 -31.95 -33.10 8.78
CA VAL A 225 -32.52 -32.35 7.66
C VAL A 225 -31.89 -30.96 7.66
N ASP A 226 -32.20 -30.21 6.60
CA ASP A 226 -31.70 -28.85 6.43
C ASP A 226 -32.73 -28.13 5.56
N LEU A 227 -33.62 -27.41 6.20
CA LEU A 227 -34.80 -26.92 5.50
C LEU A 227 -34.66 -25.47 5.13
N PRO A 228 -34.88 -25.10 3.87
CA PRO A 228 -34.95 -23.67 3.48
C PRO A 228 -36.32 -23.05 3.69
N ILE A 229 -36.58 -22.59 4.92
CA ILE A 229 -37.90 -22.08 5.27
C ILE A 229 -38.01 -20.57 5.11
N GLY A 230 -37.02 -19.81 5.56
CA GLY A 230 -37.12 -18.36 5.56
C GLY A 230 -38.12 -17.79 6.54
N ILE A 231 -38.04 -18.18 7.81
CA ILE A 231 -39.04 -17.87 8.81
C ILE A 231 -38.36 -17.37 10.07
N ASN A 232 -38.87 -16.27 10.63
CA ASN A 232 -38.49 -15.86 11.98
C ASN A 232 -39.13 -16.82 12.99
N ILE A 233 -38.30 -17.42 13.84
CA ILE A 233 -38.76 -18.37 14.85
C ILE A 233 -38.29 -17.88 16.20
N THR A 234 -39.23 -17.68 17.12
CA THR A 234 -38.87 -17.30 18.47
C THR A 234 -39.62 -18.02 19.59
N ARG A 235 -40.71 -18.71 19.27
CA ARG A 235 -41.49 -19.44 20.26
C ARG A 235 -41.75 -20.86 19.77
N PHE A 236 -41.85 -21.82 20.69
CA PHE A 236 -42.10 -23.19 20.29
C PHE A 236 -42.77 -23.93 21.43
N GLN A 237 -43.48 -24.99 21.09
CA GLN A 237 -43.98 -25.92 22.08
C GLN A 237 -44.06 -27.30 21.45
N THR A 238 -44.45 -28.30 22.24
CA THR A 238 -44.42 -29.68 21.78
C THR A 238 -45.83 -30.22 21.60
N LEU A 239 -46.00 -31.01 20.55
CA LEU A 239 -47.24 -31.72 20.32
C LEU A 239 -47.26 -33.00 21.14
N LEU A 240 -48.47 -33.52 21.37
CA LEU A 240 -48.65 -34.78 22.06
C LEU A 240 -49.78 -35.53 21.38
N ALA A 241 -49.96 -36.78 21.78
CA ALA A 241 -51.12 -37.58 21.37
C ALA A 241 -51.86 -38.02 22.62
N LEU A 242 -53.19 -38.07 22.54
CA LEU A 242 -53.97 -38.29 23.74
C LEU A 242 -54.92 -39.49 23.69
N HIS A 243 -54.94 -40.27 22.62
CA HIS A 243 -55.61 -41.57 22.50
C HIS A 243 -57.12 -41.54 22.69
N ARG A 244 -57.75 -40.36 22.78
CA ARG A 244 -59.17 -40.16 23.13
C ARG A 244 -59.59 -40.89 24.40
N TRP A 256 -57.43 -36.22 27.01
CA TRP A 256 -58.28 -37.01 27.89
C TRP A 256 -57.44 -37.84 28.84
N THR A 257 -56.79 -38.86 28.32
CA THR A 257 -55.97 -39.76 29.12
C THR A 257 -54.67 -40.05 28.38
N ALA A 258 -53.55 -39.82 29.05
CA ALA A 258 -52.24 -40.08 28.47
C ALA A 258 -51.41 -40.90 29.46
N GLY A 259 -50.14 -41.10 29.12
CA GLY A 259 -49.27 -41.90 29.96
C GLY A 259 -48.46 -41.07 30.93
N ALA A 260 -47.16 -40.91 30.64
CA ALA A 260 -46.29 -40.13 31.51
C ALA A 260 -45.16 -39.57 30.63
N ALA A 261 -45.29 -38.32 30.24
CA ALA A 261 -44.27 -37.67 29.42
C ALA A 261 -43.23 -37.00 30.32
N ALA A 262 -42.07 -36.74 29.73
CA ALA A 262 -40.97 -36.04 30.40
C ALA A 262 -39.99 -35.63 29.32
N TYR A 263 -39.68 -34.34 29.24
CA TYR A 263 -38.70 -33.92 28.27
C TYR A 263 -37.79 -32.86 28.87
N TYR A 264 -36.56 -32.83 28.40
CA TYR A 264 -35.52 -31.98 28.95
C TYR A 264 -35.18 -30.92 27.92
N VAL A 265 -35.27 -29.65 28.30
CA VAL A 265 -35.07 -28.54 27.39
C VAL A 265 -33.89 -27.71 27.88
N GLY A 266 -32.91 -27.48 27.00
CA GLY A 266 -31.82 -26.60 27.30
C GLY A 266 -31.57 -25.67 26.12
N TYR A 267 -30.88 -24.57 26.39
CA TYR A 267 -30.73 -23.53 25.38
C TYR A 267 -29.28 -23.38 24.95
N LEU A 268 -29.08 -23.21 23.66
CA LEU A 268 -27.77 -23.12 23.06
C LEU A 268 -27.22 -21.70 23.23
N GLN A 269 -25.90 -21.61 23.39
CA GLN A 269 -25.21 -20.34 23.54
C GLN A 269 -23.98 -20.33 22.65
N PRO A 270 -23.51 -19.16 22.21
CA PRO A 270 -22.30 -19.13 21.40
C PRO A 270 -21.04 -19.44 22.19
N ARG A 271 -20.50 -20.64 21.98
CA ARG A 271 -19.36 -21.13 22.74
C ARG A 271 -18.28 -21.64 21.78
N THR A 272 -17.06 -21.69 22.31
CA THR A 272 -15.92 -22.25 21.61
C THR A 272 -15.65 -23.64 22.17
N PHE A 273 -15.63 -24.63 21.31
CA PHE A 273 -15.39 -26.01 21.69
C PHE A 273 -14.11 -26.49 21.04
N LEU A 274 -13.54 -27.54 21.62
CA LEU A 274 -12.41 -28.25 21.04
C LEU A 274 -12.84 -29.71 20.92
N LEU A 275 -13.15 -30.14 19.71
CA LEU A 275 -13.63 -31.49 19.44
C LEU A 275 -12.46 -32.37 19.00
N LYS A 276 -12.54 -33.65 19.33
CA LYS A 276 -11.46 -34.58 19.04
C LYS A 276 -11.98 -35.68 18.15
N TYR A 277 -11.60 -35.68 16.88
CA TYR A 277 -12.02 -36.72 15.95
C TYR A 277 -11.00 -37.84 15.94
N ASN A 278 -11.48 -39.07 16.11
CA ASN A 278 -10.61 -40.23 16.11
C ASN A 278 -10.35 -40.67 14.68
N GLU A 279 -9.90 -41.92 14.49
CA GLU A 279 -9.51 -42.39 13.17
C GLU A 279 -10.69 -42.46 12.22
N ASN A 280 -11.85 -42.91 12.70
CA ASN A 280 -12.97 -43.13 11.80
C ASN A 280 -13.80 -41.88 11.57
N GLY A 281 -13.36 -40.72 12.02
CA GLY A 281 -14.10 -39.50 11.80
C GLY A 281 -15.20 -39.22 12.77
N THR A 282 -15.30 -39.98 13.85
CA THR A 282 -16.32 -39.77 14.88
C THR A 282 -15.77 -38.86 15.97
N ILE A 283 -16.66 -38.16 16.64
CA ILE A 283 -16.27 -37.33 17.78
C ILE A 283 -16.35 -38.18 19.04
N THR A 284 -15.24 -38.26 19.77
CA THR A 284 -15.21 -39.01 21.01
C THR A 284 -15.12 -38.13 22.25
N ASP A 285 -14.62 -36.91 22.14
CA ASP A 285 -14.45 -36.04 23.29
C ASP A 285 -14.45 -34.59 22.84
N ALA A 286 -14.79 -33.71 23.78
CA ALA A 286 -14.85 -32.28 23.51
C ALA A 286 -14.54 -31.52 24.79
N VAL A 287 -14.01 -30.32 24.63
CA VAL A 287 -13.63 -29.48 25.76
C VAL A 287 -14.22 -28.09 25.55
N ASP A 288 -14.98 -27.62 26.54
CA ASP A 288 -15.63 -26.31 26.49
C ASP A 288 -14.68 -25.24 27.02
N CYS A 289 -14.27 -24.32 26.16
CA CYS A 289 -13.16 -23.41 26.45
C CYS A 289 -13.54 -22.22 27.34
N ALA A 290 -14.61 -22.33 28.10
CA ALA A 290 -15.02 -21.24 28.95
C ALA A 290 -15.47 -21.76 30.29
N LEU A 291 -15.22 -23.03 30.53
CA LEU A 291 -15.57 -23.61 31.79
C LEU A 291 -14.54 -23.03 32.75
N ASP A 292 -13.99 -23.86 33.62
CA ASP A 292 -13.01 -23.41 34.59
C ASP A 292 -11.72 -23.01 33.87
N PRO A 293 -10.59 -23.27 34.52
CA PRO A 293 -9.29 -22.89 33.96
C PRO A 293 -8.46 -24.03 33.34
N LEU A 294 -8.78 -25.30 33.60
CA LEU A 294 -7.95 -26.34 33.00
C LEU A 294 -8.41 -26.70 31.60
N SER A 295 -9.71 -26.64 31.32
CA SER A 295 -10.18 -26.89 29.97
C SER A 295 -9.80 -25.75 29.03
N GLU A 296 -9.74 -24.52 29.55
CA GLU A 296 -9.24 -23.40 28.76
C GLU A 296 -7.76 -23.57 28.47
N THR A 297 -6.99 -24.11 29.42
CA THR A 297 -5.58 -24.38 29.18
C THR A 297 -5.39 -25.47 28.14
N LYS A 298 -6.19 -26.54 28.22
CA LYS A 298 -6.11 -27.62 27.24
C LYS A 298 -6.50 -27.15 25.85
N CYS A 299 -7.44 -26.21 25.75
CA CYS A 299 -7.77 -25.67 24.45
C CYS A 299 -6.76 -24.65 23.95
N THR A 300 -6.00 -24.02 24.85
CA THR A 300 -4.92 -23.14 24.41
C THR A 300 -3.75 -23.95 23.87
N LEU A 301 -3.36 -25.01 24.57
CA LEU A 301 -2.23 -25.82 24.14
C LEU A 301 -2.53 -26.67 22.92
N LYS A 302 -3.81 -26.90 22.62
CA LYS A 302 -4.29 -27.91 21.67
C LYS A 302 -3.73 -29.28 22.01
N SER A 303 -4.00 -29.70 23.25
CA SER A 303 -3.59 -31.01 23.73
C SER A 303 -4.54 -31.43 24.83
N PHE A 304 -4.42 -32.68 25.27
CA PHE A 304 -5.20 -33.16 26.39
C PHE A 304 -4.36 -33.45 27.63
N THR A 305 -3.05 -33.28 27.56
CA THR A 305 -2.15 -33.48 28.69
C THR A 305 -1.39 -32.18 28.91
N VAL A 306 -1.52 -31.62 30.10
CA VAL A 306 -0.88 -30.37 30.46
C VAL A 306 0.15 -30.63 31.54
N GLU A 307 1.21 -31.33 31.15
CA GLU A 307 2.28 -31.69 32.06
C GLU A 307 2.59 -30.45 32.84
N LYS A 308 2.59 -30.55 34.17
CA LYS A 308 2.82 -29.45 35.10
C LYS A 308 3.64 -28.31 34.55
N GLY A 309 3.23 -27.08 34.87
CA GLY A 309 3.93 -25.91 34.40
C GLY A 309 3.03 -24.75 34.69
N ILE A 310 3.43 -23.55 34.30
CA ILE A 310 2.60 -22.39 34.51
C ILE A 310 2.37 -21.75 33.16
N TYR A 311 1.23 -22.08 32.55
CA TYR A 311 0.86 -21.58 31.24
C TYR A 311 0.18 -20.27 31.31
N GLN A 312 0.37 -19.45 30.28
CA GLN A 312 -0.24 -18.14 30.25
C GLN A 312 -1.42 -18.07 29.33
N THR A 313 -2.58 -18.50 29.81
CA THR A 313 -3.78 -18.48 29.01
C THR A 313 -4.21 -17.04 28.76
N SER A 314 -5.52 -16.80 28.76
CA SER A 314 -6.12 -15.50 28.47
C SER A 314 -5.60 -14.28 29.22
N ASN A 315 -6.40 -13.22 29.18
CA ASN A 315 -6.13 -11.96 29.84
C ASN A 315 -7.39 -11.62 30.60
N PHE A 316 -7.48 -10.41 31.13
CA PHE A 316 -8.67 -10.05 31.87
C PHE A 316 -8.84 -8.55 32.04
N ARG A 317 -9.83 -7.97 31.37
CA ARG A 317 -10.07 -6.56 31.51
C ARG A 317 -11.31 -6.46 32.33
N VAL A 318 -11.46 -5.41 33.11
CA VAL A 318 -12.65 -5.25 33.92
C VAL A 318 -13.56 -4.28 33.18
N GLN A 319 -14.62 -4.84 32.59
CA GLN A 319 -15.56 -4.08 31.77
C GLN A 319 -16.12 -2.90 32.50
N PRO A 320 -16.40 -1.82 31.79
CA PRO A 320 -16.94 -0.62 32.45
C PRO A 320 -18.42 -0.42 32.19
N THR A 321 -19.20 -0.13 33.23
CA THR A 321 -20.62 0.07 33.04
C THR A 321 -20.89 1.51 32.63
N GLU A 322 -21.91 2.15 33.20
CA GLU A 322 -22.22 3.53 32.91
C GLU A 322 -22.22 3.90 31.44
N SER A 323 -22.27 5.20 31.19
CA SER A 323 -22.25 5.71 29.84
C SER A 323 -22.40 7.21 29.87
N ILE A 324 -21.46 7.88 30.52
CA ILE A 324 -21.46 9.33 30.63
C ILE A 324 -21.58 9.92 29.24
N VAL A 325 -21.75 11.24 29.17
CA VAL A 325 -21.83 11.94 27.90
C VAL A 325 -21.26 13.32 28.14
N ARG A 326 -21.86 14.07 29.05
CA ARG A 326 -21.36 15.39 29.35
C ARG A 326 -21.04 16.20 28.12
N PHE A 327 -22.03 16.94 27.64
CA PHE A 327 -21.87 17.81 26.48
C PHE A 327 -21.88 19.23 27.01
N PRO A 328 -21.61 20.20 26.16
CA PRO A 328 -21.59 21.59 26.61
C PRO A 328 -22.96 22.27 26.48
N ASN A 329 -23.63 22.52 27.59
CA ASN A 329 -24.93 23.17 27.52
C ASN A 329 -24.81 24.56 26.94
N ILE A 330 -25.67 24.88 25.99
CA ILE A 330 -25.64 26.21 25.39
C ILE A 330 -26.95 26.46 24.66
N THR A 331 -27.29 27.74 24.54
CA THR A 331 -28.48 28.15 23.85
C THR A 331 -28.16 28.11 22.37
N ASN A 332 -29.05 28.73 21.61
CA ASN A 332 -28.95 28.93 20.17
C ASN A 332 -28.93 27.75 19.19
N LEU A 333 -29.81 27.86 18.20
CA LEU A 333 -29.91 26.91 17.10
C LEU A 333 -29.14 27.67 16.05
N CYS A 334 -28.22 27.01 15.35
CA CYS A 334 -27.41 27.71 14.37
C CYS A 334 -28.38 27.69 13.23
N PRO A 335 -28.99 28.82 12.90
CA PRO A 335 -30.01 28.70 11.83
C PRO A 335 -29.55 28.09 10.49
N PHE A 336 -29.67 26.77 10.28
CA PHE A 336 -29.29 26.24 8.98
C PHE A 336 -30.19 26.72 7.86
N ASP A 337 -31.39 27.21 8.17
CA ASP A 337 -32.30 27.70 7.15
C ASP A 337 -31.88 29.06 6.58
N GLU A 338 -30.87 29.71 7.18
CA GLU A 338 -30.31 30.89 6.52
C GLU A 338 -29.59 30.50 5.24
N VAL A 339 -28.83 29.40 5.28
CA VAL A 339 -28.07 28.98 4.11
C VAL A 339 -28.86 28.03 3.21
N PHE A 340 -29.90 27.37 3.74
CA PHE A 340 -30.64 26.38 3.00
C PHE A 340 -31.97 26.91 2.47
N ASN A 341 -32.35 28.12 2.83
CA ASN A 341 -33.64 28.66 2.40
C ASN A 341 -33.53 30.14 2.04
N ALA A 342 -32.36 30.58 1.59
CA ALA A 342 -32.22 31.95 1.13
C ALA A 342 -32.97 32.17 -0.16
N THR A 343 -33.43 33.39 -0.37
CA THR A 343 -34.22 33.70 -1.56
C THR A 343 -33.36 33.66 -2.82
N ARG A 344 -32.09 34.05 -2.70
CA ARG A 344 -31.20 34.04 -3.86
C ARG A 344 -29.79 33.54 -3.55
N PHE A 345 -29.32 32.59 -4.35
CA PHE A 345 -27.99 32.03 -4.19
C PHE A 345 -27.04 32.76 -5.13
N ALA A 346 -25.83 33.00 -4.66
CA ALA A 346 -24.82 33.63 -5.49
C ALA A 346 -24.26 32.62 -6.47
N SER A 347 -23.74 33.13 -7.59
CA SER A 347 -23.21 32.23 -8.59
C SER A 347 -21.86 31.67 -8.15
N VAL A 348 -21.34 30.72 -8.93
CA VAL A 348 -20.23 29.90 -8.46
C VAL A 348 -18.89 30.64 -8.50
N TYR A 349 -18.80 31.75 -9.24
CA TYR A 349 -17.53 32.48 -9.28
C TYR A 349 -17.30 33.28 -8.00
N ALA A 350 -18.38 33.71 -7.34
CA ALA A 350 -18.31 34.43 -6.07
C ALA A 350 -19.27 33.73 -5.12
N TRP A 351 -18.79 32.68 -4.48
CA TRP A 351 -19.66 31.76 -3.77
C TRP A 351 -19.87 32.20 -2.32
N ASN A 352 -21.09 31.98 -1.82
CA ASN A 352 -21.43 32.49 -0.50
C ASN A 352 -20.79 31.64 0.58
N ARG A 353 -20.12 32.30 1.53
CA ARG A 353 -19.41 31.64 2.60
C ARG A 353 -19.98 32.10 3.93
N LYS A 354 -20.08 31.17 4.89
CA LYS A 354 -20.55 31.51 6.23
C LYS A 354 -19.87 30.61 7.25
N ARG A 355 -19.42 31.23 8.35
CA ARG A 355 -18.83 30.52 9.47
C ARG A 355 -19.99 30.30 10.45
N ILE A 356 -20.02 29.14 11.09
CA ILE A 356 -21.09 28.80 12.02
C ILE A 356 -20.56 28.89 13.44
N SER A 357 -21.22 29.69 14.28
CA SER A 357 -20.84 29.85 15.67
C SER A 357 -21.40 28.70 16.50
N ASN A 358 -21.14 28.75 17.81
CA ASN A 358 -21.48 27.64 18.70
C ASN A 358 -22.98 27.58 18.95
N CYS A 359 -23.51 26.37 18.96
CA CYS A 359 -24.96 26.14 19.00
C CYS A 359 -25.18 24.66 19.33
N VAL A 360 -26.43 24.22 19.31
CA VAL A 360 -26.79 22.80 19.24
C VAL A 360 -27.34 22.53 17.84
N ALA A 361 -26.74 21.56 17.16
CA ALA A 361 -26.93 21.40 15.71
C ALA A 361 -27.80 20.18 15.46
N ASP A 362 -29.11 20.39 15.39
CA ASP A 362 -30.04 19.31 15.09
C ASP A 362 -30.03 19.02 13.60
N TYR A 363 -29.54 17.87 13.20
CA TYR A 363 -29.56 17.62 11.79
C TYR A 363 -30.77 16.99 11.34
N SER A 364 -31.78 17.00 12.19
CA SER A 364 -33.05 16.43 11.81
C SER A 364 -33.48 17.30 10.64
N VAL A 365 -33.40 18.61 10.83
CA VAL A 365 -33.73 19.53 9.74
C VAL A 365 -32.57 19.29 8.86
N LEU A 366 -32.70 19.61 7.57
CA LEU A 366 -31.67 19.37 6.57
C LEU A 366 -31.87 17.94 6.08
N TYR A 367 -33.07 17.42 6.24
CA TYR A 367 -33.31 16.07 5.84
C TYR A 367 -34.66 16.05 5.36
N ASN A 368 -35.34 17.06 5.81
CA ASN A 368 -36.73 17.40 5.50
C ASN A 368 -36.81 18.43 4.38
N PHE A 369 -35.96 18.30 3.36
CA PHE A 369 -35.91 19.30 2.31
C PHE A 369 -36.33 18.77 0.95
N ALA A 370 -35.70 17.72 0.44
CA ALA A 370 -35.77 17.44 -0.99
C ALA A 370 -35.49 15.96 -1.21
N PRO A 371 -35.73 15.45 -2.43
CA PRO A 371 -35.25 14.10 -2.76
C PRO A 371 -33.74 13.95 -2.91
N PHE A 372 -32.96 15.05 -2.87
CA PHE A 372 -31.53 15.04 -2.57
C PHE A 372 -30.72 14.24 -3.59
N PHE A 373 -30.61 14.83 -4.79
CA PHE A 373 -29.88 14.22 -5.91
C PHE A 373 -28.44 13.84 -5.56
N ALA A 374 -27.80 14.55 -4.64
CA ALA A 374 -26.50 14.12 -4.16
C ALA A 374 -26.37 14.46 -2.69
N PHE A 375 -25.98 13.46 -1.88
CA PHE A 375 -25.75 13.65 -0.45
C PHE A 375 -24.51 12.81 -0.14
N LYS A 376 -23.33 13.42 -0.26
CA LYS A 376 -22.08 12.68 -0.15
C LYS A 376 -21.23 13.31 0.95
N CYS A 377 -21.19 12.66 2.10
CA CYS A 377 -20.17 13.03 3.07
C CYS A 377 -18.87 12.31 2.72
N TYR A 378 -17.75 12.90 3.12
CA TYR A 378 -16.45 12.31 2.82
C TYR A 378 -15.68 11.92 4.08
N GLY A 379 -15.45 12.84 5.00
CA GLY A 379 -14.75 12.48 6.21
C GLY A 379 -15.61 11.87 7.28
N VAL A 380 -16.93 11.87 7.08
CA VAL A 380 -17.90 11.34 8.03
C VAL A 380 -18.91 10.51 7.25
N SER A 381 -19.93 10.03 7.96
CA SER A 381 -21.04 9.31 7.37
C SER A 381 -22.34 9.91 7.89
N PRO A 382 -23.36 10.03 7.03
CA PRO A 382 -24.58 10.73 7.44
C PRO A 382 -25.39 9.98 8.49
N THR A 383 -25.25 8.67 8.57
CA THR A 383 -25.92 7.91 9.61
C THR A 383 -25.30 8.15 10.99
N LYS A 384 -24.04 8.56 11.03
CA LYS A 384 -23.35 8.84 12.28
C LYS A 384 -22.97 10.32 12.39
N LEU A 385 -23.89 11.19 11.99
CA LEU A 385 -23.61 12.62 12.02
C LEU A 385 -24.02 13.31 13.31
N ASN A 386 -24.94 12.73 14.07
CA ASN A 386 -25.40 13.39 15.28
C ASN A 386 -24.67 13.06 16.57
N ASP A 387 -23.42 12.65 16.47
CA ASP A 387 -22.66 12.36 17.67
C ASP A 387 -21.31 13.05 17.70
N LEU A 388 -20.74 13.33 16.53
CA LEU A 388 -19.50 14.07 16.48
C LEU A 388 -19.76 15.55 16.77
N CYS A 389 -18.71 16.27 17.14
CA CYS A 389 -18.84 17.68 17.51
C CYS A 389 -17.64 18.44 16.91
N PHE A 390 -17.84 18.99 15.72
CA PHE A 390 -16.78 19.69 15.00
C PHE A 390 -16.57 21.08 15.58
N THR A 391 -15.34 21.58 15.49
CA THR A 391 -15.07 22.91 16.03
C THR A 391 -15.59 24.00 15.12
N ASN A 392 -15.10 24.07 13.88
CA ASN A 392 -15.55 25.11 12.96
C ASN A 392 -16.23 24.50 11.76
N VAL A 393 -17.32 25.15 11.34
CA VAL A 393 -18.21 24.70 10.29
C VAL A 393 -18.31 25.82 9.26
N TYR A 394 -17.96 25.51 8.01
CA TYR A 394 -18.02 26.46 6.91
C TYR A 394 -19.10 26.02 5.94
N ALA A 395 -20.15 26.83 5.81
CA ALA A 395 -21.19 26.57 4.83
C ALA A 395 -20.90 27.41 3.59
N ASP A 396 -20.60 26.75 2.49
CA ASP A 396 -20.43 27.39 1.19
C ASP A 396 -21.64 27.06 0.34
N SER A 397 -22.07 28.00 -0.48
CA SER A 397 -23.31 27.77 -1.21
C SER A 397 -23.27 28.47 -2.55
N PHE A 398 -23.81 27.80 -3.58
CA PHE A 398 -23.91 28.35 -4.92
C PHE A 398 -24.92 27.55 -5.74
N VAL A 399 -25.04 27.92 -7.02
CA VAL A 399 -25.83 27.16 -7.99
C VAL A 399 -24.90 26.70 -9.12
N ILE A 400 -25.12 25.48 -9.60
CA ILE A 400 -24.36 24.96 -10.74
C ILE A 400 -25.34 24.30 -11.69
N ARG A 401 -24.83 23.90 -12.86
CA ARG A 401 -25.68 23.26 -13.84
C ARG A 401 -25.92 21.80 -13.49
N GLY A 402 -26.79 21.15 -14.27
CA GLY A 402 -27.29 19.84 -13.90
C GLY A 402 -26.25 18.73 -14.03
N ASN A 403 -25.47 18.75 -15.11
CA ASN A 403 -24.45 17.73 -15.33
C ASN A 403 -23.10 18.14 -14.77
N GLU A 404 -23.09 18.95 -13.72
CA GLU A 404 -21.87 19.45 -13.12
C GLU A 404 -21.68 18.98 -11.69
N VAL A 405 -22.68 18.31 -11.11
CA VAL A 405 -22.68 17.96 -9.69
C VAL A 405 -21.58 16.96 -9.37
N SER A 406 -21.20 16.13 -10.35
CA SER A 406 -20.09 15.20 -10.15
C SER A 406 -18.76 15.90 -10.01
N GLN A 407 -18.63 17.13 -10.51
CA GLN A 407 -17.35 17.84 -10.40
C GLN A 407 -17.10 18.38 -9.00
N ILE A 408 -18.13 18.55 -8.19
CA ILE A 408 -17.94 19.05 -6.83
C ILE A 408 -17.47 17.88 -5.98
N ALA A 409 -16.17 17.70 -5.91
CA ALA A 409 -15.57 16.53 -5.27
C ALA A 409 -14.11 16.83 -5.01
N PRO A 410 -13.49 16.19 -4.03
CA PRO A 410 -12.05 16.36 -3.83
C PRO A 410 -11.27 15.69 -4.96
N GLY A 411 -10.33 16.44 -5.52
CA GLY A 411 -9.44 15.91 -6.55
C GLY A 411 -10.13 15.63 -7.87
N GLN A 412 -10.58 16.68 -8.55
CA GLN A 412 -11.17 16.54 -9.86
C GLN A 412 -10.61 17.62 -10.78
N THR A 413 -10.95 17.51 -12.06
CA THR A 413 -10.49 18.46 -13.06
C THR A 413 -11.63 18.69 -14.04
N GLY A 414 -12.01 19.95 -14.19
CA GLY A 414 -13.04 20.32 -15.15
C GLY A 414 -13.09 21.82 -15.25
N ASN A 415 -14.02 22.30 -16.08
CA ASN A 415 -14.13 23.73 -16.31
C ASN A 415 -14.74 24.49 -15.14
N ILE A 416 -15.27 23.81 -14.14
CA ILE A 416 -15.75 24.46 -12.93
C ILE A 416 -14.86 24.17 -11.73
N ALA A 417 -14.03 23.14 -11.78
CA ALA A 417 -13.14 22.82 -10.68
C ALA A 417 -11.74 23.33 -10.91
N ASP A 418 -11.47 23.95 -12.07
CA ASP A 418 -10.14 24.48 -12.33
C ASP A 418 -9.90 25.75 -11.52
N TYR A 419 -10.71 26.77 -11.77
CA TYR A 419 -10.53 28.06 -11.11
C TYR A 419 -11.86 28.70 -10.74
N ASN A 420 -12.78 27.91 -10.24
CA ASN A 420 -13.94 28.51 -9.62
C ASN A 420 -14.18 28.01 -8.20
N TYR A 421 -14.00 26.70 -7.98
CA TYR A 421 -14.21 26.12 -6.65
C TYR A 421 -13.41 24.83 -6.62
N LYS A 422 -12.23 24.87 -5.99
CA LYS A 422 -11.36 23.72 -5.91
C LYS A 422 -11.47 23.13 -4.51
N LEU A 423 -11.96 21.90 -4.43
CA LEU A 423 -12.16 21.24 -3.16
C LEU A 423 -10.92 20.43 -2.82
N PRO A 424 -10.25 20.69 -1.71
CA PRO A 424 -8.98 20.01 -1.41
C PRO A 424 -9.21 18.57 -0.99
N ASP A 425 -8.11 17.81 -0.97
CA ASP A 425 -8.15 16.40 -0.63
C ASP A 425 -8.14 16.14 0.87
N ASP A 426 -8.11 17.21 1.68
CA ASP A 426 -8.25 17.12 3.13
C ASP A 426 -9.69 17.43 3.52
N PHE A 427 -10.61 16.96 2.69
CA PHE A 427 -12.01 17.34 2.80
C PHE A 427 -12.72 16.44 3.80
N THR A 428 -13.19 17.03 4.90
CA THR A 428 -13.95 16.31 5.90
C THR A 428 -15.40 16.75 5.95
N GLY A 429 -15.85 17.54 4.98
CA GLY A 429 -17.19 18.07 4.97
C GLY A 429 -18.20 17.12 4.38
N CYS A 430 -19.23 17.68 3.75
CA CYS A 430 -20.29 16.92 3.14
C CYS A 430 -20.92 17.79 2.07
N VAL A 431 -21.03 17.27 0.86
CA VAL A 431 -21.63 18.00 -0.24
C VAL A 431 -23.09 17.58 -0.39
N ILE A 432 -23.98 18.53 -0.22
CA ILE A 432 -25.40 18.36 -0.43
C ILE A 432 -25.73 19.11 -1.71
N ALA A 433 -26.51 18.48 -2.58
CA ALA A 433 -26.84 19.12 -3.84
C ALA A 433 -28.20 18.63 -4.29
N TRP A 434 -29.14 19.54 -4.45
CA TRP A 434 -30.47 19.11 -4.85
C TRP A 434 -30.98 19.95 -6.01
N ASN A 435 -31.99 19.38 -6.66
CA ASN A 435 -32.57 19.99 -7.85
C ASN A 435 -33.34 21.25 -7.48
N SER A 436 -33.05 22.34 -8.18
CA SER A 436 -33.71 23.61 -7.91
C SER A 436 -34.39 24.17 -9.15
N ASN A 437 -35.59 23.67 -9.42
CA ASN A 437 -36.35 24.12 -10.58
C ASN A 437 -37.57 24.93 -10.16
N LYS A 438 -37.91 25.94 -10.94
CA LYS A 438 -39.07 26.78 -10.67
C LYS A 438 -38.79 27.93 -9.69
N LEU A 439 -37.78 27.78 -8.83
CA LEU A 439 -37.49 28.83 -7.88
C LEU A 439 -36.41 29.68 -8.53
N ASP A 440 -35.54 29.03 -9.30
CA ASP A 440 -34.34 29.64 -9.86
C ASP A 440 -34.36 29.75 -11.38
N SER A 441 -34.90 28.79 -12.09
CA SER A 441 -34.80 28.74 -13.54
C SER A 441 -35.98 29.51 -14.12
N LYS A 442 -35.80 30.82 -14.28
CA LYS A 442 -36.82 31.68 -14.83
C LYS A 442 -36.92 31.47 -16.34
N VAL A 443 -38.11 31.66 -16.89
CA VAL A 443 -38.34 31.49 -18.32
C VAL A 443 -37.64 32.62 -19.06
N GLY A 444 -37.26 32.36 -20.31
CA GLY A 444 -36.34 33.25 -20.96
C GLY A 444 -34.90 33.06 -20.53
N GLY A 445 -34.60 31.94 -19.88
CA GLY A 445 -33.32 31.76 -19.25
C GLY A 445 -33.22 32.55 -17.97
N ASN A 446 -32.07 32.44 -17.33
CA ASN A 446 -31.76 33.27 -16.17
C ASN A 446 -30.28 33.61 -16.27
N TYR A 447 -29.99 34.72 -16.95
CA TYR A 447 -28.62 35.15 -17.17
C TYR A 447 -27.95 35.84 -15.97
N ASN A 448 -28.62 35.85 -14.82
CA ASN A 448 -28.03 36.48 -13.65
C ASN A 448 -26.89 35.65 -13.06
N TYR A 449 -26.87 34.34 -13.31
CA TYR A 449 -25.76 33.52 -12.87
C TYR A 449 -24.72 33.41 -13.98
N ARG A 450 -23.48 33.20 -13.58
CA ARG A 450 -22.38 33.10 -14.53
C ARG A 450 -21.23 32.36 -13.89
N TYR A 451 -20.26 31.98 -14.71
CA TYR A 451 -19.09 31.26 -14.21
C TYR A 451 -17.89 31.62 -15.05
N ARG A 452 -16.71 31.37 -14.50
CA ARG A 452 -15.45 31.76 -15.13
C ARG A 452 -15.05 30.75 -16.17
N LEU A 453 -14.46 31.23 -17.26
CA LEU A 453 -14.08 30.38 -18.37
C LEU A 453 -12.58 30.30 -18.59
N PHE A 454 -11.91 31.45 -18.75
CA PHE A 454 -10.47 31.49 -18.95
C PHE A 454 -9.81 32.04 -17.69
N ARG A 455 -8.61 31.55 -17.39
CA ARG A 455 -7.79 32.12 -16.32
C ARG A 455 -6.33 31.78 -16.58
N LYS A 456 -5.44 32.68 -16.12
CA LYS A 456 -4.00 32.46 -16.13
C LYS A 456 -3.61 31.27 -15.28
N SER A 457 -3.86 31.37 -13.98
CA SER A 457 -3.44 30.37 -13.02
C SER A 457 -4.64 29.57 -12.52
N ASN A 458 -4.39 28.30 -12.23
CA ASN A 458 -5.38 27.49 -11.53
C ASN A 458 -5.54 28.02 -10.11
N LEU A 459 -6.73 27.83 -9.56
CA LEU A 459 -7.02 28.38 -8.24
C LEU A 459 -6.49 27.47 -7.15
N LYS A 460 -5.99 28.09 -6.09
CA LYS A 460 -5.71 27.37 -4.86
C LYS A 460 -7.02 26.89 -4.25
N PRO A 461 -6.99 25.81 -3.45
CA PRO A 461 -8.22 25.33 -2.81
C PRO A 461 -8.80 26.34 -1.85
N PHE A 462 -10.14 26.44 -1.88
CA PHE A 462 -10.95 27.35 -1.06
C PHE A 462 -10.54 28.81 -1.29
N GLU A 463 -10.76 29.26 -2.53
CA GLU A 463 -10.42 30.63 -2.91
C GLU A 463 -11.47 31.23 -3.84
N ARG A 464 -11.89 32.45 -3.51
CA ARG A 464 -12.89 33.17 -4.28
C ARG A 464 -12.24 34.39 -4.91
N ASP A 465 -12.72 34.78 -6.09
CA ASP A 465 -12.20 35.93 -6.79
C ASP A 465 -13.31 36.58 -7.59
N ILE A 466 -13.37 37.90 -7.53
CA ILE A 466 -14.39 38.65 -8.25
C ILE A 466 -13.60 39.46 -9.27
N SER A 467 -12.50 38.87 -9.74
CA SER A 467 -11.62 39.52 -10.71
C SER A 467 -12.29 39.50 -12.08
N THR A 468 -12.90 40.64 -12.44
CA THR A 468 -13.52 40.80 -13.76
C THR A 468 -12.56 41.41 -14.77
N GLU A 469 -11.26 41.18 -14.60
CA GLU A 469 -10.27 41.72 -15.52
C GLU A 469 -10.36 41.02 -16.87
N ILE A 470 -10.24 41.81 -17.94
CA ILE A 470 -10.35 41.29 -19.29
C ILE A 470 -9.11 40.44 -19.58
N TYR A 471 -9.32 39.15 -19.79
CA TYR A 471 -8.24 38.19 -19.90
C TYR A 471 -7.48 38.38 -21.20
N GLN A 472 -6.15 38.47 -21.09
CA GLN A 472 -5.28 38.88 -22.21
C GLN A 472 -4.09 37.93 -22.27
N ALA A 473 -4.23 36.86 -23.05
CA ALA A 473 -3.17 35.86 -23.22
C ALA A 473 -2.66 35.84 -24.66
N GLY A 474 -2.43 37.03 -25.23
CA GLY A 474 -1.94 37.15 -26.58
C GLY A 474 -0.71 38.04 -26.66
N ASN A 475 -0.19 38.15 -27.87
CA ASN A 475 1.01 38.95 -28.12
C ASN A 475 0.70 40.44 -27.99
N LYS A 476 -0.23 40.93 -28.80
CA LYS A 476 -0.53 42.35 -28.87
C LYS A 476 -1.29 42.80 -27.61
N PRO A 477 -1.18 44.08 -27.24
CA PRO A 477 -1.94 44.56 -26.08
C PRO A 477 -3.38 44.92 -26.45
N CYS A 478 -4.30 44.48 -25.61
CA CYS A 478 -5.72 44.81 -25.76
C CYS A 478 -6.22 45.81 -24.74
N ASN A 479 -5.80 45.67 -23.47
CA ASN A 479 -5.91 46.70 -22.41
C ASN A 479 -7.35 47.11 -22.08
N GLY A 480 -8.35 46.34 -22.52
CA GLY A 480 -9.71 46.63 -22.09
C GLY A 480 -10.79 46.62 -23.15
N VAL A 481 -10.48 46.15 -24.35
CA VAL A 481 -11.44 46.06 -25.43
C VAL A 481 -11.69 44.58 -25.72
N ALA A 482 -12.95 44.25 -26.02
CA ALA A 482 -13.33 42.88 -26.31
C ALA A 482 -13.00 42.53 -27.76
N GLY A 483 -11.74 42.21 -28.02
CA GLY A 483 -11.30 41.83 -29.35
C GLY A 483 -10.58 40.51 -29.39
N VAL A 484 -9.47 40.45 -30.12
CA VAL A 484 -8.69 39.23 -30.24
C VAL A 484 -7.62 39.16 -29.15
N ASN A 485 -7.25 37.94 -28.77
CA ASN A 485 -6.24 37.72 -27.75
C ASN A 485 -6.56 38.49 -26.47
N CYS A 486 -7.84 38.58 -26.14
CA CYS A 486 -8.27 39.29 -24.94
C CYS A 486 -9.79 39.19 -24.76
N TYR A 487 -10.24 38.09 -24.16
CA TYR A 487 -11.66 37.88 -23.94
C TYR A 487 -12.08 38.33 -22.55
N PHE A 488 -13.39 38.35 -22.34
CA PHE A 488 -14.05 38.51 -21.05
C PHE A 488 -14.14 37.15 -20.36
N PRO A 489 -13.87 37.09 -19.05
CA PRO A 489 -13.73 35.78 -18.40
C PRO A 489 -15.02 35.14 -17.89
N LEU A 490 -16.09 35.88 -17.69
CA LEU A 490 -17.31 35.34 -17.11
C LEU A 490 -18.34 35.13 -18.20
N GLN A 491 -18.81 33.90 -18.32
CA GLN A 491 -19.85 33.54 -19.27
C GLN A 491 -21.05 33.01 -18.51
N SER A 492 -22.25 33.38 -18.94
CA SER A 492 -23.43 33.09 -18.14
C SER A 492 -23.94 31.68 -18.41
N TYR A 493 -24.91 31.27 -17.59
CA TYR A 493 -25.53 29.96 -17.69
C TYR A 493 -26.82 30.05 -18.48
N GLY A 494 -27.57 28.96 -18.49
CA GLY A 494 -28.83 28.82 -19.18
C GLY A 494 -29.98 28.84 -18.20
N PHE A 495 -30.42 27.64 -17.78
CA PHE A 495 -31.52 27.39 -16.84
C PHE A 495 -32.85 27.85 -17.42
N ARG A 496 -33.24 27.27 -18.55
CA ARG A 496 -34.53 27.53 -19.16
C ARG A 496 -35.45 26.37 -18.75
N PRO A 497 -36.71 26.66 -18.41
CA PRO A 497 -37.62 25.60 -17.97
C PRO A 497 -37.82 24.51 -19.00
N THR A 498 -37.57 24.79 -20.27
CA THR A 498 -37.60 23.74 -21.29
C THR A 498 -36.22 23.14 -21.51
N TYR A 499 -35.55 22.78 -20.42
CA TYR A 499 -34.29 22.05 -20.47
C TYR A 499 -34.45 20.74 -19.73
N GLY A 500 -33.68 19.74 -20.15
CA GLY A 500 -33.69 18.46 -19.48
C GLY A 500 -32.77 18.46 -18.27
N VAL A 501 -32.75 17.30 -17.60
CA VAL A 501 -31.79 17.10 -16.52
C VAL A 501 -30.40 17.04 -17.10
N GLY A 502 -29.45 17.70 -16.44
CA GLY A 502 -28.16 17.96 -17.04
C GLY A 502 -28.01 19.36 -17.58
N HIS A 503 -29.06 20.17 -17.51
CA HIS A 503 -28.94 21.60 -17.74
C HIS A 503 -29.71 22.43 -16.73
N GLN A 504 -30.60 21.83 -15.95
CA GLN A 504 -31.38 22.48 -14.92
C GLN A 504 -30.48 22.93 -13.78
N PRO A 505 -30.84 24.00 -13.06
CA PRO A 505 -29.96 24.49 -12.00
C PRO A 505 -30.09 23.64 -10.75
N TYR A 506 -28.95 23.14 -10.28
CA TYR A 506 -28.87 22.39 -9.04
C TYR A 506 -28.23 23.28 -7.99
N ARG A 507 -28.93 23.48 -6.88
CA ARG A 507 -28.35 24.21 -5.76
C ARG A 507 -27.39 23.29 -5.03
N VAL A 508 -26.26 23.85 -4.60
CA VAL A 508 -25.21 23.08 -3.95
C VAL A 508 -24.84 23.79 -2.65
N VAL A 509 -24.84 23.05 -1.56
CA VAL A 509 -24.36 23.50 -0.26
C VAL A 509 -23.25 22.56 0.15
N VAL A 510 -22.05 23.09 0.35
CA VAL A 510 -20.90 22.32 0.77
C VAL A 510 -20.59 22.68 2.21
N LEU A 511 -20.73 21.73 3.12
CA LEU A 511 -20.33 21.94 4.49
C LEU A 511 -18.91 21.46 4.66
N SER A 512 -18.12 22.23 5.40
CA SER A 512 -16.76 21.82 5.75
C SER A 512 -16.64 21.82 7.26
N PHE A 513 -16.06 20.75 7.79
CA PHE A 513 -15.95 20.57 9.23
C PHE A 513 -14.49 20.46 9.62
N GLU A 514 -14.13 21.01 10.78
CA GLU A 514 -12.84 20.65 11.36
C GLU A 514 -12.97 20.67 12.87
N LEU A 515 -12.22 19.78 13.52
CA LEU A 515 -12.31 19.52 14.95
C LEU A 515 -10.91 19.51 15.57
N LEU A 516 -10.47 20.64 16.11
CA LEU A 516 -9.16 20.71 16.76
C LEU A 516 -9.22 21.09 18.24
N HIS A 517 -9.64 22.30 18.61
CA HIS A 517 -9.57 22.58 20.05
C HIS A 517 -10.70 23.35 20.73
N ALA A 518 -11.66 23.87 19.98
CA ALA A 518 -12.73 24.62 20.64
C ALA A 518 -13.54 23.69 21.54
N PRO A 519 -13.62 23.97 22.86
CA PRO A 519 -14.33 23.05 23.76
C PRO A 519 -15.84 23.07 23.59
N ALA A 520 -16.42 24.26 23.48
CA ALA A 520 -17.87 24.42 23.30
C ALA A 520 -18.13 24.69 21.82
N THR A 521 -18.69 23.70 21.13
CA THR A 521 -18.92 23.81 19.69
C THR A 521 -20.15 22.99 19.34
N VAL A 522 -20.31 22.70 18.04
CA VAL A 522 -21.61 22.36 17.47
C VAL A 522 -21.78 20.85 17.35
N CYS A 523 -22.83 20.32 17.98
CA CYS A 523 -23.03 18.89 17.94
C CYS A 523 -24.42 18.61 17.44
N GLY A 524 -24.95 17.46 17.85
CA GLY A 524 -26.29 17.04 17.45
C GLY A 524 -27.15 17.21 18.68
N PRO A 525 -28.12 16.32 18.87
CA PRO A 525 -28.99 16.40 20.05
C PRO A 525 -28.51 15.52 21.19
N LYS A 526 -27.21 15.30 21.35
CA LYS A 526 -26.76 14.46 22.45
C LYS A 526 -27.22 15.08 23.77
N LYS A 527 -28.03 14.35 24.53
CA LYS A 527 -28.53 14.87 25.79
C LYS A 527 -27.36 15.21 26.70
N SER A 528 -27.03 14.29 27.60
CA SER A 528 -25.96 14.46 28.55
C SER A 528 -26.23 13.44 29.63
N THR A 529 -25.82 13.75 30.85
CA THR A 529 -26.04 12.85 31.95
C THR A 529 -25.23 13.28 33.15
N ASN A 530 -25.64 12.84 34.32
CA ASN A 530 -24.90 13.19 35.52
C ASN A 530 -23.47 12.72 35.32
N LEU A 531 -22.58 13.19 36.18
CA LEU A 531 -21.18 12.83 36.09
C LEU A 531 -20.79 12.06 37.33
N VAL A 532 -20.77 10.74 37.21
CA VAL A 532 -20.42 9.90 38.35
C VAL A 532 -18.91 9.90 38.49
N LYS A 533 -18.40 9.48 39.63
CA LYS A 533 -16.97 9.43 39.84
C LYS A 533 -16.59 8.13 40.52
N ASN A 534 -15.32 7.76 40.39
CA ASN A 534 -14.74 6.55 40.94
C ASN A 534 -15.37 5.28 40.39
N LYS A 535 -15.81 5.30 39.14
CA LYS A 535 -16.41 4.13 38.50
C LYS A 535 -15.87 4.03 37.08
N CYS A 536 -15.69 2.80 36.60
CA CYS A 536 -15.25 2.57 35.23
C CYS A 536 -16.50 2.89 34.41
N VAL A 537 -16.39 3.89 33.53
CA VAL A 537 -17.51 4.33 32.73
C VAL A 537 -17.02 4.58 31.32
N ASN A 538 -17.96 4.74 30.41
CA ASN A 538 -17.68 5.16 29.04
C ASN A 538 -17.95 6.66 28.98
N PHE A 539 -16.93 7.43 28.67
CA PHE A 539 -17.03 8.88 28.75
C PHE A 539 -16.80 9.55 27.41
N ASN A 540 -17.33 10.76 27.30
CA ASN A 540 -17.09 11.66 26.18
C ASN A 540 -17.03 13.07 26.75
N PHE A 541 -15.89 13.73 26.59
CA PHE A 541 -15.65 15.10 27.03
C PHE A 541 -15.46 15.98 25.81
N ASN A 542 -16.54 16.62 25.39
CA ASN A 542 -16.55 17.51 24.23
C ASN A 542 -15.81 16.98 23.01
N GLY A 543 -16.05 15.72 22.66
CA GLY A 543 -15.40 15.17 21.49
C GLY A 543 -14.45 14.04 21.81
N LEU A 544 -13.82 14.09 22.99
CA LEU A 544 -12.85 13.07 23.40
C LEU A 544 -13.63 11.82 23.81
N THR A 545 -13.48 10.75 23.03
CA THR A 545 -14.19 9.50 23.30
C THR A 545 -13.22 8.54 23.95
N GLY A 546 -13.61 7.96 25.09
CA GLY A 546 -12.75 6.99 25.73
C GLY A 546 -13.39 6.19 26.85
N THR A 547 -12.58 5.39 27.53
CA THR A 547 -13.02 4.56 28.64
C THR A 547 -12.06 4.71 29.80
N GLY A 548 -12.58 4.66 31.01
CA GLY A 548 -11.73 4.73 32.16
C GLY A 548 -12.46 5.24 33.38
N VAL A 549 -11.72 5.28 34.47
CA VAL A 549 -12.19 5.73 35.77
C VAL A 549 -11.85 7.20 35.92
N LEU A 550 -12.82 7.97 36.40
CA LEU A 550 -12.68 9.41 36.59
C LEU A 550 -12.38 9.67 38.06
N THR A 551 -11.35 10.46 38.32
CA THR A 551 -11.00 10.79 39.70
C THR A 551 -10.59 12.25 39.82
N GLU A 552 -10.72 12.80 41.03
CA GLU A 552 -10.26 14.16 41.29
C GLU A 552 -8.77 14.28 41.00
N SER A 553 -8.40 15.33 40.29
CA SER A 553 -7.02 15.54 39.90
C SER A 553 -6.33 16.54 40.81
N ASN A 554 -5.04 16.73 40.56
CA ASN A 554 -4.29 17.79 41.20
C ASN A 554 -3.46 18.56 40.18
N LYS A 555 -3.79 18.47 38.90
CA LYS A 555 -3.13 19.22 37.84
C LYS A 555 -3.79 20.57 37.67
N LYS A 556 -3.06 21.48 37.02
CA LYS A 556 -3.54 22.84 36.78
C LYS A 556 -3.35 23.20 35.32
N PHE A 557 -4.48 23.29 34.63
CA PHE A 557 -4.55 23.64 33.23
C PHE A 557 -4.55 25.13 33.05
N LEU A 558 -4.09 25.61 31.90
CA LEU A 558 -4.09 27.03 31.62
C LEU A 558 -5.48 27.32 31.07
N PRO A 559 -6.14 28.37 31.70
CA PRO A 559 -7.51 28.67 31.25
C PRO A 559 -7.95 28.38 29.83
N PHE A 560 -7.04 28.17 28.91
CA PHE A 560 -7.45 27.94 27.53
C PHE A 560 -7.38 26.48 27.17
N GLN A 561 -6.76 25.70 28.01
CA GLN A 561 -6.65 24.26 27.76
C GLN A 561 -7.80 23.42 28.28
N GLN A 562 -8.23 22.50 27.44
CA GLN A 562 -9.34 21.63 27.77
C GLN A 562 -8.94 20.30 28.38
N PHE A 563 -7.92 19.69 27.83
CA PHE A 563 -7.46 18.40 28.29
C PHE A 563 -5.95 18.33 28.21
N GLY A 564 -5.37 17.38 28.93
CA GLY A 564 -3.94 17.15 28.93
C GLY A 564 -3.61 15.74 28.44
N ARG A 565 -2.37 15.61 27.98
CA ARG A 565 -1.84 14.32 27.61
C ARG A 565 -0.54 14.08 28.36
N ASP A 566 -0.21 12.80 28.53
CA ASP A 566 1.00 12.39 29.22
C ASP A 566 2.11 12.14 28.22
N ILE A 567 3.27 11.74 28.73
CA ILE A 567 4.38 11.32 27.89
C ILE A 567 3.89 10.07 27.18
N ALA A 568 4.26 9.94 25.90
CA ALA A 568 3.79 8.90 24.99
C ALA A 568 2.47 9.32 24.35
N ASP A 569 2.07 10.58 24.54
CA ASP A 569 0.98 11.19 23.81
C ASP A 569 -0.38 10.51 23.98
N THR A 570 -0.80 10.27 25.21
CA THR A 570 -2.13 9.73 25.49
C THR A 570 -2.83 10.63 26.48
N THR A 571 -4.13 10.86 26.25
CA THR A 571 -4.91 11.71 27.15
C THR A 571 -4.89 11.17 28.55
N ASP A 572 -4.57 12.01 29.53
CA ASP A 572 -4.58 11.55 30.91
C ASP A 572 -5.38 12.43 31.85
N ALA A 573 -5.85 13.58 31.39
CA ALA A 573 -6.71 14.43 32.20
C ALA A 573 -7.60 15.23 31.28
N VAL A 574 -8.82 15.54 31.75
CA VAL A 574 -9.75 16.36 31.00
C VAL A 574 -10.34 17.39 31.94
N ARG A 575 -11.08 18.32 31.37
CA ARG A 575 -11.76 19.37 32.11
C ARG A 575 -13.23 19.20 31.73
N ASP A 576 -14.11 19.08 32.72
CA ASP A 576 -15.52 18.86 32.44
C ASP A 576 -16.12 20.10 31.81
N PRO A 577 -16.67 20.03 30.62
CA PRO A 577 -17.18 21.24 29.97
C PRO A 577 -18.21 21.99 30.80
N GLN A 578 -19.05 21.26 31.54
CA GLN A 578 -20.13 21.91 32.28
C GLN A 578 -19.65 22.48 33.60
N THR A 579 -18.92 21.70 34.40
CA THR A 579 -18.55 22.13 35.73
C THR A 579 -17.16 22.76 35.80
N LEU A 580 -16.35 22.60 34.75
CA LEU A 580 -14.99 23.17 34.66
C LEU A 580 -14.08 22.66 35.78
N GLU A 581 -14.05 21.35 35.96
CA GLU A 581 -13.16 20.73 36.93
C GLU A 581 -12.25 19.73 36.23
N ILE A 582 -11.03 19.65 36.73
CA ILE A 582 -10.01 18.80 36.12
C ILE A 582 -10.07 17.43 36.77
N LEU A 583 -10.14 16.40 35.95
CA LEU A 583 -10.30 15.02 36.41
C LEU A 583 -9.26 14.16 35.73
N ASP A 584 -8.60 13.31 36.51
CA ASP A 584 -7.69 12.33 35.94
C ASP A 584 -8.44 11.09 35.46
N ILE A 585 -7.85 10.45 34.47
CA ILE A 585 -8.39 9.26 33.85
C ILE A 585 -7.40 8.13 34.08
N THR A 586 -7.76 7.18 34.91
CA THR A 586 -6.86 6.06 35.11
C THR A 586 -7.40 4.84 34.38
N PRO A 587 -6.53 3.94 33.93
CA PRO A 587 -6.98 2.78 33.15
C PRO A 587 -7.63 1.61 33.90
N CYS A 588 -8.61 0.96 33.26
CA CYS A 588 -9.27 -0.19 33.87
C CYS A 588 -8.32 -1.37 33.88
N SER A 589 -7.81 -1.68 35.06
CA SER A 589 -6.86 -2.78 35.26
C SER A 589 -6.96 -4.02 34.37
N PHE A 590 -5.83 -4.70 34.18
CA PHE A 590 -5.78 -5.93 33.41
C PHE A 590 -4.51 -6.79 33.55
N GLY A 591 -3.99 -7.30 32.46
CA GLY A 591 -2.83 -8.18 32.45
C GLY A 591 -3.16 -9.58 32.02
N GLY A 592 -2.15 -10.38 31.71
CA GLY A 592 -2.41 -11.74 31.27
C GLY A 592 -2.91 -12.64 32.37
N VAL A 593 -3.57 -13.71 31.96
CA VAL A 593 -4.06 -14.73 32.87
C VAL A 593 -3.44 -16.05 32.47
N SER A 594 -2.76 -16.70 33.41
CA SER A 594 -2.13 -17.99 33.15
C SER A 594 -2.69 -19.01 34.12
N VAL A 595 -2.70 -20.26 33.70
CA VAL A 595 -3.22 -21.36 34.50
C VAL A 595 -2.08 -22.31 34.83
N ILE A 596 -1.91 -22.49 36.15
CA ILE A 596 -0.84 -23.26 36.82
C ILE A 596 -1.19 -24.70 37.18
N THR A 597 -1.29 -25.55 36.20
CA THR A 597 -1.66 -26.94 36.43
C THR A 597 -0.50 -27.79 36.88
N PRO A 598 -0.80 -28.81 37.70
CA PRO A 598 0.19 -29.81 38.13
C PRO A 598 0.05 -31.09 37.26
N GLY A 599 0.07 -30.87 35.94
CA GLY A 599 -0.07 -31.85 34.90
C GLY A 599 -1.50 -32.31 34.86
N THR A 600 -2.04 -32.49 33.66
CA THR A 600 -3.40 -32.98 33.54
C THR A 600 -3.41 -34.42 34.05
N ASN A 601 -2.24 -34.94 34.39
CA ASN A 601 -2.14 -36.32 34.83
C ASN A 601 -1.59 -36.46 36.23
N THR A 602 -2.38 -36.02 37.19
CA THR A 602 -1.99 -36.09 38.59
C THR A 602 -2.99 -35.32 39.41
N SER A 603 -3.82 -34.52 38.76
CA SER A 603 -4.82 -33.74 39.48
C SER A 603 -5.43 -32.69 38.56
N ASN A 604 -6.73 -32.46 38.71
CA ASN A 604 -7.40 -31.48 37.91
C ASN A 604 -7.51 -30.19 38.69
N GLN A 605 -6.56 -29.98 39.58
CA GLN A 605 -6.55 -28.78 40.39
C GLN A 605 -5.70 -27.75 39.68
N VAL A 606 -6.04 -26.50 39.84
CA VAL A 606 -5.30 -25.43 39.20
C VAL A 606 -5.35 -24.20 40.08
N ALA A 607 -4.30 -23.39 40.02
CA ALA A 607 -4.29 -22.08 40.65
C ALA A 607 -4.00 -21.03 39.60
N VAL A 608 -4.45 -19.80 39.83
CA VAL A 608 -4.33 -18.74 38.83
C VAL A 608 -3.65 -17.54 39.45
N LEU A 609 -2.64 -17.01 38.76
CA LEU A 609 -1.96 -15.79 39.15
C LEU A 609 -2.35 -14.67 38.19
N TYR A 610 -2.87 -13.58 38.74
CA TYR A 610 -3.19 -12.39 37.97
C TYR A 610 -2.05 -11.42 38.16
N GLN A 611 -1.23 -11.27 37.12
CA GLN A 611 0.00 -10.44 37.16
C GLN A 611 -0.18 -8.96 37.49
N GLY A 612 0.37 -8.57 38.63
CA GLY A 612 0.25 -7.22 39.19
C GLY A 612 -1.19 -6.73 39.25
N VAL A 613 -2.08 -7.64 39.65
CA VAL A 613 -3.47 -7.31 39.90
C VAL A 613 -3.72 -7.46 41.39
N ASN A 614 -4.34 -6.45 41.98
CA ASN A 614 -4.66 -6.54 43.39
C ASN A 614 -5.82 -7.50 43.58
N CYS A 615 -5.80 -8.20 44.71
CA CYS A 615 -6.80 -9.23 44.96
C CYS A 615 -8.17 -8.63 45.26
N THR A 616 -8.32 -7.31 45.20
CA THR A 616 -9.59 -6.65 45.45
C THR A 616 -10.24 -6.21 44.13
N GLU A 617 -9.49 -6.35 43.04
CA GLU A 617 -9.97 -5.88 41.75
C GLU A 617 -9.94 -7.01 40.72
N VAL A 618 -10.02 -8.24 41.19
CA VAL A 618 -10.00 -9.40 40.31
C VAL A 618 -11.36 -9.64 39.68
N PRO A 619 -12.47 -9.66 40.44
CA PRO A 619 -13.71 -10.02 39.75
C PRO A 619 -14.36 -8.82 39.08
N SER A 638 -11.51 -19.61 50.86
CA SER A 638 -10.47 -20.08 49.96
C SER A 638 -9.11 -19.50 50.32
N ASN A 639 -8.15 -19.69 49.43
CA ASN A 639 -6.76 -19.32 49.67
C ASN A 639 -6.37 -18.18 48.77
N VAL A 640 -6.34 -16.97 49.31
CA VAL A 640 -5.94 -15.79 48.56
C VAL A 640 -4.71 -15.22 49.23
N PHE A 641 -3.67 -15.00 48.45
CA PHE A 641 -2.40 -14.52 48.95
C PHE A 641 -1.96 -13.40 48.03
N GLN A 642 -1.59 -12.26 48.62
CA GLN A 642 -1.09 -11.14 47.87
C GLN A 642 0.44 -11.14 47.89
N THR A 643 1.03 -11.09 46.72
CA THR A 643 2.47 -11.02 46.55
C THR A 643 2.78 -9.83 45.68
N ARG A 644 4.04 -9.42 45.68
CA ARG A 644 4.49 -8.28 44.90
C ARG A 644 4.45 -8.56 43.39
N ALA A 645 4.21 -9.82 43.04
CA ALA A 645 4.14 -10.22 41.64
C ALA A 645 2.71 -10.31 41.12
N GLY A 646 1.71 -10.02 41.94
CA GLY A 646 0.33 -10.13 41.55
C GLY A 646 -0.51 -10.84 42.60
N CYS A 647 -1.71 -11.23 42.18
CA CYS A 647 -2.63 -11.91 43.08
C CYS A 647 -2.66 -13.41 42.79
N LEU A 648 -2.35 -14.19 43.81
CA LEU A 648 -2.28 -15.64 43.74
C LEU A 648 -3.52 -16.24 44.40
N ILE A 649 -4.29 -17.03 43.64
CA ILE A 649 -5.53 -17.60 44.12
C ILE A 649 -5.47 -19.11 43.95
N GLY A 650 -5.83 -19.83 45.00
CA GLY A 650 -5.92 -21.27 44.93
C GLY A 650 -4.75 -22.03 45.54
N ALA A 651 -3.80 -21.33 46.14
CA ALA A 651 -2.67 -21.93 46.83
C ALA A 651 -2.49 -21.21 48.14
N GLU A 652 -2.12 -21.95 49.18
CA GLU A 652 -1.82 -21.35 50.47
C GLU A 652 -0.33 -21.05 50.60
N TYR A 653 -0.03 -19.87 51.12
CA TYR A 653 1.35 -19.45 51.27
C TYR A 653 1.90 -19.83 52.63
N VAL A 654 3.00 -20.56 52.63
CA VAL A 654 3.64 -21.03 53.85
C VAL A 654 4.98 -20.33 54.01
N ASN A 655 5.55 -20.45 55.21
CA ASN A 655 6.83 -19.80 55.53
C ASN A 655 8.02 -20.74 55.42
N ASN A 656 7.78 -22.02 55.17
CA ASN A 656 8.84 -22.99 54.96
C ASN A 656 9.48 -22.78 53.59
N SER A 657 10.42 -23.65 53.24
CA SER A 657 11.06 -23.56 51.96
C SER A 657 11.39 -24.92 51.39
N TYR A 658 11.22 -25.08 50.08
CA TYR A 658 11.54 -26.33 49.42
C TYR A 658 12.26 -25.98 48.14
N GLU A 659 12.51 -26.96 47.30
CA GLU A 659 13.19 -26.70 46.04
C GLU A 659 12.16 -26.19 45.04
N CYS A 660 12.57 -25.34 44.13
CA CYS A 660 11.66 -24.83 43.14
C CYS A 660 10.98 -26.00 42.45
N ASP A 661 9.69 -25.87 42.21
CA ASP A 661 8.94 -26.91 41.52
C ASP A 661 8.35 -26.30 40.28
N ILE A 662 7.41 -25.40 40.47
CA ILE A 662 6.76 -24.70 39.37
C ILE A 662 7.04 -23.24 39.66
N PRO A 663 8.04 -22.64 38.92
CA PRO A 663 8.31 -21.23 39.28
C PRO A 663 7.16 -20.27 39.10
N ILE A 664 6.82 -19.50 40.13
CA ILE A 664 5.74 -18.54 40.04
C ILE A 664 6.30 -17.14 39.79
N GLY A 665 7.50 -16.85 40.25
CA GLY A 665 8.07 -15.55 40.02
C GLY A 665 8.37 -14.76 41.25
N ALA A 666 9.51 -14.09 41.27
CA ALA A 666 9.94 -13.26 42.39
C ALA A 666 10.30 -13.98 43.68
N GLY A 667 10.61 -15.26 43.59
CA GLY A 667 10.97 -16.03 44.77
C GLY A 667 10.00 -17.09 45.22
N ILE A 668 8.81 -17.15 44.63
CA ILE A 668 7.74 -18.08 44.99
C ILE A 668 7.56 -19.27 44.04
N CYS A 669 7.09 -20.42 44.55
CA CYS A 669 6.84 -21.64 43.78
C CYS A 669 5.58 -22.37 44.24
N ALA A 670 5.31 -23.59 43.75
CA ALA A 670 4.13 -24.39 44.20
C ALA A 670 4.24 -25.87 43.79
N SER A 671 3.56 -26.81 44.48
CA SER A 671 3.70 -28.15 44.04
C SER A 671 2.50 -28.78 44.65
N TYR A 672 2.23 -30.00 44.24
CA TYR A 672 1.07 -30.76 44.71
C TYR A 672 1.57 -31.62 45.84
N GLN A 673 1.35 -31.14 47.06
CA GLN A 673 1.83 -31.86 48.23
C GLN A 673 0.98 -31.57 49.43
N THR A 674 1.21 -32.33 50.49
CA THR A 674 0.48 -32.17 51.75
C THR A 674 0.84 -30.86 52.43
N GLN A 688 -3.77 -34.15 50.24
CA GLN A 688 -3.03 -33.67 49.07
C GLN A 688 -3.70 -32.45 48.46
N SER A 689 -3.26 -31.26 48.88
CA SER A 689 -3.81 -30.02 48.38
C SER A 689 -3.05 -29.42 47.23
N ILE A 690 -2.10 -28.55 47.53
CA ILE A 690 -1.36 -27.88 46.48
C ILE A 690 -1.02 -26.55 47.08
N ILE A 691 0.17 -26.45 47.66
CA ILE A 691 0.61 -25.25 48.35
C ILE A 691 1.60 -24.35 47.64
N ALA A 692 1.86 -23.19 48.23
CA ALA A 692 2.79 -22.22 47.71
C ALA A 692 3.81 -21.96 48.82
N TYR A 693 4.99 -21.48 48.50
CA TYR A 693 6.00 -21.24 49.51
C TYR A 693 7.18 -20.52 48.93
N THR A 694 8.15 -20.14 49.76
CA THR A 694 9.35 -19.46 49.30
C THR A 694 10.43 -20.48 49.05
N MET A 695 11.05 -20.44 47.87
CA MET A 695 12.08 -21.44 47.57
C MET A 695 13.29 -21.41 48.48
N SER A 696 13.85 -22.58 48.72
CA SER A 696 15.03 -22.76 49.55
C SER A 696 16.19 -22.78 48.60
N LEU A 697 17.26 -22.10 48.96
CA LEU A 697 18.43 -22.06 48.10
C LEU A 697 19.29 -23.29 48.23
N GLY A 698 19.16 -24.00 49.33
CA GLY A 698 19.94 -25.20 49.52
C GLY A 698 20.12 -25.46 50.99
N ALA A 699 20.76 -26.57 51.30
CA ALA A 699 21.02 -26.93 52.68
C ALA A 699 22.06 -25.97 53.19
N GLU A 700 22.13 -25.81 54.48
CA GLU A 700 23.07 -24.89 55.08
C GLU A 700 24.24 -25.67 55.65
N ASN A 701 25.44 -25.11 55.55
CA ASN A 701 26.56 -25.83 56.15
C ASN A 701 27.69 -24.89 56.49
N SER A 702 28.15 -25.00 57.72
CA SER A 702 29.32 -24.30 58.21
C SER A 702 30.56 -25.15 58.02
N VAL A 703 31.60 -24.52 57.49
CA VAL A 703 32.91 -25.13 57.38
C VAL A 703 33.60 -24.97 58.72
N ALA A 704 34.24 -26.03 59.17
CA ALA A 704 34.90 -26.01 60.49
C ALA A 704 36.28 -25.37 60.40
N TYR A 705 36.30 -24.09 60.04
CA TYR A 705 37.56 -23.39 59.86
C TYR A 705 38.23 -23.12 61.21
N SER A 706 39.55 -23.27 61.25
CA SER A 706 40.35 -22.74 62.34
C SER A 706 41.70 -22.29 61.81
N ASN A 707 42.55 -21.72 62.65
CA ASN A 707 43.81 -21.22 62.12
C ASN A 707 44.92 -22.26 62.08
N ASN A 708 44.66 -23.50 62.50
CA ASN A 708 45.68 -24.53 62.40
C ASN A 708 45.10 -25.91 62.10
N SER A 709 43.96 -25.98 61.43
CA SER A 709 43.27 -27.22 61.14
C SER A 709 43.20 -27.44 59.64
N ILE A 710 43.32 -28.69 59.22
CA ILE A 710 43.19 -29.05 57.81
C ILE A 710 42.35 -30.32 57.70
N ALA A 711 41.69 -30.49 56.56
CA ALA A 711 40.94 -31.69 56.25
C ALA A 711 41.46 -32.30 54.96
N ILE A 712 41.84 -33.57 55.00
CA ILE A 712 42.43 -34.28 53.87
C ILE A 712 41.62 -35.55 53.64
N PRO A 713 41.26 -35.88 52.39
CA PRO A 713 40.54 -37.12 52.11
C PRO A 713 41.41 -38.35 52.30
N THR A 714 40.79 -39.44 52.76
CA THR A 714 41.47 -40.73 52.88
C THR A 714 40.96 -41.77 51.88
N ASN A 715 39.93 -41.43 51.11
CA ASN A 715 39.39 -42.34 50.11
C ASN A 715 38.79 -41.50 49.00
N PHE A 716 38.27 -42.16 47.98
CA PHE A 716 37.74 -41.47 46.82
C PHE A 716 36.76 -42.38 46.10
N THR A 717 35.97 -41.78 45.21
CA THR A 717 35.15 -42.51 44.26
C THR A 717 35.38 -41.98 42.85
N ILE A 718 35.05 -42.82 41.88
CA ILE A 718 35.03 -42.45 40.47
C ILE A 718 33.59 -42.22 40.05
N SER A 719 33.28 -41.02 39.56
CA SER A 719 31.93 -40.68 39.15
C SER A 719 31.83 -40.60 37.64
N VAL A 720 30.63 -40.82 37.11
CA VAL A 720 30.34 -40.64 35.69
C VAL A 720 29.12 -39.74 35.56
N THR A 721 29.21 -38.74 34.71
CA THR A 721 28.11 -37.83 34.45
C THR A 721 27.93 -37.60 32.96
N THR A 722 26.71 -37.29 32.58
CA THR A 722 26.38 -37.03 31.18
C THR A 722 26.30 -35.53 30.91
N GLU A 723 26.62 -35.17 29.67
CA GLU A 723 26.37 -33.85 29.13
C GLU A 723 25.89 -34.03 27.70
N ILE A 724 24.88 -33.28 27.30
CA ILE A 724 24.25 -33.45 25.99
C ILE A 724 24.32 -32.14 25.23
N LEU A 725 24.73 -32.20 23.97
CA LEU A 725 24.79 -31.01 23.16
C LEU A 725 24.20 -31.25 21.78
N PRO A 726 23.33 -30.37 21.32
CA PRO A 726 22.84 -30.45 19.93
C PRO A 726 23.91 -30.04 18.93
N VAL A 727 23.88 -30.65 17.75
CA VAL A 727 24.83 -30.28 16.72
C VAL A 727 24.19 -29.87 15.40
N SER A 728 22.95 -30.27 15.08
CA SER A 728 22.40 -29.92 13.77
C SER A 728 20.88 -29.91 13.80
N MET A 729 20.30 -29.25 12.80
CA MET A 729 18.88 -29.23 12.49
C MET A 729 18.60 -29.92 11.17
N THR A 730 17.32 -30.13 10.89
CA THR A 730 16.89 -30.56 9.57
C THR A 730 17.01 -29.44 8.55
N LYS A 731 17.47 -29.80 7.36
CA LYS A 731 17.63 -28.88 6.26
C LYS A 731 16.33 -28.76 5.50
N THR A 732 15.81 -27.55 5.39
CA THR A 732 14.54 -27.34 4.73
C THR A 732 14.76 -26.47 3.51
N SER A 733 13.85 -26.61 2.55
CA SER A 733 13.83 -25.78 1.35
C SER A 733 12.39 -25.51 0.93
N VAL A 734 12.10 -24.26 0.58
CA VAL A 734 10.75 -23.85 0.21
C VAL A 734 10.79 -23.43 -1.24
N ASP A 735 9.83 -23.92 -2.02
CA ASP A 735 9.63 -23.46 -3.38
C ASP A 735 8.79 -22.19 -3.32
N CYS A 736 9.42 -21.04 -3.55
CA CYS A 736 8.76 -19.75 -3.38
C CYS A 736 7.54 -19.63 -4.28
N THR A 737 7.67 -20.02 -5.54
CA THR A 737 6.56 -19.90 -6.47
C THR A 737 5.42 -20.84 -6.11
N MET A 738 5.71 -22.05 -5.66
CA MET A 738 4.65 -22.99 -5.32
C MET A 738 4.02 -22.68 -3.97
N TYR A 739 4.76 -22.05 -3.06
CA TYR A 739 4.16 -21.65 -1.80
C TYR A 739 3.21 -20.50 -2.02
N ILE A 740 3.64 -19.46 -2.70
CA ILE A 740 2.81 -18.29 -2.84
C ILE A 740 1.69 -18.56 -3.84
N CYS A 741 2.03 -18.56 -5.12
CA CYS A 741 1.02 -18.76 -6.16
C CYS A 741 0.33 -20.10 -5.94
N GLY A 742 1.05 -21.19 -6.22
CA GLY A 742 0.48 -22.52 -6.11
C GLY A 742 -0.22 -22.97 -7.38
N ASP A 743 0.53 -23.60 -8.26
CA ASP A 743 -0.02 -24.19 -9.49
C ASP A 743 -0.39 -23.16 -10.55
N SER A 744 -1.23 -22.19 -10.17
CA SER A 744 -1.67 -21.15 -11.09
C SER A 744 -0.53 -20.58 -11.90
N THR A 745 -0.82 -20.18 -13.14
CA THR A 745 0.21 -19.65 -14.03
C THR A 745 0.02 -18.17 -14.34
N GLU A 746 -1.19 -17.66 -14.08
CA GLU A 746 -1.46 -16.25 -14.27
C GLU A 746 -0.74 -15.49 -13.17
N CYS A 747 -0.56 -16.16 -12.06
CA CYS A 747 0.16 -15.64 -10.90
C CYS A 747 1.64 -15.44 -11.16
N SER A 748 2.26 -16.34 -11.91
CA SER A 748 3.70 -16.27 -12.10
C SER A 748 4.14 -14.96 -12.71
N ASN A 749 3.37 -14.43 -13.66
CA ASN A 749 3.74 -13.13 -14.24
C ASN A 749 3.58 -12.00 -13.23
N LEU A 750 2.65 -12.13 -12.30
CA LEU A 750 2.49 -11.12 -11.27
C LEU A 750 3.61 -11.19 -10.24
N LEU A 751 4.05 -12.40 -9.89
CA LEU A 751 5.10 -12.56 -8.88
C LEU A 751 6.43 -12.03 -9.37
N LEU A 752 6.70 -12.10 -10.67
CA LEU A 752 7.91 -11.53 -11.23
C LEU A 752 8.00 -10.02 -11.05
N GLN A 753 6.93 -9.38 -10.60
CA GLN A 753 6.99 -7.93 -10.32
C GLN A 753 7.80 -7.60 -9.05
N TYR A 754 7.44 -8.25 -7.94
CA TYR A 754 8.07 -8.05 -6.63
C TYR A 754 9.59 -8.17 -6.55
N GLY A 755 10.31 -7.63 -7.53
CA GLY A 755 11.76 -7.68 -7.50
C GLY A 755 12.27 -9.07 -7.16
N SER A 756 13.50 -9.17 -6.70
CA SER A 756 14.08 -10.47 -6.37
C SER A 756 13.80 -10.93 -4.95
N PHE A 757 12.76 -10.41 -4.32
CA PHE A 757 12.42 -10.81 -2.95
C PHE A 757 12.41 -12.30 -2.88
N CYS A 758 11.96 -12.93 -3.96
CA CYS A 758 11.95 -14.43 -4.00
C CYS A 758 13.35 -15.18 -3.94
N THR A 759 14.26 -14.83 -4.85
CA THR A 759 15.58 -15.49 -4.86
C THR A 759 16.38 -15.30 -3.58
N GLN A 760 16.34 -14.10 -3.00
CA GLN A 760 17.07 -13.87 -1.77
C GLN A 760 16.61 -14.91 -0.76
N LEU A 761 15.31 -15.05 -0.62
CA LEU A 761 14.80 -16.05 0.32
C LEU A 761 15.44 -17.41 0.10
N LYS A 762 15.31 -17.91 -1.12
CA LYS A 762 15.90 -19.25 -1.38
C LYS A 762 17.38 -19.36 -0.99
N ARG A 763 18.17 -18.37 -1.37
CA ARG A 763 19.59 -18.40 -1.04
C ARG A 763 19.86 -18.46 0.45
N ALA A 764 19.16 -17.66 1.25
CA ALA A 764 19.39 -17.70 2.69
C ALA A 764 19.08 -19.09 3.23
N LEU A 765 17.97 -19.64 2.78
CA LEU A 765 17.61 -20.98 3.26
C LEU A 765 18.68 -22.00 2.92
N THR A 766 19.26 -21.93 1.73
CA THR A 766 20.30 -22.92 1.37
C THR A 766 21.60 -22.65 2.10
N GLY A 767 21.84 -21.41 2.48
CA GLY A 767 23.02 -21.08 3.22
C GLY A 767 22.93 -21.80 4.53
N ILE A 768 21.71 -21.91 5.07
CA ILE A 768 21.58 -22.66 6.33
C ILE A 768 21.77 -24.15 6.09
N ALA A 769 21.84 -24.56 4.83
CA ALA A 769 21.99 -25.94 4.42
C ALA A 769 23.44 -26.38 4.32
N VAL A 770 24.31 -25.50 3.86
CA VAL A 770 25.72 -25.88 3.76
C VAL A 770 26.38 -25.89 5.14
N GLU A 771 26.02 -24.95 6.01
CA GLU A 771 26.65 -24.89 7.32
C GLU A 771 26.28 -26.08 8.21
N GLN A 772 25.08 -26.63 8.05
CA GLN A 772 24.62 -27.70 8.92
C GLN A 772 25.41 -28.99 8.71
N ASP A 773 25.95 -29.22 7.53
CA ASP A 773 26.81 -30.37 7.32
C ASP A 773 28.23 -30.13 7.82
N LYS A 774 28.69 -28.90 7.71
CA LYS A 774 29.98 -28.53 8.25
C LYS A 774 30.00 -28.58 9.77
N ASN A 775 28.90 -28.20 10.41
CA ASN A 775 28.79 -28.31 11.86
C ASN A 775 29.09 -29.73 12.33
N THR A 776 28.54 -30.74 11.65
CA THR A 776 28.72 -32.13 12.01
C THR A 776 30.14 -32.61 11.76
N GLN A 777 30.73 -32.21 10.64
CA GLN A 777 32.10 -32.60 10.34
C GLN A 777 33.06 -32.06 11.38
N GLU A 778 32.87 -30.83 11.82
CA GLU A 778 33.77 -30.26 12.82
C GLU A 778 33.63 -30.92 14.18
N VAL A 779 32.46 -31.38 14.56
CA VAL A 779 32.35 -32.06 15.85
C VAL A 779 32.91 -33.48 15.78
N PHE A 780 32.58 -34.24 14.74
CA PHE A 780 32.94 -35.65 14.73
C PHE A 780 34.14 -36.00 13.89
N ALA A 781 34.40 -35.33 12.79
CA ALA A 781 35.45 -35.77 11.86
C ALA A 781 36.81 -35.22 12.27
N GLN A 782 37.21 -35.56 13.49
CA GLN A 782 38.48 -35.16 14.08
C GLN A 782 39.47 -36.30 14.15
N VAL A 783 39.36 -37.28 13.27
CA VAL A 783 40.29 -38.40 13.31
C VAL A 783 40.64 -38.77 11.87
N LYS A 784 41.92 -39.02 11.64
CA LYS A 784 42.41 -39.31 10.31
C LYS A 784 42.05 -40.73 9.89
N GLN A 785 42.43 -41.70 10.71
CA GLN A 785 42.27 -43.12 10.41
C GLN A 785 41.16 -43.68 11.27
N ILE A 786 40.61 -44.80 10.84
CA ILE A 786 39.54 -45.46 11.56
C ILE A 786 40.19 -46.54 12.40
N TYR A 787 40.25 -46.33 13.69
CA TYR A 787 40.86 -47.26 14.63
C TYR A 787 39.91 -48.38 15.02
N LYS A 788 40.47 -49.55 15.28
CA LYS A 788 39.74 -50.70 15.78
C LYS A 788 40.38 -51.26 17.04
N THR A 789 39.56 -51.78 17.92
CA THR A 789 40.05 -52.43 19.13
C THR A 789 40.46 -53.87 18.81
N PRO A 790 41.34 -54.45 19.62
CA PRO A 790 41.71 -55.85 19.40
C PRO A 790 40.59 -56.78 19.79
N PRO A 791 40.56 -57.95 19.16
CA PRO A 791 39.53 -58.96 19.40
C PRO A 791 39.27 -59.29 20.85
N ILE A 792 40.32 -59.41 21.66
CA ILE A 792 40.20 -59.88 23.02
C ILE A 792 39.25 -58.99 23.80
N LYS A 793 39.42 -57.68 23.64
CA LYS A 793 38.63 -56.71 24.38
C LYS A 793 38.63 -56.90 25.90
N TYR A 794 39.81 -57.00 26.49
CA TYR A 794 39.93 -57.09 27.93
C TYR A 794 41.06 -56.18 28.40
N PHE A 795 40.70 -55.00 28.89
CA PHE A 795 41.69 -53.96 29.19
C PHE A 795 41.94 -53.92 30.69
N GLY A 796 42.78 -54.82 31.17
CA GLY A 796 43.12 -54.90 32.58
C GLY A 796 41.96 -54.90 33.55
N GLY A 797 40.79 -55.29 33.07
CA GLY A 797 39.61 -55.37 33.91
C GLY A 797 38.52 -54.45 33.40
N PHE A 798 38.79 -53.17 33.48
CA PHE A 798 37.82 -52.21 32.97
C PHE A 798 37.02 -52.84 31.84
N ASN A 799 35.70 -52.70 31.91
CA ASN A 799 34.79 -53.34 30.99
C ASN A 799 34.03 -52.26 30.25
N PHE A 800 34.27 -52.13 28.95
CA PHE A 800 33.74 -51.03 28.16
C PHE A 800 32.66 -51.49 27.21
N SER A 801 32.07 -52.65 27.46
CA SER A 801 31.13 -53.21 26.49
C SER A 801 29.90 -52.35 26.30
N GLN A 802 29.56 -51.48 27.24
CA GLN A 802 28.38 -50.66 27.08
C GLN A 802 28.62 -49.46 26.18
N ILE A 803 29.86 -49.15 25.81
CA ILE A 803 30.15 -48.02 24.94
C ILE A 803 30.82 -48.44 23.65
N LEU A 804 31.23 -49.66 23.52
CA LEU A 804 31.76 -50.12 22.25
C LEU A 804 30.65 -50.71 21.39
N PRO A 805 30.84 -50.77 20.08
CA PRO A 805 29.79 -51.33 19.22
C PRO A 805 29.46 -52.78 19.53
N ASP A 806 28.20 -53.14 19.27
CA ASP A 806 27.73 -54.51 19.43
C ASP A 806 27.83 -55.24 18.09
N PRO A 807 28.74 -56.21 17.94
CA PRO A 807 28.90 -56.88 16.64
C PRO A 807 27.66 -57.63 16.18
N SER A 808 26.73 -57.95 17.09
CA SER A 808 25.51 -58.68 16.72
C SER A 808 24.35 -57.74 16.43
N LYS A 809 24.58 -56.75 15.56
CA LYS A 809 23.55 -55.80 15.17
C LYS A 809 23.81 -55.33 13.75
N PRO A 810 22.76 -55.08 12.98
CA PRO A 810 22.98 -54.51 11.63
C PRO A 810 23.54 -53.12 11.66
N SER A 811 23.25 -52.36 12.70
CA SER A 811 23.65 -50.95 12.78
C SER A 811 25.02 -50.76 13.43
N LYS A 812 25.48 -51.74 14.22
CA LYS A 812 26.75 -51.64 14.94
C LYS A 812 26.78 -50.49 15.93
N ARG A 813 25.65 -50.20 16.56
CA ARG A 813 25.63 -49.20 17.60
C ARG A 813 26.01 -49.83 18.93
N SER A 814 26.34 -49.00 19.89
CA SER A 814 26.55 -49.49 21.24
C SER A 814 25.21 -49.58 21.97
N PRO A 815 25.22 -50.34 23.05
CA PRO A 815 24.02 -50.52 23.88
C PRO A 815 23.43 -49.20 24.36
N ILE A 816 24.30 -48.24 24.66
CA ILE A 816 23.84 -46.94 25.14
C ILE A 816 23.35 -46.08 23.98
N GLU A 817 24.01 -46.16 22.84
CA GLU A 817 23.54 -45.45 21.66
C GLU A 817 22.18 -45.94 21.19
N ASP A 818 21.86 -47.20 21.37
CA ASP A 818 20.54 -47.70 21.05
C ASP A 818 19.47 -47.06 21.90
N LEU A 819 19.73 -46.82 23.18
CA LEU A 819 18.79 -46.05 23.97
C LEU A 819 18.69 -44.61 23.52
N LEU A 820 19.82 -44.00 23.13
CA LEU A 820 19.78 -42.57 22.82
C LEU A 820 18.93 -42.27 21.60
N PHE A 821 18.87 -43.17 20.62
CA PHE A 821 18.01 -42.92 19.46
C PHE A 821 16.59 -43.40 19.67
N ASN A 822 16.25 -43.94 20.82
CA ASN A 822 14.90 -44.40 21.10
C ASN A 822 14.11 -43.43 21.94
N LYS A 823 14.67 -42.26 22.25
CA LYS A 823 13.98 -41.26 23.02
C LYS A 823 13.57 -40.04 22.23
N VAL A 824 14.15 -39.83 21.05
CA VAL A 824 13.80 -38.66 20.24
C VAL A 824 13.14 -39.11 18.94
N LYS A 852 5.96 -33.99 3.57
CA LYS A 852 5.97 -33.11 2.41
C LYS A 852 4.71 -32.26 2.38
N PHE A 853 4.83 -31.04 1.85
CA PHE A 853 3.72 -30.10 1.80
C PHE A 853 3.70 -29.31 0.50
N ASN A 854 3.04 -28.16 0.53
CA ASN A 854 2.81 -27.33 -0.64
C ASN A 854 4.05 -26.57 -1.07
N GLY A 855 5.06 -27.27 -1.57
CA GLY A 855 6.32 -26.65 -1.94
C GLY A 855 7.41 -26.76 -0.90
N LEU A 856 7.17 -27.41 0.22
CA LEU A 856 8.16 -27.60 1.26
C LEU A 856 8.81 -28.98 1.13
N THR A 857 10.13 -29.02 1.27
CA THR A 857 10.84 -30.28 1.23
C THR A 857 11.98 -30.31 2.24
N VAL A 858 12.32 -31.51 2.69
CA VAL A 858 13.36 -31.74 3.67
C VAL A 858 14.50 -32.50 2.99
N LEU A 859 15.68 -31.95 3.03
CA LEU A 859 16.82 -32.57 2.37
C LEU A 859 17.53 -33.53 3.33
N PRO A 860 18.12 -34.60 2.81
CA PRO A 860 18.80 -35.55 3.68
C PRO A 860 20.18 -35.05 4.09
N PRO A 861 20.69 -35.49 5.23
CA PRO A 861 22.07 -35.15 5.60
C PRO A 861 23.09 -35.79 4.69
N LEU A 862 24.26 -35.17 4.61
CA LEU A 862 25.36 -35.72 3.83
C LEU A 862 25.92 -36.98 4.47
N LEU A 863 26.10 -36.96 5.78
CA LEU A 863 26.62 -38.11 6.51
C LEU A 863 25.47 -38.91 7.07
N THR A 864 25.46 -40.21 6.79
CA THR A 864 24.49 -41.11 7.38
C THR A 864 24.83 -41.32 8.84
N ASP A 865 23.92 -41.92 9.59
CA ASP A 865 24.26 -42.15 10.99
C ASP A 865 25.16 -43.37 11.19
N GLU A 866 25.29 -44.23 10.19
CA GLU A 866 26.31 -45.26 10.24
C GLU A 866 27.70 -44.67 10.18
N MET A 867 27.92 -43.71 9.29
CA MET A 867 29.20 -43.03 9.18
C MET A 867 29.59 -42.29 10.44
N ILE A 868 28.62 -41.66 11.10
CA ILE A 868 28.91 -41.00 12.37
C ILE A 868 29.29 -42.03 13.42
N ALA A 869 28.62 -43.18 13.44
CA ALA A 869 28.99 -44.21 14.38
C ALA A 869 30.43 -44.67 14.18
N GLN A 870 30.89 -44.66 12.94
CA GLN A 870 32.27 -45.04 12.65
C GLN A 870 33.29 -44.01 13.13
N TYR A 871 32.96 -42.73 13.09
CA TYR A 871 33.81 -41.73 13.73
C TYR A 871 33.85 -41.92 15.25
N THR A 872 32.72 -42.22 15.87
CA THR A 872 32.72 -42.41 17.31
C THR A 872 33.48 -43.64 17.73
N SER A 873 33.35 -44.75 17.02
CA SER A 873 34.11 -45.94 17.39
C SER A 873 35.62 -45.76 17.18
N ALA A 874 36.02 -44.93 16.22
CA ALA A 874 37.43 -44.63 16.02
C ALA A 874 37.99 -43.80 17.16
N LEU A 875 37.21 -42.82 17.65
CA LEU A 875 37.67 -42.07 18.81
C LEU A 875 37.76 -42.94 20.05
N LEU A 876 36.82 -43.86 20.23
CA LEU A 876 36.88 -44.78 21.36
C LEU A 876 38.05 -45.74 21.30
N ALA A 877 38.30 -46.34 20.14
CA ALA A 877 39.42 -47.24 19.96
C ALA A 877 40.77 -46.54 20.05
N GLY A 878 40.89 -45.31 19.57
CA GLY A 878 42.13 -44.59 19.73
C GLY A 878 42.45 -44.30 21.18
N THR A 879 41.47 -43.78 21.91
CA THR A 879 41.66 -43.38 23.30
C THR A 879 41.97 -44.54 24.22
N ILE A 880 41.27 -45.66 24.08
CA ILE A 880 41.43 -46.75 25.04
C ILE A 880 42.77 -47.44 24.85
N THR A 881 43.36 -47.34 23.67
CA THR A 881 44.61 -48.01 23.39
C THR A 881 45.82 -47.08 23.39
N SER A 882 45.65 -45.81 23.06
CA SER A 882 46.78 -44.90 23.02
C SER A 882 46.54 -43.60 23.76
N GLY A 883 45.46 -43.46 24.49
CA GLY A 883 45.24 -42.26 25.27
C GLY A 883 45.04 -41.04 24.43
N TRP A 884 45.90 -40.04 24.59
CA TRP A 884 45.79 -38.80 23.84
C TRP A 884 46.91 -38.60 22.84
N THR A 885 47.73 -39.62 22.60
CA THR A 885 48.88 -39.42 21.73
C THR A 885 48.50 -39.37 20.26
N PHE A 886 47.43 -40.06 19.86
CA PHE A 886 47.07 -40.10 18.46
C PHE A 886 46.50 -38.78 17.96
N GLY A 887 46.10 -37.88 18.85
CA GLY A 887 45.63 -36.58 18.42
C GLY A 887 46.72 -35.57 18.14
N ALA A 888 47.97 -35.90 18.46
CA ALA A 888 49.09 -35.02 18.23
C ALA A 888 50.11 -35.59 17.27
N GLY A 889 49.87 -36.77 16.73
CA GLY A 889 50.84 -37.42 15.87
C GLY A 889 50.47 -38.87 15.65
N PRO A 890 51.47 -39.74 15.71
CA PRO A 890 51.24 -41.18 15.58
C PRO A 890 50.62 -41.70 16.87
N ALA A 891 49.80 -42.75 16.76
CA ALA A 891 49.25 -43.41 17.93
C ALA A 891 50.32 -44.26 18.59
N LEU A 892 50.54 -44.04 19.87
CA LEU A 892 51.56 -44.74 20.64
C LEU A 892 50.87 -45.60 21.66
N GLN A 893 51.01 -46.92 21.53
CA GLN A 893 50.36 -47.82 22.46
C GLN A 893 51.03 -47.76 23.83
N ILE A 894 50.21 -47.93 24.87
CA ILE A 894 50.66 -48.05 26.25
C ILE A 894 49.57 -48.84 26.94
N PRO A 895 49.87 -49.73 27.90
CA PRO A 895 48.80 -50.45 28.60
C PRO A 895 47.83 -49.50 29.28
N PHE A 896 46.54 -49.88 29.29
CA PHE A 896 45.51 -48.96 29.77
C PHE A 896 45.66 -48.64 31.25
N PRO A 897 45.98 -49.64 32.06
CA PRO A 897 46.21 -49.44 33.50
C PRO A 897 47.26 -48.35 33.72
N MET A 898 48.27 -48.28 32.85
CA MET A 898 49.27 -47.24 32.92
C MET A 898 48.74 -45.91 32.42
N GLN A 899 47.79 -45.93 31.51
CA GLN A 899 47.15 -44.71 31.05
C GLN A 899 46.38 -44.05 32.20
N MET A 900 45.66 -44.85 32.97
CA MET A 900 44.90 -44.34 34.10
C MET A 900 45.79 -43.75 35.17
N ALA A 901 46.94 -44.37 35.41
CA ALA A 901 47.89 -43.88 36.40
C ALA A 901 48.48 -42.52 36.01
N TYR A 902 48.77 -42.30 34.73
CA TYR A 902 49.20 -40.96 34.29
C TYR A 902 48.12 -39.93 34.51
N ARG A 903 46.85 -40.32 34.28
CA ARG A 903 45.75 -39.40 34.45
C ARG A 903 45.54 -38.98 35.88
N PHE A 904 45.75 -39.89 36.84
CA PHE A 904 45.74 -39.47 38.24
C PHE A 904 46.90 -38.55 38.55
N ASN A 905 48.08 -38.79 37.99
CA ASN A 905 49.20 -37.90 38.17
C ASN A 905 48.92 -36.50 37.67
N GLY A 906 48.17 -36.37 36.59
CA GLY A 906 47.88 -35.06 36.04
C GLY A 906 47.02 -34.22 36.96
N ILE A 907 46.29 -34.84 37.87
CA ILE A 907 45.47 -34.11 38.82
C ILE A 907 46.12 -34.01 40.19
N GLY A 908 47.39 -34.36 40.32
CA GLY A 908 48.09 -34.22 41.57
C GLY A 908 47.97 -35.38 42.53
N VAL A 909 47.66 -36.57 42.05
CA VAL A 909 47.61 -37.75 42.88
C VAL A 909 48.78 -38.63 42.49
N THR A 910 49.44 -39.18 43.49
CA THR A 910 50.64 -39.96 43.25
C THR A 910 50.25 -41.29 42.62
N GLN A 911 51.07 -41.76 41.69
CA GLN A 911 50.62 -42.83 40.82
C GLN A 911 50.51 -44.19 41.49
N ASN A 912 51.05 -44.39 42.69
CA ASN A 912 50.87 -45.67 43.35
C ASN A 912 49.44 -45.90 43.82
N VAL A 913 48.63 -44.85 43.89
CA VAL A 913 47.25 -45.01 44.34
C VAL A 913 46.49 -45.91 43.39
N LEU A 914 46.78 -45.85 42.10
CA LEU A 914 46.16 -46.77 41.17
C LEU A 914 46.80 -48.14 41.22
N TYR A 915 48.13 -48.20 41.17
CA TYR A 915 48.79 -49.47 40.96
C TYR A 915 48.55 -50.43 42.11
N GLU A 916 48.38 -49.91 43.32
CA GLU A 916 48.10 -50.75 44.47
C GLU A 916 46.61 -51.01 44.66
N ASN A 917 45.75 -50.34 43.91
CA ASN A 917 44.30 -50.45 44.06
C ASN A 917 43.62 -50.65 42.72
N GLN A 918 44.36 -51.15 41.73
CA GLN A 918 43.83 -51.34 40.38
C GLN A 918 42.51 -52.07 40.33
N LYS A 919 42.34 -53.16 41.08
CA LYS A 919 41.10 -53.91 41.04
C LYS A 919 39.93 -53.11 41.60
N LEU A 920 40.16 -52.37 42.67
CA LEU A 920 39.10 -51.59 43.28
C LEU A 920 38.58 -50.52 42.33
N ILE A 921 39.49 -49.81 41.66
CA ILE A 921 39.09 -48.71 40.79
C ILE A 921 38.34 -49.25 39.56
N ALA A 922 38.83 -50.35 39.00
CA ALA A 922 38.19 -50.97 37.85
C ALA A 922 36.80 -51.50 38.17
N ASN A 923 36.63 -52.17 39.32
CA ASN A 923 35.31 -52.64 39.74
C ASN A 923 34.36 -51.51 40.07
N GLN A 924 34.82 -50.49 40.80
CA GLN A 924 33.96 -49.34 41.05
C GLN A 924 33.59 -48.58 39.80
N PHE A 925 34.52 -48.41 38.87
CA PHE A 925 34.18 -47.79 37.60
C PHE A 925 33.08 -48.56 36.89
N ASN A 926 33.23 -49.88 36.80
CA ASN A 926 32.30 -50.70 36.02
C ASN A 926 30.86 -50.56 36.52
N SER A 927 30.67 -50.51 37.83
CA SER A 927 29.33 -50.22 38.35
C SER A 927 28.90 -48.79 38.09
N ALA A 928 29.81 -47.82 38.23
CA ALA A 928 29.41 -46.43 38.04
C ALA A 928 28.97 -46.15 36.61
N ILE A 929 29.60 -46.77 35.62
CA ILE A 929 29.15 -46.58 34.25
C ILE A 929 27.86 -47.35 34.02
N GLY A 930 27.74 -48.53 34.63
CA GLY A 930 26.51 -49.28 34.53
C GLY A 930 25.28 -48.53 35.00
N LYS A 931 25.42 -47.65 35.99
CA LYS A 931 24.27 -46.89 36.43
C LYS A 931 23.75 -45.90 35.39
N ILE A 932 24.52 -45.60 34.35
CA ILE A 932 24.10 -44.59 33.38
C ILE A 932 22.86 -45.06 32.64
N GLN A 933 22.79 -46.33 32.25
CA GLN A 933 21.60 -46.80 31.56
C GLN A 933 20.35 -46.66 32.42
N ASP A 934 20.45 -46.94 33.71
CA ASP A 934 19.29 -46.82 34.59
C ASP A 934 18.73 -45.41 34.58
N SER A 935 19.59 -44.40 34.53
CA SER A 935 19.12 -43.03 34.52
C SER A 935 18.46 -42.67 33.19
N LEU A 936 18.63 -43.50 32.16
CA LEU A 936 18.04 -43.20 30.85
C LEU A 936 16.80 -44.04 30.58
N SER A 937 16.91 -45.35 30.77
CA SER A 937 15.78 -46.26 30.55
C SER A 937 14.84 -46.30 31.76
N ALA A 942 16.37 -35.38 30.26
CA ALA A 942 17.56 -35.98 29.67
C ALA A 942 17.83 -35.41 28.29
N LEU A 943 17.19 -36.01 27.28
CA LEU A 943 17.40 -35.63 25.89
C LEU A 943 16.41 -34.59 25.42
N GLY A 944 15.89 -33.77 26.33
CA GLY A 944 15.00 -32.70 25.96
C GLY A 944 15.61 -31.64 25.07
N LYS A 945 16.92 -31.43 25.18
CA LYS A 945 17.58 -30.47 24.31
C LYS A 945 17.59 -30.94 22.86
N LEU A 946 17.56 -32.24 22.63
CA LEU A 946 17.50 -32.76 21.28
C LEU A 946 16.10 -32.77 20.73
N GLN A 947 15.11 -33.04 21.57
CA GLN A 947 13.73 -32.99 21.13
C GLN A 947 13.27 -31.58 20.82
N ASP A 948 13.74 -30.59 21.59
CA ASP A 948 13.42 -29.19 21.32
C ASP A 948 13.86 -28.74 19.93
N VAL A 949 15.00 -29.22 19.44
CA VAL A 949 15.41 -28.84 18.09
C VAL A 949 14.41 -29.35 17.06
N VAL A 950 13.99 -30.60 17.20
CA VAL A 950 12.98 -31.19 16.34
C VAL A 950 11.66 -30.44 16.44
N ASN A 951 11.24 -30.08 17.64
CA ASN A 951 9.98 -29.41 17.85
C ASN A 951 9.97 -28.03 17.21
N HIS A 952 11.05 -27.27 17.38
CA HIS A 952 11.08 -25.92 16.84
C HIS A 952 10.97 -25.91 15.33
N ASN A 953 11.63 -26.83 14.65
CA ASN A 953 11.46 -26.85 13.21
C ASN A 953 10.09 -27.39 12.79
N ALA A 954 9.58 -28.40 13.50
CA ALA A 954 8.26 -28.90 13.15
C ALA A 954 7.19 -27.83 13.31
N GLN A 955 7.32 -27.01 14.36
CA GLN A 955 6.36 -25.94 14.58
C GLN A 955 6.46 -24.86 13.52
N ALA A 956 7.67 -24.54 13.04
CA ALA A 956 7.74 -23.54 11.98
C ALA A 956 7.20 -24.06 10.65
N LEU A 957 7.32 -25.35 10.39
CA LEU A 957 6.76 -25.91 9.17
C LEU A 957 5.26 -26.10 9.23
N ASN A 958 4.72 -26.40 10.40
CA ASN A 958 3.27 -26.50 10.57
C ASN A 958 2.60 -25.13 10.51
N THR A 959 3.23 -24.09 11.07
CA THR A 959 2.74 -22.73 10.96
C THR A 959 2.85 -22.17 9.54
N LEU A 960 3.94 -22.42 8.85
CA LEU A 960 4.10 -21.93 7.49
C LEU A 960 3.02 -22.45 6.56
N VAL A 961 2.64 -23.72 6.70
CA VAL A 961 1.57 -24.26 5.89
C VAL A 961 0.22 -23.69 6.31
N LYS A 962 -0.04 -23.59 7.61
CA LYS A 962 -1.33 -23.09 8.03
C LYS A 962 -1.59 -21.65 7.60
N GLN A 963 -0.55 -20.84 7.44
CA GLN A 963 -0.71 -19.47 7.01
C GLN A 963 -1.19 -19.33 5.59
N LEU A 964 -1.38 -20.41 4.86
CA LEU A 964 -1.97 -20.31 3.54
C LEU A 964 -3.48 -20.22 3.57
N SER A 965 -4.11 -20.60 4.67
CA SER A 965 -5.54 -20.45 4.80
C SER A 965 -5.92 -19.16 5.51
N SER A 966 -5.42 -18.06 5.00
CA SER A 966 -5.70 -16.80 5.62
C SER A 966 -6.06 -15.90 4.49
N LYS A 967 -7.33 -15.55 4.43
CA LYS A 967 -7.79 -14.72 3.35
C LYS A 967 -6.92 -13.49 3.24
N PHE A 968 -6.22 -13.15 4.31
CA PHE A 968 -5.37 -11.96 4.31
C PHE A 968 -6.08 -10.74 3.76
N GLY A 969 -7.39 -10.83 3.56
CA GLY A 969 -8.18 -9.76 3.01
C GLY A 969 -8.42 -10.07 1.55
N ALA A 970 -8.92 -11.28 1.30
CA ALA A 970 -9.21 -11.72 -0.05
C ALA A 970 -10.53 -12.49 -0.02
N ILE A 971 -11.28 -12.42 -1.11
CA ILE A 971 -12.56 -13.12 -1.14
C ILE A 971 -12.39 -14.57 -0.71
N SER A 972 -11.49 -15.29 -1.38
CA SER A 972 -11.25 -16.68 -1.04
C SER A 972 -9.79 -16.79 -0.67
N SER A 973 -9.43 -17.84 0.06
CA SER A 973 -8.05 -18.02 0.48
C SER A 973 -7.30 -19.00 -0.40
N VAL A 974 -7.98 -19.57 -1.38
CA VAL A 974 -7.33 -20.51 -2.28
C VAL A 974 -7.10 -19.77 -3.56
N LEU A 975 -6.01 -20.05 -4.26
CA LEU A 975 -5.75 -19.32 -5.50
C LEU A 975 -6.69 -19.61 -6.68
N ASN A 976 -6.58 -20.81 -7.23
CA ASN A 976 -7.38 -21.19 -8.39
C ASN A 976 -8.83 -20.68 -8.40
N ASP A 977 -9.53 -20.79 -7.28
CA ASP A 977 -10.91 -20.32 -7.21
C ASP A 977 -10.99 -18.91 -7.75
N ILE A 978 -10.21 -18.03 -7.17
CA ILE A 978 -10.18 -16.65 -7.60
C ILE A 978 -9.77 -16.69 -9.05
N LEU A 979 -8.56 -17.14 -9.32
CA LEU A 979 -8.08 -17.23 -10.69
C LEU A 979 -8.85 -18.30 -11.46
N SER A 980 -10.17 -18.25 -11.39
CA SER A 980 -11.01 -19.23 -12.07
C SER A 980 -12.47 -19.14 -11.60
N ARG A 981 -12.89 -17.92 -11.32
CA ARG A 981 -14.23 -17.62 -10.88
C ARG A 981 -14.16 -16.13 -10.69
N LEU A 982 -13.55 -15.48 -11.65
CA LEU A 982 -13.31 -14.05 -11.62
C LEU A 982 -12.60 -13.71 -12.91
N ASP A 983 -12.86 -12.52 -13.44
CA ASP A 983 -12.23 -12.10 -14.69
C ASP A 983 -10.71 -12.14 -14.58
N PRO A 984 -10.04 -11.66 -15.61
CA PRO A 984 -8.57 -11.64 -15.63
C PRO A 984 -7.98 -10.34 -15.11
N PRO A 985 -8.75 -9.26 -15.09
CA PRO A 985 -8.21 -7.98 -14.61
C PRO A 985 -8.64 -7.70 -13.17
N GLU A 986 -9.68 -8.39 -12.74
CA GLU A 986 -10.20 -8.23 -11.38
C GLU A 986 -9.36 -9.11 -10.39
N ALA A 987 -9.15 -10.39 -10.75
CA ALA A 987 -8.40 -11.40 -10.06
C ALA A 987 -7.04 -10.83 -9.75
N GLU A 988 -6.60 -9.88 -10.56
CA GLU A 988 -5.32 -9.25 -10.32
C GLU A 988 -5.31 -8.73 -8.90
N VAL A 989 -6.19 -7.79 -8.61
CA VAL A 989 -6.27 -7.23 -7.28
C VAL A 989 -6.31 -8.34 -6.24
N GLN A 990 -7.22 -9.29 -6.41
CA GLN A 990 -7.28 -10.36 -5.38
C GLN A 990 -5.99 -11.14 -5.09
N ILE A 991 -5.33 -11.59 -6.14
CA ILE A 991 -4.10 -12.35 -6.02
C ILE A 991 -2.97 -11.48 -5.54
N ASP A 992 -3.02 -10.21 -5.86
CA ASP A 992 -1.99 -9.28 -5.44
C ASP A 992 -2.12 -9.09 -3.96
N ARG A 993 -3.32 -9.27 -3.46
CA ARG A 993 -3.59 -9.16 -2.03
C ARG A 993 -3.13 -10.41 -1.32
N LEU A 994 -3.20 -11.54 -1.99
CA LEU A 994 -2.74 -12.80 -1.37
C LEU A 994 -1.25 -13.07 -1.48
N ILE A 995 -0.55 -12.32 -2.32
CA ILE A 995 0.87 -12.50 -2.58
C ILE A 995 1.70 -11.76 -1.54
N THR A 996 1.35 -10.52 -1.25
CA THR A 996 2.07 -9.78 -0.23
C THR A 996 2.00 -10.47 1.12
N GLY A 997 0.81 -10.94 1.50
CA GLY A 997 0.69 -11.62 2.78
C GLY A 997 1.54 -12.86 2.88
N ARG A 998 1.47 -13.74 1.87
CA ARG A 998 2.26 -14.96 1.89
C ARG A 998 3.74 -14.72 1.65
N LEU A 999 4.10 -13.68 0.95
CA LEU A 999 5.50 -13.31 0.86
C LEU A 999 6.06 -12.84 2.20
N GLN A 1000 5.26 -12.10 2.98
CA GLN A 1000 5.66 -11.79 4.35
C GLN A 1000 5.85 -13.04 5.20
N SER A 1001 5.03 -14.07 4.98
CA SER A 1001 5.21 -15.32 5.70
C SER A 1001 6.57 -15.95 5.46
N LEU A 1002 7.01 -15.97 4.22
CA LEU A 1002 8.32 -16.48 3.89
C LEU A 1002 9.45 -15.66 4.49
N GLN A 1003 9.31 -14.34 4.51
CA GLN A 1003 10.34 -13.54 5.14
C GLN A 1003 10.46 -13.80 6.63
N THR A 1004 9.31 -13.97 7.30
CA THR A 1004 9.36 -14.33 8.71
C THR A 1004 10.03 -15.69 8.92
N TYR A 1005 9.66 -16.67 8.11
CA TYR A 1005 10.24 -18.00 8.24
C TYR A 1005 11.75 -17.97 8.07
N VAL A 1006 12.25 -17.37 7.00
CA VAL A 1006 13.68 -17.42 6.72
C VAL A 1006 14.47 -16.64 7.75
N THR A 1007 13.94 -15.49 8.22
CA THR A 1007 14.66 -14.73 9.23
C THR A 1007 14.83 -15.53 10.51
N GLN A 1008 13.79 -16.23 10.94
CA GLN A 1008 13.95 -17.05 12.13
C GLN A 1008 14.90 -18.22 11.94
N GLN A 1009 14.96 -18.82 10.76
CA GLN A 1009 15.88 -19.93 10.57
C GLN A 1009 17.33 -19.47 10.66
N LEU A 1010 17.63 -18.28 10.17
CA LEU A 1010 18.97 -17.72 10.31
C LEU A 1010 19.33 -17.43 11.75
N ILE A 1011 18.39 -16.88 12.52
CA ILE A 1011 18.68 -16.59 13.93
C ILE A 1011 18.82 -17.88 14.73
N ARG A 1012 17.99 -18.87 14.46
CA ARG A 1012 18.10 -20.15 15.13
C ARG A 1012 19.29 -20.99 14.66
N ALA A 1013 19.71 -20.84 13.42
CA ALA A 1013 20.89 -21.58 12.98
C ALA A 1013 22.18 -21.07 13.62
N ALA A 1014 22.23 -19.80 13.98
CA ALA A 1014 23.36 -19.27 14.71
C ALA A 1014 23.49 -19.87 16.10
N GLU A 1015 22.39 -20.25 16.72
CA GLU A 1015 22.40 -20.84 18.04
C GLU A 1015 22.87 -22.29 18.04
N ILE A 1016 22.48 -23.06 17.04
CA ILE A 1016 22.92 -24.43 16.89
C ILE A 1016 24.37 -24.47 16.43
N ARG A 1017 24.78 -23.47 15.67
CA ARG A 1017 26.17 -23.33 15.29
C ARG A 1017 27.06 -23.04 16.50
N ALA A 1018 26.61 -22.18 17.40
CA ALA A 1018 27.35 -21.93 18.62
C ALA A 1018 27.44 -23.16 19.49
N SER A 1019 26.41 -24.00 19.48
CA SER A 1019 26.42 -25.27 20.18
C SER A 1019 27.35 -26.28 19.54
N ALA A 1020 27.34 -26.37 18.22
CA ALA A 1020 28.28 -27.22 17.52
C ALA A 1020 29.73 -26.80 17.75
N ASN A 1021 30.00 -25.51 17.91
CA ASN A 1021 31.34 -25.04 18.24
C ASN A 1021 31.78 -25.46 19.64
N LEU A 1022 30.87 -25.41 20.60
CA LEU A 1022 31.13 -25.89 21.94
C LEU A 1022 31.35 -27.39 21.97
N ALA A 1023 30.51 -28.15 21.27
CA ALA A 1023 30.71 -29.59 21.17
C ALA A 1023 32.01 -29.97 20.48
N ALA A 1024 32.40 -29.29 19.41
CA ALA A 1024 33.69 -29.55 18.80
C ALA A 1024 34.87 -29.22 19.71
N THR A 1025 34.77 -28.14 20.47
CA THR A 1025 35.79 -27.76 21.44
C THR A 1025 35.91 -28.77 22.55
N LYS A 1026 34.80 -29.24 23.11
CA LYS A 1026 34.87 -30.32 24.09
C LYS A 1026 35.39 -31.61 23.48
N MET A 1027 35.06 -31.92 22.25
CA MET A 1027 35.60 -33.12 21.64
C MET A 1027 37.11 -33.10 21.62
N SER A 1028 37.70 -31.94 21.36
CA SER A 1028 39.15 -31.83 21.36
C SER A 1028 39.71 -31.86 22.78
N GLU A 1029 39.11 -31.11 23.68
CA GLU A 1029 39.71 -30.87 24.97
C GLU A 1029 39.29 -31.84 26.05
N CYS A 1030 38.20 -32.57 25.86
CA CYS A 1030 37.75 -33.51 26.88
C CYS A 1030 38.01 -34.96 26.49
N VAL A 1031 38.06 -35.21 25.19
CA VAL A 1031 38.16 -36.57 24.68
C VAL A 1031 39.56 -36.86 24.16
N LEU A 1032 40.16 -35.91 23.46
CA LEU A 1032 41.51 -36.07 22.93
C LEU A 1032 42.58 -35.59 23.90
N GLY A 1033 42.20 -35.20 25.10
CA GLY A 1033 43.21 -34.82 26.08
C GLY A 1033 42.60 -34.73 27.45
N GLN A 1034 43.42 -34.27 28.39
CA GLN A 1034 43.00 -34.04 29.77
C GLN A 1034 42.97 -32.53 30.05
N SER A 1035 41.84 -32.05 30.54
CA SER A 1035 41.64 -30.63 30.76
C SER A 1035 41.77 -30.28 32.23
N LYS A 1036 42.30 -29.09 32.49
CA LYS A 1036 42.29 -28.52 33.83
C LYS A 1036 41.22 -27.45 34.00
N ARG A 1037 40.42 -27.19 32.97
CA ARG A 1037 39.35 -26.20 33.03
C ARG A 1037 38.23 -26.67 33.95
N VAL A 1038 37.87 -25.85 34.92
CA VAL A 1038 36.91 -26.25 35.96
C VAL A 1038 35.51 -26.33 35.38
N ASP A 1039 34.86 -27.46 35.62
CA ASP A 1039 33.50 -27.72 35.14
C ASP A 1039 33.29 -27.78 33.63
N PHE A 1040 34.38 -27.87 32.88
CA PHE A 1040 34.28 -27.89 31.44
C PHE A 1040 34.07 -29.32 30.97
N CYS A 1041 34.59 -30.27 31.74
CA CYS A 1041 34.51 -31.68 31.40
C CYS A 1041 33.87 -32.49 32.53
N GLY A 1042 32.74 -32.02 33.05
CA GLY A 1042 32.07 -32.69 34.16
C GLY A 1042 32.37 -32.13 35.55
N LYS A 1043 31.76 -32.73 36.57
CA LYS A 1043 31.91 -32.27 37.96
C LYS A 1043 32.91 -33.15 38.67
N GLY A 1044 33.96 -32.54 39.23
CA GLY A 1044 35.02 -33.28 39.86
C GLY A 1044 36.29 -33.04 39.09
N TYR A 1045 37.30 -33.84 39.39
CA TYR A 1045 38.59 -33.72 38.72
C TYR A 1045 38.60 -34.60 37.49
N HIS A 1046 38.77 -33.97 36.33
CA HIS A 1046 38.66 -34.67 35.06
C HIS A 1046 39.71 -35.76 34.94
N LEU A 1047 39.27 -36.98 34.66
CA LEU A 1047 40.18 -38.04 34.25
C LEU A 1047 40.09 -38.32 32.76
N MET A 1048 38.88 -38.60 32.26
CA MET A 1048 38.75 -38.99 30.86
C MET A 1048 37.29 -38.87 30.45
N SER A 1049 37.04 -38.88 29.14
CA SER A 1049 35.67 -38.82 28.62
C SER A 1049 35.55 -39.74 27.41
N PHE A 1050 34.35 -40.27 27.21
CA PHE A 1050 34.00 -41.14 26.08
C PHE A 1050 32.81 -40.58 25.32
N PRO A 1051 32.91 -40.38 24.02
CA PRO A 1051 31.77 -39.89 23.24
C PRO A 1051 30.76 -40.99 22.87
N GLN A 1052 29.51 -40.58 22.72
CA GLN A 1052 28.47 -41.42 22.18
C GLN A 1052 27.67 -40.60 21.18
N SER A 1053 27.16 -41.24 20.15
CA SER A 1053 26.38 -40.53 19.14
C SER A 1053 24.92 -40.49 19.54
N ALA A 1054 24.28 -39.35 19.32
CA ALA A 1054 22.87 -39.20 19.58
C ALA A 1054 22.26 -38.62 18.31
N PRO A 1055 20.95 -38.70 18.09
CA PRO A 1055 20.38 -38.10 16.87
C PRO A 1055 20.42 -36.58 16.93
N HIS A 1056 21.14 -35.99 15.97
CA HIS A 1056 21.40 -34.55 15.86
C HIS A 1056 22.21 -34.01 17.03
N GLY A 1057 22.99 -34.84 17.70
CA GLY A 1057 23.72 -34.35 18.84
C GLY A 1057 24.82 -35.28 19.27
N VAL A 1058 25.44 -34.91 20.39
CA VAL A 1058 26.52 -35.70 20.95
C VAL A 1058 26.30 -35.80 22.45
N VAL A 1059 26.67 -36.94 23.00
CA VAL A 1059 26.61 -37.23 24.43
C VAL A 1059 28.03 -37.50 24.89
N PHE A 1060 28.42 -36.88 25.99
CA PHE A 1060 29.74 -37.04 26.58
C PHE A 1060 29.57 -37.79 27.88
N LEU A 1061 30.33 -38.86 28.04
CA LEU A 1061 30.40 -39.59 29.31
C LEU A 1061 31.64 -39.12 30.03
N HIS A 1062 31.46 -38.30 31.08
CA HIS A 1062 32.56 -37.68 31.79
C HIS A 1062 32.95 -38.52 33.00
N VAL A 1063 34.21 -38.91 33.06
CA VAL A 1063 34.79 -39.67 34.15
C VAL A 1063 35.63 -38.72 35.01
N THR A 1064 35.28 -38.62 36.29
CA THR A 1064 35.88 -37.66 37.21
C THR A 1064 36.37 -38.36 38.46
N TYR A 1065 37.27 -37.68 39.15
CA TYR A 1065 37.85 -38.09 40.43
C TYR A 1065 37.23 -37.25 41.53
N VAL A 1066 36.60 -37.89 42.50
CA VAL A 1066 35.95 -37.18 43.60
C VAL A 1066 36.53 -37.67 44.93
N PRO A 1067 37.12 -36.82 45.75
CA PRO A 1067 37.62 -37.27 47.05
C PRO A 1067 36.48 -37.57 48.03
N ALA A 1068 36.76 -38.42 49.02
CA ALA A 1068 35.74 -38.80 49.98
C ALA A 1068 36.35 -39.09 51.33
N GLN A 1069 35.53 -38.98 52.37
CA GLN A 1069 35.84 -39.38 53.74
C GLN A 1069 37.04 -38.62 54.32
N GLU A 1070 36.84 -37.33 54.56
CA GLU A 1070 37.93 -36.52 55.08
C GLU A 1070 38.08 -36.67 56.59
N LYS A 1071 39.31 -36.48 57.06
CA LYS A 1071 39.61 -36.34 58.47
C LYS A 1071 40.31 -35.00 58.67
N ASN A 1072 40.20 -34.45 59.88
CA ASN A 1072 40.84 -33.19 60.21
C ASN A 1072 42.16 -33.46 60.91
N PHE A 1073 43.12 -32.58 60.69
CA PHE A 1073 44.45 -32.64 61.26
C PHE A 1073 44.88 -31.22 61.60
N THR A 1074 45.88 -31.13 62.46
CA THR A 1074 46.58 -29.91 62.77
C THR A 1074 47.75 -29.79 61.81
N THR A 1075 48.07 -28.57 61.40
CA THR A 1075 49.07 -28.35 60.38
C THR A 1075 49.96 -27.18 60.77
N ALA A 1076 51.05 -27.02 60.04
CA ALA A 1076 51.98 -25.92 60.24
C ALA A 1076 52.71 -25.69 58.93
N PRO A 1077 53.07 -24.46 58.62
CA PRO A 1077 53.69 -24.19 57.32
C PRO A 1077 55.09 -24.71 57.16
N ALA A 1078 55.87 -24.82 58.25
CA ALA A 1078 57.26 -25.21 58.14
C ALA A 1078 57.66 -25.89 59.43
N ILE A 1079 58.84 -26.50 59.45
CA ILE A 1079 59.35 -27.16 60.64
C ILE A 1079 60.75 -26.64 60.93
N CYS A 1080 61.05 -26.41 62.20
CA CYS A 1080 62.37 -25.93 62.58
C CYS A 1080 63.25 -27.10 62.97
N HIS A 1081 64.49 -27.11 62.47
CA HIS A 1081 65.48 -28.10 62.85
C HIS A 1081 66.85 -27.47 62.68
N ASP A 1082 67.69 -27.56 63.71
CA ASP A 1082 68.99 -26.92 63.77
C ASP A 1082 68.92 -25.43 63.57
N GLY A 1083 67.83 -24.79 63.97
CA GLY A 1083 67.71 -23.37 63.80
C GLY A 1083 67.40 -22.94 62.39
N LYS A 1084 67.01 -23.87 61.53
CA LYS A 1084 66.69 -23.56 60.15
C LYS A 1084 65.26 -23.96 59.84
N ALA A 1085 64.64 -23.26 58.90
CA ALA A 1085 63.27 -23.52 58.51
C ALA A 1085 63.26 -24.50 57.35
N HIS A 1086 62.42 -25.53 57.45
CA HIS A 1086 62.23 -26.53 56.42
C HIS A 1086 60.82 -26.43 55.90
N PHE A 1087 60.68 -26.45 54.64
CA PHE A 1087 59.45 -26.35 53.89
C PHE A 1087 59.25 -27.60 53.07
N PRO A 1088 58.02 -28.05 52.86
CA PRO A 1088 57.81 -29.24 52.04
C PRO A 1088 58.07 -28.95 50.57
N ARG A 1089 58.61 -29.95 49.89
CA ARG A 1089 58.72 -29.88 48.43
C ARG A 1089 57.36 -29.94 47.77
N GLU A 1090 56.59 -30.97 48.08
CA GLU A 1090 55.17 -31.05 47.76
C GLU A 1090 54.48 -31.67 48.95
N GLY A 1091 53.32 -31.17 49.30
CA GLY A 1091 52.55 -31.72 50.38
C GLY A 1091 52.35 -30.73 51.50
N VAL A 1092 51.72 -31.20 52.56
CA VAL A 1092 51.42 -30.41 53.74
C VAL A 1092 51.87 -31.19 54.96
N PHE A 1093 52.27 -30.47 56.00
CA PHE A 1093 52.57 -31.07 57.29
C PHE A 1093 51.27 -31.31 58.05
N VAL A 1094 51.13 -32.49 58.63
CA VAL A 1094 49.97 -32.83 59.45
C VAL A 1094 50.44 -33.41 60.78
N SER A 1095 49.57 -33.36 61.76
CA SER A 1095 49.82 -33.95 63.06
C SER A 1095 48.66 -34.86 63.43
N ASN A 1096 48.96 -36.08 63.87
CA ASN A 1096 47.92 -37.02 64.27
C ASN A 1096 47.54 -36.89 65.73
N GLY A 1097 48.15 -35.96 66.45
CA GLY A 1097 47.90 -35.76 67.86
C GLY A 1097 49.18 -35.78 68.64
N THR A 1098 50.12 -36.64 68.24
CA THR A 1098 51.39 -36.77 68.93
C THR A 1098 52.62 -36.68 68.04
N HIS A 1099 52.51 -37.03 66.76
CA HIS A 1099 53.63 -36.97 65.84
C HIS A 1099 53.23 -36.24 64.57
N TRP A 1100 54.20 -35.64 63.91
CA TRP A 1100 54.00 -34.90 62.68
C TRP A 1100 54.54 -35.66 61.48
N PHE A 1101 53.83 -35.59 60.36
CA PHE A 1101 54.18 -36.28 59.13
C PHE A 1101 54.02 -35.34 57.95
N VAL A 1102 54.56 -35.73 56.80
CA VAL A 1102 54.31 -35.08 55.52
C VAL A 1102 53.33 -35.92 54.73
N THR A 1103 52.34 -35.28 54.15
CA THR A 1103 51.40 -36.00 53.31
C THR A 1103 51.28 -35.27 51.97
N GLN A 1104 50.89 -36.02 50.94
CA GLN A 1104 50.48 -35.39 49.70
C GLN A 1104 49.09 -34.79 49.88
N ARG A 1105 48.78 -33.78 49.08
CA ARG A 1105 47.60 -32.99 49.33
C ARG A 1105 46.29 -33.63 48.91
N ASN A 1106 46.31 -34.67 48.07
CA ASN A 1106 45.07 -35.18 47.50
C ASN A 1106 44.70 -36.55 48.04
N PHE A 1107 45.56 -37.20 48.80
CA PHE A 1107 45.28 -38.52 49.35
C PHE A 1107 46.10 -38.63 50.62
N TYR A 1108 45.49 -39.11 51.69
CA TYR A 1108 46.20 -39.23 52.96
C TYR A 1108 47.18 -40.39 52.92
N GLU A 1109 48.47 -40.08 52.95
CA GLU A 1109 49.53 -41.09 52.86
C GLU A 1109 50.76 -40.53 53.52
N PRO A 1110 50.90 -40.70 54.83
CA PRO A 1110 51.99 -40.06 55.58
C PRO A 1110 53.34 -40.74 55.45
N GLN A 1111 54.39 -39.91 55.39
CA GLN A 1111 55.76 -40.38 55.40
C GLN A 1111 56.56 -39.58 56.43
N ILE A 1112 57.71 -40.11 56.83
CA ILE A 1112 58.51 -39.41 57.82
C ILE A 1112 59.21 -38.23 57.16
N ILE A 1113 59.34 -37.14 57.90
CA ILE A 1113 59.95 -35.91 57.41
C ILE A 1113 61.45 -36.05 57.45
N THR A 1114 62.08 -36.03 56.28
CA THR A 1114 63.50 -36.26 56.13
C THR A 1114 64.09 -35.10 55.35
N THR A 1115 65.40 -35.15 55.13
CA THR A 1115 66.10 -34.13 54.37
C THR A 1115 65.96 -34.33 52.86
N ASP A 1116 65.35 -35.43 52.44
CA ASP A 1116 65.15 -35.69 51.01
C ASP A 1116 63.75 -35.32 50.59
N ASN A 1117 62.88 -35.13 51.57
CA ASN A 1117 61.50 -34.75 51.39
C ASN A 1117 61.27 -33.26 51.42
N THR A 1118 62.23 -32.50 51.93
CA THR A 1118 62.04 -31.09 52.24
C THR A 1118 63.16 -30.31 51.61
N PHE A 1119 63.04 -28.99 51.66
CA PHE A 1119 64.14 -28.11 51.31
C PHE A 1119 64.21 -27.00 52.34
N VAL A 1120 65.38 -26.37 52.40
CA VAL A 1120 65.69 -25.35 53.39
C VAL A 1120 65.62 -23.98 52.74
N SER A 1121 65.02 -23.03 53.43
CA SER A 1121 65.02 -21.66 52.97
C SER A 1121 64.75 -20.72 54.14
N GLY A 1122 65.70 -19.87 54.47
CA GLY A 1122 65.52 -18.91 55.54
C GLY A 1122 65.64 -19.51 56.93
N ASN A 1123 65.43 -18.64 57.91
CA ASN A 1123 65.59 -19.00 59.30
C ASN A 1123 64.22 -18.98 59.97
N CYS A 1124 64.13 -19.59 61.15
CA CYS A 1124 62.87 -19.61 61.88
C CYS A 1124 62.64 -18.34 62.66
N ASP A 1125 62.53 -17.21 61.97
CA ASP A 1125 62.23 -15.93 62.60
C ASP A 1125 61.25 -15.13 61.76
N VAL A 1126 60.95 -15.62 60.55
CA VAL A 1126 60.09 -14.92 59.61
C VAL A 1126 58.79 -15.67 59.33
N VAL A 1127 58.73 -16.94 59.61
CA VAL A 1127 57.54 -17.75 59.34
C VAL A 1127 56.63 -17.69 60.55
N ILE A 1128 55.37 -17.34 60.34
CA ILE A 1128 54.38 -17.26 61.39
C ILE A 1128 53.70 -18.60 61.51
N GLY A 1129 53.76 -19.21 62.68
CA GLY A 1129 53.18 -20.49 62.91
C GLY A 1129 54.10 -21.68 62.73
N ILE A 1130 55.41 -21.44 62.64
CA ILE A 1130 56.36 -22.54 62.51
C ILE A 1130 56.50 -23.28 63.83
N VAL A 1131 56.71 -24.59 63.74
CA VAL A 1131 56.68 -25.47 64.90
C VAL A 1131 57.97 -26.26 64.96
N ASN A 1132 58.34 -26.71 66.16
CA ASN A 1132 59.51 -27.53 66.36
C ASN A 1132 59.20 -29.00 66.10
N ASN A 1133 60.10 -29.67 65.40
CA ASN A 1133 60.01 -31.11 65.22
C ASN A 1133 61.38 -31.61 64.83
N THR A 1134 61.48 -32.91 64.62
CA THR A 1134 62.72 -33.55 64.20
C THR A 1134 62.64 -33.90 62.73
N VAL A 1135 63.65 -33.50 61.97
CA VAL A 1135 63.82 -33.89 60.58
C VAL A 1135 65.00 -34.83 60.51
N TYR A 1136 64.77 -36.04 60.05
CA TYR A 1136 65.75 -37.11 60.15
C TYR A 1136 66.65 -37.13 58.92
N ASP A 1137 67.92 -37.23 59.15
CA ASP A 1137 68.98 -37.32 58.15
C ASP A 1137 69.34 -38.77 57.95
N PRO A 1138 69.25 -39.33 56.75
CA PRO A 1138 69.56 -40.76 56.58
C PRO A 1138 71.04 -41.08 56.67
N LEU A 1139 71.87 -40.05 56.53
CA LEU A 1139 73.30 -40.26 56.45
C LEU A 1139 73.87 -40.80 57.76
N GLN A 1140 73.52 -40.18 58.87
CA GLN A 1140 74.18 -40.55 60.13
C GLN A 1140 73.87 -41.98 60.58
N PRO A 1141 72.64 -42.49 60.49
CA PRO A 1141 72.43 -43.88 60.89
C PRO A 1141 72.99 -44.87 59.91
N GLU A 1142 73.35 -44.46 58.71
CA GLU A 1142 74.12 -45.34 57.85
C GLU A 1142 75.57 -45.39 58.31
N LEU A 1143 76.09 -44.28 58.82
CA LEU A 1143 77.46 -44.23 59.31
C LEU A 1143 77.57 -44.64 60.77
N ASP A 1144 76.48 -45.15 61.34
CA ASP A 1144 76.44 -45.59 62.74
C ASP A 1144 76.91 -44.52 63.72
N PRO B 25 16.81 56.42 9.90
CA PRO B 25 17.85 55.40 10.05
C PRO B 25 17.39 54.25 10.94
N PRO B 26 17.86 53.04 10.66
CA PRO B 26 17.46 51.89 11.48
C PRO B 26 18.30 51.78 12.74
N ALA B 27 17.83 50.94 13.66
CA ALA B 27 18.53 50.65 14.90
C ALA B 27 18.08 49.29 15.38
N TYR B 28 19.02 48.37 15.53
CA TYR B 28 18.71 46.98 15.78
C TYR B 28 18.99 46.62 17.23
N THR B 29 18.42 45.49 17.66
CA THR B 29 18.67 44.94 18.98
C THR B 29 18.65 43.42 18.89
N ASN B 30 19.59 42.78 19.58
CA ASN B 30 19.65 41.32 19.61
C ASN B 30 18.57 40.81 20.55
N SER B 31 17.62 40.06 20.01
CA SER B 31 16.64 39.34 20.82
C SER B 31 17.19 37.94 21.04
N PHE B 32 17.44 37.61 22.32
CA PHE B 32 18.18 36.39 22.63
C PHE B 32 17.29 35.17 22.60
N THR B 33 16.35 35.08 23.53
CA THR B 33 15.38 33.99 23.57
C THR B 33 14.04 34.64 23.88
N ARG B 34 13.37 35.12 22.84
CA ARG B 34 12.14 35.89 23.00
C ARG B 34 11.08 35.32 22.08
N GLY B 35 9.83 35.57 22.43
CA GLY B 35 8.73 35.23 21.55
C GLY B 35 8.42 33.77 21.44
N VAL B 36 8.76 32.98 22.45
CA VAL B 36 8.38 31.57 22.50
C VAL B 36 6.99 31.52 23.11
N TYR B 37 6.02 31.03 22.36
CA TYR B 37 4.65 31.01 22.84
C TYR B 37 4.18 29.56 22.98
N TYR B 38 3.08 29.39 23.69
CA TYR B 38 2.47 28.08 23.82
C TYR B 38 1.84 27.69 22.50
N PRO B 39 2.24 26.58 21.88
CA PRO B 39 1.70 26.27 20.54
C PRO B 39 0.26 25.83 20.56
N ASP B 40 -0.19 25.12 21.59
CA ASP B 40 -1.54 24.61 21.62
C ASP B 40 -2.05 24.58 23.05
N LYS B 41 -3.37 24.45 23.18
CA LYS B 41 -4.03 24.45 24.48
C LYS B 41 -4.12 23.03 25.00
N VAL B 42 -2.95 22.51 25.38
CA VAL B 42 -2.79 21.13 25.83
C VAL B 42 -1.84 21.15 27.03
N PHE B 43 -2.27 20.54 28.13
CA PHE B 43 -1.42 20.41 29.30
C PHE B 43 -0.40 19.32 29.06
N ARG B 44 0.84 19.58 29.44
CA ARG B 44 1.89 18.59 29.34
C ARG B 44 2.77 18.66 30.58
N SER B 45 3.09 17.50 31.15
CA SER B 45 3.93 17.38 32.33
C SER B 45 5.40 17.51 31.95
N SER B 46 6.32 17.03 32.79
CA SER B 46 7.74 17.22 32.51
C SER B 46 8.14 16.43 31.29
N VAL B 47 8.10 17.10 30.14
CA VAL B 47 8.13 16.48 28.82
C VAL B 47 8.83 17.43 27.88
N LEU B 48 9.79 16.93 27.10
CA LEU B 48 10.42 17.71 26.05
C LEU B 48 9.68 17.43 24.75
N HIS B 49 8.93 18.42 24.28
CA HIS B 49 8.10 18.28 23.09
C HIS B 49 8.73 19.03 21.94
N SER B 50 8.83 18.37 20.78
CA SER B 50 9.43 18.95 19.59
C SER B 50 8.34 19.39 18.63
N THR B 51 8.19 20.70 18.47
CA THR B 51 7.13 21.26 17.63
C THR B 51 7.73 21.97 16.44
N GLN B 52 6.89 22.25 15.45
CA GLN B 52 7.32 22.90 14.22
C GLN B 52 6.23 23.89 13.82
N ASP B 53 6.52 25.19 13.96
CA ASP B 53 5.49 26.20 13.77
C ASP B 53 6.20 27.52 13.49
N LEU B 54 5.44 28.61 13.45
CA LEU B 54 6.01 29.93 13.22
C LEU B 54 6.57 30.47 14.52
N PHE B 55 7.89 30.53 14.64
CA PHE B 55 8.53 31.09 15.81
C PHE B 55 9.51 32.17 15.39
N LEU B 56 9.71 33.14 16.27
CA LEU B 56 10.77 34.11 16.05
C LEU B 56 12.12 33.47 16.35
N PRO B 57 13.08 33.53 15.43
CA PRO B 57 14.32 32.76 15.60
C PRO B 57 15.19 33.30 16.71
N PHE B 58 15.97 32.40 17.31
CA PHE B 58 16.78 32.75 18.47
C PHE B 58 17.96 33.62 18.04
N PHE B 59 18.33 34.54 18.94
CA PHE B 59 19.47 35.45 18.78
C PHE B 59 19.35 36.28 17.51
N SER B 60 18.16 36.79 17.25
CA SER B 60 17.87 37.48 16.01
C SER B 60 18.02 38.99 16.17
N ASN B 61 17.86 39.70 15.06
CA ASN B 61 17.93 41.15 15.05
C ASN B 61 16.52 41.70 14.93
N VAL B 62 15.97 42.17 16.03
CA VAL B 62 14.70 42.87 15.97
C VAL B 62 15.01 44.35 15.75
N THR B 63 14.03 45.07 15.21
CA THR B 63 14.23 46.48 14.89
C THR B 63 13.64 47.32 16.01
N TRP B 64 14.40 48.31 16.46
CA TRP B 64 14.07 49.11 17.63
C TRP B 64 13.58 50.46 17.15
N PHE B 65 12.27 50.58 16.93
CA PHE B 65 11.70 51.83 16.49
C PHE B 65 11.47 52.76 17.66
N HIS B 66 11.46 54.06 17.38
CA HIS B 66 11.15 55.07 18.36
C HIS B 66 9.79 55.71 18.13
N ALA B 67 9.56 56.24 16.92
CA ALA B 67 8.37 57.01 16.56
C ALA B 67 8.16 58.21 17.51
N ILE B 68 9.26 58.85 17.88
CA ILE B 68 9.24 60.05 18.71
C ILE B 68 10.55 60.80 18.50
N ARG B 76 9.57 64.78 14.60
CA ARG B 76 9.67 63.91 15.76
C ARG B 76 8.79 62.67 15.56
N PHE B 77 7.51 62.90 15.33
CA PHE B 77 6.54 61.82 15.21
C PHE B 77 6.67 61.16 13.84
N ASP B 78 7.14 59.92 13.82
CA ASP B 78 7.30 59.18 12.56
C ASP B 78 7.13 57.70 12.86
N ASN B 79 5.93 57.18 12.64
CA ASN B 79 5.69 55.75 12.77
C ASN B 79 5.42 55.14 11.40
N PRO B 80 6.14 54.10 11.02
CA PRO B 80 6.04 53.57 9.65
C PRO B 80 4.97 52.50 9.52
N VAL B 81 4.63 52.21 8.27
CA VAL B 81 3.68 51.15 7.93
C VAL B 81 4.49 49.94 7.53
N LEU B 82 4.58 48.99 8.40
CA LEU B 82 5.48 47.86 8.22
C LEU B 82 4.74 46.69 7.58
N PRO B 83 5.46 45.80 6.91
CA PRO B 83 4.84 44.55 6.45
C PRO B 83 4.59 43.58 7.59
N PHE B 84 3.94 42.48 7.25
CA PHE B 84 3.58 41.42 8.18
C PHE B 84 4.34 40.14 7.88
N ASN B 85 4.13 39.58 6.69
CA ASN B 85 4.80 38.50 5.99
C ASN B 85 4.65 37.10 6.58
N ASP B 86 4.63 36.98 7.90
CA ASP B 86 4.20 35.83 8.70
C ASP B 86 4.21 36.27 10.14
N GLY B 87 3.11 36.73 10.70
CA GLY B 87 3.14 37.19 12.09
C GLY B 87 4.06 38.37 12.43
N VAL B 88 4.00 38.83 13.68
CA VAL B 88 4.83 39.91 14.19
C VAL B 88 5.03 39.66 15.68
N TYR B 89 6.27 39.69 16.14
CA TYR B 89 6.58 39.79 17.55
C TYR B 89 6.78 41.26 17.87
N PHE B 90 6.05 41.76 18.87
CA PHE B 90 5.99 43.18 19.18
C PHE B 90 6.24 43.35 20.66
N ALA B 91 7.39 43.87 21.03
CA ALA B 91 7.70 44.14 22.42
C ALA B 91 7.67 45.64 22.67
N SER B 92 7.33 46.03 23.89
CA SER B 92 7.31 47.45 24.21
C SER B 92 7.59 47.66 25.68
N THR B 93 8.25 48.77 26.00
CA THR B 93 8.62 49.11 27.36
C THR B 93 8.17 50.54 27.61
N GLU B 94 6.95 50.70 28.10
CA GLU B 94 6.38 52.03 28.30
C GLU B 94 5.55 52.04 29.57
N LYS B 95 5.95 52.89 30.52
CA LYS B 95 5.21 53.00 31.78
C LYS B 95 3.96 53.86 31.64
N SER B 96 3.88 54.71 30.63
CA SER B 96 2.67 55.47 30.35
C SER B 96 1.77 54.66 29.44
N ASN B 97 0.71 55.28 28.92
CA ASN B 97 -0.20 54.63 28.00
C ASN B 97 -0.17 55.40 26.69
N ILE B 98 0.80 55.06 25.84
CA ILE B 98 0.96 55.68 24.54
C ILE B 98 0.73 54.68 23.42
N ILE B 99 1.42 53.54 23.46
CA ILE B 99 1.20 52.51 22.46
C ILE B 99 -0.15 51.87 22.76
N ARG B 100 -1.17 52.33 22.06
CA ARG B 100 -2.54 52.12 22.46
C ARG B 100 -3.35 51.51 21.33
N GLY B 101 -2.81 50.47 20.72
CA GLY B 101 -3.53 49.71 19.73
C GLY B 101 -2.77 49.57 18.44
N TRP B 102 -3.39 48.88 17.49
CA TRP B 102 -2.79 48.55 16.22
C TRP B 102 -3.79 48.68 15.08
N ILE B 103 -3.26 48.71 13.87
CA ILE B 103 -4.02 48.77 12.64
C ILE B 103 -3.45 47.70 11.73
N PHE B 104 -4.28 46.75 11.31
CA PHE B 104 -3.88 45.71 10.37
C PHE B 104 -4.72 45.83 9.11
N GLY B 105 -4.15 45.48 7.97
CA GLY B 105 -4.94 45.51 6.75
C GLY B 105 -4.11 45.08 5.57
N THR B 106 -4.66 45.30 4.39
CA THR B 106 -3.94 44.99 3.16
C THR B 106 -3.63 46.21 2.32
N THR B 107 -4.56 47.16 2.20
CA THR B 107 -4.23 48.45 1.60
C THR B 107 -4.36 49.62 2.57
N LEU B 108 -4.93 49.38 3.76
CA LEU B 108 -5.21 50.40 4.77
C LEU B 108 -6.06 51.53 4.20
N ASP B 109 -7.12 51.14 3.49
CA ASP B 109 -7.96 52.09 2.79
C ASP B 109 -9.37 51.51 2.75
N SER B 110 -10.26 52.15 1.99
CA SER B 110 -11.58 51.62 1.72
C SER B 110 -11.47 50.53 0.68
N LYS B 111 -12.63 50.05 0.19
CA LYS B 111 -12.82 49.05 -0.87
C LYS B 111 -12.16 47.68 -0.59
N THR B 112 -11.60 47.51 0.61
CA THR B 112 -11.13 46.24 1.14
C THR B 112 -11.08 46.40 2.65
N GLN B 113 -11.31 45.30 3.36
CA GLN B 113 -11.52 45.42 4.79
C GLN B 113 -10.19 45.47 5.53
N SER B 114 -10.27 45.92 6.79
CA SER B 114 -9.11 46.06 7.63
C SER B 114 -9.54 45.99 9.09
N LEU B 115 -8.59 45.59 9.93
CA LEU B 115 -8.80 45.30 11.34
C LEU B 115 -8.21 46.42 12.18
N LEU B 116 -8.88 46.74 13.28
CA LEU B 116 -8.47 47.84 14.14
C LEU B 116 -8.58 47.40 15.58
N ILE B 117 -7.48 47.45 16.32
CA ILE B 117 -7.46 47.15 17.75
C ILE B 117 -7.21 48.46 18.47
N VAL B 118 -8.22 48.97 19.16
CA VAL B 118 -8.04 50.15 19.98
C VAL B 118 -8.20 49.70 21.43
N ASN B 119 -7.60 50.45 22.34
CA ASN B 119 -7.37 49.99 23.70
C ASN B 119 -7.72 51.10 24.68
N ASN B 120 -8.98 51.15 25.10
CA ASN B 120 -9.44 52.17 26.03
C ASN B 120 -8.90 51.91 27.43
N ALA B 121 -9.30 52.76 28.37
CA ALA B 121 -8.81 52.60 29.74
C ALA B 121 -9.48 51.42 30.45
N THR B 122 -10.61 50.95 29.94
CA THR B 122 -11.30 49.80 30.54
C THR B 122 -11.42 48.59 29.64
N ASN B 123 -11.50 48.76 28.31
CA ASN B 123 -11.75 47.60 27.47
C ASN B 123 -11.18 47.79 26.08
N VAL B 124 -10.82 46.67 25.46
CA VAL B 124 -10.32 46.62 24.09
C VAL B 124 -11.49 46.39 23.17
N VAL B 125 -11.51 47.08 22.02
CA VAL B 125 -12.58 46.95 21.04
C VAL B 125 -11.94 46.63 19.70
N ILE B 126 -12.00 45.38 19.30
CA ILE B 126 -11.50 44.97 17.99
C ILE B 126 -12.63 45.14 16.97
N LYS B 127 -12.32 45.73 15.82
CA LYS B 127 -13.33 46.08 14.84
C LYS B 127 -12.78 45.87 13.44
N VAL B 128 -13.49 45.12 12.60
CA VAL B 128 -12.99 44.77 11.28
C VAL B 128 -13.92 45.41 10.27
N CYS B 129 -13.67 46.66 9.93
CA CYS B 129 -14.52 47.37 8.97
C CYS B 129 -13.73 48.01 7.83
N GLU B 130 -14.44 48.51 6.82
CA GLU B 130 -13.80 49.14 5.67
C GLU B 130 -13.43 50.56 6.07
N PHE B 131 -12.34 50.68 6.83
CA PHE B 131 -11.90 51.96 7.35
C PHE B 131 -11.20 52.76 6.26
N GLN B 132 -11.59 54.02 6.11
CA GLN B 132 -10.83 54.98 5.30
C GLN B 132 -9.78 55.55 6.22
N PHE B 133 -8.63 54.89 6.29
CA PHE B 133 -7.59 55.27 7.24
C PHE B 133 -6.90 56.55 6.79
N CYS B 134 -6.59 57.41 7.75
CA CYS B 134 -5.91 58.66 7.46
C CYS B 134 -4.43 58.41 7.19
N ASN B 135 -3.71 59.48 6.89
CA ASN B 135 -2.29 59.35 6.56
C ASN B 135 -1.46 59.11 7.82
N ASP B 136 -1.60 59.99 8.81
CA ASP B 136 -0.93 59.84 10.11
C ASP B 136 -2.00 59.54 11.15
N PRO B 137 -2.27 58.28 11.45
CA PRO B 137 -3.36 57.96 12.40
C PRO B 137 -2.89 58.06 13.84
N PHE B 138 -3.70 58.72 14.66
CA PHE B 138 -3.45 58.83 16.09
C PHE B 138 -4.78 59.02 16.80
N LEU B 139 -4.83 58.58 18.05
CA LEU B 139 -5.95 58.93 18.90
C LEU B 139 -5.75 60.34 19.43
N ASP B 140 -6.81 60.93 19.98
CA ASP B 140 -6.73 62.31 20.45
C ASP B 140 -7.42 62.40 21.81
N VAL B 141 -6.61 62.56 22.86
CA VAL B 141 -7.11 62.61 24.22
C VAL B 141 -7.14 64.08 24.66
N TYR B 142 -8.00 64.40 25.61
CA TYR B 142 -8.09 65.74 26.21
C TYR B 142 -6.79 66.17 26.89
N MET B 151 -12.34 63.22 27.85
CA MET B 151 -12.53 63.22 26.41
C MET B 151 -11.49 62.34 25.74
N GLU B 152 -11.95 61.48 24.83
CA GLU B 152 -11.06 60.61 24.07
C GLU B 152 -11.73 60.34 22.73
N SER B 153 -11.24 60.97 21.67
CA SER B 153 -11.91 60.93 20.38
C SER B 153 -11.29 59.88 19.47
N GLU B 154 -11.92 59.71 18.30
CA GLU B 154 -11.51 58.68 17.36
C GLU B 154 -11.44 59.18 15.92
N PHE B 155 -11.87 60.41 15.64
CA PHE B 155 -12.05 60.88 14.27
C PHE B 155 -10.75 61.27 13.58
N ARG B 156 -9.62 61.25 14.29
CA ARG B 156 -8.33 61.49 13.67
C ARG B 156 -7.66 60.21 13.19
N VAL B 157 -8.25 59.05 13.46
CA VAL B 157 -7.73 57.79 12.95
C VAL B 157 -8.24 57.53 11.55
N TYR B 158 -9.57 57.48 11.40
CA TYR B 158 -10.19 57.16 10.12
C TYR B 158 -11.31 58.16 9.83
N SER B 159 -11.99 57.96 8.71
CA SER B 159 -13.10 58.83 8.35
C SER B 159 -14.28 58.09 7.72
N SER B 160 -14.30 56.76 7.77
CA SER B 160 -15.41 55.98 7.25
C SER B 160 -15.40 54.62 7.95
N ALA B 161 -16.59 54.13 8.28
CA ALA B 161 -16.72 52.88 9.02
C ALA B 161 -17.81 52.02 8.42
N ASN B 162 -17.78 51.84 7.12
CA ASN B 162 -18.85 51.13 6.43
C ASN B 162 -18.66 49.62 6.50
N ASN B 163 -19.70 48.93 6.93
CA ASN B 163 -19.91 47.48 6.77
C ASN B 163 -18.82 46.66 7.46
N CYS B 164 -18.82 46.73 8.79
CA CYS B 164 -18.10 45.76 9.60
C CYS B 164 -18.93 44.57 10.04
N THR B 165 -18.31 43.39 9.93
CA THR B 165 -18.92 42.10 10.19
C THR B 165 -18.36 41.44 11.44
N PHE B 166 -17.63 42.19 12.27
CA PHE B 166 -17.05 41.60 13.48
C PHE B 166 -16.82 42.68 14.52
N GLU B 167 -17.30 42.44 15.73
CA GLU B 167 -17.07 43.30 16.87
C GLU B 167 -16.70 42.43 18.05
N TYR B 168 -15.94 43.00 19.00
CA TYR B 168 -15.43 42.24 20.12
C TYR B 168 -15.10 43.20 21.24
N VAL B 169 -15.40 42.81 22.48
CA VAL B 169 -15.06 43.61 23.66
C VAL B 169 -14.56 42.66 24.74
N SER B 170 -13.31 42.84 25.16
CA SER B 170 -12.73 42.19 26.32
C SER B 170 -12.15 43.25 27.25
N GLN B 171 -11.93 42.88 28.51
CA GLN B 171 -11.49 43.92 29.43
C GLN B 171 -10.02 44.34 29.30
N PRO B 172 -9.02 43.51 29.67
CA PRO B 172 -7.69 44.10 29.92
C PRO B 172 -6.85 44.50 28.70
N PHE B 173 -6.30 43.48 28.03
CA PHE B 173 -5.48 43.49 26.81
C PHE B 173 -4.14 44.24 26.93
N LEU B 174 -3.91 44.97 28.03
CA LEU B 174 -2.77 45.87 28.12
C LEU B 174 -2.68 46.33 29.57
N MET B 175 -1.44 46.43 30.07
CA MET B 175 -1.14 46.70 31.49
C MET B 175 -1.81 45.68 32.43
N ASP B 176 -1.94 44.44 31.93
CA ASP B 176 -2.65 43.33 32.56
C ASP B 176 -4.08 43.71 33.01
N PHE B 184 10.79 47.80 38.28
CA PHE B 184 10.68 49.18 37.83
C PHE B 184 9.80 49.28 36.59
N LYS B 185 10.41 49.20 35.42
CA LYS B 185 9.64 49.19 34.19
C LYS B 185 9.10 47.79 33.92
N ASN B 186 8.21 47.69 32.92
CA ASN B 186 7.54 46.44 32.61
C ASN B 186 7.56 46.20 31.11
N LEU B 187 8.07 45.05 30.69
CA LEU B 187 8.07 44.69 29.28
C LEU B 187 6.75 44.06 28.94
N ARG B 188 6.19 44.41 27.79
CA ARG B 188 4.95 43.81 27.31
C ARG B 188 5.20 43.25 25.94
N GLU B 189 4.99 41.95 25.77
CA GLU B 189 5.29 41.28 24.52
C GLU B 189 4.03 40.68 23.93
N PHE B 190 3.87 40.84 22.62
CA PHE B 190 2.73 40.31 21.88
C PHE B 190 3.25 39.58 20.67
N VAL B 191 2.49 38.59 20.21
CA VAL B 191 2.75 37.94 18.94
C VAL B 191 1.42 37.84 18.20
N PHE B 192 1.36 38.44 17.03
CA PHE B 192 0.18 38.36 16.17
C PHE B 192 0.47 37.41 15.03
N LYS B 193 -0.44 36.49 14.77
CA LYS B 193 -0.32 35.72 13.53
C LYS B 193 -1.70 35.36 13.02
N ASN B 194 -1.88 35.49 11.71
CA ASN B 194 -3.16 35.30 11.04
C ASN B 194 -3.04 34.05 10.17
N ILE B 195 -3.78 33.01 10.53
CA ILE B 195 -3.73 31.74 9.82
C ILE B 195 -5.14 31.21 9.64
N ASP B 196 -5.49 30.90 8.38
CA ASP B 196 -6.75 30.26 7.99
C ASP B 196 -7.97 31.07 8.44
N GLY B 197 -7.88 32.39 8.30
CA GLY B 197 -8.96 33.26 8.73
C GLY B 197 -9.05 33.47 10.22
N TYR B 198 -8.12 32.94 10.99
CA TYR B 198 -8.11 33.08 12.44
C TYR B 198 -6.95 33.98 12.83
N PHE B 199 -7.26 35.09 13.49
CA PHE B 199 -6.26 35.97 14.06
C PHE B 199 -5.94 35.48 15.47
N LYS B 200 -4.66 35.28 15.76
CA LYS B 200 -4.23 34.77 17.04
C LYS B 200 -3.28 35.76 17.68
N ILE B 201 -3.63 36.26 18.85
CA ILE B 201 -2.83 37.21 19.61
C ILE B 201 -2.36 36.52 20.88
N TYR B 202 -1.06 36.46 21.07
CA TYR B 202 -0.44 35.90 22.27
C TYR B 202 0.20 37.04 23.03
N SER B 203 0.15 37.00 24.37
CA SER B 203 0.61 38.16 25.12
C SER B 203 1.20 37.74 26.45
N LYS B 204 2.16 38.54 26.91
CA LYS B 204 2.79 38.32 28.22
C LYS B 204 3.38 39.62 28.73
N HIS B 205 3.03 39.99 29.94
CA HIS B 205 3.47 41.24 30.56
C HIS B 205 4.33 40.88 31.77
N THR B 206 5.62 41.24 31.71
CA THR B 206 6.52 40.83 32.77
C THR B 206 7.30 42.01 33.34
N PRO B 207 7.43 42.09 34.66
CA PRO B 207 8.25 43.14 35.27
C PRO B 207 9.73 42.80 35.17
N ILE B 208 10.53 43.74 34.66
CA ILE B 208 11.96 43.54 34.48
C ILE B 208 12.72 44.67 35.14
N ASN B 209 13.98 44.39 35.44
CA ASN B 209 14.91 45.39 35.94
C ASN B 209 15.48 46.20 34.79
N LEU B 210 16.37 47.13 35.12
CA LEU B 210 16.96 48.00 34.10
C LEU B 210 18.01 47.23 33.31
N GLY B 211 17.81 47.13 32.00
CA GLY B 211 18.72 46.41 31.13
C GLY B 211 18.63 46.89 29.70
N ARG B 212 18.73 45.96 28.75
CA ARG B 212 18.68 46.30 27.33
C ARG B 212 17.28 46.34 26.76
N ASP B 213 16.25 46.29 27.63
CA ASP B 213 14.82 46.27 27.35
C ASP B 213 14.36 45.01 26.61
N LEU B 214 15.27 44.06 26.38
CA LEU B 214 14.95 42.72 25.90
C LEU B 214 15.86 41.81 26.69
N PRO B 215 15.48 41.46 27.91
CA PRO B 215 16.45 40.94 28.87
C PRO B 215 16.82 39.49 28.59
N GLN B 216 17.99 39.11 29.12
CA GLN B 216 18.49 37.75 29.03
C GLN B 216 17.70 36.89 30.00
N GLY B 217 16.79 36.09 29.46
CA GLY B 217 15.95 35.24 30.29
C GLY B 217 14.98 34.48 29.42
N PHE B 218 13.89 34.02 30.04
CA PHE B 218 12.92 33.25 29.29
C PHE B 218 11.54 33.43 29.92
N SER B 219 10.54 33.64 29.06
CA SER B 219 9.16 33.78 29.52
C SER B 219 8.26 33.40 28.36
N ALA B 220 7.42 32.39 28.56
CA ALA B 220 6.53 31.91 27.52
C ALA B 220 5.32 32.82 27.39
N LEU B 221 4.80 32.93 26.17
CA LEU B 221 3.67 33.80 25.87
C LEU B 221 2.39 32.97 25.86
N GLU B 222 1.41 33.39 26.64
CA GLU B 222 0.16 32.66 26.77
C GLU B 222 -0.92 33.30 25.92
N PRO B 223 -1.82 32.53 25.31
CA PRO B 223 -2.74 33.09 24.33
C PRO B 223 -3.82 33.96 24.96
N LEU B 224 -4.30 34.92 24.18
CA LEU B 224 -5.23 35.92 24.67
C LEU B 224 -6.59 35.82 23.99
N VAL B 225 -6.66 35.97 22.66
CA VAL B 225 -7.90 35.88 21.91
C VAL B 225 -7.66 34.99 20.71
N ASP B 226 -8.75 34.69 20.00
CA ASP B 226 -8.70 33.84 18.80
C ASP B 226 -9.89 34.28 17.95
N LEU B 227 -9.64 35.14 16.99
CA LEU B 227 -10.73 35.83 16.31
C LEU B 227 -11.01 35.20 14.96
N PRO B 228 -12.25 34.85 14.66
CA PRO B 228 -12.63 34.42 13.30
C PRO B 228 -12.96 35.59 12.37
N ILE B 229 -11.91 36.16 11.76
CA ILE B 229 -12.08 37.36 10.95
C ILE B 229 -12.26 37.03 9.46
N GLY B 230 -11.45 36.13 8.91
CA GLY B 230 -11.49 35.87 7.48
C GLY B 230 -10.95 37.00 6.61
N ILE B 231 -9.75 37.48 6.90
CA ILE B 231 -9.21 38.69 6.29
C ILE B 231 -7.77 38.42 5.86
N ASN B 232 -7.44 38.82 4.63
CA ASN B 232 -6.06 38.89 4.20
C ASN B 232 -5.36 40.05 4.89
N ILE B 233 -4.27 39.77 5.59
CA ILE B 233 -3.52 40.78 6.34
C ILE B 233 -2.08 40.74 5.85
N THR B 234 -1.59 41.88 5.37
CA THR B 234 -0.19 41.96 4.96
C THR B 234 0.54 43.23 5.39
N ARG B 235 -0.18 44.24 5.84
CA ARG B 235 0.44 45.49 6.30
C ARG B 235 -0.11 45.88 7.66
N PHE B 236 0.69 46.55 8.48
CA PHE B 236 0.22 46.95 9.80
C PHE B 236 1.01 48.15 10.26
N GLN B 237 0.41 48.92 11.17
CA GLN B 237 1.14 49.96 11.88
C GLN B 237 0.52 50.13 13.25
N THR B 238 1.09 51.00 14.06
CA THR B 238 0.67 51.15 15.45
C THR B 238 -0.04 52.47 15.67
N LEU B 239 -1.08 52.43 16.48
CA LEU B 239 -1.77 53.63 16.92
C LEU B 239 -1.03 54.26 18.09
N LEU B 240 -1.27 55.54 18.29
CA LEU B 240 -0.72 56.27 19.42
C LEU B 240 -1.78 57.21 19.95
N ALA B 241 -1.49 57.82 21.09
CA ALA B 241 -2.31 58.89 21.64
C ALA B 241 -1.45 60.13 21.80
N LEU B 242 -2.02 61.31 21.56
CA LEU B 242 -1.21 62.52 21.50
C LEU B 242 -1.62 63.63 22.45
N HIS B 243 -2.63 63.44 23.30
CA HIS B 243 -3.00 64.31 24.42
C HIS B 243 -3.39 65.73 24.03
N ARG B 244 -3.54 66.04 22.74
CA ARG B 244 -3.75 67.39 22.19
C ARG B 244 -2.74 68.42 22.70
N TRP B 256 0.52 66.32 18.43
CA TRP B 256 1.01 67.60 18.92
C TRP B 256 2.21 67.41 19.84
N THR B 257 1.96 66.87 21.03
CA THR B 257 3.01 66.64 22.01
C THR B 257 2.81 65.27 22.65
N ALA B 258 3.85 64.46 22.63
CA ALA B 258 3.82 63.13 23.23
C ALA B 258 5.04 62.96 24.11
N GLY B 259 5.21 61.74 24.62
CA GLY B 259 6.31 61.46 25.52
C GLY B 259 7.51 60.88 24.81
N ALA B 260 7.74 59.58 24.98
CA ALA B 260 8.88 58.93 24.35
C ALA B 260 8.51 57.46 24.14
N ALA B 261 8.10 57.12 22.92
CA ALA B 261 7.74 55.76 22.58
C ALA B 261 8.96 55.00 22.09
N ALA B 262 8.87 53.67 22.16
CA ALA B 262 9.90 52.77 21.68
C ALA B 262 9.28 51.38 21.58
N TYR B 263 9.34 50.77 20.41
CA TYR B 263 8.81 49.42 20.30
C TYR B 263 9.72 48.58 19.42
N TYR B 264 9.75 47.29 19.72
CA TYR B 264 10.66 46.35 19.07
C TYR B 264 9.84 45.42 18.21
N VAL B 265 10.18 45.34 16.93
CA VAL B 265 9.42 44.55 15.97
C VAL B 265 10.32 43.47 15.39
N GLY B 266 9.88 42.22 15.46
CA GLY B 266 10.58 41.14 14.82
C GLY B 266 9.58 40.25 14.08
N TYR B 267 10.10 39.47 13.15
CA TYR B 267 9.23 38.71 12.25
C TYR B 267 9.39 37.21 12.48
N LEU B 268 8.27 36.52 12.45
CA LEU B 268 8.22 35.09 12.71
C LEU B 268 8.59 34.32 11.46
N GLN B 269 9.24 33.18 11.65
CA GLN B 269 9.65 32.31 10.55
C GLN B 269 9.29 30.88 10.89
N PRO B 270 9.07 30.02 9.90
CA PRO B 270 8.78 28.61 10.21
C PRO B 270 9.99 27.86 10.74
N ARG B 271 10.00 27.57 12.03
CA ARG B 271 11.11 26.95 12.70
C ARG B 271 10.65 25.75 13.51
N THR B 272 11.59 24.87 13.80
CA THR B 272 11.38 23.72 14.66
C THR B 272 11.99 24.02 16.02
N PHE B 273 11.18 23.92 17.07
CA PHE B 273 11.62 24.18 18.42
C PHE B 273 11.51 22.90 19.24
N LEU B 274 12.25 22.87 20.33
CA LEU B 274 12.13 21.80 21.33
C LEU B 274 11.85 22.48 22.66
N LEU B 275 10.60 22.42 23.11
CA LEU B 275 10.17 23.08 24.33
C LEU B 275 10.20 22.09 25.48
N LYS B 276 10.47 22.58 26.68
CA LYS B 276 10.60 21.73 27.85
C LYS B 276 9.57 22.13 28.89
N TYR B 277 8.54 21.31 29.07
CA TYR B 277 7.52 21.61 30.06
C TYR B 277 7.88 20.96 31.38
N ASN B 278 7.84 21.74 32.45
CA ASN B 278 8.17 21.23 33.77
C ASN B 278 6.93 20.58 34.39
N GLU B 279 6.93 20.40 35.71
CA GLU B 279 5.85 19.68 36.37
C GLU B 279 4.52 20.41 36.25
N ASN B 280 4.53 21.73 36.38
CA ASN B 280 3.27 22.46 36.42
C ASN B 280 2.75 22.83 35.05
N GLY B 281 3.34 22.31 33.98
CA GLY B 281 2.86 22.59 32.64
C GLY B 281 3.35 23.88 32.04
N THR B 282 4.31 24.56 32.67
CA THR B 282 4.87 25.80 32.15
C THR B 282 6.09 25.49 31.29
N ILE B 283 6.38 26.36 30.35
CA ILE B 283 7.58 26.24 29.55
C ILE B 283 8.71 26.98 30.25
N THR B 284 9.81 26.28 30.51
CA THR B 284 10.97 26.90 31.13
C THR B 284 12.16 27.05 30.20
N ASP B 285 12.24 26.26 29.13
CA ASP B 285 13.39 26.33 28.23
C ASP B 285 12.99 25.83 26.86
N ALA B 286 13.73 26.26 25.85
CA ALA B 286 13.46 25.87 24.47
C ALA B 286 14.77 25.88 23.70
N VAL B 287 14.84 25.06 22.66
CA VAL B 287 16.03 24.93 21.84
C VAL B 287 15.62 25.05 20.38
N ASP B 288 16.26 25.98 19.66
CA ASP B 288 15.98 26.23 18.25
C ASP B 288 16.83 25.31 17.39
N CYS B 289 16.19 24.41 16.65
CA CYS B 289 16.89 23.31 16.00
C CYS B 289 17.58 23.69 14.69
N ALA B 290 17.90 24.96 14.50
CA ALA B 290 18.57 25.38 13.30
C ALA B 290 19.32 26.65 13.59
N LEU B 291 19.68 26.83 14.85
CA LEU B 291 20.41 28.00 15.26
C LEU B 291 21.89 27.77 15.10
N ASP B 292 22.26 26.56 14.69
CA ASP B 292 23.65 26.16 14.47
C ASP B 292 23.69 24.66 14.55
N PRO B 293 24.80 24.10 15.03
CA PRO B 293 24.94 22.63 15.09
C PRO B 293 24.68 21.97 16.45
N LEU B 294 25.07 22.62 17.55
CA LEU B 294 24.88 22.01 18.86
C LEU B 294 23.40 21.98 19.27
N SER B 295 22.63 22.99 18.88
CA SER B 295 21.20 22.95 19.17
C SER B 295 20.49 21.89 18.34
N GLU B 296 20.97 21.64 17.12
CA GLU B 296 20.44 20.54 16.32
C GLU B 296 20.79 19.19 16.95
N THR B 297 21.98 19.09 17.55
CA THR B 297 22.34 17.85 18.26
C THR B 297 21.48 17.64 19.50
N LYS B 298 21.25 18.71 20.26
CA LYS B 298 20.40 18.62 21.44
C LYS B 298 18.96 18.28 21.09
N CYS B 299 18.48 18.74 19.93
CA CYS B 299 17.14 18.35 19.51
C CYS B 299 17.09 16.95 18.92
N THR B 300 18.21 16.44 18.42
CA THR B 300 18.25 15.05 17.97
C THR B 300 18.24 14.09 19.15
N LEU B 301 19.06 14.36 20.16
CA LEU B 301 19.14 13.49 21.32
C LEU B 301 17.92 13.56 22.22
N LYS B 302 17.12 14.63 22.10
CA LYS B 302 16.07 15.01 23.05
C LYS B 302 16.63 15.11 24.47
N SER B 303 17.65 15.94 24.60
CA SER B 303 18.27 16.20 25.89
C SER B 303 18.89 17.58 25.85
N PHE B 304 19.35 18.06 27.01
CA PHE B 304 20.07 19.32 27.07
C PHE B 304 21.54 19.16 27.41
N THR B 305 22.00 17.94 27.64
CA THR B 305 23.40 17.68 27.93
C THR B 305 23.90 16.69 26.89
N VAL B 306 24.96 17.05 26.18
CA VAL B 306 25.54 16.21 25.13
C VAL B 306 26.94 15.81 25.56
N GLU B 307 27.13 14.54 25.84
CA GLU B 307 28.45 14.07 26.21
C GLU B 307 29.34 13.95 24.98
N LYS B 308 30.59 13.72 25.24
CA LYS B 308 31.52 13.71 24.16
C LYS B 308 31.39 12.62 23.15
N GLY B 309 31.43 13.03 21.89
CA GLY B 309 31.50 12.09 20.80
C GLY B 309 30.80 12.60 19.56
N ILE B 310 31.04 11.90 18.45
CA ILE B 310 30.35 12.21 17.20
C ILE B 310 28.89 11.84 17.31
N TYR B 311 28.01 12.77 16.97
CA TYR B 311 26.57 12.55 17.04
C TYR B 311 25.96 12.89 15.70
N GLN B 312 25.62 11.89 14.91
CA GLN B 312 25.13 12.14 13.56
C GLN B 312 23.86 12.95 13.48
N THR B 313 23.99 14.25 13.28
CA THR B 313 22.84 15.10 13.16
C THR B 313 22.20 14.89 11.79
N SER B 314 21.88 15.98 11.10
CA SER B 314 21.23 15.97 9.79
C SER B 314 21.93 15.18 8.69
N ASN B 315 21.70 15.58 7.45
CA ASN B 315 22.27 15.00 6.27
C ASN B 315 22.40 16.18 5.36
N PHE B 316 23.11 16.06 4.25
CA PHE B 316 23.22 17.19 3.34
C PHE B 316 23.21 16.75 1.89
N ARG B 317 23.19 17.69 0.96
CA ARG B 317 23.14 17.33 -0.44
C ARG B 317 22.92 18.53 -1.31
N VAL B 318 23.93 18.93 -2.06
CA VAL B 318 23.83 20.08 -2.94
C VAL B 318 22.53 19.99 -3.73
N GLN B 319 21.99 21.10 -4.20
CA GLN B 319 20.73 21.04 -4.91
C GLN B 319 20.80 21.37 -6.40
N PRO B 320 19.98 20.60 -7.21
CA PRO B 320 20.05 20.94 -8.64
C PRO B 320 19.76 22.41 -8.83
N THR B 321 19.99 22.92 -10.04
CA THR B 321 19.76 24.33 -10.27
C THR B 321 19.37 24.65 -11.71
N GLU B 322 18.73 23.70 -12.39
CA GLU B 322 18.33 23.93 -13.76
C GLU B 322 17.18 23.03 -14.20
N SER B 323 17.11 22.75 -15.49
CA SER B 323 16.05 21.92 -16.04
C SER B 323 16.43 21.43 -17.42
N ILE B 324 17.66 21.69 -17.83
CA ILE B 324 18.10 21.26 -19.15
C ILE B 324 17.28 20.10 -19.68
N VAL B 325 16.30 20.41 -20.51
CA VAL B 325 15.43 19.41 -21.11
C VAL B 325 15.72 19.21 -22.59
N ARG B 326 16.89 18.71 -22.92
CA ARG B 326 17.24 18.49 -24.31
C ARG B 326 16.19 17.61 -24.99
N PHE B 327 16.17 17.61 -26.32
CA PHE B 327 15.22 16.81 -27.10
C PHE B 327 15.70 16.62 -28.54
N PRO B 328 15.03 15.75 -29.29
CA PRO B 328 15.42 15.47 -30.68
C PRO B 328 14.91 16.50 -31.66
N ASN B 329 15.80 17.25 -32.32
CA ASN B 329 15.38 18.28 -33.27
C ASN B 329 14.25 17.83 -34.16
N ILE B 330 13.05 18.24 -33.80
CA ILE B 330 11.81 17.92 -34.50
C ILE B 330 11.91 17.96 -36.03
N THR B 331 10.91 17.40 -36.70
CA THR B 331 10.89 17.36 -38.16
C THR B 331 9.44 17.36 -38.68
N ASN B 332 8.92 16.17 -38.93
CA ASN B 332 7.55 16.02 -39.42
C ASN B 332 6.62 16.89 -38.62
N LEU B 333 6.49 18.15 -39.05
CA LEU B 333 5.63 19.13 -38.39
C LEU B 333 4.41 19.42 -39.27
N CYS B 334 3.32 18.69 -39.00
CA CYS B 334 2.04 18.71 -39.76
C CYS B 334 1.60 19.98 -40.53
N PRO B 335 0.71 19.80 -41.50
CA PRO B 335 0.21 20.91 -42.31
C PRO B 335 -1.17 21.35 -41.85
N PHE B 336 -1.31 21.70 -40.57
CA PHE B 336 -2.59 22.15 -40.03
C PHE B 336 -3.23 23.20 -40.92
N ASP B 337 -2.42 23.79 -41.81
CA ASP B 337 -2.92 24.81 -42.72
C ASP B 337 -3.90 24.23 -43.73
N GLU B 338 -3.64 22.99 -44.15
CA GLU B 338 -4.50 22.31 -45.10
C GLU B 338 -5.97 22.50 -44.76
N VAL B 339 -6.31 22.28 -43.49
CA VAL B 339 -7.68 22.42 -43.03
C VAL B 339 -7.99 23.85 -42.58
N PHE B 340 -6.97 24.65 -42.25
CA PHE B 340 -7.19 25.98 -41.71
C PHE B 340 -6.97 27.08 -42.74
N ASN B 341 -6.52 26.73 -43.95
CA ASN B 341 -6.25 27.73 -44.96
C ASN B 341 -6.68 27.25 -46.35
N ALA B 342 -7.69 26.39 -46.42
CA ALA B 342 -8.22 25.98 -47.71
C ALA B 342 -8.95 27.13 -48.38
N THR B 343 -8.94 27.12 -49.71
CA THR B 343 -9.57 28.20 -50.47
C THR B 343 -11.08 28.16 -50.34
N ARG B 344 -11.65 26.96 -50.22
CA ARG B 344 -13.11 26.84 -50.10
C ARG B 344 -13.55 25.78 -49.09
N PHE B 345 -14.43 26.18 -48.17
CA PHE B 345 -14.95 25.27 -47.18
C PHE B 345 -16.28 24.71 -47.66
N ALA B 346 -16.52 23.44 -47.38
CA ALA B 346 -17.77 22.82 -47.76
C ALA B 346 -18.86 23.25 -46.79
N SER B 347 -20.11 23.21 -47.25
CA SER B 347 -21.20 23.63 -46.40
C SER B 347 -21.49 22.57 -45.34
N VAL B 348 -22.39 22.91 -44.41
CA VAL B 348 -22.52 22.12 -43.19
C VAL B 348 -23.27 20.82 -43.41
N TYR B 349 -24.01 20.68 -44.52
CA TYR B 349 -24.72 19.43 -44.76
C TYR B 349 -23.79 18.32 -45.20
N ALA B 350 -22.68 18.66 -45.87
CA ALA B 350 -21.67 17.71 -46.30
C ALA B 350 -20.33 18.26 -45.83
N TRP B 351 -19.99 17.98 -44.59
CA TRP B 351 -18.88 18.66 -43.93
C TRP B 351 -17.56 17.94 -44.17
N ASN B 352 -16.50 18.74 -44.31
CA ASN B 352 -15.21 18.16 -44.69
C ASN B 352 -14.58 17.45 -43.50
N ARG B 353 -14.14 16.20 -43.73
CA ARG B 353 -13.56 15.38 -42.69
C ARG B 353 -12.15 14.99 -43.09
N LYS B 354 -11.24 14.96 -42.12
CA LYS B 354 -9.87 14.54 -42.38
C LYS B 354 -9.31 13.84 -41.15
N ARG B 355 -8.71 12.67 -41.35
CA ARG B 355 -7.95 12.00 -40.31
C ARG B 355 -6.50 12.49 -40.37
N ILE B 356 -5.88 12.64 -39.21
CA ILE B 356 -4.51 13.14 -39.12
C ILE B 356 -3.58 11.99 -38.78
N SER B 357 -2.56 11.79 -39.61
CA SER B 357 -1.56 10.76 -39.40
C SER B 357 -0.51 11.22 -38.40
N ASN B 358 0.47 10.36 -38.14
CA ASN B 358 1.45 10.61 -37.09
C ASN B 358 2.44 11.67 -37.52
N CYS B 359 2.78 12.56 -36.58
CA CYS B 359 3.57 13.77 -36.87
C CYS B 359 4.03 14.34 -35.53
N VAL B 360 4.68 15.50 -35.58
CA VAL B 360 4.87 16.36 -34.41
C VAL B 360 3.97 17.58 -34.58
N ALA B 361 3.12 17.82 -33.58
CA ALA B 361 2.00 18.74 -33.73
C ALA B 361 2.27 20.02 -32.95
N ASP B 362 2.88 20.99 -33.63
CA ASP B 362 3.17 22.27 -33.00
C ASP B 362 1.89 23.12 -32.98
N TYR B 363 1.34 23.39 -31.81
CA TYR B 363 0.15 24.17 -31.82
C TYR B 363 0.43 25.59 -31.74
N SER B 364 1.68 25.95 -31.95
CA SER B 364 2.03 27.35 -31.94
C SER B 364 1.21 27.93 -33.08
N VAL B 365 1.27 27.27 -34.24
CA VAL B 365 0.48 27.70 -35.38
C VAL B 365 -0.87 27.32 -34.89
N LEU B 366 -1.91 27.94 -35.45
CA LEU B 366 -3.29 27.72 -35.02
C LEU B 366 -3.54 28.67 -33.86
N TYR B 367 -2.77 29.73 -33.77
CA TYR B 367 -2.92 30.63 -32.68
C TYR B 367 -2.63 31.93 -33.22
N ASN B 368 -1.93 31.85 -34.31
CA ASN B 368 -1.50 32.95 -35.16
C ASN B 368 -2.46 33.17 -36.32
N PHE B 369 -3.76 33.07 -36.07
CA PHE B 369 -4.74 33.16 -37.15
C PHE B 369 -5.66 34.36 -37.03
N ALA B 370 -6.38 34.52 -35.92
CA ALA B 370 -7.54 35.38 -35.92
C ALA B 370 -7.82 35.84 -34.50
N PRO B 371 -8.71 36.83 -34.31
CA PRO B 371 -9.18 37.13 -32.95
C PRO B 371 -10.09 36.08 -32.32
N PHE B 372 -10.49 35.04 -33.04
CA PHE B 372 -10.98 33.77 -32.49
C PHE B 372 -12.24 33.95 -31.64
N PHE B 373 -13.35 34.23 -32.34
CA PHE B 373 -14.65 34.44 -31.70
C PHE B 373 -15.08 33.29 -30.78
N ALA B 374 -14.66 32.06 -31.06
CA ALA B 374 -14.90 30.97 -30.13
C ALA B 374 -13.73 30.02 -30.16
N PHE B 375 -13.19 29.70 -28.97
CA PHE B 375 -12.10 28.75 -28.83
C PHE B 375 -12.43 27.95 -27.56
N LYS B 376 -13.18 26.86 -27.74
CA LYS B 376 -13.69 26.10 -26.60
C LYS B 376 -13.21 24.66 -26.70
N CYS B 377 -12.22 24.30 -25.89
CA CYS B 377 -11.94 22.90 -25.72
C CYS B 377 -12.87 22.34 -24.66
N TYR B 378 -13.14 21.03 -24.75
CA TYR B 378 -14.04 20.39 -23.79
C TYR B 378 -13.35 19.33 -22.96
N GLY B 379 -12.72 18.33 -23.58
CA GLY B 379 -12.04 17.32 -22.80
C GLY B 379 -10.65 17.71 -22.36
N VAL B 380 -10.13 18.83 -22.86
CA VAL B 380 -8.80 19.33 -22.56
C VAL B 380 -8.90 20.82 -22.27
N SER B 381 -7.75 21.45 -22.07
CA SER B 381 -7.66 22.88 -21.90
C SER B 381 -6.57 23.42 -22.82
N PRO B 382 -6.77 24.60 -23.42
CA PRO B 382 -5.82 25.08 -24.43
C PRO B 382 -4.48 25.49 -23.86
N THR B 383 -4.42 25.83 -22.58
CA THR B 383 -3.15 26.14 -21.95
C THR B 383 -2.31 24.89 -21.72
N LYS B 384 -2.94 23.71 -21.66
CA LYS B 384 -2.24 22.45 -21.46
C LYS B 384 -2.41 21.55 -22.68
N LEU B 385 -2.31 22.12 -23.87
CA LEU B 385 -2.50 21.34 -25.08
C LEU B 385 -1.21 20.76 -25.65
N ASN B 386 -0.05 21.27 -25.25
CA ASN B 386 1.21 20.89 -25.86
C ASN B 386 1.94 19.79 -25.08
N ASP B 387 1.21 18.99 -24.31
CA ASP B 387 1.87 17.92 -23.58
C ASP B 387 1.16 16.58 -23.75
N LEU B 388 -0.15 16.61 -24.00
CA LEU B 388 -0.87 15.37 -24.26
C LEU B 388 -0.55 14.87 -25.66
N CYS B 389 -0.81 13.59 -25.89
CA CYS B 389 -0.49 12.96 -27.18
C CYS B 389 -1.65 12.04 -27.55
N PHE B 390 -2.60 12.56 -28.33
CA PHE B 390 -3.79 11.82 -28.72
C PHE B 390 -3.46 10.83 -29.83
N THR B 391 -4.20 9.73 -29.88
CA THR B 391 -3.93 8.73 -30.92
C THR B 391 -4.50 9.18 -32.26
N ASN B 392 -5.81 9.37 -32.35
CA ASN B 392 -6.41 9.78 -33.61
C ASN B 392 -7.06 11.14 -33.49
N VAL B 393 -6.88 11.94 -34.54
CA VAL B 393 -7.30 13.33 -34.62
C VAL B 393 -8.18 13.48 -35.85
N TYR B 394 -9.40 13.94 -35.65
CA TYR B 394 -10.37 14.16 -36.72
C TYR B 394 -10.61 15.65 -36.86
N ALA B 395 -10.23 16.22 -37.99
CA ALA B 395 -10.51 17.63 -38.29
C ALA B 395 -11.76 17.67 -39.15
N ASP B 396 -12.83 18.24 -38.61
CA ASP B 396 -14.04 18.50 -39.36
C ASP B 396 -14.14 19.99 -39.61
N SER B 397 -14.67 20.38 -40.77
CA SER B 397 -14.64 21.78 -41.11
C SER B 397 -15.84 22.15 -41.97
N PHE B 398 -16.40 23.33 -41.71
CA PHE B 398 -17.52 23.85 -42.48
C PHE B 398 -17.67 25.35 -42.23
N VAL B 399 -18.71 25.94 -42.80
CA VAL B 399 -19.10 27.33 -42.56
C VAL B 399 -20.52 27.33 -41.99
N ILE B 400 -20.77 28.21 -41.02
CA ILE B 400 -22.11 28.37 -40.46
C ILE B 400 -22.40 29.86 -40.34
N ARG B 401 -23.63 30.19 -39.98
CA ARG B 401 -24.02 31.59 -39.86
C ARG B 401 -23.52 32.16 -38.53
N GLY B 402 -23.71 33.48 -38.38
CA GLY B 402 -23.09 34.18 -37.27
C GLY B 402 -23.67 33.87 -35.91
N ASN B 403 -25.00 33.78 -35.83
CA ASN B 403 -25.67 33.48 -34.57
C ASN B 403 -25.91 32.00 -34.39
N GLU B 404 -25.04 31.16 -34.96
CA GLU B 404 -25.20 29.73 -34.89
C GLU B 404 -24.05 29.05 -34.15
N VAL B 405 -23.01 29.80 -33.80
CA VAL B 405 -21.78 29.24 -33.24
C VAL B 405 -22.03 28.60 -31.88
N SER B 406 -23.02 29.11 -31.14
CA SER B 406 -23.38 28.51 -29.87
C SER B 406 -23.99 27.12 -30.02
N GLN B 407 -24.54 26.79 -31.19
CA GLN B 407 -25.13 25.48 -31.38
C GLN B 407 -24.10 24.38 -31.56
N ILE B 408 -22.87 24.72 -31.94
CA ILE B 408 -21.84 23.71 -32.11
C ILE B 408 -21.29 23.38 -30.74
N ALA B 409 -21.89 22.39 -30.08
CA ALA B 409 -21.60 22.06 -28.71
C ALA B 409 -22.15 20.68 -28.43
N PRO B 410 -21.60 19.96 -27.45
CA PRO B 410 -22.19 18.67 -27.08
C PRO B 410 -23.53 18.88 -26.38
N GLY B 411 -24.52 18.11 -26.82
CA GLY B 411 -25.83 18.14 -26.19
C GLY B 411 -26.60 19.43 -26.39
N GLN B 412 -26.99 19.71 -27.63
CA GLN B 412 -27.80 20.88 -27.93
C GLN B 412 -28.92 20.48 -28.88
N THR B 413 -29.84 21.42 -29.09
CA THR B 413 -30.98 21.19 -29.97
C THR B 413 -31.24 22.47 -30.76
N GLY B 414 -31.22 22.36 -32.08
CA GLY B 414 -31.52 23.49 -32.93
C GLY B 414 -31.66 23.00 -34.35
N ASN B 415 -31.91 23.95 -35.25
CA ASN B 415 -32.11 23.60 -36.65
C ASN B 415 -30.83 23.20 -37.38
N ILE B 416 -29.67 23.39 -36.76
CA ILE B 416 -28.42 22.91 -37.34
C ILE B 416 -27.84 21.74 -36.56
N ALA B 417 -28.26 21.52 -35.33
CA ALA B 417 -27.77 20.41 -34.53
C ALA B 417 -28.72 19.23 -34.56
N ASP B 418 -29.87 19.35 -35.22
CA ASP B 418 -30.80 18.23 -35.29
C ASP B 418 -30.29 17.16 -36.25
N TYR B 419 -30.13 17.52 -37.51
CA TYR B 419 -29.71 16.56 -38.53
C TYR B 419 -28.74 17.18 -39.52
N ASN B 420 -27.80 17.95 -39.04
CA ASN B 420 -26.69 18.31 -39.89
C ASN B 420 -25.35 18.01 -39.27
N TYR B 421 -25.18 18.26 -37.98
CA TYR B 421 -23.92 17.99 -37.30
C TYR B 421 -24.25 17.84 -35.81
N LYS B 422 -24.32 16.60 -35.35
CA LYS B 422 -24.65 16.32 -33.96
C LYS B 422 -23.36 15.95 -33.22
N LEU B 423 -22.99 16.77 -32.25
CA LEU B 423 -21.76 16.55 -31.50
C LEU B 423 -22.08 15.72 -30.27
N PRO B 424 -21.50 14.54 -30.09
CA PRO B 424 -21.87 13.68 -28.97
C PRO B 424 -21.32 14.21 -27.65
N ASP B 425 -21.85 13.63 -26.56
CA ASP B 425 -21.46 14.03 -25.22
C ASP B 425 -20.18 13.38 -24.74
N ASP B 426 -19.55 12.55 -25.58
CA ASP B 426 -18.23 11.98 -25.31
C ASP B 426 -17.17 12.80 -26.03
N PHE B 427 -17.38 14.11 -26.07
CA PHE B 427 -16.57 15.00 -26.87
C PHE B 427 -15.32 15.41 -26.13
N THR B 428 -14.16 15.01 -26.66
CA THR B 428 -12.88 15.38 -26.10
C THR B 428 -12.11 16.33 -27.00
N GLY B 429 -12.74 16.84 -28.05
CA GLY B 429 -12.07 17.69 -29.01
C GLY B 429 -12.02 19.15 -28.58
N CYS B 430 -12.05 20.03 -29.57
CA CYS B 430 -11.99 21.46 -29.34
C CYS B 430 -12.63 22.14 -30.54
N VAL B 431 -13.58 23.03 -30.29
CA VAL B 431 -14.24 23.75 -31.36
C VAL B 431 -13.60 25.13 -31.50
N ILE B 432 -13.02 25.37 -32.67
CA ILE B 432 -12.47 26.66 -33.04
C ILE B 432 -13.42 27.26 -34.06
N ALA B 433 -13.74 28.53 -33.90
CA ALA B 433 -14.68 29.16 -34.81
C ALA B 433 -14.34 30.63 -34.91
N TRP B 434 -14.03 31.10 -36.11
CA TRP B 434 -13.66 32.50 -36.23
C TRP B 434 -14.42 33.15 -37.38
N ASN B 435 -14.45 34.48 -37.32
CA ASN B 435 -15.18 35.28 -38.28
C ASN B 435 -14.52 35.21 -39.64
N SER B 436 -15.32 34.92 -40.67
CA SER B 436 -14.81 34.81 -42.02
C SER B 436 -15.54 35.74 -42.97
N ASN B 437 -15.13 37.00 -42.99
CA ASN B 437 -15.74 37.98 -43.86
C ASN B 437 -14.79 38.42 -44.96
N LYS B 438 -15.34 38.68 -46.15
CA LYS B 438 -14.53 39.12 -47.28
C LYS B 438 -13.90 37.99 -48.08
N LEU B 439 -13.68 36.84 -47.45
CA LEU B 439 -13.06 35.74 -48.16
C LEU B 439 -14.21 34.88 -48.67
N ASP B 440 -15.29 34.83 -47.89
CA ASP B 440 -16.41 33.94 -48.14
C ASP B 440 -17.70 34.65 -48.49
N SER B 441 -18.00 35.80 -47.90
CA SER B 441 -19.28 36.45 -48.07
C SER B 441 -19.20 37.36 -49.28
N LYS B 442 -19.49 36.79 -50.45
CA LYS B 442 -19.47 37.55 -51.69
C LYS B 442 -20.71 38.44 -51.78
N VAL B 443 -20.57 39.56 -52.46
CA VAL B 443 -21.66 40.52 -52.62
C VAL B 443 -22.70 39.90 -53.54
N GLY B 444 -23.96 40.31 -53.37
CA GLY B 444 -25.04 39.57 -53.98
C GLY B 444 -25.39 38.32 -53.23
N GLY B 445 -24.95 38.18 -51.98
CA GLY B 445 -25.07 36.94 -51.26
C GLY B 445 -24.06 35.94 -51.75
N ASN B 446 -24.10 34.76 -51.14
CA ASN B 446 -23.30 33.64 -51.60
C ASN B 446 -24.17 32.40 -51.42
N TYR B 447 -24.95 32.08 -52.44
CA TYR B 447 -25.86 30.94 -52.40
C TYR B 447 -25.22 29.57 -52.59
N ASN B 448 -23.88 29.52 -52.65
CA ASN B 448 -23.22 28.24 -52.83
C ASN B 448 -23.26 27.38 -51.58
N TYR B 449 -23.43 27.99 -50.41
CA TYR B 449 -23.60 27.23 -49.19
C TYR B 449 -25.08 27.00 -48.91
N ARG B 450 -25.37 25.91 -48.21
CA ARG B 450 -26.74 25.57 -47.89
C ARG B 450 -26.75 24.64 -46.69
N TYR B 451 -27.93 24.42 -46.14
CA TYR B 451 -28.08 23.55 -44.99
C TYR B 451 -29.44 22.88 -45.04
N ARG B 452 -29.57 21.78 -44.29
CA ARG B 452 -30.77 20.96 -44.32
C ARG B 452 -31.84 21.56 -43.42
N LEU B 453 -33.09 21.44 -43.84
CA LEU B 453 -34.20 22.02 -43.10
C LEU B 453 -35.15 20.98 -42.54
N PHE B 454 -35.69 20.10 -43.38
CA PHE B 454 -36.61 19.05 -42.96
C PHE B 454 -35.89 17.70 -43.02
N ARG B 455 -36.24 16.81 -42.10
CA ARG B 455 -35.76 15.43 -42.16
C ARG B 455 -36.72 14.53 -41.38
N LYS B 456 -36.84 13.28 -41.83
CA LYS B 456 -37.58 12.24 -41.12
C LYS B 456 -36.99 11.98 -39.74
N SER B 457 -35.76 11.49 -39.71
CA SER B 457 -35.11 11.07 -38.48
C SER B 457 -34.03 12.07 -38.09
N ASN B 458 -33.86 12.23 -36.77
CA ASN B 458 -32.71 12.96 -36.26
C ASN B 458 -31.44 12.19 -36.58
N LEU B 459 -30.34 12.92 -36.73
CA LEU B 459 -29.09 12.30 -37.12
C LEU B 459 -28.38 11.69 -35.91
N LYS B 460 -27.77 10.55 -36.14
CA LYS B 460 -26.83 9.99 -35.18
C LYS B 460 -25.60 10.89 -35.09
N PRO B 461 -24.90 10.90 -33.96
CA PRO B 461 -23.69 11.73 -33.84
C PRO B 461 -22.61 11.31 -34.82
N PHE B 462 -21.95 12.33 -35.38
CA PHE B 462 -20.88 12.21 -36.37
C PHE B 462 -21.34 11.46 -37.61
N GLU B 463 -22.31 12.07 -38.30
CA GLU B 463 -22.87 11.48 -39.50
C GLU B 463 -23.05 12.54 -40.57
N ARG B 464 -22.70 12.21 -41.80
CA ARG B 464 -22.88 13.09 -42.94
C ARG B 464 -23.81 12.42 -43.95
N ASP B 465 -24.59 13.22 -44.65
CA ASP B 465 -25.50 12.71 -45.66
C ASP B 465 -25.65 13.73 -46.78
N ILE B 466 -25.62 13.24 -48.01
CA ILE B 466 -25.75 14.10 -49.17
C ILE B 466 -27.07 13.67 -49.81
N SER B 467 -28.01 13.27 -48.96
CA SER B 467 -29.32 12.81 -49.41
C SER B 467 -30.13 14.02 -49.86
N THR B 468 -30.19 14.24 -51.16
CA THR B 468 -31.00 15.30 -51.75
C THR B 468 -32.39 14.82 -52.15
N GLU B 469 -32.90 13.81 -51.45
CA GLU B 469 -34.22 13.27 -51.75
C GLU B 469 -35.30 14.28 -51.37
N ILE B 470 -36.31 14.41 -52.21
CA ILE B 470 -37.39 15.36 -52.00
C ILE B 470 -38.24 14.86 -50.84
N TYR B 471 -38.26 15.63 -49.76
CA TYR B 471 -38.86 15.20 -48.50
C TYR B 471 -40.38 15.17 -48.63
N GLN B 472 -40.98 14.05 -48.22
CA GLN B 472 -42.39 13.77 -48.48
C GLN B 472 -43.02 13.22 -47.19
N ALA B 473 -43.57 14.13 -46.38
CA ALA B 473 -44.22 13.77 -45.12
C ALA B 473 -45.71 14.09 -45.15
N GLY B 474 -46.37 13.74 -46.27
CA GLY B 474 -47.78 13.97 -46.43
C GLY B 474 -48.52 12.70 -46.83
N ASN B 475 -49.84 12.85 -46.95
CA ASN B 475 -50.70 11.72 -47.31
C ASN B 475 -50.50 11.33 -48.77
N LYS B 476 -50.74 12.27 -49.68
CA LYS B 476 -50.70 12.00 -51.11
C LYS B 476 -49.25 11.79 -51.58
N PRO B 477 -49.04 11.04 -52.66
CA PRO B 477 -47.68 10.88 -53.17
C PRO B 477 -47.28 12.04 -54.08
N CYS B 478 -46.05 12.52 -53.85
CA CYS B 478 -45.48 13.57 -54.68
C CYS B 478 -44.39 13.07 -55.61
N ASN B 479 -43.51 12.17 -55.13
CA ASN B 479 -42.59 11.35 -55.95
C ASN B 479 -41.57 12.16 -56.77
N GLY B 480 -41.41 13.44 -56.49
CA GLY B 480 -40.35 14.18 -57.16
C GLY B 480 -40.70 15.55 -57.71
N VAL B 481 -41.87 16.07 -57.35
CA VAL B 481 -42.29 17.40 -57.78
C VAL B 481 -42.35 18.31 -56.56
N ALA B 482 -41.93 19.56 -56.74
CA ALA B 482 -41.98 20.54 -55.67
C ALA B 482 -43.41 21.06 -55.53
N GLY B 483 -43.98 20.92 -54.34
CA GLY B 483 -45.36 21.31 -54.12
C GLY B 483 -45.62 21.95 -52.77
N VAL B 484 -46.75 21.63 -52.16
CA VAL B 484 -47.13 22.15 -50.85
C VAL B 484 -47.12 20.98 -49.85
N ASN B 485 -46.26 21.10 -48.83
CA ASN B 485 -45.97 20.05 -47.85
C ASN B 485 -45.52 18.76 -48.54
N CYS B 486 -44.66 18.92 -49.54
CA CYS B 486 -43.69 17.91 -49.96
C CYS B 486 -42.54 18.69 -50.59
N TYR B 487 -41.47 18.90 -49.81
CA TYR B 487 -40.53 19.98 -50.07
C TYR B 487 -39.15 19.44 -50.41
N PHE B 488 -38.29 20.37 -50.85
CA PHE B 488 -36.86 20.18 -51.03
C PHE B 488 -36.16 20.43 -49.69
N PRO B 489 -35.18 19.61 -49.32
CA PRO B 489 -34.64 19.69 -47.96
C PRO B 489 -33.51 20.68 -47.73
N LEU B 490 -32.82 21.13 -48.78
CA LEU B 490 -31.67 22.00 -48.61
C LEU B 490 -32.06 23.44 -48.94
N GLN B 491 -31.86 24.33 -48.00
CA GLN B 491 -32.12 25.76 -48.18
C GLN B 491 -30.82 26.52 -47.99
N SER B 492 -30.59 27.52 -48.82
CA SER B 492 -29.29 28.16 -48.84
C SER B 492 -29.18 29.23 -47.76
N TYR B 493 -27.97 29.75 -47.59
CA TYR B 493 -27.68 30.79 -46.62
C TYR B 493 -27.68 32.15 -47.28
N GLY B 494 -27.27 33.16 -46.54
CA GLY B 494 -27.19 34.54 -46.96
C GLY B 494 -25.77 34.94 -47.22
N PHE B 495 -25.12 35.54 -46.21
CA PHE B 495 -23.74 36.04 -46.21
C PHE B 495 -23.56 37.18 -47.20
N ARG B 496 -24.31 38.27 -46.98
CA ARG B 496 -24.17 39.48 -47.78
C ARG B 496 -23.29 40.44 -46.96
N PRO B 497 -22.36 41.15 -47.61
CA PRO B 497 -21.47 42.04 -46.87
C PRO B 497 -22.20 43.14 -46.11
N THR B 498 -23.44 43.45 -46.49
CA THR B 498 -24.24 44.38 -45.70
C THR B 498 -25.13 43.64 -44.70
N TYR B 499 -24.52 42.72 -43.95
CA TYR B 499 -25.17 42.03 -42.85
C TYR B 499 -24.40 42.31 -41.57
N GLY B 500 -25.11 42.30 -40.45
CA GLY B 500 -24.48 42.46 -39.17
C GLY B 500 -23.91 41.16 -38.64
N VAL B 501 -23.30 41.25 -37.46
CA VAL B 501 -22.86 40.04 -36.76
C VAL B 501 -24.08 39.27 -36.30
N GLY B 502 -24.04 37.96 -36.48
CA GLY B 502 -25.22 37.13 -36.37
C GLY B 502 -25.82 36.75 -37.69
N HIS B 503 -25.18 37.16 -38.78
CA HIS B 503 -25.60 36.85 -40.15
C HIS B 503 -24.39 36.59 -41.06
N GLN B 504 -23.21 37.02 -40.61
CA GLN B 504 -21.95 36.87 -41.32
C GLN B 504 -21.46 35.43 -41.23
N PRO B 505 -20.71 34.95 -42.23
CA PRO B 505 -20.27 33.56 -42.19
C PRO B 505 -19.11 33.36 -41.24
N TYR B 506 -19.27 32.43 -40.31
CA TYR B 506 -18.22 32.04 -39.39
C TYR B 506 -17.69 30.68 -39.81
N ARG B 507 -16.38 30.61 -40.06
CA ARG B 507 -15.76 29.33 -40.34
C ARG B 507 -15.59 28.57 -39.05
N VAL B 508 -15.84 27.26 -39.10
CA VAL B 508 -15.77 26.42 -37.91
C VAL B 508 -14.90 25.22 -38.23
N VAL B 509 -13.92 24.97 -37.37
CA VAL B 509 -13.09 23.78 -37.39
C VAL B 509 -13.27 23.07 -36.07
N VAL B 510 -13.74 21.83 -36.11
CA VAL B 510 -13.94 21.02 -34.92
C VAL B 510 -12.89 19.94 -34.91
N LEU B 511 -11.99 19.96 -33.94
CA LEU B 511 -11.03 18.90 -33.76
C LEU B 511 -11.61 17.88 -32.79
N SER B 512 -11.42 16.61 -33.10
CA SER B 512 -11.80 15.54 -32.19
C SER B 512 -10.59 14.69 -31.90
N PHE B 513 -10.37 14.38 -30.63
CA PHE B 513 -9.19 13.67 -30.18
C PHE B 513 -9.61 12.38 -29.51
N GLU B 514 -8.82 11.32 -29.70
CA GLU B 514 -8.97 10.17 -28.83
C GLU B 514 -7.62 9.51 -28.64
N LEU B 515 -7.42 8.96 -27.44
CA LEU B 515 -6.13 8.41 -27.01
C LEU B 515 -6.32 7.02 -26.40
N LEU B 516 -6.14 5.97 -27.20
CA LEU B 516 -6.26 4.61 -26.69
C LEU B 516 -4.99 3.78 -26.83
N HIS B 517 -4.48 3.54 -28.05
CA HIS B 517 -3.57 2.42 -28.27
C HIS B 517 -2.34 2.72 -29.12
N ALA B 518 -2.37 3.75 -29.97
CA ALA B 518 -1.28 3.98 -30.91
C ALA B 518 -0.05 4.52 -30.20
N PRO B 519 1.10 3.85 -30.26
CA PRO B 519 2.29 4.30 -29.52
C PRO B 519 2.91 5.56 -30.11
N ALA B 520 3.08 5.61 -31.43
CA ALA B 520 3.65 6.77 -32.10
C ALA B 520 2.52 7.60 -32.68
N THR B 521 2.26 8.75 -32.08
CA THR B 521 1.15 9.59 -32.50
C THR B 521 1.51 11.05 -32.24
N VAL B 522 0.50 11.93 -32.24
CA VAL B 522 0.70 13.35 -32.48
C VAL B 522 0.77 14.12 -31.16
N CYS B 523 1.85 14.87 -31.00
CA CYS B 523 2.07 15.68 -29.82
C CYS B 523 2.53 17.03 -30.30
N GLY B 524 2.87 17.91 -29.37
CA GLY B 524 3.34 19.24 -29.71
C GLY B 524 4.84 19.20 -29.70
N PRO B 525 5.50 20.22 -30.36
CA PRO B 525 6.96 20.13 -30.31
C PRO B 525 7.44 20.02 -28.86
N LYS B 526 8.72 19.76 -28.66
CA LYS B 526 9.21 19.61 -27.30
C LYS B 526 10.00 20.78 -26.72
N LYS B 527 10.82 21.39 -27.56
CA LYS B 527 11.63 22.54 -27.12
C LYS B 527 12.70 22.11 -26.13
N SER B 528 13.91 22.65 -26.29
CA SER B 528 15.02 22.32 -25.41
C SER B 528 15.60 23.59 -24.78
N THR B 529 16.89 23.53 -24.44
CA THR B 529 17.57 24.66 -23.83
C THR B 529 19.07 24.45 -23.78
N ASN B 530 19.82 25.54 -23.65
CA ASN B 530 21.28 25.46 -23.59
C ASN B 530 21.76 24.33 -22.69
N LEU B 531 22.30 23.28 -23.30
CA LEU B 531 22.80 22.14 -22.55
C LEU B 531 24.09 22.53 -21.86
N VAL B 532 23.99 22.88 -20.58
CA VAL B 532 25.17 23.28 -19.83
C VAL B 532 25.92 22.03 -19.43
N LYS B 533 27.18 22.19 -19.02
CA LYS B 533 27.96 21.04 -18.61
C LYS B 533 28.74 21.38 -17.34
N ASN B 534 29.14 20.34 -16.63
CA ASN B 534 29.89 20.43 -15.39
C ASN B 534 29.12 21.15 -14.29
N LYS B 535 27.80 21.03 -14.26
CA LYS B 535 26.96 21.65 -13.24
C LYS B 535 25.90 20.65 -12.81
N CYS B 536 25.60 20.63 -11.52
CA CYS B 536 24.49 19.79 -11.06
C CYS B 536 23.19 20.44 -11.52
N VAL B 537 22.47 19.73 -12.37
CA VAL B 537 21.27 20.24 -13.00
C VAL B 537 20.18 19.18 -12.92
N ASN B 538 18.97 19.59 -13.23
CA ASN B 538 17.83 18.68 -13.37
C ASN B 538 17.68 18.43 -14.86
N PHE B 539 17.82 17.17 -15.27
CA PHE B 539 17.85 16.85 -16.69
C PHE B 539 16.73 15.91 -17.09
N ASN B 540 16.41 15.96 -18.38
CA ASN B 540 15.49 15.02 -19.02
C ASN B 540 16.04 14.76 -20.42
N PHE B 541 16.37 13.51 -20.71
CA PHE B 541 16.88 13.07 -22.01
C PHE B 541 15.84 12.14 -22.63
N ASN B 542 14.98 12.71 -23.47
CA ASN B 542 13.91 12.04 -24.20
C ASN B 542 13.14 11.05 -23.34
N GLY B 543 12.74 11.48 -22.15
CA GLY B 543 11.94 10.62 -21.29
C GLY B 543 12.63 10.28 -19.99
N LEU B 544 13.96 10.18 -20.01
CA LEU B 544 14.73 9.83 -18.82
C LEU B 544 14.79 11.03 -17.90
N THR B 545 14.14 10.93 -16.75
CA THR B 545 14.08 12.03 -15.79
C THR B 545 15.08 11.76 -14.68
N GLY B 546 15.95 12.72 -14.39
CA GLY B 546 16.89 12.53 -13.31
C GLY B 546 17.64 13.77 -12.87
N THR B 547 18.61 13.59 -11.97
CA THR B 547 19.42 14.67 -11.44
C THR B 547 20.88 14.25 -11.46
N GLY B 548 21.75 15.20 -11.72
CA GLY B 548 23.17 14.89 -11.69
C GLY B 548 23.97 15.86 -12.54
N VAL B 549 25.26 15.65 -12.51
CA VAL B 549 26.26 16.42 -13.23
C VAL B 549 26.53 15.74 -14.55
N LEU B 550 26.57 16.53 -15.62
CA LEU B 550 26.79 16.05 -16.98
C LEU B 550 28.25 16.28 -17.33
N THR B 551 28.92 15.26 -17.83
CA THR B 551 30.32 15.40 -18.21
C THR B 551 30.61 14.64 -19.51
N GLU B 552 31.65 15.07 -20.22
CA GLU B 552 32.08 14.36 -21.41
C GLU B 552 32.44 12.92 -21.08
N SER B 553 31.94 11.98 -21.89
CA SER B 553 32.18 10.58 -21.64
C SER B 553 33.29 10.03 -22.53
N ASN B 554 33.60 8.77 -22.30
CA ASN B 554 34.50 8.04 -23.20
C ASN B 554 33.92 6.68 -23.56
N LYS B 555 32.61 6.49 -23.40
CA LYS B 555 31.92 5.26 -23.79
C LYS B 555 31.49 5.35 -25.24
N LYS B 556 31.22 4.18 -25.83
CA LYS B 556 30.80 4.09 -27.23
C LYS B 556 29.54 3.24 -27.32
N PHE B 557 28.44 3.90 -27.64
CA PHE B 557 27.15 3.29 -27.80
C PHE B 557 26.99 2.77 -29.21
N LEU B 558 26.13 1.77 -29.39
CA LEU B 558 25.88 1.22 -30.71
C LEU B 558 24.81 2.11 -31.30
N PRO B 559 25.10 2.61 -32.56
CA PRO B 559 24.12 3.53 -33.17
C PRO B 559 22.65 3.43 -32.85
N PHE B 560 22.19 2.35 -32.27
CA PHE B 560 20.76 2.23 -31.99
C PHE B 560 20.46 2.46 -30.53
N GLN B 561 21.49 2.51 -29.71
CA GLN B 561 21.30 2.75 -28.30
C GLN B 561 21.29 4.21 -27.88
N GLN B 562 20.35 4.54 -27.02
CA GLN B 562 20.19 5.89 -26.55
C GLN B 562 20.90 6.20 -25.25
N PHE B 563 20.83 5.29 -24.30
CA PHE B 563 21.44 5.48 -23.01
C PHE B 563 21.99 4.14 -22.51
N GLY B 564 22.89 4.22 -21.53
CA GLY B 564 23.49 3.07 -20.92
C GLY B 564 23.18 3.01 -19.43
N ARG B 565 23.28 1.80 -18.90
CA ARG B 565 23.16 1.59 -17.46
C ARG B 565 24.38 0.84 -16.97
N ASP B 566 24.68 1.02 -15.68
CA ASP B 566 25.81 0.38 -15.04
C ASP B 566 25.36 -0.91 -14.37
N ILE B 567 26.31 -1.58 -13.73
CA ILE B 567 26.00 -2.75 -12.91
C ILE B 567 25.16 -2.24 -11.76
N ALA B 568 24.15 -3.02 -11.37
CA ALA B 568 23.12 -2.65 -10.40
C ALA B 568 21.99 -1.89 -11.08
N ASP B 569 22.01 -1.86 -12.42
CA ASP B 569 20.88 -1.39 -13.21
C ASP B 569 20.47 0.06 -12.97
N THR B 570 21.42 0.99 -13.02
CA THR B 570 21.10 2.41 -12.91
C THR B 570 21.72 3.14 -14.09
N THR B 571 20.98 4.09 -14.64
CA THR B 571 21.46 4.86 -15.78
C THR B 571 22.74 5.59 -15.44
N ASP B 572 23.76 5.43 -16.28
CA ASP B 572 25.01 6.13 -16.02
C ASP B 572 25.53 6.92 -17.20
N ALA B 573 24.92 6.79 -18.37
CA ALA B 573 25.30 7.60 -19.51
C ALA B 573 24.09 7.75 -20.41
N VAL B 574 24.02 8.89 -21.10
CA VAL B 574 22.95 9.16 -22.06
C VAL B 574 23.56 9.72 -23.33
N ARG B 575 22.73 9.85 -24.34
CA ARG B 575 23.12 10.41 -25.62
C ARG B 575 22.16 11.58 -25.83
N ASP B 576 22.69 12.77 -26.08
CA ASP B 576 21.85 13.95 -26.23
C ASP B 576 21.03 13.82 -27.50
N PRO B 577 19.71 13.84 -27.44
CA PRO B 577 18.91 13.66 -28.65
C PRO B 577 19.23 14.66 -29.75
N GLN B 578 19.56 15.90 -29.40
CA GLN B 578 19.78 16.92 -30.41
C GLN B 578 21.18 16.86 -30.99
N THR B 579 22.21 16.80 -30.14
CA THR B 579 23.58 16.87 -30.61
C THR B 579 24.22 15.50 -30.83
N LEU B 580 23.61 14.43 -30.31
CA LEU B 580 24.09 13.05 -30.47
C LEU B 580 25.49 12.85 -29.88
N GLU B 581 25.67 13.31 -28.64
CA GLU B 581 26.91 13.11 -27.92
C GLU B 581 26.66 12.36 -26.63
N ILE B 582 27.62 11.51 -26.27
CA ILE B 582 27.49 10.66 -25.11
C ILE B 582 28.06 11.39 -23.90
N LEU B 583 27.28 11.46 -22.83
CA LEU B 583 27.63 12.19 -21.63
C LEU B 583 27.45 11.29 -20.42
N ASP B 584 28.44 11.28 -19.54
CA ASP B 584 28.29 10.57 -18.27
C ASP B 584 27.54 11.41 -17.25
N ILE B 585 26.88 10.70 -16.34
CA ILE B 585 26.09 11.30 -15.28
C ILE B 585 26.72 10.88 -13.96
N THR B 586 27.32 11.80 -13.26
CA THR B 586 27.87 11.45 -11.98
C THR B 586 26.99 12.00 -10.87
N PRO B 587 26.94 11.39 -9.69
CA PRO B 587 26.02 11.87 -8.64
C PRO B 587 26.34 13.19 -7.91
N CYS B 588 25.32 13.99 -7.60
CA CYS B 588 25.53 15.23 -6.86
C CYS B 588 25.75 15.02 -5.37
N SER B 589 27.01 15.07 -4.96
CA SER B 589 27.44 14.84 -3.57
C SER B 589 26.43 14.98 -2.44
N PHE B 590 26.55 14.08 -1.48
CA PHE B 590 25.70 14.02 -0.31
C PHE B 590 26.37 13.17 0.75
N GLY B 591 25.70 12.99 1.88
CA GLY B 591 26.20 12.21 3.00
C GLY B 591 25.68 12.70 4.33
N GLY B 592 25.84 11.91 5.38
CA GLY B 592 25.34 12.31 6.68
C GLY B 592 26.13 13.45 7.30
N VAL B 593 25.50 14.13 8.23
CA VAL B 593 26.13 15.20 8.97
C VAL B 593 26.04 14.85 10.45
N SER B 594 27.19 14.80 11.12
CA SER B 594 27.23 14.51 12.54
C SER B 594 27.89 15.66 13.27
N VAL B 595 27.52 15.83 14.54
CA VAL B 595 28.02 16.90 15.37
C VAL B 595 28.83 16.30 16.51
N ILE B 596 30.10 16.73 16.53
CA ILE B 596 31.21 16.30 17.42
C ILE B 596 31.43 17.25 18.58
N THR B 597 30.90 16.93 19.73
CA THR B 597 31.00 17.81 20.86
C THR B 597 31.72 17.19 22.02
N PRO B 598 32.38 18.00 22.83
CA PRO B 598 33.08 17.49 24.01
C PRO B 598 32.15 17.61 25.22
N GLY B 599 30.91 17.13 25.07
CA GLY B 599 29.94 17.22 26.14
C GLY B 599 29.52 18.67 26.28
N THR B 600 28.36 18.93 26.87
CA THR B 600 27.94 20.30 27.03
C THR B 600 28.48 20.83 28.34
N ASN B 601 28.67 19.94 29.30
CA ASN B 601 29.19 20.34 30.58
C ASN B 601 30.53 21.02 30.41
N THR B 602 31.35 20.46 29.52
CA THR B 602 32.69 20.99 29.27
C THR B 602 32.78 22.12 28.26
N SER B 603 31.74 22.37 27.49
CA SER B 603 31.86 23.43 26.50
C SER B 603 30.67 23.35 25.57
N ASN B 604 30.48 24.41 24.80
CA ASN B 604 29.45 24.43 23.76
C ASN B 604 30.07 24.51 22.38
N GLN B 605 31.36 24.32 22.26
CA GLN B 605 31.93 24.36 20.94
C GLN B 605 31.56 23.03 20.30
N VAL B 606 31.73 22.92 18.98
CA VAL B 606 31.45 21.71 18.22
C VAL B 606 32.22 21.79 16.91
N ALA B 607 32.59 20.63 16.38
CA ALA B 607 33.16 20.53 15.04
C ALA B 607 32.30 19.57 14.23
N VAL B 608 32.32 19.73 12.91
CA VAL B 608 31.45 18.94 12.05
C VAL B 608 32.29 18.27 10.97
N LEU B 609 32.09 16.97 10.79
CA LEU B 609 32.72 16.21 9.72
C LEU B 609 31.68 15.86 8.67
N TYR B 610 31.93 16.25 7.43
CA TYR B 610 31.08 15.91 6.30
C TYR B 610 31.72 14.72 5.62
N GLN B 611 31.14 13.54 5.79
CA GLN B 611 31.68 12.26 5.27
C GLN B 611 31.89 12.17 3.76
N GLY B 612 33.15 12.04 3.38
CA GLY B 612 33.60 12.02 1.98
C GLY B 612 33.02 13.16 1.16
N VAL B 613 33.02 14.34 1.78
CA VAL B 613 32.66 15.57 1.10
C VAL B 613 33.90 16.44 1.01
N ASN B 614 34.15 16.95 -0.19
CA ASN B 614 35.30 17.83 -0.36
C ASN B 614 34.99 19.18 0.27
N CYS B 615 36.02 19.80 0.82
CA CYS B 615 35.84 21.05 1.53
C CYS B 615 35.52 22.22 0.60
N THR B 616 35.39 21.97 -0.70
CA THR B 616 35.07 23.01 -1.67
C THR B 616 33.59 22.92 -2.08
N GLU B 617 32.93 21.86 -1.64
CA GLU B 617 31.54 21.62 -2.04
C GLU B 617 30.65 21.48 -0.83
N VAL B 618 31.05 22.08 0.29
CA VAL B 618 30.27 22.00 1.52
C VAL B 618 29.12 23.01 1.51
N PRO B 619 29.34 24.28 1.17
CA PRO B 619 28.20 25.18 1.30
C PRO B 619 27.30 25.16 0.07
N SER B 638 39.29 30.34 9.69
CA SER B 638 38.92 29.20 10.51
C SER B 638 39.82 27.99 10.23
N ASN B 639 39.43 26.83 10.75
CA ASN B 639 40.23 25.63 10.70
C ASN B 639 39.57 24.61 9.80
N VAL B 640 40.06 24.49 8.58
CA VAL B 640 39.54 23.52 7.63
C VAL B 640 40.66 22.56 7.28
N PHE B 641 40.40 21.28 7.41
CA PHE B 641 41.39 20.25 7.19
C PHE B 641 40.73 19.19 6.32
N GLN B 642 41.41 18.81 5.25
CA GLN B 642 40.93 17.75 4.37
C GLN B 642 41.60 16.43 4.73
N THR B 643 40.79 15.43 4.97
CA THR B 643 41.24 14.08 5.27
C THR B 643 40.56 13.13 4.30
N ARG B 644 41.11 11.93 4.20
CA ARG B 644 40.57 10.90 3.30
C ARG B 644 39.20 10.41 3.75
N ALA B 645 38.79 10.82 4.95
CA ALA B 645 37.50 10.41 5.49
C ALA B 645 36.42 11.47 5.31
N GLY B 646 36.74 12.60 4.69
CA GLY B 646 35.80 13.68 4.52
C GLY B 646 36.40 15.03 4.87
N CYS B 647 35.51 16.01 5.02
CA CYS B 647 35.93 17.37 5.34
C CYS B 647 35.68 17.67 6.82
N LEU B 648 36.75 18.02 7.51
CA LEU B 648 36.73 18.33 8.93
C LEU B 648 36.80 19.83 9.14
N ILE B 649 35.81 20.39 9.81
CA ILE B 649 35.71 21.84 10.01
C ILE B 649 35.60 22.12 11.50
N GLY B 650 36.40 23.06 11.99
CA GLY B 650 36.32 23.49 13.37
C GLY B 650 37.38 22.91 14.28
N ALA B 651 38.32 22.14 13.77
CA ALA B 651 39.43 21.59 14.53
C ALA B 651 40.69 21.78 13.71
N GLU B 652 41.79 22.08 14.39
CA GLU B 652 43.08 22.19 13.72
C GLU B 652 43.82 20.85 13.76
N TYR B 653 44.41 20.48 12.64
CA TYR B 653 45.13 19.23 12.55
C TYR B 653 46.60 19.41 12.86
N VAL B 654 47.08 18.64 13.82
CA VAL B 654 48.46 18.70 14.28
C VAL B 654 49.17 17.41 13.91
N ASN B 655 50.49 17.42 14.01
CA ASN B 655 51.31 16.27 13.65
C ASN B 655 51.74 15.44 14.85
N ASN B 656 51.43 15.89 16.06
CA ASN B 656 51.70 15.13 17.28
C ASN B 656 50.73 13.96 17.39
N SER B 657 50.82 13.23 18.49
CA SER B 657 49.93 12.13 18.72
C SER B 657 49.57 11.96 20.18
N TYR B 658 48.32 11.63 20.46
CA TYR B 658 47.87 11.42 21.82
C TYR B 658 47.01 10.16 21.80
N GLU B 659 46.36 9.86 22.92
CA GLU B 659 45.51 8.69 22.96
C GLU B 659 44.17 9.05 22.37
N CYS B 660 43.51 8.08 21.76
CA CYS B 660 42.21 8.35 21.18
C CYS B 660 41.32 8.97 22.22
N ASP B 661 40.55 9.96 21.82
CA ASP B 661 39.62 10.62 22.72
C ASP B 661 38.24 10.46 22.15
N ILE B 662 38.00 11.13 21.04
CA ILE B 662 36.72 11.06 20.34
C ILE B 662 37.09 10.55 18.97
N PRO B 663 36.83 9.21 18.72
CA PRO B 663 37.26 8.74 17.39
C PRO B 663 36.60 9.42 16.21
N ILE B 664 37.38 9.93 15.27
CA ILE B 664 36.83 10.58 14.09
C ILE B 664 36.82 9.63 12.91
N GLY B 665 37.74 8.68 12.85
CA GLY B 665 37.76 7.73 11.76
C GLY B 665 39.01 7.78 10.92
N ALA B 666 39.49 6.60 10.54
CA ALA B 666 40.68 6.46 9.70
C ALA B 666 42.01 6.86 10.33
N GLY B 667 42.07 6.90 11.65
CA GLY B 667 43.30 7.26 12.32
C GLY B 667 43.31 8.58 13.06
N ILE B 668 42.27 9.40 12.90
CA ILE B 668 42.15 10.73 13.51
C ILE B 668 41.23 10.81 14.73
N CYS B 669 41.51 11.73 15.66
CA CYS B 669 40.71 11.96 16.88
C CYS B 669 40.60 13.45 17.23
N ALA B 670 40.06 13.81 18.39
CA ALA B 670 39.97 15.24 18.83
C ALA B 670 39.65 15.37 20.34
N SER B 671 39.96 16.50 20.93
CA SER B 671 39.63 16.62 22.33
C SER B 671 39.62 18.06 22.67
N TYR B 672 39.35 18.36 23.94
CA TYR B 672 39.34 19.74 24.41
C TYR B 672 40.73 19.96 24.94
N GLN B 673 41.58 20.61 24.14
CA GLN B 673 42.95 20.82 24.57
C GLN B 673 43.31 22.24 24.94
N THR B 674 44.61 22.46 25.13
CA THR B 674 45.17 23.76 25.50
C THR B 674 44.25 24.59 26.39
N GLN B 688 41.37 26.91 24.33
CA GLN B 688 41.40 25.45 24.21
C GLN B 688 40.40 24.96 23.18
N SER B 689 40.76 25.04 21.92
CA SER B 689 39.89 24.61 20.85
C SER B 689 39.67 23.10 20.90
N ILE B 690 39.25 22.55 19.77
CA ILE B 690 39.00 21.14 19.62
C ILE B 690 39.99 20.72 18.57
N ILE B 691 41.05 20.02 18.97
CA ILE B 691 42.08 19.59 18.04
C ILE B 691 41.81 18.23 17.43
N ALA B 692 42.38 17.96 16.27
CA ALA B 692 42.24 16.68 15.60
C ALA B 692 43.66 16.35 15.23
N TYR B 693 44.20 15.28 15.80
CA TYR B 693 45.59 14.87 15.61
C TYR B 693 45.76 13.43 15.18
N THR B 694 46.97 12.97 14.83
CA THR B 694 47.01 11.55 14.50
C THR B 694 47.31 10.83 15.78
N MET B 695 46.52 9.83 16.13
CA MET B 695 46.72 9.09 17.38
C MET B 695 48.06 8.39 17.56
N SER B 696 48.44 8.22 18.82
CA SER B 696 49.67 7.55 19.18
C SER B 696 49.26 6.18 19.58
N LEU B 697 49.92 5.17 19.03
CA LEU B 697 49.56 3.81 19.36
C LEU B 697 50.08 3.47 20.74
N GLY B 698 51.06 4.21 21.22
CA GLY B 698 51.59 3.97 22.53
C GLY B 698 53.01 4.41 22.72
N ALA B 699 53.46 4.40 23.96
CA ALA B 699 54.81 4.80 24.28
C ALA B 699 55.71 3.84 23.59
N GLU B 700 56.81 4.32 23.05
CA GLU B 700 57.73 3.46 22.35
C GLU B 700 58.73 2.88 23.33
N ASN B 701 59.13 1.64 23.12
CA ASN B 701 60.14 1.10 24.02
C ASN B 701 60.90 -0.03 23.38
N SER B 702 62.22 0.07 23.45
CA SER B 702 63.14 -0.95 23.02
C SER B 702 63.47 -1.87 24.19
N VAL B 703 63.41 -3.16 23.92
CA VAL B 703 63.84 -4.19 24.86
C VAL B 703 65.35 -4.32 24.72
N ALA B 704 66.03 -4.40 25.84
CA ALA B 704 67.49 -4.46 25.85
C ALA B 704 67.98 -5.89 25.60
N TYR B 705 67.65 -6.41 24.43
CA TYR B 705 68.00 -7.79 24.10
C TYR B 705 69.49 -7.93 23.85
N SER B 706 70.08 -9.02 24.34
CA SER B 706 71.41 -9.45 23.90
C SER B 706 71.46 -10.98 23.89
N ASN B 707 72.56 -11.56 23.46
CA ASN B 707 72.60 -13.01 23.37
C ASN B 707 73.02 -13.69 24.67
N ASN B 708 73.29 -12.94 25.73
CA ASN B 708 73.63 -13.58 26.99
C ASN B 708 73.13 -12.79 28.20
N SER B 709 72.04 -12.04 28.05
CA SER B 709 71.51 -11.20 29.10
C SER B 709 70.11 -11.65 29.47
N ILE B 710 69.78 -11.55 30.75
CA ILE B 710 68.44 -11.89 31.24
C ILE B 710 68.01 -10.83 32.25
N ALA B 711 66.69 -10.65 32.37
CA ALA B 711 66.11 -9.77 33.37
C ALA B 711 65.15 -10.55 34.24
N ILE B 712 65.35 -10.50 35.56
CA ILE B 712 64.56 -11.26 36.52
C ILE B 712 64.02 -10.28 37.56
N PRO B 713 62.74 -10.35 37.92
CA PRO B 713 62.20 -9.47 38.97
C PRO B 713 62.72 -9.81 40.35
N THR B 714 62.90 -8.78 41.17
CA THR B 714 63.29 -8.96 42.57
C THR B 714 62.18 -8.60 43.57
N ASN B 715 61.05 -8.10 43.06
CA ASN B 715 59.93 -7.76 43.90
C ASN B 715 58.66 -7.91 43.08
N PHE B 716 57.52 -7.66 43.70
CA PHE B 716 56.24 -7.84 43.05
C PHE B 716 55.19 -7.00 43.74
N THR B 717 54.05 -6.83 43.07
CA THR B 717 52.86 -6.27 43.67
C THR B 717 51.66 -7.16 43.40
N ILE B 718 50.63 -7.02 44.22
CA ILE B 718 49.34 -7.67 44.04
C ILE B 718 48.37 -6.63 43.49
N SER B 719 47.80 -6.89 42.34
CA SER B 719 46.87 -5.96 41.70
C SER B 719 45.45 -6.49 41.78
N VAL B 720 44.47 -5.58 41.75
CA VAL B 720 43.06 -5.93 41.67
C VAL B 720 42.44 -5.16 40.51
N THR B 721 41.70 -5.88 39.67
CA THR B 721 41.01 -5.27 38.54
C THR B 721 39.57 -5.75 38.45
N THR B 722 38.71 -4.92 37.89
CA THR B 722 37.32 -5.25 37.71
C THR B 722 37.02 -5.72 36.30
N GLU B 723 36.02 -6.58 36.19
CA GLU B 723 35.41 -6.95 34.91
C GLU B 723 33.92 -7.05 35.15
N ILE B 724 33.14 -6.53 34.21
CA ILE B 724 31.69 -6.44 34.37
C ILE B 724 31.02 -7.17 33.22
N LEU B 725 30.04 -8.00 33.55
CA LEU B 725 29.31 -8.72 32.52
C LEU B 725 27.81 -8.67 32.76
N PRO B 726 27.02 -8.33 31.74
CA PRO B 726 25.56 -8.42 31.86
C PRO B 726 25.09 -9.86 31.87
N VAL B 727 24.00 -10.12 32.58
CA VAL B 727 23.45 -11.47 32.59
C VAL B 727 21.98 -11.52 32.20
N SER B 728 21.18 -10.46 32.29
CA SER B 728 19.76 -10.57 31.98
C SER B 728 19.17 -9.24 31.57
N MET B 729 18.01 -9.32 30.91
CA MET B 729 17.16 -8.19 30.55
C MET B 729 15.83 -8.27 31.30
N THR B 730 15.05 -7.20 31.20
CA THR B 730 13.67 -7.21 31.67
C THR B 730 12.79 -8.04 30.75
N LYS B 731 11.89 -8.79 31.36
CA LYS B 731 10.95 -9.64 30.65
C LYS B 731 9.72 -8.81 30.29
N THR B 732 9.41 -8.76 29.01
CA THR B 732 8.29 -7.96 28.55
C THR B 732 7.27 -8.88 27.92
N SER B 733 6.02 -8.42 27.92
CA SER B 733 4.92 -9.10 27.28
C SER B 733 3.93 -8.08 26.69
N VAL B 734 3.49 -8.32 25.46
CA VAL B 734 2.61 -7.40 24.76
C VAL B 734 1.29 -8.11 24.55
N ASP B 735 0.20 -7.44 24.87
CA ASP B 735 -1.14 -7.93 24.53
C ASP B 735 -1.43 -7.53 23.09
N CYS B 736 -1.37 -8.50 22.18
CA CYS B 736 -1.50 -8.24 20.76
C CYS B 736 -2.82 -7.54 20.43
N THR B 737 -3.92 -8.04 20.99
CA THR B 737 -5.23 -7.46 20.70
C THR B 737 -5.36 -6.05 21.26
N MET B 738 -4.83 -5.79 22.45
CA MET B 738 -4.94 -4.46 23.03
C MET B 738 -3.97 -3.48 22.40
N TYR B 739 -2.84 -3.94 21.88
CA TYR B 739 -1.93 -3.05 21.20
C TYR B 739 -2.52 -2.62 19.87
N ILE B 740 -2.97 -3.57 19.07
CA ILE B 740 -3.45 -3.23 17.74
C ILE B 740 -4.81 -2.56 17.84
N CYS B 741 -5.84 -3.35 18.08
CA CYS B 741 -7.20 -2.81 18.14
C CYS B 741 -7.27 -1.75 19.21
N GLY B 742 -7.24 -2.17 20.47
CA GLY B 742 -7.36 -1.26 21.59
C GLY B 742 -8.80 -1.01 21.99
N ASP B 743 -9.30 -1.82 22.90
CA ASP B 743 -10.64 -1.65 23.46
C ASP B 743 -11.77 -2.03 22.51
N SER B 744 -11.77 -1.43 21.32
CA SER B 744 -12.80 -1.70 20.33
C SER B 744 -13.07 -3.18 20.15
N THR B 745 -14.33 -3.53 19.86
CA THR B 745 -14.72 -4.92 19.72
C THR B 745 -15.08 -5.29 18.29
N GLU B 746 -15.34 -4.28 17.46
CA GLU B 746 -15.63 -4.52 16.06
C GLU B 746 -14.34 -4.94 15.39
N CYS B 747 -13.24 -4.48 15.95
CA CYS B 747 -11.90 -4.80 15.49
C CYS B 747 -11.53 -6.26 15.72
N SER B 748 -11.97 -6.83 16.83
CA SER B 748 -11.55 -8.19 17.17
C SER B 748 -11.93 -9.18 16.09
N ASN B 749 -13.12 -9.05 15.50
CA ASN B 749 -13.49 -9.96 14.42
C ASN B 749 -12.65 -9.75 13.18
N LEU B 750 -12.17 -8.53 12.95
CA LEU B 750 -11.31 -8.28 11.81
C LEU B 750 -9.91 -8.84 12.05
N LEU B 751 -9.41 -8.75 13.28
CA LEU B 751 -8.06 -9.22 13.58
C LEU B 751 -7.96 -10.73 13.47
N LEU B 752 -9.04 -11.45 13.77
CA LEU B 752 -9.06 -12.90 13.61
C LEU B 752 -8.86 -13.34 12.16
N GLN B 753 -9.04 -12.44 11.20
CA GLN B 753 -8.94 -12.76 9.79
C GLN B 753 -7.51 -12.81 9.29
N TYR B 754 -6.53 -12.50 10.11
CA TYR B 754 -5.14 -12.53 9.71
C TYR B 754 -4.42 -13.79 10.17
N GLY B 755 -5.12 -14.71 10.80
CA GLY B 755 -4.50 -15.97 11.15
C GLY B 755 -3.87 -15.92 12.51
N SER B 756 -2.74 -16.62 12.66
CA SER B 756 -2.16 -16.87 13.97
C SER B 756 -0.98 -15.97 14.27
N PHE B 757 -0.97 -14.73 13.77
CA PHE B 757 0.13 -13.84 14.05
C PHE B 757 0.25 -13.51 15.53
N CYS B 758 -0.86 -13.37 16.24
CA CYS B 758 -0.83 -13.10 17.67
C CYS B 758 -0.40 -14.29 18.50
N THR B 759 -0.61 -15.51 18.03
CA THR B 759 -0.08 -16.69 18.70
C THR B 759 1.43 -16.76 18.55
N GLN B 760 1.95 -16.44 17.37
CA GLN B 760 3.39 -16.44 17.15
C GLN B 760 4.09 -15.44 18.06
N LEU B 761 3.50 -14.27 18.27
CA LEU B 761 4.13 -13.28 19.14
C LEU B 761 4.22 -13.77 20.58
N LYS B 762 3.16 -14.40 21.07
CA LYS B 762 3.19 -14.92 22.43
C LYS B 762 4.16 -16.07 22.59
N ARG B 763 4.24 -16.96 21.60
CA ARG B 763 5.20 -18.05 21.72
C ARG B 763 6.63 -17.54 21.68
N ALA B 764 6.92 -16.60 20.79
CA ALA B 764 8.26 -16.08 20.67
C ALA B 764 8.70 -15.37 21.94
N LEU B 765 7.83 -14.53 22.50
CA LEU B 765 8.21 -13.81 23.71
C LEU B 765 8.30 -14.72 24.93
N THR B 766 7.51 -15.79 25.00
CA THR B 766 7.65 -16.72 26.11
C THR B 766 8.99 -17.43 26.09
N GLY B 767 9.49 -17.78 24.91
CA GLY B 767 10.81 -18.37 24.83
C GLY B 767 11.90 -17.51 25.45
N ILE B 768 11.87 -16.21 25.18
CA ILE B 768 12.77 -15.25 25.80
C ILE B 768 12.57 -15.19 27.30
N ALA B 769 11.34 -15.11 27.77
CA ALA B 769 11.04 -15.00 29.19
C ALA B 769 11.54 -16.19 29.99
N VAL B 770 11.47 -17.38 29.44
CA VAL B 770 11.95 -18.55 30.18
C VAL B 770 13.48 -18.58 30.19
N GLU B 771 14.12 -18.20 29.09
CA GLU B 771 15.58 -18.26 29.05
C GLU B 771 16.25 -17.25 29.98
N GLN B 772 15.61 -16.09 30.21
CA GLN B 772 16.23 -15.06 31.02
C GLN B 772 16.36 -15.45 32.48
N ASP B 773 15.50 -16.32 32.98
CA ASP B 773 15.67 -16.83 34.33
C ASP B 773 16.69 -17.94 34.41
N LYS B 774 16.78 -18.75 33.37
CA LYS B 774 17.81 -19.77 33.28
C LYS B 774 19.20 -19.18 33.14
N ASN B 775 19.33 -18.08 32.42
CA ASN B 775 20.61 -17.38 32.33
C ASN B 775 21.18 -17.06 33.71
N THR B 776 20.33 -16.55 34.61
CA THR B 776 20.75 -16.17 35.95
C THR B 776 21.08 -17.37 36.81
N GLN B 777 20.30 -18.44 36.71
CA GLN B 777 20.59 -19.63 37.48
C GLN B 777 21.94 -20.23 37.09
N GLU B 778 22.25 -20.25 35.80
CA GLU B 778 23.52 -20.80 35.38
C GLU B 778 24.71 -19.97 35.81
N VAL B 779 24.58 -18.66 35.90
CA VAL B 779 25.73 -17.88 36.36
C VAL B 779 25.89 -17.98 37.88
N PHE B 780 24.81 -17.87 38.64
CA PHE B 780 24.96 -17.79 40.10
C PHE B 780 24.68 -19.07 40.84
N ALA B 781 23.78 -19.93 40.40
CA ALA B 781 23.36 -21.08 41.20
C ALA B 781 24.28 -22.27 40.97
N GLN B 782 25.56 -22.05 41.26
CA GLN B 782 26.62 -23.04 41.13
C GLN B 782 27.09 -23.56 42.48
N VAL B 783 26.25 -23.51 43.50
CA VAL B 783 26.66 -23.99 44.80
C VAL B 783 25.49 -24.75 45.42
N LYS B 784 25.81 -25.90 46.02
CA LYS B 784 24.79 -26.76 46.59
C LYS B 784 24.28 -26.20 47.92
N GLN B 785 25.18 -25.94 48.84
CA GLN B 785 24.85 -25.51 50.19
C GLN B 785 25.18 -24.04 50.33
N ILE B 786 24.57 -23.41 51.32
CA ILE B 786 24.79 -21.99 51.59
C ILE B 786 25.83 -21.93 52.69
N TYR B 787 27.04 -21.53 52.35
CA TYR B 787 28.14 -21.45 53.28
C TYR B 787 28.11 -20.14 54.06
N LYS B 788 28.59 -20.19 55.30
CA LYS B 788 28.76 -19.03 56.14
C LYS B 788 30.16 -18.94 56.70
N THR B 789 30.64 -17.72 56.87
CA THR B 789 31.94 -17.50 57.49
C THR B 789 31.82 -17.56 59.01
N PRO B 790 32.92 -17.86 59.69
CA PRO B 790 32.88 -17.88 61.16
C PRO B 790 32.79 -16.47 61.71
N PRO B 791 32.21 -16.36 62.90
CA PRO B 791 32.01 -15.07 63.56
C PRO B 791 33.24 -14.18 63.65
N ILE B 792 34.40 -14.76 63.94
CA ILE B 792 35.59 -13.98 64.20
C ILE B 792 35.91 -13.10 63.00
N LYS B 793 35.83 -13.68 61.81
CA LYS B 793 36.18 -12.98 60.58
C LYS B 793 37.56 -12.34 60.58
N TYR B 794 38.59 -13.13 60.90
CA TYR B 794 39.95 -12.64 60.85
C TYR B 794 40.84 -13.70 60.22
N PHE B 795 41.14 -13.53 58.93
CA PHE B 795 41.81 -14.58 58.17
C PHE B 795 43.29 -14.23 58.01
N GLY B 796 44.06 -14.51 59.03
CA GLY B 796 45.49 -14.25 59.02
C GLY B 796 45.90 -12.85 58.61
N GLY B 797 44.99 -11.90 58.73
CA GLY B 797 45.28 -10.53 58.40
C GLY B 797 44.37 -10.04 57.30
N PHE B 798 44.53 -10.60 56.13
CA PHE B 798 43.68 -10.23 55.02
C PHE B 798 42.32 -9.78 55.55
N ASN B 799 41.85 -8.65 55.07
CA ASN B 799 40.64 -8.02 55.56
C ASN B 799 39.65 -7.95 54.41
N PHE B 800 38.56 -8.71 54.51
CA PHE B 800 37.62 -8.87 53.41
C PHE B 800 36.31 -8.15 53.69
N SER B 801 36.30 -7.21 54.62
CA SER B 801 35.04 -6.60 55.03
C SER B 801 34.35 -5.84 53.90
N GLN B 802 35.07 -5.44 52.87
CA GLN B 802 34.44 -4.71 51.79
C GLN B 802 33.72 -5.60 50.81
N ILE B 803 33.89 -6.91 50.89
CA ILE B 803 33.20 -7.83 49.99
C ILE B 803 32.29 -8.80 50.71
N LEU B 804 32.35 -8.86 52.00
CA LEU B 804 31.41 -9.69 52.74
C LEU B 804 30.18 -8.89 53.13
N PRO B 805 29.06 -9.55 53.39
CA PRO B 805 27.84 -8.80 53.76
C PRO B 805 28.00 -7.97 55.02
N ASP B 806 27.25 -6.87 55.06
CA ASP B 806 27.20 -6.00 56.24
C ASP B 806 26.03 -6.40 57.13
N PRO B 807 26.28 -6.98 58.31
CA PRO B 807 25.15 -7.43 59.14
C PRO B 807 24.23 -6.30 59.60
N SER B 808 24.68 -5.05 59.56
CA SER B 808 23.86 -3.92 59.98
C SER B 808 23.11 -3.30 58.81
N LYS B 809 22.40 -4.11 58.04
CA LYS B 809 21.62 -3.63 56.90
C LYS B 809 20.43 -4.54 56.70
N PRO B 810 19.30 -4.00 56.28
CA PRO B 810 18.15 -4.87 55.95
C PRO B 810 18.40 -5.76 54.75
N SER B 811 19.23 -5.31 53.82
CA SER B 811 19.46 -6.04 52.58
C SER B 811 20.62 -7.03 52.67
N LYS B 812 21.52 -6.86 53.62
CA LYS B 812 22.69 -7.71 53.79
C LYS B 812 23.61 -7.69 52.57
N ARG B 813 23.72 -6.54 51.92
CA ARG B 813 24.66 -6.39 50.83
C ARG B 813 26.04 -6.03 51.37
N SER B 814 27.05 -6.19 50.53
CA SER B 814 28.36 -5.71 50.90
C SER B 814 28.47 -4.23 50.56
N PRO B 815 29.47 -3.58 51.15
CA PRO B 815 29.74 -2.16 50.92
C PRO B 815 29.93 -1.84 49.44
N ILE B 816 30.56 -2.76 48.70
CA ILE B 816 30.79 -2.53 47.29
C ILE B 816 29.55 -2.81 46.47
N GLU B 817 28.77 -3.81 46.86
CA GLU B 817 27.50 -4.06 46.21
C GLU B 817 26.52 -2.92 46.37
N ASP B 818 26.56 -2.20 47.48
CA ASP B 818 25.73 -1.03 47.65
C ASP B 818 26.05 0.06 46.65
N LEU B 819 27.34 0.26 46.34
CA LEU B 819 27.68 1.18 45.27
C LEU B 819 27.22 0.66 43.91
N LEU B 820 27.31 -0.65 43.66
CA LEU B 820 27.01 -1.15 42.33
C LEU B 820 25.55 -0.97 41.96
N PHE B 821 24.63 -1.03 42.92
CA PHE B 821 23.23 -0.80 42.61
C PHE B 821 22.83 0.66 42.66
N ASN B 822 23.75 1.56 42.96
CA ASN B 822 23.46 2.98 43.02
C ASN B 822 23.90 3.72 41.78
N LYS B 823 24.39 3.02 40.77
CA LYS B 823 24.84 3.64 39.53
C LYS B 823 23.92 3.34 38.36
N VAL B 824 23.09 2.32 38.45
CA VAL B 824 22.21 1.97 37.34
C VAL B 824 20.75 2.17 37.74
N LYS B 852 3.77 1.01 32.83
CA LYS B 852 2.71 0.30 32.13
C LYS B 852 2.16 1.14 30.99
N PHE B 853 1.71 0.48 29.92
CA PHE B 853 1.22 1.16 28.73
C PHE B 853 0.03 0.45 28.13
N ASN B 854 -0.23 0.72 26.86
CA ASN B 854 -1.40 0.21 26.15
C ASN B 854 -1.30 -1.25 25.79
N GLY B 855 -1.32 -2.14 26.79
CA GLY B 855 -1.16 -3.56 26.56
C GLY B 855 0.24 -4.08 26.83
N LEU B 856 1.16 -3.23 27.25
CA LEU B 856 2.53 -3.65 27.57
C LEU B 856 2.67 -3.88 29.06
N THR B 857 3.33 -4.96 29.43
CA THR B 857 3.60 -5.24 30.83
C THR B 857 4.99 -5.84 31.03
N VAL B 858 5.53 -5.60 32.22
CA VAL B 858 6.86 -6.08 32.60
C VAL B 858 6.70 -7.13 33.70
N LEU B 859 7.23 -8.29 33.47
CA LEU B 859 7.09 -9.37 34.44
C LEU B 859 8.24 -9.35 35.43
N PRO B 860 8.02 -9.76 36.67
CA PRO B 860 9.11 -9.75 37.66
C PRO B 860 10.03 -10.95 37.48
N PRO B 861 11.29 -10.82 37.89
CA PRO B 861 12.19 -11.98 37.88
C PRO B 861 11.78 -13.04 38.88
N LEU B 862 12.18 -14.28 38.59
CA LEU B 862 11.91 -15.39 39.50
C LEU B 862 12.73 -15.26 40.77
N LEU B 863 14.01 -14.92 40.65
CA LEU B 863 14.88 -14.77 41.80
C LEU B 863 14.93 -13.30 42.20
N THR B 864 14.67 -13.03 43.47
CA THR B 864 14.82 -11.69 44.01
C THR B 864 16.30 -11.37 44.13
N ASP B 865 16.62 -10.10 44.37
CA ASP B 865 18.03 -9.79 44.51
C ASP B 865 18.59 -10.15 45.88
N GLU B 866 17.74 -10.40 46.86
CA GLU B 866 18.21 -10.98 48.11
C GLU B 866 18.71 -12.40 47.92
N MET B 867 17.98 -13.21 47.16
CA MET B 867 18.40 -14.56 46.87
C MET B 867 19.69 -14.63 46.10
N ILE B 868 19.91 -13.71 45.16
CA ILE B 868 21.18 -13.65 44.45
C ILE B 868 22.31 -13.28 45.41
N ALA B 869 22.05 -12.36 46.33
CA ALA B 869 23.07 -12.02 47.31
C ALA B 869 23.47 -13.23 48.15
N GLN B 870 22.53 -14.12 48.41
CA GLN B 870 22.82 -15.33 49.16
C GLN B 870 23.67 -16.32 48.38
N TYR B 871 23.50 -16.41 47.07
CA TYR B 871 24.43 -17.20 46.26
C TYR B 871 25.83 -16.60 46.28
N THR B 872 25.93 -15.28 46.18
CA THR B 872 27.25 -14.67 46.19
C THR B 872 27.95 -14.81 47.53
N SER B 873 27.26 -14.66 48.64
CA SER B 873 27.91 -14.84 49.93
C SER B 873 28.33 -16.29 50.18
N ALA B 874 27.61 -17.25 49.60
CA ALA B 874 28.01 -18.65 49.70
C ALA B 874 29.27 -18.93 48.92
N LEU B 875 29.40 -18.35 47.72
CA LEU B 875 30.64 -18.51 46.98
C LEU B 875 31.81 -17.86 47.69
N LEU B 876 31.60 -16.69 48.31
CA LEU B 876 32.66 -16.05 49.06
C LEU B 876 33.07 -16.83 50.29
N ALA B 877 32.12 -17.32 51.07
CA ALA B 877 32.43 -18.11 52.24
C ALA B 877 33.04 -19.45 51.92
N GLY B 878 32.66 -20.10 50.82
CA GLY B 878 33.31 -21.33 50.44
C GLY B 878 34.76 -21.13 50.07
N THR B 879 35.03 -20.14 49.23
CA THR B 879 36.37 -19.88 48.73
C THR B 879 37.34 -19.46 49.82
N ILE B 880 36.93 -18.58 50.72
CA ILE B 880 37.88 -18.04 51.69
C ILE B 880 38.26 -19.09 52.72
N THR B 881 37.42 -20.09 52.92
CA THR B 881 37.67 -21.11 53.92
C THR B 881 38.17 -22.42 53.33
N SER B 882 37.79 -22.77 52.12
CA SER B 882 38.21 -24.04 51.55
C SER B 882 38.78 -23.91 50.15
N GLY B 883 39.01 -22.72 49.65
CA GLY B 883 39.63 -22.57 48.36
C GLY B 883 38.77 -23.08 47.23
N TRP B 884 39.27 -24.05 46.47
CA TRP B 884 38.52 -24.60 45.35
C TRP B 884 38.06 -26.03 45.57
N THR B 885 38.18 -26.55 46.78
CA THR B 885 37.86 -27.94 47.00
C THR B 885 36.36 -28.20 47.04
N PHE B 886 35.57 -27.22 47.46
CA PHE B 886 34.14 -27.43 47.57
C PHE B 886 33.44 -27.52 46.23
N GLY B 887 34.09 -27.07 45.15
CA GLY B 887 33.50 -27.20 43.83
C GLY B 887 33.69 -28.56 43.19
N ALA B 888 34.48 -29.42 43.80
CA ALA B 888 34.72 -30.75 43.26
C ALA B 888 34.26 -31.86 44.19
N GLY B 889 33.68 -31.53 45.33
CA GLY B 889 33.29 -32.52 46.31
C GLY B 889 32.96 -31.86 47.62
N PRO B 890 33.42 -32.47 48.71
CA PRO B 890 33.22 -31.90 50.05
C PRO B 890 34.14 -30.70 50.23
N ALA B 891 33.71 -29.73 51.03
CA ALA B 891 34.55 -28.61 51.38
C ALA B 891 35.59 -29.05 52.38
N LEU B 892 36.86 -28.80 52.08
CA LEU B 892 37.98 -29.19 52.92
C LEU B 892 38.64 -27.94 53.45
N GLN B 893 38.58 -27.74 54.76
CA GLN B 893 39.17 -26.56 55.34
C GLN B 893 40.70 -26.62 55.29
N ILE B 894 41.31 -25.46 55.12
CA ILE B 894 42.74 -25.27 55.18
C ILE B 894 42.94 -23.82 55.58
N PRO B 895 43.94 -23.46 56.39
CA PRO B 895 44.14 -22.04 56.71
C PRO B 895 44.38 -21.20 55.48
N PHE B 896 43.85 -19.97 55.50
CA PHE B 896 43.87 -19.13 54.30
C PHE B 896 45.29 -18.77 53.85
N PRO B 897 46.16 -18.45 54.80
CA PRO B 897 47.55 -18.16 54.49
C PRO B 897 48.19 -19.30 53.69
N MET B 898 47.80 -20.54 53.99
CA MET B 898 48.28 -21.69 53.24
C MET B 898 47.59 -21.81 51.89
N GLN B 899 46.37 -21.32 51.78
CA GLN B 899 45.70 -21.29 50.50
C GLN B 899 46.43 -20.37 49.53
N MET B 900 46.85 -19.20 50.01
CA MET B 900 47.56 -18.23 49.19
C MET B 900 48.90 -18.77 48.73
N ALA B 901 49.58 -19.50 49.59
CA ALA B 901 50.87 -20.09 49.24
C ALA B 901 50.75 -21.14 48.14
N TYR B 902 49.71 -21.98 48.16
CA TYR B 902 49.47 -22.90 47.04
C TYR B 902 49.22 -22.15 45.75
N ARG B 903 48.50 -21.03 45.82
CA ARG B 903 48.19 -20.27 44.63
C ARG B 903 49.42 -19.64 44.01
N PHE B 904 50.39 -19.19 44.81
CA PHE B 904 51.65 -18.76 44.24
C PHE B 904 52.41 -19.92 43.62
N ASN B 905 52.37 -21.10 44.23
CA ASN B 905 53.00 -22.26 43.64
C ASN B 905 52.42 -22.62 42.30
N GLY B 906 51.12 -22.42 42.10
CA GLY B 906 50.50 -22.75 40.84
C GLY B 906 50.98 -21.88 39.69
N ILE B 907 51.53 -20.71 39.99
CA ILE B 907 52.06 -19.83 38.97
C ILE B 907 53.57 -19.89 38.87
N GLY B 908 54.21 -20.86 39.52
CA GLY B 908 55.64 -21.02 39.42
C GLY B 908 56.47 -20.21 40.39
N VAL B 909 55.90 -19.79 41.50
CA VAL B 909 56.65 -19.08 42.52
C VAL B 909 56.78 -20.00 43.71
N THR B 910 57.96 -20.04 44.28
CA THR B 910 58.23 -20.95 45.38
C THR B 910 57.50 -20.48 46.63
N GLN B 911 56.99 -21.43 47.40
CA GLN B 911 56.02 -21.06 48.42
C GLN B 911 56.59 -20.32 49.61
N ASN B 912 57.91 -20.27 49.80
CA ASN B 912 58.44 -19.49 50.89
C ASN B 912 58.29 -17.99 50.69
N VAL B 913 58.02 -17.54 49.46
CA VAL B 913 57.88 -16.12 49.21
C VAL B 913 56.70 -15.56 49.98
N LEU B 914 55.64 -16.34 50.15
CA LEU B 914 54.54 -15.89 50.99
C LEU B 914 54.84 -16.05 52.47
N TYR B 915 55.34 -17.21 52.87
CA TYR B 915 55.43 -17.51 54.29
C TYR B 915 56.39 -16.57 55.00
N GLU B 916 57.42 -16.10 54.32
CA GLU B 916 58.36 -15.16 54.91
C GLU B 916 57.92 -13.71 54.75
N ASN B 917 56.89 -13.45 53.97
CA ASN B 917 56.43 -12.09 53.68
C ASN B 917 54.93 -11.96 53.87
N GLN B 918 54.33 -12.84 54.65
CA GLN B 918 52.89 -12.87 54.86
C GLN B 918 52.31 -11.50 55.22
N LYS B 919 52.93 -10.76 56.13
CA LYS B 919 52.39 -9.47 56.52
C LYS B 919 52.42 -8.45 55.39
N LEU B 920 53.50 -8.46 54.61
CA LEU B 920 53.61 -7.51 53.51
C LEU B 920 52.53 -7.74 52.47
N ILE B 921 52.28 -9.00 52.10
CA ILE B 921 51.32 -9.29 51.06
C ILE B 921 49.90 -8.96 51.53
N ALA B 922 49.58 -9.30 52.77
CA ALA B 922 48.27 -9.00 53.33
C ALA B 922 48.01 -7.50 53.45
N ASN B 923 48.98 -6.72 53.92
CA ASN B 923 48.83 -5.27 53.97
C ASN B 923 48.75 -4.63 52.59
N GLN B 924 49.59 -5.05 51.64
CA GLN B 924 49.47 -4.52 50.30
C GLN B 924 48.17 -4.90 49.63
N PHE B 925 47.71 -6.13 49.81
CA PHE B 925 46.40 -6.50 49.28
C PHE B 925 45.30 -5.59 49.82
N ASN B 926 45.29 -5.38 51.13
CA ASN B 926 44.20 -4.63 51.76
C ASN B 926 44.08 -3.23 51.20
N SER B 927 45.19 -2.55 50.95
CA SER B 927 45.11 -1.27 50.26
C SER B 927 44.71 -1.39 48.81
N ALA B 928 45.20 -2.42 48.11
CA ALA B 928 44.85 -2.54 46.69
C ALA B 928 43.37 -2.79 46.48
N ILE B 929 42.72 -3.55 47.35
CA ILE B 929 41.28 -3.75 47.23
C ILE B 929 40.56 -2.49 47.66
N GLY B 930 41.07 -1.80 48.68
CA GLY B 930 40.47 -0.55 49.08
C GLY B 930 40.40 0.49 47.99
N LYS B 931 41.35 0.49 47.07
CA LYS B 931 41.28 1.46 45.97
C LYS B 931 40.13 1.22 45.03
N ILE B 932 39.49 0.06 45.06
CA ILE B 932 38.43 -0.23 44.11
C ILE B 932 37.25 0.70 44.32
N GLN B 933 36.87 0.97 45.57
CA GLN B 933 35.75 1.88 45.79
C GLN B 933 36.02 3.26 45.24
N ASP B 934 37.25 3.76 45.38
CA ASP B 934 37.57 5.09 44.85
C ASP B 934 37.34 5.16 43.35
N SER B 935 37.64 4.10 42.62
CA SER B 935 37.42 4.11 41.18
C SER B 935 35.95 4.08 40.82
N LEU B 936 35.08 3.77 41.78
CA LEU B 936 33.64 3.68 41.50
C LEU B 936 32.90 4.91 42.02
N SER B 937 33.11 5.27 43.28
CA SER B 937 32.46 6.42 43.89
C SER B 937 33.19 7.72 43.54
N ALA B 942 32.39 2.67 33.65
CA ALA B 942 32.34 1.58 34.61
C ALA B 942 31.18 0.65 34.29
N LEU B 943 30.00 0.98 34.83
CA LEU B 943 28.82 0.14 34.68
C LEU B 943 27.98 0.54 33.49
N GLY B 944 28.60 1.10 32.45
CA GLY B 944 27.88 1.44 31.25
C GLY B 944 27.33 0.25 30.50
N LYS B 945 27.96 -0.91 30.62
CA LYS B 945 27.42 -2.11 29.98
C LYS B 945 26.10 -2.55 30.60
N LEU B 946 25.88 -2.24 31.87
CA LEU B 946 24.63 -2.57 32.52
C LEU B 946 23.56 -1.55 32.23
N GLN B 947 23.92 -0.27 32.13
CA GLN B 947 22.96 0.76 31.78
C GLN B 947 22.49 0.63 30.35
N ASP B 948 23.37 0.24 29.42
CA ASP B 948 22.99 0.00 28.03
C ASP B 948 21.91 -1.05 27.89
N VAL B 949 21.92 -2.10 28.70
CA VAL B 949 20.85 -3.09 28.60
C VAL B 949 19.50 -2.48 28.96
N VAL B 950 19.47 -1.69 30.03
CA VAL B 950 18.27 -0.97 30.43
C VAL B 950 17.82 0.02 29.37
N ASN B 951 18.75 0.74 28.77
CA ASN B 951 18.42 1.73 27.77
C ASN B 951 17.83 1.10 26.52
N HIS B 952 18.41 0.00 26.05
CA HIS B 952 17.94 -0.63 24.83
C HIS B 952 16.51 -1.12 24.97
N ASN B 953 16.16 -1.69 26.12
CA ASN B 953 14.78 -2.11 26.26
C ASN B 953 13.84 -0.92 26.47
N ALA B 954 14.28 0.10 27.22
CA ALA B 954 13.42 1.26 27.40
C ALA B 954 13.15 1.95 26.08
N GLN B 955 14.13 2.01 25.20
CA GLN B 955 13.95 2.62 23.90
C GLN B 955 13.01 1.83 23.02
N ALA B 956 13.06 0.49 23.08
CA ALA B 956 12.12 -0.28 22.27
C ALA B 956 10.70 -0.17 22.79
N LEU B 957 10.51 0.00 24.09
CA LEU B 957 9.16 0.16 24.62
C LEU B 957 8.61 1.56 24.40
N ASN B 958 9.46 2.58 24.42
CA ASN B 958 9.02 3.94 24.11
C ASN B 958 8.69 4.11 22.63
N THR B 959 9.46 3.48 21.74
CA THR B 959 9.15 3.47 20.32
C THR B 959 7.89 2.68 19.99
N LEU B 960 7.71 1.51 20.59
CA LEU B 960 6.53 0.70 20.32
C LEU B 960 5.25 1.44 20.65
N VAL B 961 5.23 2.19 21.75
CA VAL B 961 4.05 2.95 22.09
C VAL B 961 3.89 4.15 21.15
N LYS B 962 4.97 4.84 20.82
CA LYS B 962 4.83 6.00 19.95
C LYS B 962 4.31 5.64 18.57
N GLN B 963 4.59 4.45 18.08
CA GLN B 963 4.13 4.02 16.77
C GLN B 963 2.62 3.85 16.68
N LEU B 964 1.89 4.04 17.77
CA LEU B 964 0.44 4.01 17.68
C LEU B 964 -0.15 5.33 17.20
N SER B 965 0.65 6.39 17.34
CA SER B 965 0.25 7.72 16.95
C SER B 965 0.35 7.78 15.46
N SER B 966 1.31 7.07 14.89
CA SER B 966 1.48 7.05 13.45
C SER B 966 0.17 6.60 12.89
N LYS B 967 -0.25 7.17 11.76
CA LYS B 967 -1.52 6.79 11.19
C LYS B 967 -1.38 5.81 10.05
N PHE B 968 -0.17 5.60 9.59
CA PHE B 968 0.08 4.65 8.55
C PHE B 968 -0.86 4.82 7.37
N GLY B 969 -1.59 5.93 7.32
CA GLY B 969 -2.48 6.15 6.20
C GLY B 969 -3.92 6.45 6.58
N ALA B 970 -4.43 5.76 7.58
CA ALA B 970 -5.79 5.95 8.03
C ALA B 970 -6.09 7.42 8.24
N ILE B 971 -7.36 7.74 8.43
CA ILE B 971 -7.79 9.11 8.64
C ILE B 971 -7.67 9.47 10.11
N SER B 972 -6.69 8.90 10.80
CA SER B 972 -6.53 9.22 12.21
C SER B 972 -5.45 8.38 12.88
N SER B 973 -5.81 7.59 13.88
CA SER B 973 -4.86 6.77 14.59
C SER B 973 -5.48 6.21 15.83
N VAL B 974 -6.70 6.62 16.13
CA VAL B 974 -7.39 6.13 17.30
C VAL B 974 -8.58 5.28 16.87
N LEU B 975 -8.45 3.97 17.01
CA LEU B 975 -9.51 3.04 16.61
C LEU B 975 -10.93 3.55 16.89
N ASN B 976 -11.06 4.57 17.72
CA ASN B 976 -12.38 5.12 18.05
C ASN B 976 -12.80 6.22 17.09
N ASP B 977 -11.86 7.08 16.70
CA ASP B 977 -12.16 8.14 15.77
C ASP B 977 -12.79 7.50 14.55
N ILE B 978 -12.13 6.48 14.02
CA ILE B 978 -12.66 5.79 12.88
C ILE B 978 -13.98 5.20 13.32
N LEU B 979 -13.93 4.26 14.25
CA LEU B 979 -15.17 3.64 14.70
C LEU B 979 -16.22 4.59 15.24
N SER B 980 -16.19 5.86 14.86
CA SER B 980 -17.17 6.81 15.37
C SER B 980 -17.63 7.78 14.29
N ARG B 981 -16.84 7.88 13.23
CA ARG B 981 -17.14 8.74 12.11
C ARG B 981 -16.97 7.97 10.81
N LEU B 982 -17.49 6.75 10.76
CA LEU B 982 -17.36 5.99 9.55
C LEU B 982 -18.28 4.81 9.69
N ASP B 983 -18.42 4.04 8.61
CA ASP B 983 -19.28 2.86 8.63
C ASP B 983 -18.50 1.59 8.34
N PRO B 984 -19.22 0.56 7.89
CA PRO B 984 -18.64 -0.74 7.56
C PRO B 984 -17.87 -0.69 6.25
N PRO B 985 -18.57 -0.52 5.13
CA PRO B 985 -17.89 -0.43 3.84
C PRO B 985 -17.09 0.86 3.72
N GLU B 986 -16.40 1.25 4.78
CA GLU B 986 -15.61 2.47 4.78
C GLU B 986 -14.58 2.48 5.91
N ALA B 987 -15.02 2.04 7.09
CA ALA B 987 -14.14 1.99 8.24
C ALA B 987 -13.16 0.89 7.94
N GLU B 988 -13.70 -0.27 7.60
CA GLU B 988 -12.89 -1.43 7.29
C GLU B 988 -11.59 -1.02 6.65
N VAL B 989 -11.67 -0.31 5.53
CA VAL B 989 -10.45 0.12 4.87
C VAL B 989 -9.52 0.86 5.82
N GLN B 990 -10.07 1.80 6.59
CA GLN B 990 -9.22 2.56 7.52
C GLN B 990 -8.51 1.69 8.53
N ILE B 991 -9.24 0.78 9.13
CA ILE B 991 -8.70 -0.11 10.13
C ILE B 991 -7.71 -1.10 9.54
N ASP B 992 -7.86 -1.46 8.28
CA ASP B 992 -6.91 -2.39 7.69
C ASP B 992 -5.64 -1.62 7.45
N ARG B 993 -5.79 -0.35 7.14
CA ARG B 993 -4.64 0.48 6.92
C ARG B 993 -3.88 0.49 8.21
N LEU B 994 -4.61 0.54 9.32
CA LEU B 994 -3.96 0.55 10.63
C LEU B 994 -3.51 -0.79 11.16
N ILE B 995 -4.37 -1.80 11.09
CA ILE B 995 -4.02 -3.09 11.66
C ILE B 995 -2.74 -3.62 11.05
N THR B 996 -2.62 -3.56 9.72
CA THR B 996 -1.40 -4.01 9.09
C THR B 996 -0.19 -3.22 9.57
N GLY B 997 -0.32 -1.89 9.67
CA GLY B 997 0.79 -1.10 10.12
C GLY B 997 1.24 -1.45 11.53
N ARG B 998 0.29 -1.53 12.47
CA ARG B 998 0.64 -1.85 13.84
C ARG B 998 1.02 -3.31 14.03
N LEU B 999 0.52 -4.21 13.21
CA LEU B 999 1.01 -5.57 13.23
C LEU B 999 2.46 -5.68 12.75
N GLN B 1000 2.85 -4.88 11.76
CA GLN B 1000 4.25 -4.79 11.39
C GLN B 1000 5.11 -4.26 12.53
N SER B 1001 4.57 -3.34 13.34
CA SER B 1001 5.32 -2.85 14.50
C SER B 1001 5.66 -3.96 15.48
N LEU B 1002 4.71 -4.83 15.77
CA LEU B 1002 4.93 -5.96 16.64
C LEU B 1002 5.94 -6.95 16.06
N GLN B 1003 5.89 -7.20 14.76
CA GLN B 1003 6.89 -8.08 14.18
C GLN B 1003 8.30 -7.52 14.29
N THR B 1004 8.45 -6.22 14.08
CA THR B 1004 9.75 -5.60 14.26
C THR B 1004 10.22 -5.72 15.71
N TYR B 1005 9.34 -5.44 16.66
CA TYR B 1005 9.69 -5.51 18.06
C TYR B 1005 10.16 -6.91 18.46
N VAL B 1006 9.38 -7.93 18.12
CA VAL B 1006 9.72 -9.27 18.59
C VAL B 1006 10.97 -9.79 17.91
N THR B 1007 11.17 -9.48 16.63
CA THR B 1007 12.39 -9.94 15.96
C THR B 1007 13.64 -9.35 16.62
N GLN B 1008 13.60 -8.07 16.97
CA GLN B 1008 14.76 -7.51 17.64
C GLN B 1008 14.98 -8.08 19.05
N GLN B 1009 13.92 -8.42 19.77
CA GLN B 1009 14.14 -8.99 21.10
C GLN B 1009 14.81 -10.35 21.02
N LEU B 1010 14.48 -11.15 20.02
CA LEU B 1010 15.15 -12.42 19.82
C LEU B 1010 16.61 -12.25 19.45
N ILE B 1011 16.93 -11.29 18.59
CA ILE B 1011 18.33 -11.09 18.22
C ILE B 1011 19.13 -10.54 19.40
N ARG B 1012 18.54 -9.62 20.15
CA ARG B 1012 19.21 -9.09 21.34
C ARG B 1012 19.27 -10.06 22.49
N ALA B 1013 18.30 -10.97 22.62
CA ALA B 1013 18.38 -11.96 23.69
C ALA B 1013 19.49 -12.99 23.46
N ALA B 1014 19.83 -13.26 22.21
CA ALA B 1014 20.96 -14.12 21.91
C ALA B 1014 22.29 -13.51 22.35
N GLU B 1015 22.41 -12.21 22.36
CA GLU B 1015 23.62 -11.52 22.76
C GLU B 1015 23.82 -11.52 24.27
N ILE B 1016 22.75 -11.34 25.03
CA ILE B 1016 22.80 -11.40 26.48
C ILE B 1016 22.97 -12.83 26.94
N ARG B 1017 22.43 -13.77 26.18
CA ARG B 1017 22.66 -15.17 26.46
C ARG B 1017 24.11 -15.57 26.26
N ALA B 1018 24.76 -15.07 25.21
CA ALA B 1018 26.18 -15.32 25.02
C ALA B 1018 27.01 -14.70 26.13
N SER B 1019 26.58 -13.57 26.66
CA SER B 1019 27.24 -12.95 27.79
C SER B 1019 27.02 -13.71 29.09
N ALA B 1020 25.82 -14.20 29.33
CA ALA B 1020 25.57 -15.05 30.47
C ALA B 1020 26.36 -16.35 30.42
N ASN B 1021 26.61 -16.89 29.22
CA ASN B 1021 27.46 -18.07 29.10
C ASN B 1021 28.91 -17.79 29.44
N LEU B 1022 29.43 -16.64 29.03
CA LEU B 1022 30.75 -16.20 29.40
C LEU B 1022 30.88 -15.95 30.90
N ALA B 1023 29.91 -15.27 31.49
CA ALA B 1023 29.90 -15.08 32.94
C ALA B 1023 29.81 -16.37 33.72
N ALA B 1024 28.98 -17.32 33.29
CA ALA B 1024 28.95 -18.63 33.95
C ALA B 1024 30.27 -19.39 33.84
N THR B 1025 30.91 -19.32 32.68
CA THR B 1025 32.21 -19.94 32.46
C THR B 1025 33.28 -19.33 33.34
N LYS B 1026 33.34 -18.00 33.42
CA LYS B 1026 34.26 -17.38 34.36
C LYS B 1026 33.94 -17.69 35.80
N MET B 1027 32.67 -17.79 36.16
CA MET B 1027 32.33 -18.16 37.52
C MET B 1027 32.94 -19.49 37.91
N SER B 1028 32.93 -20.44 36.97
CA SER B 1028 33.52 -21.74 37.25
C SER B 1028 35.04 -21.68 37.25
N GLU B 1029 35.62 -21.01 36.27
CA GLU B 1029 37.04 -21.11 36.03
C GLU B 1029 37.87 -20.04 36.73
N CYS B 1030 37.26 -18.95 37.17
CA CYS B 1030 38.01 -17.89 37.83
C CYS B 1030 37.76 -17.85 39.33
N VAL B 1031 36.59 -18.33 39.74
CA VAL B 1031 36.17 -18.24 41.13
C VAL B 1031 36.27 -19.57 41.83
N LEU B 1032 35.86 -20.64 41.17
CA LEU B 1032 35.94 -21.99 41.73
C LEU B 1032 37.25 -22.68 41.43
N GLY B 1033 38.20 -21.99 40.81
CA GLY B 1033 39.50 -22.60 40.59
C GLY B 1033 40.50 -21.57 40.18
N GLN B 1034 41.69 -22.04 39.85
CA GLN B 1034 42.78 -21.21 39.34
C GLN B 1034 43.02 -21.51 37.87
N SER B 1035 43.00 -20.47 37.06
CA SER B 1035 43.12 -20.62 35.62
C SER B 1035 44.51 -20.25 35.13
N LYS B 1036 44.96 -20.95 34.10
CA LYS B 1036 46.17 -20.60 33.39
C LYS B 1036 45.89 -19.89 32.07
N ARG B 1037 44.63 -19.67 31.73
CA ARG B 1037 44.24 -19.00 30.49
C ARG B 1037 44.62 -17.53 30.55
N VAL B 1038 45.35 -17.06 29.55
CA VAL B 1038 45.91 -15.71 29.55
C VAL B 1038 44.81 -14.68 29.34
N ASP B 1039 44.77 -13.69 30.23
CA ASP B 1039 43.79 -12.61 30.18
C ASP B 1039 42.33 -13.00 30.36
N PHE B 1040 42.09 -14.23 30.82
CA PHE B 1040 40.72 -14.69 30.99
C PHE B 1040 40.21 -14.28 32.36
N CYS B 1041 41.13 -14.17 33.31
CA CYS B 1041 40.79 -13.82 34.68
C CYS B 1041 41.58 -12.58 35.16
N GLY B 1042 41.59 -11.53 34.35
CA GLY B 1042 42.34 -10.33 34.68
C GLY B 1042 43.72 -10.21 34.06
N LYS B 1043 44.41 -9.11 34.35
CA LYS B 1043 45.73 -8.82 33.79
C LYS B 1043 46.80 -9.17 34.81
N GLY B 1044 47.73 -10.05 34.43
CA GLY B 1044 48.74 -10.53 35.33
C GLY B 1044 48.57 -11.99 35.53
N TYR B 1045 49.25 -12.54 36.52
CA TYR B 1045 49.15 -13.95 36.82
C TYR B 1045 48.04 -14.19 37.81
N HIS B 1046 47.06 -14.98 37.40
CA HIS B 1046 45.84 -15.18 38.19
C HIS B 1046 46.16 -15.83 39.51
N LEU B 1047 45.75 -15.20 40.60
CA LEU B 1047 45.75 -15.85 41.90
C LEU B 1047 44.35 -16.27 42.32
N MET B 1048 43.39 -15.33 42.34
CA MET B 1048 42.06 -15.65 42.85
C MET B 1048 41.09 -14.57 42.41
N SER B 1049 39.80 -14.85 42.51
CA SER B 1049 38.77 -13.87 42.16
C SER B 1049 37.61 -13.98 43.15
N PHE B 1050 36.95 -12.84 43.38
CA PHE B 1050 35.78 -12.73 44.26
C PHE B 1050 34.59 -12.15 43.51
N PRO B 1051 33.44 -12.80 43.49
CA PRO B 1051 32.26 -12.23 42.83
C PRO B 1051 31.52 -11.20 43.65
N GLN B 1052 30.88 -10.28 42.96
CA GLN B 1052 29.95 -9.33 43.56
C GLN B 1052 28.72 -9.25 42.69
N SER B 1053 27.57 -9.03 43.29
CA SER B 1053 26.33 -8.94 42.53
C SER B 1053 26.10 -7.52 42.06
N ALA B 1054 25.63 -7.38 40.84
CA ALA B 1054 25.30 -6.07 40.29
C ALA B 1054 23.89 -6.21 39.73
N PRO B 1055 23.16 -5.13 39.50
CA PRO B 1055 21.81 -5.27 38.92
C PRO B 1055 21.86 -5.71 37.47
N HIS B 1056 21.28 -6.90 37.20
CA HIS B 1056 21.28 -7.56 35.90
C HIS B 1056 22.68 -7.98 35.45
N GLY B 1057 23.61 -8.16 36.38
CA GLY B 1057 24.95 -8.50 35.95
C GLY B 1057 25.80 -9.03 37.07
N VAL B 1058 27.06 -9.23 36.75
CA VAL B 1058 28.02 -9.74 37.72
C VAL B 1058 29.30 -8.94 37.58
N VAL B 1059 29.96 -8.73 38.71
CA VAL B 1059 31.24 -8.04 38.78
C VAL B 1059 32.24 -9.01 39.37
N PHE B 1060 33.40 -9.10 38.73
CA PHE B 1060 34.48 -9.99 39.16
C PHE B 1060 35.60 -9.12 39.68
N LEU B 1061 36.06 -9.41 40.88
CA LEU B 1061 37.26 -8.76 41.44
C LEU B 1061 38.42 -9.71 41.22
N HIS B 1062 39.29 -9.38 40.28
CA HIS B 1062 40.40 -10.24 39.87
C HIS B 1062 41.65 -9.87 40.64
N VAL B 1063 42.23 -10.84 41.34
CA VAL B 1063 43.47 -10.71 42.07
C VAL B 1063 44.58 -11.38 41.28
N THR B 1064 45.60 -10.60 40.94
CA THR B 1064 46.68 -11.04 40.07
C THR B 1064 48.03 -10.78 40.71
N TYR B 1065 49.02 -11.50 40.22
CA TYR B 1065 50.44 -11.40 40.60
C TYR B 1065 51.19 -10.66 39.51
N VAL B 1066 51.83 -9.55 39.84
CA VAL B 1066 52.56 -8.76 38.85
C VAL B 1066 54.00 -8.61 39.31
N PRO B 1067 54.99 -9.06 38.55
CA PRO B 1067 56.39 -8.84 38.96
C PRO B 1067 56.81 -7.39 38.82
N ALA B 1068 57.83 -7.00 39.59
CA ALA B 1068 58.30 -5.63 39.58
C ALA B 1068 59.79 -5.55 39.86
N GLN B 1069 60.39 -4.46 39.41
CA GLN B 1069 61.79 -4.09 39.71
C GLN B 1069 62.80 -5.13 39.22
N GLU B 1070 62.93 -5.24 37.91
CA GLU B 1070 63.84 -6.21 37.36
C GLU B 1070 65.28 -5.71 37.36
N LYS B 1071 66.21 -6.65 37.44
CA LYS B 1071 67.63 -6.43 37.20
C LYS B 1071 68.08 -7.34 36.08
N ASN B 1072 69.14 -6.92 35.38
CA ASN B 1072 69.68 -7.72 34.30
C ASN B 1072 70.87 -8.53 34.82
N PHE B 1073 71.05 -9.71 34.25
CA PHE B 1073 72.13 -10.62 34.58
C PHE B 1073 72.61 -11.27 33.30
N THR B 1074 73.79 -11.83 33.37
CA THR B 1074 74.36 -12.68 32.34
C THR B 1074 73.96 -14.11 32.64
N THR B 1075 73.71 -14.90 31.61
CA THR B 1075 73.19 -16.24 31.78
C THR B 1075 73.90 -17.20 30.85
N ALA B 1076 73.67 -18.49 31.06
CA ALA B 1076 74.23 -19.54 30.24
C ALA B 1076 73.32 -20.75 30.35
N PRO B 1077 73.19 -21.54 29.31
CA PRO B 1077 72.25 -22.66 29.36
C PRO B 1077 72.68 -23.82 30.26
N ALA B 1078 73.98 -24.04 30.43
CA ALA B 1078 74.46 -25.18 31.18
C ALA B 1078 75.81 -24.83 31.77
N ILE B 1079 76.31 -25.68 32.66
CA ILE B 1079 77.61 -25.48 33.28
C ILE B 1079 78.44 -26.74 33.11
N CYS B 1080 79.72 -26.58 32.82
CA CYS B 1080 80.59 -27.73 32.66
C CYS B 1080 81.33 -28.02 33.96
N HIS B 1081 81.37 -29.28 34.34
CA HIS B 1081 82.12 -29.72 35.51
C HIS B 1081 82.52 -31.17 35.29
N ASP B 1082 83.81 -31.47 35.47
CA ASP B 1082 84.39 -32.78 35.18
C ASP B 1082 84.16 -33.21 33.75
N GLY B 1083 84.10 -32.28 32.81
CA GLY B 1083 83.88 -32.66 31.44
C GLY B 1083 82.46 -33.05 31.11
N LYS B 1084 81.51 -32.78 32.01
CA LYS B 1084 80.12 -33.14 31.80
C LYS B 1084 79.27 -31.89 31.85
N ALA B 1085 78.15 -31.91 31.13
CA ALA B 1085 77.24 -30.79 31.07
C ALA B 1085 76.18 -30.95 32.15
N HIS B 1086 75.94 -29.88 32.91
CA HIS B 1086 74.92 -29.83 33.94
C HIS B 1086 73.86 -28.82 33.54
N PHE B 1087 72.66 -29.19 33.67
CA PHE B 1087 71.48 -28.42 33.35
C PHE B 1087 70.64 -28.21 34.59
N PRO B 1088 69.96 -27.08 34.73
CA PRO B 1088 69.14 -26.89 35.92
C PRO B 1088 67.90 -27.76 35.88
N ARG B 1089 67.49 -28.22 37.06
CA ARG B 1089 66.22 -28.91 37.19
C ARG B 1089 65.06 -27.95 36.99
N GLU B 1090 65.03 -26.86 37.74
CA GLU B 1090 64.15 -25.73 37.48
C GLU B 1090 64.96 -24.48 37.76
N GLY B 1091 64.81 -23.47 36.92
CA GLY B 1091 65.48 -22.22 37.11
C GLY B 1091 66.42 -21.89 35.98
N VAL B 1092 67.12 -20.79 36.14
CA VAL B 1092 68.09 -20.29 35.17
C VAL B 1092 69.39 -20.00 35.89
N PHE B 1093 70.50 -20.14 35.17
CA PHE B 1093 71.80 -19.73 35.66
C PHE B 1093 71.96 -18.24 35.47
N VAL B 1094 72.44 -17.54 36.49
CA VAL B 1094 72.72 -16.11 36.42
C VAL B 1094 74.13 -15.85 36.93
N SER B 1095 74.66 -14.70 36.54
CA SER B 1095 75.97 -14.24 37.02
C SER B 1095 75.83 -12.82 37.55
N ASN B 1096 76.36 -12.58 38.74
CA ASN B 1096 76.30 -11.24 39.31
C ASN B 1096 77.49 -10.38 38.92
N GLY B 1097 78.38 -10.89 38.09
CA GLY B 1097 79.57 -10.19 37.67
C GLY B 1097 80.81 -11.00 37.93
N THR B 1098 80.82 -11.73 39.04
CA THR B 1098 81.98 -12.53 39.42
C THR B 1098 81.66 -13.98 39.76
N HIS B 1099 80.45 -14.29 40.21
CA HIS B 1099 80.07 -15.65 40.57
C HIS B 1099 78.74 -15.99 39.91
N TRP B 1100 78.53 -17.28 39.68
CA TRP B 1100 77.32 -17.79 39.05
C TRP B 1100 76.45 -18.51 40.07
N PHE B 1101 75.13 -18.34 39.95
CA PHE B 1101 74.16 -18.93 40.86
C PHE B 1101 73.01 -19.51 40.06
N VAL B 1102 72.19 -20.33 40.71
CA VAL B 1102 70.91 -20.80 40.18
C VAL B 1102 69.80 -20.00 40.83
N THR B 1103 68.86 -19.54 40.03
CA THR B 1103 67.70 -18.84 40.56
C THR B 1103 66.44 -19.47 40.01
N GLN B 1104 65.35 -19.32 40.74
CA GLN B 1104 64.04 -19.62 40.18
C GLN B 1104 63.62 -18.51 39.22
N ARG B 1105 62.76 -18.83 38.27
CA ARG B 1105 62.51 -17.93 37.17
C ARG B 1105 61.60 -16.76 37.51
N ASN B 1106 60.85 -16.81 38.60
CA ASN B 1106 59.83 -15.81 38.84
C ASN B 1106 60.16 -14.87 39.99
N PHE B 1107 61.21 -15.14 40.74
CA PHE B 1107 61.61 -14.31 41.87
C PHE B 1107 63.11 -14.49 42.04
N TYR B 1108 63.85 -13.41 42.21
CA TYR B 1108 65.29 -13.51 42.35
C TYR B 1108 65.66 -14.04 43.73
N GLU B 1109 66.20 -15.25 43.77
CA GLU B 1109 66.56 -15.92 45.02
C GLU B 1109 67.66 -16.91 44.72
N PRO B 1110 68.92 -16.47 44.76
CA PRO B 1110 70.04 -17.31 44.33
C PRO B 1110 70.47 -18.35 45.36
N GLN B 1111 70.84 -19.52 44.84
CA GLN B 1111 71.42 -20.59 45.64
C GLN B 1111 72.67 -21.11 44.96
N ILE B 1112 73.51 -21.82 45.72
CA ILE B 1112 74.74 -22.32 45.13
C ILE B 1112 74.42 -23.55 44.27
N ILE B 1113 75.14 -23.67 43.18
CA ILE B 1113 74.94 -24.75 42.21
C ILE B 1113 75.60 -26.02 42.73
N THR B 1114 74.78 -27.02 43.02
CA THR B 1114 75.21 -28.26 43.62
C THR B 1114 74.74 -29.41 42.76
N THR B 1115 75.07 -30.64 43.17
CA THR B 1115 74.65 -31.84 42.47
C THR B 1115 73.23 -32.24 42.81
N ASP B 1116 72.59 -31.56 43.75
CA ASP B 1116 71.22 -31.86 44.13
C ASP B 1116 70.26 -30.90 43.46
N ASN B 1117 70.80 -29.82 42.92
CA ASN B 1117 70.06 -28.78 42.23
C ASN B 1117 70.00 -29.00 40.74
N THR B 1118 70.85 -29.85 40.19
CA THR B 1118 71.04 -29.98 38.76
C THR B 1118 70.93 -31.44 38.38
N PHE B 1119 70.91 -31.68 37.08
CA PHE B 1119 71.04 -33.04 36.57
C PHE B 1119 72.00 -33.02 35.40
N VAL B 1120 72.52 -34.20 35.07
CA VAL B 1120 73.56 -34.36 34.07
C VAL B 1120 72.93 -34.96 32.82
N SER B 1121 73.31 -34.43 31.67
CA SER B 1121 72.89 -35.01 30.40
C SER B 1121 73.83 -34.58 29.31
N GLY B 1122 74.52 -35.53 28.69
CA GLY B 1122 75.42 -35.24 27.59
C GLY B 1122 76.74 -34.63 28.02
N ASN B 1123 77.55 -34.31 27.03
CA ASN B 1123 78.89 -33.80 27.24
C ASN B 1123 78.94 -32.35 26.80
N CYS B 1124 79.98 -31.63 27.22
CA CYS B 1124 80.13 -30.24 26.82
C CYS B 1124 80.76 -30.10 25.44
N ASP B 1125 80.07 -30.60 24.41
CA ASP B 1125 80.51 -30.47 23.04
C ASP B 1125 79.34 -30.15 22.11
N VAL B 1126 78.12 -30.22 22.65
CA VAL B 1126 76.91 -30.03 21.86
C VAL B 1126 76.13 -28.79 22.28
N VAL B 1127 76.37 -28.26 23.46
CA VAL B 1127 75.64 -27.10 23.95
C VAL B 1127 76.37 -25.84 23.52
N ILE B 1128 75.67 -24.94 22.88
CA ILE B 1128 76.22 -23.67 22.41
C ILE B 1128 76.05 -22.65 23.51
N GLY B 1129 77.15 -22.08 23.96
CA GLY B 1129 77.13 -21.10 25.01
C GLY B 1129 77.35 -21.64 26.41
N ILE B 1130 77.80 -22.89 26.54
CA ILE B 1130 78.07 -23.46 27.86
C ILE B 1130 79.34 -22.86 28.43
N VAL B 1131 79.35 -22.70 29.75
CA VAL B 1131 80.40 -21.98 30.45
C VAL B 1131 80.98 -22.86 31.54
N ASN B 1132 82.22 -22.58 31.92
CA ASN B 1132 82.90 -23.29 32.98
C ASN B 1132 82.54 -22.71 34.34
N ASN B 1133 82.27 -23.56 35.30
CA ASN B 1133 82.07 -23.14 36.69
C ASN B 1133 82.28 -24.35 37.56
N THR B 1134 82.13 -24.15 38.87
CA THR B 1134 82.26 -25.21 39.84
C THR B 1134 80.88 -25.61 40.34
N VAL B 1135 80.61 -26.90 40.31
CA VAL B 1135 79.40 -27.48 40.90
C VAL B 1135 79.82 -28.29 42.11
N TYR B 1136 79.31 -27.91 43.27
CA TYR B 1136 79.81 -28.42 44.54
C TYR B 1136 79.06 -29.67 44.94
N ASP B 1137 79.78 -30.68 45.33
CA ASP B 1137 79.31 -31.96 45.82
C ASP B 1137 79.27 -31.95 47.33
N PRO B 1138 78.14 -32.17 47.99
CA PRO B 1138 78.11 -32.10 49.45
C PRO B 1138 78.80 -33.28 50.14
N LEU B 1139 79.01 -34.35 49.37
CA LEU B 1139 79.52 -35.58 49.97
C LEU B 1139 80.94 -35.41 50.47
N GLN B 1140 81.83 -34.84 49.65
CA GLN B 1140 83.24 -34.83 50.02
C GLN B 1140 83.53 -33.98 51.25
N PRO B 1141 82.94 -32.79 51.44
CA PRO B 1141 83.23 -32.04 52.67
C PRO B 1141 82.59 -32.63 53.89
N GLU B 1142 81.62 -33.54 53.72
CA GLU B 1142 81.15 -34.29 54.88
C GLU B 1142 82.17 -35.36 55.25
N LEU B 1143 82.83 -35.93 54.25
CA LEU B 1143 83.85 -36.96 54.49
C LEU B 1143 85.22 -36.38 54.75
N ASP B 1144 85.31 -35.06 54.89
CA ASP B 1144 86.57 -34.35 55.12
C ASP B 1144 87.66 -34.69 54.10
N PRO C 25 6.57 -31.54 -49.66
CA PRO C 25 7.25 -32.19 -48.53
C PRO C 25 8.11 -31.21 -47.75
N PRO C 26 8.23 -31.41 -46.44
CA PRO C 26 9.04 -30.50 -45.63
C PRO C 26 10.52 -30.86 -45.69
N ALA C 27 11.34 -29.94 -45.21
CA ALA C 27 12.78 -30.13 -45.11
C ALA C 27 13.30 -29.22 -44.03
N TYR C 28 13.93 -29.80 -43.01
CA TYR C 28 14.29 -29.07 -41.81
C TYR C 28 15.78 -28.81 -41.78
N THR C 29 16.18 -27.87 -40.92
CA THR C 29 17.59 -27.56 -40.69
C THR C 29 17.75 -27.17 -39.22
N ASN C 30 18.82 -27.65 -38.60
CA ASN C 30 19.13 -27.33 -37.22
C ASN C 30 19.71 -25.92 -37.17
N SER C 31 19.00 -25.02 -36.50
CA SER C 31 19.54 -23.69 -36.20
C SER C 31 20.18 -23.76 -34.83
N PHE C 32 21.49 -23.52 -34.77
CA PHE C 32 22.25 -23.80 -33.56
C PHE C 32 22.12 -22.67 -32.56
N THR C 33 22.67 -21.51 -32.88
CA THR C 33 22.55 -20.33 -32.03
C THR C 33 22.26 -19.17 -32.98
N ARG C 34 20.98 -18.99 -33.31
CA ARG C 34 20.57 -18.01 -34.30
C ARG C 34 19.45 -17.18 -33.73
N GLY C 35 19.30 -15.98 -34.29
CA GLY C 35 18.16 -15.16 -33.95
C GLY C 35 18.20 -14.50 -32.60
N VAL C 36 19.38 -14.33 -32.04
CA VAL C 36 19.54 -13.59 -30.79
C VAL C 36 19.64 -12.12 -31.13
N TYR C 37 18.67 -11.32 -30.67
CA TYR C 37 18.65 -9.91 -31.01
C TYR C 37 18.87 -9.08 -29.77
N TYR C 38 19.16 -7.80 -29.99
CA TYR C 38 19.30 -6.87 -28.89
C TYR C 38 17.92 -6.59 -28.31
N PRO C 39 17.68 -6.85 -27.02
CA PRO C 39 16.33 -6.67 -26.50
C PRO C 39 15.91 -5.23 -26.35
N ASP C 40 16.84 -4.33 -26.02
CA ASP C 40 16.47 -2.94 -25.79
C ASP C 40 17.62 -2.04 -26.21
N LYS C 41 17.29 -0.75 -26.36
CA LYS C 41 18.26 0.24 -26.82
C LYS C 41 18.96 0.85 -25.61
N VAL C 42 19.81 0.03 -25.00
CA VAL C 42 20.53 0.36 -23.78
C VAL C 42 21.95 -0.14 -23.91
N PHE C 43 22.92 0.74 -23.70
CA PHE C 43 24.31 0.33 -23.70
C PHE C 43 24.65 -0.39 -22.41
N ARG C 44 25.38 -1.48 -22.52
CA ARG C 44 25.83 -2.23 -21.35
C ARG C 44 27.26 -2.68 -21.57
N SER C 45 28.09 -2.50 -20.55
CA SER C 45 29.50 -2.88 -20.58
C SER C 45 29.64 -4.37 -20.34
N SER C 46 30.82 -4.85 -19.92
CA SER C 46 31.04 -6.28 -19.77
C SER C 46 30.18 -6.82 -18.63
N VAL C 47 28.99 -7.29 -18.99
CA VAL C 47 27.89 -7.55 -18.06
C VAL C 47 27.11 -8.74 -18.61
N LEU C 48 26.82 -9.71 -17.75
CA LEU C 48 25.94 -10.81 -18.10
C LEU C 48 24.53 -10.45 -17.67
N HIS C 49 23.66 -10.15 -18.62
CA HIS C 49 22.30 -9.71 -18.34
C HIS C 49 21.32 -10.82 -18.66
N SER C 50 20.41 -11.09 -17.72
CA SER C 50 19.43 -12.16 -17.86
C SER C 50 18.09 -11.56 -18.24
N THR C 51 17.65 -11.80 -19.46
CA THR C 51 16.42 -11.23 -19.99
C THR C 51 15.41 -12.33 -20.26
N GLN C 52 14.15 -11.92 -20.43
CA GLN C 52 13.05 -12.85 -20.68
C GLN C 52 12.13 -12.24 -21.71
N ASP C 53 12.14 -12.79 -22.92
CA ASP C 53 11.43 -12.17 -24.03
C ASP C 53 11.19 -13.23 -25.09
N LEU C 54 10.69 -12.84 -26.25
CA LEU C 54 10.45 -13.77 -27.34
C LEU C 54 11.76 -14.03 -28.07
N PHE C 55 12.32 -15.23 -27.91
CA PHE C 55 13.53 -15.61 -28.62
C PHE C 55 13.28 -16.91 -29.36
N LEU C 56 14.00 -17.09 -30.46
CA LEU C 56 14.00 -18.38 -31.14
C LEU C 56 14.86 -19.35 -30.35
N PRO C 57 14.34 -20.53 -29.99
CA PRO C 57 15.06 -21.42 -29.07
C PRO C 57 16.30 -22.03 -29.70
N PHE C 58 17.27 -22.32 -28.85
CA PHE C 58 18.56 -22.82 -29.33
C PHE C 58 18.44 -24.25 -29.82
N PHE C 59 19.24 -24.57 -30.85
CA PHE C 59 19.32 -25.89 -31.46
C PHE C 59 17.97 -26.38 -31.95
N SER C 60 17.22 -25.49 -32.59
CA SER C 60 15.85 -25.79 -33.00
C SER C 60 15.80 -26.26 -34.44
N ASN C 61 14.60 -26.63 -34.87
CA ASN C 61 14.36 -27.08 -36.24
C ASN C 61 13.66 -25.95 -36.98
N VAL C 62 14.40 -25.24 -37.82
CA VAL C 62 13.77 -24.28 -38.70
C VAL C 62 13.42 -25.00 -39.99
N THR C 63 12.46 -24.46 -40.72
CA THR C 63 12.00 -25.11 -41.95
C THR C 63 12.68 -24.45 -43.13
N TRP C 64 13.18 -25.27 -44.04
CA TRP C 64 14.00 -24.82 -45.15
C TRP C 64 13.15 -24.86 -46.42
N PHE C 65 12.47 -23.76 -46.71
CA PHE C 65 11.65 -23.69 -47.90
C PHE C 65 12.49 -23.36 -49.12
N HIS C 66 11.99 -23.78 -50.28
CA HIS C 66 12.62 -23.46 -51.55
C HIS C 66 11.82 -22.46 -52.36
N ALA C 67 10.54 -22.74 -52.60
CA ALA C 67 9.65 -21.95 -53.47
C ALA C 67 10.24 -21.79 -54.87
N ILE C 68 10.86 -22.85 -55.37
CA ILE C 68 11.40 -22.89 -56.73
C ILE C 68 11.54 -24.36 -57.15
N ARG C 76 6.91 -25.66 -60.13
CA ARG C 76 8.16 -25.17 -59.57
C ARG C 76 7.91 -24.11 -58.51
N PHE C 77 7.20 -23.06 -58.92
CA PHE C 77 6.93 -21.93 -58.04
C PHE C 77 5.84 -22.28 -57.05
N ASP C 78 6.19 -22.40 -55.78
CA ASP C 78 5.22 -22.73 -54.73
C ASP C 78 5.69 -22.11 -53.42
N ASN C 79 5.16 -20.92 -53.10
CA ASN C 79 5.44 -20.30 -51.82
C ASN C 79 4.20 -20.31 -50.94
N PRO C 80 4.28 -20.81 -49.73
CA PRO C 80 3.08 -20.99 -48.91
C PRO C 80 2.77 -19.78 -48.05
N VAL C 81 1.55 -19.76 -47.52
CA VAL C 81 1.09 -18.71 -46.61
C VAL C 81 1.21 -19.26 -45.21
N LEU C 82 2.21 -18.84 -44.51
CA LEU C 82 2.55 -19.42 -43.22
C LEU C 82 1.91 -18.64 -42.09
N PRO C 83 1.70 -19.26 -40.94
CA PRO C 83 1.27 -18.51 -39.76
C PRO C 83 2.41 -17.69 -39.16
N PHE C 84 2.05 -16.92 -38.15
CA PHE C 84 2.97 -16.03 -37.45
C PHE C 84 3.18 -16.48 -36.01
N ASN C 85 2.11 -16.50 -35.23
CA ASN C 85 1.88 -17.05 -33.90
C ASN C 85 2.62 -16.38 -32.74
N ASP C 86 3.85 -15.93 -32.96
CA ASP C 86 4.63 -14.99 -32.14
C ASP C 86 5.89 -14.68 -32.93
N GLY C 87 5.95 -13.62 -33.71
CA GLY C 87 7.15 -13.36 -34.50
C GLY C 87 7.58 -14.40 -35.52
N VAL C 88 8.63 -14.09 -36.27
CA VAL C 88 9.21 -14.98 -37.28
C VAL C 88 10.69 -14.65 -37.39
N TYR C 89 11.54 -15.67 -37.29
CA TYR C 89 12.93 -15.56 -37.68
C TYR C 89 13.04 -16.02 -39.12
N PHE C 90 13.62 -15.18 -39.98
CA PHE C 90 13.63 -15.40 -41.42
C PHE C 90 15.06 -15.22 -41.91
N ALA C 91 15.71 -16.31 -42.28
CA ALA C 91 17.06 -16.24 -42.83
C ALA C 91 17.01 -16.53 -44.32
N SER C 92 17.95 -15.96 -45.06
CA SER C 92 17.98 -16.21 -46.49
C SER C 92 19.41 -16.08 -47.00
N THR C 93 19.73 -16.88 -48.02
CA THR C 93 21.06 -16.90 -48.61
C THR C 93 20.88 -16.78 -50.11
N GLU C 94 20.88 -15.55 -50.62
CA GLU C 94 20.63 -15.32 -52.03
C GLU C 94 21.51 -14.18 -52.53
N LYS C 95 22.38 -14.48 -53.49
CA LYS C 95 23.25 -13.45 -54.04
C LYS C 95 22.54 -12.57 -55.06
N SER C 96 21.43 -13.02 -55.63
CA SER C 96 20.62 -12.20 -56.51
C SER C 96 19.61 -11.41 -55.68
N ASN C 97 18.66 -10.77 -56.34
CA ASN C 97 17.60 -10.04 -55.66
C ASN C 97 16.27 -10.66 -56.06
N ILE C 98 15.89 -11.71 -55.35
CA ILE C 98 14.64 -12.41 -55.58
C ILE C 98 13.70 -12.27 -54.38
N ILE C 99 14.18 -12.60 -53.19
CA ILE C 99 13.36 -12.43 -52.00
C ILE C 99 13.28 -10.95 -51.72
N ARG C 100 12.20 -10.33 -52.16
CA ARG C 100 12.12 -8.89 -52.34
C ARG C 100 10.91 -8.34 -51.62
N GLY C 101 10.71 -8.76 -50.37
CA GLY C 101 9.68 -8.18 -49.54
C GLY C 101 8.78 -9.24 -48.94
N TRP C 102 7.81 -8.76 -48.16
CA TRP C 102 6.90 -9.63 -47.42
C TRP C 102 5.49 -9.07 -47.45
N ILE C 103 4.56 -9.93 -47.08
CA ILE C 103 3.14 -9.61 -46.96
C ILE C 103 2.68 -10.14 -45.61
N PHE C 104 2.18 -9.25 -44.75
CA PHE C 104 1.64 -9.63 -43.46
C PHE C 104 0.16 -9.27 -43.42
N GLY C 105 -0.63 -10.04 -42.69
CA GLY C 105 -2.03 -9.70 -42.57
C GLY C 105 -2.76 -10.70 -41.70
N THR C 106 -4.08 -10.61 -41.72
CA THR C 106 -4.90 -11.56 -40.99
C THR C 106 -5.79 -12.40 -41.88
N THR C 107 -6.37 -11.84 -42.93
CA THR C 107 -7.04 -12.64 -43.94
C THR C 107 -6.40 -12.54 -45.31
N LEU C 108 -5.46 -11.60 -45.49
CA LEU C 108 -4.79 -11.31 -46.77
C LEU C 108 -5.82 -10.98 -47.85
N ASP C 109 -6.77 -10.13 -47.51
CA ASP C 109 -7.87 -9.81 -48.39
C ASP C 109 -8.31 -8.38 -48.10
N SER C 110 -9.43 -7.96 -48.68
CA SER C 110 -10.04 -6.68 -48.35
C SER C 110 -10.78 -6.81 -47.03
N LYS C 111 -11.55 -5.77 -46.67
CA LYS C 111 -12.42 -5.66 -45.48
C LYS C 111 -11.69 -5.83 -44.14
N THR C 112 -10.37 -5.94 -44.17
CA THR C 112 -9.49 -5.88 -43.01
C THR C 112 -8.10 -5.52 -43.53
N GLN C 113 -7.35 -4.81 -42.72
CA GLN C 113 -6.12 -4.22 -43.22
C GLN C 113 -4.99 -5.23 -43.21
N SER C 114 -3.94 -4.89 -43.96
CA SER C 114 -2.77 -5.74 -44.09
C SER C 114 -1.57 -4.90 -44.46
N LEU C 115 -0.40 -5.40 -44.11
CA LEU C 115 0.87 -4.72 -44.23
C LEU C 115 1.67 -5.30 -45.40
N LEU C 116 2.39 -4.45 -46.10
CA LEU C 116 3.12 -4.83 -47.29
C LEU C 116 4.49 -4.19 -47.25
N ILE C 117 5.55 -5.00 -47.27
CA ILE C 117 6.92 -4.51 -47.34
C ILE C 117 7.45 -4.86 -48.72
N VAL C 118 7.64 -3.86 -49.56
CA VAL C 118 8.26 -4.08 -50.85
C VAL C 118 9.61 -3.38 -50.82
N ASN C 119 10.52 -3.86 -51.66
CA ASN C 119 11.95 -3.54 -51.51
C ASN C 119 12.53 -3.21 -52.89
N ASN C 120 12.47 -1.95 -53.26
CA ASN C 120 12.98 -1.51 -54.56
C ASN C 120 14.51 -1.52 -54.56
N ALA C 121 15.09 -1.09 -55.67
CA ALA C 121 16.55 -1.09 -55.77
C ALA C 121 17.17 0.05 -54.96
N THR C 122 16.39 1.07 -54.58
CA THR C 122 16.90 2.16 -53.78
C THR C 122 16.23 2.31 -52.42
N ASN C 123 14.97 1.94 -52.27
CA ASN C 123 14.29 2.24 -51.01
C ASN C 123 13.18 1.24 -50.73
N VAL C 124 12.94 1.01 -49.45
CA VAL C 124 11.87 0.16 -48.96
C VAL C 124 10.63 1.02 -48.73
N VAL C 125 9.46 0.51 -49.10
CA VAL C 125 8.20 1.23 -48.94
C VAL C 125 7.25 0.32 -48.17
N ILE C 126 7.08 0.58 -46.89
CA ILE C 126 6.11 -0.15 -46.08
C ILE C 126 4.75 0.53 -46.21
N LYS C 127 3.70 -0.26 -46.42
CA LYS C 127 2.38 0.29 -46.69
C LYS C 127 1.32 -0.58 -46.05
N VAL C 128 0.44 0.01 -45.25
CA VAL C 128 -0.54 -0.76 -44.48
C VAL C 128 -1.92 -0.36 -45.02
N CYS C 129 -2.36 -1.03 -46.09
CA CYS C 129 -3.66 -0.72 -46.68
C CYS C 129 -4.55 -1.94 -46.85
N GLU C 130 -5.80 -1.72 -47.20
CA GLU C 130 -6.76 -2.82 -47.39
C GLU C 130 -6.51 -3.41 -48.78
N PHE C 131 -5.45 -4.21 -48.88
CA PHE C 131 -5.05 -4.79 -50.15
C PHE C 131 -5.93 -5.97 -50.51
N GLN C 132 -6.43 -5.99 -51.73
CA GLN C 132 -7.08 -7.17 -52.29
C GLN C 132 -5.96 -8.01 -52.89
N PHE C 133 -5.38 -8.87 -52.05
CA PHE C 133 -4.21 -9.64 -52.46
C PHE C 133 -4.60 -10.74 -53.42
N CYS C 134 -3.76 -10.96 -54.43
CA CYS C 134 -4.01 -11.99 -55.42
C CYS C 134 -3.69 -13.37 -54.84
N ASN C 135 -3.91 -14.41 -55.64
CA ASN C 135 -3.68 -15.76 -55.17
C ASN C 135 -2.20 -16.09 -55.10
N ASP C 136 -1.47 -15.90 -56.21
CA ASP C 136 -0.03 -16.08 -56.27
C ASP C 136 0.61 -14.70 -56.44
N PRO C 137 1.01 -14.03 -55.37
CA PRO C 137 1.56 -12.68 -55.51
C PRO C 137 3.03 -12.71 -55.89
N PHE C 138 3.39 -11.89 -56.87
CA PHE C 138 4.77 -11.71 -57.26
C PHE C 138 4.92 -10.33 -57.88
N LEU C 139 6.13 -9.80 -57.78
CA LEU C 139 6.47 -8.61 -58.53
C LEU C 139 6.77 -9.00 -59.98
N ASP C 140 6.81 -8.01 -60.87
CA ASP C 140 7.03 -8.29 -62.28
C ASP C 140 8.02 -7.29 -62.84
N VAL C 141 9.25 -7.75 -63.10
CA VAL C 141 10.32 -6.90 -63.59
C VAL C 141 10.46 -7.12 -65.09
N TYR C 142 10.98 -6.12 -65.80
CA TYR C 142 11.27 -6.21 -67.23
C TYR C 142 12.28 -7.31 -67.57
N MET C 151 11.72 -1.16 -66.05
CA MET C 151 10.33 -1.43 -65.72
C MET C 151 10.23 -2.34 -64.53
N GLU C 152 9.39 -1.97 -63.57
CA GLU C 152 9.15 -2.79 -62.38
C GLU C 152 7.73 -2.51 -61.91
N SER C 153 6.81 -3.45 -62.16
CA SER C 153 5.40 -3.20 -61.93
C SER C 153 4.95 -3.77 -60.59
N GLU C 154 3.70 -3.51 -60.25
CA GLU C 154 3.14 -3.90 -58.96
C GLU C 154 1.76 -4.52 -59.06
N PHE C 155 1.14 -4.53 -60.23
CA PHE C 155 -0.26 -4.90 -60.37
C PHE C 155 -0.51 -6.39 -60.33
N ARG C 156 0.54 -7.22 -60.28
CA ARG C 156 0.38 -8.65 -60.11
C ARG C 156 0.39 -9.07 -58.65
N VAL C 157 0.64 -8.15 -57.73
CA VAL C 157 0.57 -8.46 -56.31
C VAL C 157 -0.85 -8.33 -55.80
N TYR C 158 -1.45 -7.15 -55.96
CA TYR C 158 -2.79 -6.88 -55.46
C TYR C 158 -3.62 -6.20 -56.55
N SER C 159 -4.86 -5.86 -56.20
CA SER C 159 -5.73 -5.18 -57.14
C SER C 159 -6.59 -4.08 -56.49
N SER C 160 -6.32 -3.71 -55.25
CA SER C 160 -7.05 -2.64 -54.58
C SER C 160 -6.17 -2.09 -53.48
N ALA C 161 -6.20 -0.77 -53.31
CA ALA C 161 -5.33 -0.11 -52.33
C ALA C 161 -6.12 0.95 -51.57
N ASN C 162 -7.28 0.56 -51.06
CA ASN C 162 -8.17 1.52 -50.42
C ASN C 162 -7.78 1.76 -48.97
N ASN C 163 -7.62 3.03 -48.61
CA ASN C 163 -7.59 3.53 -47.24
C ASN C 163 -6.42 2.97 -46.42
N CYS C 164 -5.22 3.35 -46.82
CA CYS C 164 -4.05 3.18 -45.97
C CYS C 164 -3.74 4.39 -45.10
N THR C 165 -3.42 4.08 -43.85
CA THR C 165 -3.16 5.05 -42.80
C THR C 165 -1.70 5.08 -42.38
N PHE C 166 -0.81 4.47 -43.15
CA PHE C 166 0.60 4.45 -42.79
C PHE C 166 1.45 4.28 -44.03
N GLU C 167 2.45 5.15 -44.20
CA GLU C 167 3.43 5.04 -45.26
C GLU C 167 4.81 5.29 -44.66
N TYR C 168 5.83 4.73 -45.29
CA TYR C 168 7.17 4.80 -44.75
C TYR C 168 8.16 4.57 -45.89
N VAL C 169 9.26 5.32 -45.89
CA VAL C 169 10.33 5.16 -46.88
C VAL C 169 11.66 5.26 -46.15
N SER C 170 12.45 4.20 -46.20
CA SER C 170 13.84 4.18 -45.75
C SER C 170 14.70 3.65 -46.88
N GLN C 171 16.01 3.93 -46.82
CA GLN C 171 16.83 3.53 -47.96
C GLN C 171 17.15 2.03 -48.04
N PRO C 172 17.99 1.44 -47.14
CA PRO C 172 18.58 0.14 -47.53
C PRO C 172 17.68 -1.09 -47.45
N PHE C 173 17.44 -1.54 -46.21
CA PHE C 173 16.60 -2.66 -45.77
C PHE C 173 17.05 -4.04 -46.26
N LEU C 174 18.01 -4.12 -47.18
CA LEU C 174 18.34 -5.37 -47.85
C LEU C 174 19.62 -5.15 -48.63
N MET C 175 20.50 -6.15 -48.62
CA MET C 175 21.86 -6.07 -49.17
C MET C 175 22.67 -4.92 -48.57
N ASP C 176 22.38 -4.62 -47.28
CA ASP C 176 22.91 -3.49 -46.52
C ASP C 176 22.75 -2.15 -47.25
N PHE C 184 32.09 -15.28 -49.70
CA PHE C 184 31.40 -15.67 -50.91
C PHE C 184 29.95 -15.25 -50.86
N LYS C 185 29.08 -16.14 -50.37
CA LYS C 185 27.68 -15.81 -50.21
C LYS C 185 27.49 -15.03 -48.90
N ASN C 186 26.28 -14.49 -48.73
CA ASN C 186 25.98 -13.65 -47.59
C ASN C 186 24.64 -14.05 -46.99
N LEU C 187 24.64 -14.35 -45.70
CA LEU C 187 23.40 -14.68 -45.01
C LEU C 187 22.73 -13.40 -44.55
N ARG C 188 21.42 -13.33 -44.70
CA ARG C 188 20.65 -12.17 -44.24
C ARG C 188 19.57 -12.67 -43.32
N GLU C 189 19.56 -12.19 -42.08
CA GLU C 189 18.64 -12.67 -41.08
C GLU C 189 17.76 -11.52 -40.61
N PHE C 190 16.47 -11.81 -40.46
CA PHE C 190 15.48 -10.86 -39.98
C PHE C 190 14.67 -11.51 -38.88
N VAL C 191 14.16 -10.68 -37.97
CA VAL C 191 13.18 -11.13 -36.98
C VAL C 191 12.06 -10.11 -36.96
N PHE C 192 10.85 -10.56 -37.24
CA PHE C 192 9.68 -9.71 -37.18
C PHE C 192 8.88 -10.09 -35.93
N LYS C 193 8.48 -9.08 -35.16
CA LYS C 193 7.52 -9.37 -34.10
C LYS C 193 6.63 -8.16 -33.89
N ASN C 194 5.35 -8.43 -33.71
CA ASN C 194 4.32 -7.40 -33.60
C ASN C 194 3.78 -7.45 -32.18
N ILE C 195 4.03 -6.39 -31.42
CA ILE C 195 3.61 -6.32 -30.02
C ILE C 195 3.04 -4.94 -29.73
N ASP C 196 1.82 -4.91 -29.20
CA ASP C 196 1.13 -3.70 -28.73
C ASP C 196 0.97 -2.66 -29.84
N GLY C 197 0.64 -3.13 -31.04
CA GLY C 197 0.51 -2.24 -32.17
C GLY C 197 1.81 -1.75 -32.75
N TYR C 198 2.93 -2.26 -32.27
CA TYR C 198 4.24 -1.85 -32.78
C TYR C 198 5.01 -2.97 -33.47
N PHE C 199 5.17 -2.85 -34.79
CA PHE C 199 5.90 -3.82 -35.57
C PHE C 199 7.38 -3.57 -35.40
N LYS C 200 8.13 -4.60 -35.04
CA LYS C 200 9.56 -4.47 -34.80
C LYS C 200 10.30 -5.42 -35.73
N ILE C 201 11.17 -4.86 -36.56
CA ILE C 201 11.98 -5.63 -37.50
C ILE C 201 13.43 -5.50 -37.07
N TYR C 202 14.08 -6.62 -36.82
CA TYR C 202 15.49 -6.68 -36.48
C TYR C 202 16.23 -7.34 -37.63
N SER C 203 17.44 -6.88 -37.94
CA SER C 203 18.09 -7.37 -39.14
C SER C 203 19.60 -7.42 -38.97
N LYS C 204 20.23 -8.36 -39.67
CA LYS C 204 21.68 -8.49 -39.66
C LYS C 204 22.13 -9.22 -40.91
N HIS C 205 23.07 -8.62 -41.64
CA HIS C 205 23.57 -9.17 -42.88
C HIS C 205 25.04 -9.50 -42.69
N THR C 206 25.38 -10.80 -42.78
CA THR C 206 26.74 -11.21 -42.49
C THR C 206 27.34 -12.06 -43.62
N PRO C 207 28.58 -11.81 -43.99
CA PRO C 207 29.25 -12.64 -44.99
C PRO C 207 29.74 -13.94 -44.36
N ILE C 208 29.38 -15.07 -44.99
CA ILE C 208 29.74 -16.38 -44.48
C ILE C 208 30.43 -17.19 -45.57
N ASN C 209 31.19 -18.18 -45.15
CA ASN C 209 31.79 -19.14 -46.05
C ASN C 209 30.79 -20.22 -46.42
N LEU C 210 31.25 -21.18 -47.23
CA LEU C 210 30.37 -22.25 -47.68
C LEU C 210 30.15 -23.26 -46.56
N GLY C 211 28.89 -23.43 -46.17
CA GLY C 211 28.52 -24.34 -45.11
C GLY C 211 27.09 -24.82 -45.22
N ARG C 212 26.41 -24.95 -44.09
CA ARG C 212 25.03 -25.42 -44.06
C ARG C 212 24.02 -24.30 -44.21
N ASP C 213 24.46 -23.10 -44.58
CA ASP C 213 23.69 -21.85 -44.75
C ASP C 213 23.09 -21.33 -43.46
N LEU C 214 23.35 -21.99 -42.34
CA LEU C 214 23.03 -21.49 -41.00
C LEU C 214 24.24 -21.86 -40.16
N PRO C 215 25.30 -21.05 -40.21
CA PRO C 215 26.61 -21.52 -39.76
C PRO C 215 26.73 -21.56 -38.25
N GLN C 216 27.69 -22.38 -37.81
CA GLN C 216 28.02 -22.51 -36.40
C GLN C 216 28.77 -21.27 -35.96
N GLY C 217 28.10 -20.39 -35.24
CA GLY C 217 28.72 -19.16 -34.80
C GLY C 217 27.71 -18.33 -34.04
N PHE C 218 27.98 -17.03 -33.96
CA PHE C 218 27.09 -16.15 -33.23
C PHE C 218 27.16 -14.76 -33.81
N SER C 219 25.98 -14.15 -33.98
CA SER C 219 25.88 -12.77 -34.48
C SER C 219 24.57 -12.19 -34.00
N ALA C 220 24.65 -11.10 -33.25
CA ALA C 220 23.45 -10.48 -32.70
C ALA C 220 22.76 -9.64 -33.76
N LEU C 221 21.43 -9.56 -33.65
CA LEU C 221 20.61 -8.84 -34.62
C LEU C 221 20.29 -7.45 -34.07
N GLU C 222 20.61 -6.42 -34.84
CA GLU C 222 20.42 -5.04 -34.42
C GLU C 222 19.14 -4.47 -35.01
N PRO C 223 18.40 -3.64 -34.28
CA PRO C 223 17.07 -3.22 -34.76
C PRO C 223 17.14 -2.27 -35.93
N LEU C 224 16.08 -2.32 -36.75
CA LEU C 224 16.03 -1.57 -37.99
C LEU C 224 14.94 -0.50 -37.97
N VAL C 225 13.68 -0.87 -37.81
CA VAL C 225 12.57 0.06 -37.75
C VAL C 225 11.69 -0.29 -36.56
N ASP C 226 10.71 0.58 -36.31
CA ASP C 226 9.77 0.39 -35.21
C ASP C 226 8.50 1.11 -35.62
N LEU C 227 7.55 0.38 -36.15
CA LEU C 227 6.43 0.99 -36.84
C LEU C 227 5.19 1.01 -35.96
N PRO C 228 4.55 2.15 -35.78
CA PRO C 228 3.23 2.21 -35.11
C PRO C 228 2.06 1.91 -36.05
N ILE C 229 1.76 0.63 -36.23
CA ILE C 229 0.75 0.23 -37.21
C ILE C 229 -0.63 0.03 -36.56
N GLY C 230 -0.70 -0.63 -35.41
CA GLY C 230 -1.98 -0.96 -34.81
C GLY C 230 -2.79 -2.00 -35.56
N ILE C 231 -2.18 -3.14 -35.88
CA ILE C 231 -2.77 -4.14 -36.76
C ILE C 231 -2.62 -5.52 -36.14
N ASN C 232 -3.70 -6.29 -36.14
CA ASN C 232 -3.63 -7.72 -35.84
C ASN C 232 -2.94 -8.45 -36.99
N ILE C 233 -1.86 -9.17 -36.69
CA ILE C 233 -1.10 -9.90 -37.70
C ILE C 233 -1.03 -11.35 -37.28
N THR C 234 -1.51 -12.24 -38.14
CA THR C 234 -1.41 -13.67 -37.86
C THR C 234 -0.98 -14.55 -39.03
N ARG C 235 -0.99 -14.01 -40.25
CA ARG C 235 -0.56 -14.77 -41.42
C ARG C 235 0.42 -13.95 -42.25
N PHE C 236 1.36 -14.61 -42.93
CA PHE C 236 2.32 -13.89 -43.73
C PHE C 236 2.82 -14.79 -44.84
N GLN C 237 3.31 -14.17 -45.90
CA GLN C 237 4.04 -14.90 -46.94
C GLN C 237 5.05 -13.95 -47.56
N THR C 238 5.86 -14.46 -48.48
CA THR C 238 6.95 -13.70 -49.04
C THR C 238 6.68 -13.32 -50.49
N LEU C 239 7.08 -12.11 -50.85
CA LEU C 239 7.02 -11.65 -52.23
C LEU C 239 8.25 -12.15 -52.98
N LEU C 240 8.13 -12.20 -54.30
CA LEU C 240 9.24 -12.57 -55.17
C LEU C 240 9.19 -11.66 -56.40
N ALA C 241 10.24 -11.75 -57.20
CA ALA C 241 10.27 -11.11 -58.52
C ALA C 241 10.50 -12.19 -59.57
N LEU C 242 9.87 -12.03 -60.73
CA LEU C 242 9.89 -13.10 -61.71
C LEU C 242 10.43 -12.74 -63.08
N HIS C 243 10.89 -11.51 -63.31
CA HIS C 243 11.63 -11.05 -64.48
C HIS C 243 10.90 -11.17 -65.81
N ARG C 244 9.61 -11.50 -65.81
CA ARG C 244 8.79 -11.83 -66.99
C ARG C 244 9.44 -12.87 -67.91
N TRP C 256 7.01 -16.60 -64.24
CA TRP C 256 7.41 -17.23 -65.49
C TRP C 256 8.71 -18.01 -65.31
N THR C 257 9.81 -17.28 -65.15
CA THR C 257 11.12 -17.89 -64.98
C THR C 257 11.88 -17.16 -63.88
N ALA C 258 12.37 -17.92 -62.90
CA ALA C 258 13.13 -17.36 -61.79
C ALA C 258 14.41 -18.17 -61.62
N GLY C 259 15.15 -17.86 -60.56
CA GLY C 259 16.41 -18.52 -60.31
C GLY C 259 16.28 -19.69 -59.37
N ALA C 260 16.74 -19.53 -58.13
CA ALA C 260 16.67 -20.58 -57.13
C ALA C 260 16.60 -19.93 -55.76
N ALA C 261 15.39 -19.83 -55.21
CA ALA C 261 15.20 -19.24 -53.90
C ALA C 261 15.30 -20.32 -52.82
N ALA C 262 15.56 -19.87 -51.60
CA ALA C 262 15.64 -20.73 -50.42
C ALA C 262 15.57 -19.83 -49.20
N TYR C 263 14.62 -20.07 -48.31
CA TYR C 263 14.57 -19.27 -47.10
C TYR C 263 14.22 -20.16 -45.92
N TYR C 264 14.73 -19.76 -44.75
CA TYR C 264 14.62 -20.54 -43.54
C TYR C 264 13.70 -19.80 -42.59
N VAL C 265 12.65 -20.48 -42.13
CA VAL C 265 11.64 -19.86 -41.28
C VAL C 265 11.61 -20.59 -39.95
N GLY C 266 11.74 -19.84 -38.86
CA GLY C 266 11.58 -20.39 -37.53
C GLY C 266 10.71 -19.47 -36.70
N TYR C 267 10.16 -20.02 -35.62
CA TYR C 267 9.16 -19.30 -34.84
C TYR C 267 9.69 -18.99 -33.44
N LEU C 268 9.40 -17.78 -32.99
CA LEU C 268 9.86 -17.29 -31.70
C LEU C 268 8.97 -17.81 -30.60
N GLN C 269 9.57 -18.05 -29.43
CA GLN C 269 8.85 -18.53 -28.25
C GLN C 269 9.30 -17.73 -27.04
N PRO C 270 8.45 -17.60 -26.02
CA PRO C 270 8.88 -16.87 -24.82
C PRO C 270 9.92 -17.64 -24.01
N ARG C 271 11.17 -17.17 -24.07
CA ARG C 271 12.29 -17.84 -23.42
C ARG C 271 13.07 -16.86 -22.58
N THR C 272 13.83 -17.41 -21.63
CA THR C 272 14.74 -16.66 -20.79
C THR C 272 16.15 -16.89 -21.30
N PHE C 273 16.85 -15.81 -21.61
CA PHE C 273 18.20 -15.88 -22.12
C PHE C 273 19.14 -15.19 -21.15
N LEU C 274 20.41 -15.53 -21.23
CA LEU C 274 21.47 -14.85 -20.49
C LEU C 274 22.47 -14.38 -21.54
N LEU C 275 22.48 -13.07 -21.82
CA LEU C 275 23.32 -12.49 -22.84
C LEU C 275 24.57 -11.91 -22.18
N LYS C 276 25.68 -11.93 -22.90
CA LYS C 276 26.96 -11.47 -22.35
C LYS C 276 27.47 -10.33 -23.18
N TYR C 277 27.43 -9.12 -22.64
CA TYR C 277 27.93 -7.96 -23.36
C TYR C 277 29.39 -7.72 -23.00
N ASN C 278 30.22 -7.56 -24.03
CA ASN C 278 31.64 -7.34 -23.81
C ASN C 278 31.89 -5.86 -23.57
N GLU C 279 33.13 -5.41 -23.74
CA GLU C 279 33.49 -4.03 -23.42
C GLU C 279 32.78 -3.04 -24.33
N ASN C 280 32.69 -3.34 -25.61
CA ASN C 280 32.16 -2.36 -26.55
C ASN C 280 30.64 -2.40 -26.65
N GLY C 281 29.96 -3.13 -25.79
CA GLY C 281 28.52 -3.16 -25.81
C GLY C 281 27.90 -4.12 -26.80
N THR C 282 28.70 -4.98 -27.42
CA THR C 282 28.20 -5.98 -28.35
C THR C 282 27.90 -7.27 -27.63
N ILE C 283 26.98 -8.05 -28.16
CA ILE C 283 26.68 -9.37 -27.61
C ILE C 283 27.59 -10.38 -28.28
N THR C 284 28.34 -11.13 -27.48
CA THR C 284 29.21 -12.18 -28.00
C THR C 284 28.74 -13.58 -27.70
N ASP C 285 27.93 -13.78 -26.67
CA ASP C 285 27.48 -15.11 -26.30
C ASP C 285 26.17 -15.02 -25.55
N ALA C 286 25.42 -16.12 -25.57
CA ALA C 286 24.13 -16.19 -24.91
C ALA C 286 23.88 -17.62 -24.48
N VAL C 287 23.08 -17.79 -23.43
CA VAL C 287 22.77 -19.10 -22.88
C VAL C 287 21.25 -19.19 -22.71
N ASP C 288 20.65 -20.22 -23.29
CA ASP C 288 19.22 -20.46 -23.22
C ASP C 288 18.87 -21.26 -21.98
N CYS C 289 18.13 -20.66 -21.06
CA CYS C 289 17.97 -21.21 -19.71
C CYS C 289 16.94 -22.34 -19.62
N ALA C 290 16.67 -23.00 -20.72
CA ALA C 290 15.72 -24.10 -20.74
C ALA C 290 16.23 -25.21 -21.62
N LEU C 291 17.47 -25.09 -22.06
CA LEU C 291 18.04 -26.13 -22.89
C LEU C 291 18.32 -27.25 -21.92
N ASP C 292 19.49 -27.89 -22.04
CA ASP C 292 19.88 -28.98 -21.17
C ASP C 292 20.07 -28.48 -19.75
N PRO C 293 21.04 -29.07 -19.06
CA PRO C 293 21.33 -28.71 -17.66
C PRO C 293 22.53 -27.83 -17.35
N LEU C 294 23.60 -27.78 -18.16
CA LEU C 294 24.70 -26.92 -17.73
C LEU C 294 24.44 -25.46 -18.08
N SER C 295 23.77 -25.20 -19.20
CA SER C 295 23.43 -23.83 -19.53
C SER C 295 22.35 -23.28 -18.60
N GLU C 296 21.45 -24.15 -18.13
CA GLU C 296 20.49 -23.74 -17.12
C GLU C 296 21.18 -23.44 -15.80
N THR C 297 22.22 -24.21 -15.46
CA THR C 297 23.00 -23.92 -14.25
C THR C 297 23.76 -22.61 -14.36
N LYS C 298 24.36 -22.34 -15.53
CA LYS C 298 25.07 -21.09 -15.74
C LYS C 298 24.12 -19.89 -15.72
N CYS C 299 22.89 -20.06 -16.17
CA CYS C 299 21.93 -18.98 -16.07
C CYS C 299 21.34 -18.83 -14.67
N THR C 300 21.36 -19.89 -13.87
CA THR C 300 20.94 -19.75 -12.47
C THR C 300 21.99 -19.02 -11.65
N LEU C 301 23.27 -19.38 -11.83
CA LEU C 301 24.33 -18.74 -11.07
C LEU C 301 24.62 -17.32 -11.50
N LYS C 302 24.19 -16.93 -12.71
CA LYS C 302 24.61 -15.72 -13.42
C LYS C 302 26.14 -15.64 -13.50
N SER C 303 26.71 -16.69 -14.09
CA SER C 303 28.14 -16.76 -14.32
C SER C 303 28.39 -17.67 -15.50
N PHE C 304 29.64 -17.71 -15.96
CA PHE C 304 30.03 -18.63 -17.02
C PHE C 304 30.95 -19.73 -16.56
N THR C 305 31.35 -19.73 -15.28
CA THR C 305 32.19 -20.77 -14.72
C THR C 305 31.45 -21.39 -13.54
N VAL C 306 31.27 -22.70 -13.59
CA VAL C 306 30.55 -23.43 -12.55
C VAL C 306 31.52 -24.37 -11.87
N GLU C 307 31.84 -24.10 -10.62
CA GLU C 307 32.73 -24.98 -9.88
C GLU C 307 31.99 -26.23 -9.45
N LYS C 308 32.76 -27.20 -8.99
CA LYS C 308 32.17 -28.46 -8.69
C LYS C 308 31.22 -28.51 -7.53
N GLY C 309 30.08 -29.12 -7.79
CA GLY C 309 29.10 -29.41 -6.75
C GLY C 309 27.69 -29.43 -7.30
N ILE C 310 26.77 -29.92 -6.46
CA ILE C 310 25.36 -29.93 -6.81
C ILE C 310 24.83 -28.51 -6.80
N TYR C 311 24.15 -28.08 -7.84
CA TYR C 311 23.65 -26.73 -7.83
C TYR C 311 22.17 -26.78 -7.95
N GLN C 312 21.46 -26.78 -6.83
CA GLN C 312 20.01 -26.83 -6.85
C GLN C 312 19.41 -25.90 -7.88
N THR C 313 19.46 -26.31 -9.15
CA THR C 313 18.93 -25.51 -10.24
C THR C 313 17.42 -25.34 -10.15
N SER C 314 16.70 -25.65 -11.22
CA SER C 314 15.26 -25.50 -11.29
C SER C 314 14.49 -26.34 -10.27
N ASN C 315 13.39 -26.92 -10.71
CA ASN C 315 12.55 -27.74 -9.87
C ASN C 315 11.74 -28.53 -10.88
N PHE C 316 10.77 -29.31 -10.41
CA PHE C 316 9.97 -30.08 -11.36
C PHE C 316 8.67 -30.56 -10.77
N ARG C 317 7.84 -31.19 -11.58
CA ARG C 317 6.56 -31.69 -11.12
C ARG C 317 5.73 -32.15 -12.30
N VAL C 318 5.53 -33.46 -12.39
CA VAL C 318 4.76 -34.06 -13.47
C VAL C 318 3.57 -33.18 -13.81
N GLN C 319 2.95 -33.43 -14.96
CA GLN C 319 1.81 -32.62 -15.42
C GLN C 319 0.47 -33.32 -15.57
N PRO C 320 -0.63 -32.54 -15.27
CA PRO C 320 -1.92 -33.23 -15.41
C PRO C 320 -2.10 -33.85 -16.78
N THR C 321 -2.12 -35.17 -16.82
CA THR C 321 -2.29 -35.90 -18.07
C THR C 321 -3.57 -35.53 -18.83
N GLU C 322 -4.70 -36.11 -18.41
CA GLU C 322 -5.99 -35.84 -19.05
C GLU C 322 -6.84 -34.88 -18.22
N SER C 323 -8.12 -35.20 -18.03
CA SER C 323 -8.99 -34.34 -17.24
C SER C 323 -10.46 -34.77 -17.20
N ILE C 324 -10.89 -35.26 -16.05
CA ILE C 324 -12.28 -35.68 -15.86
C ILE C 324 -13.10 -34.55 -15.31
N VAL C 325 -14.40 -34.75 -15.22
CA VAL C 325 -15.31 -33.75 -14.69
C VAL C 325 -16.60 -34.40 -14.24
N ARG C 326 -16.59 -34.97 -13.04
CA ARG C 326 -17.76 -35.60 -12.50
C ARG C 326 -18.59 -34.47 -11.95
N PHE C 327 -19.78 -34.27 -12.50
CA PHE C 327 -20.67 -33.19 -12.09
C PHE C 327 -22.00 -33.68 -11.54
N PRO C 328 -22.99 -32.82 -11.50
CA PRO C 328 -24.33 -33.19 -10.99
C PRO C 328 -24.89 -34.37 -11.76
N ASN C 329 -26.09 -34.82 -11.39
CA ASN C 329 -26.73 -35.93 -12.08
C ASN C 329 -27.43 -35.47 -13.35
N ILE C 330 -28.23 -34.41 -13.23
CA ILE C 330 -28.96 -33.85 -14.37
C ILE C 330 -30.10 -32.92 -13.96
N THR C 331 -31.24 -33.53 -13.64
CA THR C 331 -32.43 -32.77 -13.26
C THR C 331 -33.04 -31.87 -14.32
N ASN C 332 -34.20 -31.32 -13.97
CA ASN C 332 -34.96 -30.44 -14.84
C ASN C 332 -34.19 -29.28 -15.45
N LEU C 333 -34.48 -28.07 -14.96
CA LEU C 333 -33.82 -26.88 -15.49
C LEU C 333 -34.01 -25.62 -14.64
N CYS C 334 -34.80 -25.68 -13.58
CA CYS C 334 -35.03 -24.48 -12.79
C CYS C 334 -35.44 -23.44 -13.80
N PRO C 335 -36.80 -23.20 -13.91
CA PRO C 335 -37.18 -22.22 -14.94
C PRO C 335 -36.94 -20.76 -14.61
N PHE C 336 -35.89 -20.18 -15.20
CA PHE C 336 -35.59 -18.77 -15.01
C PHE C 336 -36.64 -17.87 -15.60
N ASP C 337 -37.44 -18.36 -16.55
CA ASP C 337 -38.49 -17.55 -17.16
C ASP C 337 -39.67 -17.30 -16.24
N GLU C 338 -39.73 -17.96 -15.08
CA GLU C 338 -40.73 -17.58 -14.09
C GLU C 338 -40.43 -16.20 -13.53
N VAL C 339 -39.16 -15.91 -13.25
CA VAL C 339 -38.79 -14.63 -12.67
C VAL C 339 -38.45 -13.60 -13.73
N PHE C 340 -38.12 -14.01 -14.96
CA PHE C 340 -37.70 -13.09 -16.00
C PHE C 340 -38.80 -12.79 -17.00
N ASN C 341 -39.94 -13.47 -16.90
CA ASN C 341 -41.02 -13.27 -17.87
C ASN C 341 -42.38 -13.26 -17.19
N ALA C 342 -42.46 -12.86 -15.93
CA ALA C 342 -43.73 -12.74 -15.25
C ALA C 342 -44.53 -11.58 -15.83
N THR C 343 -45.86 -11.71 -15.79
CA THR C 343 -46.72 -10.68 -16.35
C THR C 343 -46.68 -9.40 -15.52
N ARG C 344 -46.50 -9.53 -14.20
CA ARG C 344 -46.45 -8.35 -13.35
C ARG C 344 -45.40 -8.43 -12.25
N PHE C 345 -44.56 -7.39 -12.15
CA PHE C 345 -43.52 -7.34 -11.14
C PHE C 345 -44.05 -6.55 -9.95
N ALA C 346 -43.68 -6.98 -8.76
CA ALA C 346 -44.07 -6.26 -7.56
C ALA C 346 -43.21 -5.02 -7.40
N SER C 347 -43.74 -4.03 -6.69
CA SER C 347 -42.98 -2.81 -6.50
C SER C 347 -41.86 -3.02 -5.48
N VAL C 348 -41.01 -2.00 -5.34
CA VAL C 348 -39.75 -2.19 -4.64
C VAL C 348 -39.92 -2.24 -3.12
N TYR C 349 -41.05 -1.79 -2.58
CA TYR C 349 -41.22 -1.85 -1.13
C TYR C 349 -41.54 -3.25 -0.66
N ALA C 350 -42.16 -4.08 -1.52
CA ALA C 350 -42.46 -5.48 -1.21
C ALA C 350 -41.97 -6.29 -2.41
N TRP C 351 -40.69 -6.62 -2.39
CA TRP C 351 -40.02 -7.15 -3.57
C TRP C 351 -40.14 -8.66 -3.64
N ASN C 352 -40.28 -9.18 -4.87
CA ASN C 352 -40.54 -10.60 -5.04
C ASN C 352 -39.27 -11.41 -4.80
N ARG C 353 -39.37 -12.43 -3.97
CA ARG C 353 -38.25 -13.27 -3.60
C ARG C 353 -38.54 -14.71 -4.00
N LYS C 354 -37.52 -15.41 -4.48
CA LYS C 354 -37.67 -16.82 -4.83
C LYS C 354 -36.36 -17.55 -4.57
N ARG C 355 -36.47 -18.73 -3.97
CA ARG C 355 -35.34 -19.61 -3.72
C ARG C 355 -35.33 -20.58 -4.91
N ILE C 356 -34.15 -20.92 -5.41
CA ILE C 356 -34.03 -21.81 -6.56
C ILE C 356 -33.55 -23.17 -6.07
N SER C 357 -34.30 -24.22 -6.42
CA SER C 357 -33.96 -25.59 -6.06
C SER C 357 -32.94 -26.15 -7.04
N ASN C 358 -32.56 -27.40 -6.82
CA ASN C 358 -31.48 -28.03 -7.59
C ASN C 358 -31.93 -28.35 -9.01
N CYS C 359 -31.06 -28.10 -9.96
CA CYS C 359 -31.38 -28.16 -11.38
C CYS C 359 -30.07 -28.15 -12.16
N VAL C 360 -30.16 -28.11 -13.50
CA VAL C 360 -29.04 -27.71 -14.36
C VAL C 360 -29.35 -26.33 -14.92
N ALA C 361 -28.42 -25.40 -14.72
CA ALA C 361 -28.71 -23.98 -14.90
C ALA C 361 -28.02 -23.48 -16.17
N ASP C 362 -28.72 -23.55 -17.30
CA ASP C 362 -28.18 -23.07 -18.56
C ASP C 362 -28.29 -21.55 -18.61
N TYR C 363 -27.17 -20.85 -18.59
CA TYR C 363 -27.31 -19.42 -18.64
C TYR C 363 -27.32 -18.93 -19.99
N SER C 364 -27.49 -19.81 -20.95
CA SER C 364 -27.56 -19.38 -22.32
C SER C 364 -28.79 -18.48 -22.35
N VAL C 365 -29.89 -18.98 -21.78
CA VAL C 365 -31.09 -18.18 -21.70
C VAL C 365 -30.66 -17.18 -20.68
N LEU C 366 -31.32 -16.03 -20.64
CA LEU C 366 -30.95 -14.92 -19.75
C LEU C 366 -29.88 -14.12 -20.46
N TYR C 367 -29.83 -14.22 -21.78
CA TYR C 367 -28.81 -13.53 -22.50
C TYR C 367 -29.44 -13.14 -23.74
N ASN C 368 -30.47 -13.88 -23.99
CA ASN C 368 -31.37 -13.74 -25.13
C ASN C 368 -32.61 -12.92 -24.78
N PHE C 369 -32.43 -11.85 -24.01
CA PHE C 369 -33.55 -11.06 -23.54
C PHE C 369 -33.58 -9.64 -24.09
N ALA C 370 -32.53 -8.85 -23.89
CA ALA C 370 -32.66 -7.41 -24.02
C ALA C 370 -31.29 -6.82 -24.31
N PRO C 371 -31.22 -5.53 -24.68
CA PRO C 371 -29.91 -4.86 -24.75
C PRO C 371 -29.26 -4.57 -23.40
N PHE C 372 -29.93 -4.84 -22.28
CA PHE C 372 -29.31 -5.03 -20.96
C PHE C 372 -28.55 -3.79 -20.49
N PHE C 373 -29.33 -2.77 -20.11
CA PHE C 373 -28.77 -1.50 -19.63
C PHE C 373 -27.81 -1.65 -18.46
N ALA C 374 -27.97 -2.67 -17.62
CA ALA C 374 -26.97 -2.95 -16.61
C ALA C 374 -26.86 -4.44 -16.40
N PHE C 375 -25.64 -4.96 -16.46
CA PHE C 375 -25.36 -6.38 -16.22
C PHE C 375 -24.06 -6.40 -15.41
N LYS C 376 -24.20 -6.35 -14.09
CA LYS C 376 -23.03 -6.20 -13.22
C LYS C 376 -22.99 -7.36 -12.23
N CYS C 377 -22.11 -8.32 -12.48
CA CYS C 377 -21.81 -9.27 -11.43
C CYS C 377 -20.77 -8.68 -10.50
N TYR C 378 -20.78 -9.14 -9.25
CA TYR C 378 -19.83 -8.62 -8.26
C TYR C 378 -18.89 -9.70 -7.75
N GLY C 379 -19.39 -10.80 -7.21
CA GLY C 379 -18.51 -11.84 -6.74
C GLY C 379 -18.01 -12.78 -7.81
N VAL C 380 -18.57 -12.68 -9.02
CA VAL C 380 -18.23 -13.53 -10.15
C VAL C 380 -18.06 -12.64 -11.37
N SER C 381 -17.84 -13.27 -12.52
CA SER C 381 -17.77 -12.60 -13.80
C SER C 381 -18.66 -13.32 -14.79
N PRO C 382 -19.37 -12.59 -15.65
CA PRO C 382 -20.35 -13.23 -16.54
C PRO C 382 -19.75 -14.11 -17.60
N THR C 383 -18.48 -13.88 -17.98
CA THR C 383 -17.81 -14.74 -18.92
C THR C 383 -17.45 -16.08 -18.30
N LYS C 384 -17.33 -16.16 -16.98
CA LYS C 384 -17.01 -17.38 -16.27
C LYS C 384 -18.16 -17.82 -15.38
N LEU C 385 -19.38 -17.70 -15.88
CA LEU C 385 -20.55 -18.06 -15.07
C LEU C 385 -21.00 -19.50 -15.23
N ASN C 386 -20.57 -20.18 -16.29
CA ASN C 386 -21.07 -21.52 -16.60
C ASN C 386 -20.18 -22.63 -16.08
N ASP C 387 -19.40 -22.36 -15.03
CA ASP C 387 -18.54 -23.42 -14.49
C ASP C 387 -18.65 -23.52 -12.97
N LEU C 388 -18.97 -22.42 -12.30
CA LEU C 388 -19.18 -22.47 -10.86
C LEU C 388 -20.52 -23.12 -10.55
N CYS C 389 -20.67 -23.58 -9.32
CA CYS C 389 -21.90 -24.30 -8.91
C CYS C 389 -22.26 -23.83 -7.51
N PHE C 390 -23.13 -22.82 -7.44
CA PHE C 390 -23.53 -22.22 -6.17
C PHE C 390 -24.55 -23.11 -5.46
N THR C 391 -24.55 -23.06 -4.13
CA THR C 391 -25.49 -23.89 -3.39
C THR C 391 -26.90 -23.30 -3.42
N ASN C 392 -27.08 -22.09 -2.90
CA ASN C 392 -28.40 -21.48 -2.89
C ASN C 392 -28.41 -20.21 -3.71
N VAL C 393 -29.51 -20.03 -4.45
CA VAL C 393 -29.71 -18.96 -5.41
C VAL C 393 -31.00 -18.24 -5.03
N TYR C 394 -30.89 -16.94 -4.79
CA TYR C 394 -32.04 -16.10 -4.44
C TYR C 394 -32.29 -15.13 -5.58
N ALA C 395 -33.44 -15.26 -6.23
CA ALA C 395 -33.86 -14.32 -7.26
C ALA C 395 -34.79 -13.31 -6.62
N ASP C 396 -34.36 -12.05 -6.57
CA ASP C 396 -35.19 -10.95 -6.11
C ASP C 396 -35.56 -10.11 -7.33
N SER C 397 -36.76 -9.57 -7.35
CA SER C 397 -37.21 -8.89 -8.55
C SER C 397 -38.16 -7.76 -8.20
N PHE C 398 -38.02 -6.64 -8.93
CA PHE C 398 -38.89 -5.48 -8.75
C PHE C 398 -38.75 -4.56 -9.96
N VAL C 399 -39.44 -3.41 -9.89
CA VAL C 399 -39.31 -2.34 -10.87
C VAL C 399 -38.83 -1.09 -10.16
N ILE C 400 -37.94 -0.33 -10.80
CA ILE C 400 -37.48 0.94 -10.26
C ILE C 400 -37.48 1.96 -11.38
N ARG C 401 -37.22 3.22 -11.04
CA ARG C 401 -37.21 4.28 -12.02
C ARG C 401 -35.91 4.28 -12.82
N GLY C 402 -35.86 5.13 -13.84
CA GLY C 402 -34.78 5.06 -14.82
C GLY C 402 -33.44 5.52 -14.29
N ASN C 403 -33.42 6.60 -13.52
CA ASN C 403 -32.19 7.14 -12.95
C ASN C 403 -31.91 6.57 -11.57
N GLU C 404 -32.36 5.36 -11.29
CA GLU C 404 -32.20 4.75 -9.99
C GLU C 404 -31.35 3.48 -10.04
N VAL C 405 -31.00 3.03 -11.24
CA VAL C 405 -30.33 1.74 -11.42
C VAL C 405 -28.94 1.73 -10.81
N SER C 406 -28.30 2.90 -10.73
CA SER C 406 -27.00 3.02 -10.08
C SER C 406 -27.08 2.78 -8.57
N GLN C 407 -28.26 2.98 -7.97
CA GLN C 407 -28.38 2.79 -6.53
C GLN C 407 -28.42 1.32 -6.13
N ILE C 408 -28.76 0.43 -7.05
CA ILE C 408 -28.80 -0.99 -6.72
C ILE C 408 -27.37 -1.51 -6.78
N ALA C 409 -26.68 -1.45 -5.64
CA ALA C 409 -25.26 -1.75 -5.56
C ALA C 409 -24.92 -1.98 -4.10
N PRO C 410 -23.86 -2.74 -3.81
CA PRO C 410 -23.43 -2.88 -2.42
C PRO C 410 -22.82 -1.57 -1.92
N GLY C 411 -23.26 -1.15 -0.74
CA GLY C 411 -22.71 0.02 -0.10
C GLY C 411 -23.05 1.33 -0.79
N GLN C 412 -24.32 1.70 -0.77
CA GLN C 412 -24.75 2.97 -1.33
C GLN C 412 -25.73 3.64 -0.38
N THR C 413 -26.07 4.88 -0.69
CA THR C 413 -26.99 5.66 0.13
C THR C 413 -27.87 6.47 -0.79
N GLY C 414 -29.18 6.29 -0.66
CA GLY C 414 -30.14 7.06 -1.43
C GLY C 414 -31.52 6.80 -0.90
N ASN C 415 -32.50 7.42 -1.55
CA ASN C 415 -33.88 7.30 -1.10
C ASN C 415 -34.50 5.94 -1.41
N ILE C 416 -33.83 5.10 -2.20
CA ILE C 416 -34.31 3.74 -2.42
C ILE C 416 -33.41 2.71 -1.76
N ALA C 417 -32.18 3.05 -1.39
CA ALA C 417 -31.30 2.12 -0.72
C ALA C 417 -31.28 2.32 0.78
N ASP C 418 -32.02 3.30 1.29
CA ASP C 418 -32.05 3.51 2.74
C ASP C 418 -32.90 2.44 3.42
N TYR C 419 -34.18 2.37 3.07
CA TYR C 419 -35.09 1.44 3.71
C TYR C 419 -36.07 0.86 2.71
N ASN C 420 -35.59 0.49 1.54
CA ASN C 420 -36.41 -0.34 0.68
C ASN C 420 -35.70 -1.59 0.21
N TYR C 421 -34.42 -1.49 -0.13
CA TYR C 421 -33.65 -2.64 -0.58
C TYR C 421 -32.17 -2.31 -0.34
N LYS C 422 -31.62 -2.85 0.74
CA LYS C 422 -30.24 -2.60 1.10
C LYS C 422 -29.41 -3.82 0.73
N LEU C 423 -28.48 -3.63 -0.20
CA LEU C 423 -27.66 -4.72 -0.68
C LEU C 423 -26.38 -4.77 0.14
N PRO C 424 -26.09 -5.87 0.83
CA PRO C 424 -24.93 -5.90 1.72
C PRO C 424 -23.61 -5.98 0.96
N ASP C 425 -22.52 -5.73 1.66
CA ASP C 425 -21.19 -5.76 1.05
C ASP C 425 -20.69 -7.17 0.74
N ASP C 426 -21.33 -8.17 1.35
CA ASP C 426 -20.94 -9.56 1.15
C ASP C 426 -21.67 -10.10 -0.08
N PHE C 427 -21.81 -9.25 -1.09
CA PHE C 427 -22.65 -9.53 -2.25
C PHE C 427 -21.86 -10.33 -3.27
N THR C 428 -22.30 -11.56 -3.52
CA THR C 428 -21.69 -12.41 -4.53
C THR C 428 -22.63 -12.65 -5.71
N GLY C 429 -23.73 -11.93 -5.78
CA GLY C 429 -24.72 -12.15 -6.82
C GLY C 429 -24.40 -11.41 -8.09
N CYS C 430 -25.44 -11.00 -8.80
CA CYS C 430 -25.31 -10.29 -10.06
C CYS C 430 -26.59 -9.50 -10.27
N VAL C 431 -26.47 -8.22 -10.53
CA VAL C 431 -27.62 -7.36 -10.76
C VAL C 431 -27.84 -7.20 -12.27
N ILE C 432 -28.98 -7.67 -12.73
CA ILE C 432 -29.42 -7.51 -14.10
C ILE C 432 -30.52 -6.47 -14.08
N ALA C 433 -30.48 -5.52 -15.01
CA ALA C 433 -31.48 -4.47 -15.02
C ALA C 433 -31.68 -4.01 -16.45
N TRP C 434 -32.89 -4.14 -16.96
CA TRP C 434 -33.10 -3.74 -18.34
C TRP C 434 -34.32 -2.85 -18.46
N ASN C 435 -34.37 -2.14 -19.58
CA ASN C 435 -35.43 -1.17 -19.84
C ASN C 435 -36.74 -1.89 -20.09
N SER C 436 -37.78 -1.45 -19.38
CA SER C 436 -39.09 -2.07 -19.52
C SER C 436 -40.16 -1.05 -19.89
N ASN C 437 -40.23 -0.74 -21.18
CA ASN C 437 -41.21 0.23 -21.66
C ASN C 437 -42.29 -0.45 -22.50
N LYS C 438 -43.52 0.04 -22.40
CA LYS C 438 -44.64 -0.51 -23.15
C LYS C 438 -45.31 -1.71 -22.49
N LEU C 439 -44.58 -2.43 -21.65
CA LEU C 439 -45.17 -3.60 -21.01
C LEU C 439 -45.69 -3.11 -19.67
N ASP C 440 -44.96 -2.14 -19.08
CA ASP C 440 -45.20 -1.68 -17.72
C ASP C 440 -45.69 -0.24 -17.64
N SER C 441 -45.19 0.65 -18.49
CA SER C 441 -45.49 2.08 -18.37
C SER C 441 -46.76 2.37 -19.14
N LYS C 442 -47.89 2.22 -18.47
CA LYS C 442 -49.19 2.49 -19.07
C LYS C 442 -49.41 4.00 -19.19
N VAL C 443 -50.17 4.41 -20.19
CA VAL C 443 -50.45 5.82 -20.43
C VAL C 443 -51.38 6.31 -19.31
N GLY C 444 -51.31 7.60 -19.02
CA GLY C 444 -51.92 8.07 -17.80
C GLY C 444 -51.10 7.80 -16.58
N GLY C 445 -49.83 7.46 -16.73
CA GLY C 445 -49.03 6.98 -15.64
C GLY C 445 -49.38 5.55 -15.30
N ASN C 446 -48.69 5.03 -14.30
CA ASN C 446 -49.02 3.72 -13.74
C ASN C 446 -48.79 3.84 -12.24
N TYR C 447 -49.83 4.24 -11.52
CA TYR C 447 -49.75 4.43 -10.08
C TYR C 447 -49.82 3.15 -9.25
N ASN C 448 -49.79 1.99 -9.90
CA ASN C 448 -49.84 0.74 -9.16
C ASN C 448 -48.53 0.45 -8.45
N TYR C 449 -47.42 1.01 -8.91
CA TYR C 449 -46.15 0.86 -8.22
C TYR C 449 -45.94 2.03 -7.26
N ARG C 450 -45.19 1.76 -6.21
CA ARG C 450 -44.91 2.77 -5.20
C ARG C 450 -43.66 2.41 -4.44
N TYR C 451 -43.16 3.36 -3.66
CA TYR C 451 -41.95 3.12 -2.87
C TYR C 451 -42.03 3.93 -1.60
N ARG C 452 -41.22 3.52 -0.62
CA ARG C 452 -41.25 4.11 0.71
C ARG C 452 -40.46 5.41 0.73
N LEU C 453 -40.93 6.38 1.50
CA LEU C 453 -40.30 7.69 1.56
C LEU C 453 -39.72 8.01 2.92
N PHE C 454 -40.51 7.94 3.98
CA PHE C 454 -40.07 8.21 5.34
C PHE C 454 -40.00 6.90 6.11
N ARG C 455 -39.03 6.80 7.03
CA ARG C 455 -38.96 5.69 7.96
C ARG C 455 -38.17 6.10 9.20
N LYS C 456 -38.53 5.51 10.34
CA LYS C 456 -37.78 5.66 11.58
C LYS C 456 -36.37 5.15 11.46
N SER C 457 -36.23 3.85 11.22
CA SER C 457 -34.94 3.19 11.20
C SER C 457 -34.56 2.82 9.77
N ASN C 458 -33.25 2.86 9.51
CA ASN C 458 -32.73 2.31 8.27
C ASN C 458 -32.92 0.80 8.26
N LEU C 459 -33.07 0.24 7.07
CA LEU C 459 -33.33 -1.19 6.97
C LEU C 459 -32.05 -1.99 7.07
N LYS C 460 -32.15 -3.14 7.73
CA LYS C 460 -31.11 -4.14 7.68
C LYS C 460 -31.02 -4.70 6.26
N PRO C 461 -29.85 -5.20 5.85
CA PRO C 461 -29.72 -5.78 4.51
C PRO C 461 -30.61 -7.01 4.32
N PHE C 462 -31.22 -7.08 3.13
CA PHE C 462 -32.13 -8.15 2.70
C PHE C 462 -33.34 -8.25 3.64
N GLU C 463 -34.12 -7.17 3.65
CA GLU C 463 -35.31 -7.10 4.49
C GLU C 463 -36.45 -6.49 3.71
N ARG C 464 -37.64 -7.07 3.85
CA ARG C 464 -38.85 -6.56 3.24
C ARG C 464 -39.85 -6.20 4.33
N ASP C 465 -40.66 -5.18 4.07
CA ASP C 465 -41.67 -4.75 5.02
C ASP C 465 -42.87 -4.20 4.27
N ILE C 466 -44.06 -4.59 4.72
CA ILE C 466 -45.29 -4.13 4.09
C ILE C 466 -45.96 -3.28 5.16
N SER C 467 -45.14 -2.63 5.97
CA SER C 467 -45.63 -1.78 7.06
C SER C 467 -46.21 -0.50 6.48
N THR C 468 -47.54 -0.45 6.37
CA THR C 468 -48.24 0.74 5.90
C THR C 468 -48.67 1.63 7.05
N GLU C 469 -47.94 1.61 8.16
CA GLU C 469 -48.27 2.42 9.32
C GLU C 469 -48.01 3.90 9.01
N ILE C 470 -48.94 4.75 9.46
CA ILE C 470 -48.85 6.19 9.20
C ILE C 470 -47.71 6.75 10.04
N TYR C 471 -46.69 7.25 9.35
CA TYR C 471 -45.43 7.65 9.99
C TYR C 471 -45.64 8.91 10.82
N GLN C 472 -45.19 8.87 12.08
CA GLN C 472 -45.50 9.91 13.06
C GLN C 472 -44.21 10.27 13.81
N ALA C 473 -43.51 11.28 13.30
CA ALA C 473 -42.27 11.76 13.89
C ALA C 473 -42.40 13.19 14.41
N GLY C 474 -43.51 13.47 15.09
CA GLY C 474 -43.78 14.78 15.64
C GLY C 474 -44.12 14.71 17.12
N ASN C 475 -44.33 15.89 17.69
CA ASN C 475 -44.65 16.01 19.10
C ASN C 475 -46.05 15.52 19.39
N LYS C 476 -47.05 16.13 18.74
CA LYS C 476 -48.45 15.82 19.01
C LYS C 476 -48.82 14.45 18.44
N PRO C 477 -49.83 13.79 19.01
CA PRO C 477 -50.27 12.50 18.45
C PRO C 477 -51.21 12.68 17.28
N CYS C 478 -50.97 11.91 16.22
CA CYS C 478 -51.83 11.89 15.05
C CYS C 478 -52.67 10.62 14.94
N ASN C 479 -52.07 9.46 15.23
CA ASN C 479 -52.76 8.17 15.47
C ASN C 479 -53.59 7.66 14.29
N GLY C 480 -53.39 8.21 13.09
CA GLY C 480 -54.05 7.64 11.93
C GLY C 480 -54.72 8.59 10.97
N VAL C 481 -54.48 9.89 11.12
CA VAL C 481 -55.03 10.91 10.24
C VAL C 481 -53.89 11.53 9.44
N ALA C 482 -54.14 11.80 8.17
CA ALA C 482 -53.15 12.46 7.32
C ALA C 482 -53.12 13.95 7.62
N GLY C 483 -51.96 14.46 8.00
CA GLY C 483 -51.84 15.86 8.39
C GLY C 483 -50.56 16.52 7.93
N VAL C 484 -49.99 17.38 8.77
CA VAL C 484 -48.75 18.08 8.48
C VAL C 484 -47.67 17.56 9.44
N ASN C 485 -46.62 16.97 8.86
CA ASN C 485 -45.55 16.26 9.57
C ASN C 485 -46.11 15.15 10.46
N CYS C 486 -47.07 14.42 9.89
CA CYS C 486 -47.36 13.03 10.26
C CYS C 486 -47.97 12.41 9.01
N TYR C 487 -47.16 11.68 8.26
CA TYR C 487 -47.45 11.42 6.85
C TYR C 487 -47.67 9.93 6.60
N PHE C 488 -48.13 9.64 5.38
CA PHE C 488 -48.20 8.32 4.79
C PHE C 488 -46.86 7.97 4.16
N PRO C 489 -46.37 6.73 4.33
CA PRO C 489 -44.98 6.43 3.94
C PRO C 489 -44.78 6.01 2.50
N LEU C 490 -45.81 5.57 1.78
CA LEU C 490 -45.64 5.05 0.43
C LEU C 490 -46.11 6.10 -0.56
N GLN C 491 -45.22 6.48 -1.48
CA GLN C 491 -45.52 7.43 -2.53
C GLN C 491 -45.31 6.74 -3.87
N SER C 492 -46.21 6.98 -4.82
CA SER C 492 -46.20 6.21 -6.04
C SER C 492 -45.19 6.77 -7.05
N TYR C 493 -45.00 6.03 -8.12
CA TYR C 493 -44.09 6.39 -9.19
C TYR C 493 -44.86 7.05 -10.33
N GLY C 494 -44.16 7.28 -11.44
CA GLY C 494 -44.69 7.91 -12.63
C GLY C 494 -44.90 6.88 -13.72
N PHE C 495 -43.89 6.73 -14.59
CA PHE C 495 -43.85 5.81 -15.74
C PHE C 495 -44.92 6.17 -16.78
N ARG C 496 -44.81 7.38 -17.32
CA ARG C 496 -45.69 7.83 -18.39
C ARG C 496 -44.91 7.65 -19.69
N PRO C 497 -45.55 7.17 -20.76
CA PRO C 497 -44.83 6.94 -22.03
C PRO C 497 -44.20 8.19 -22.58
N THR C 498 -44.67 9.38 -22.20
CA THR C 498 -43.99 10.62 -22.60
C THR C 498 -42.99 11.06 -21.54
N TYR C 499 -42.14 10.14 -21.10
CA TYR C 499 -41.03 10.44 -20.21
C TYR C 499 -39.74 10.03 -20.88
N GLY C 500 -38.66 10.72 -20.55
CA GLY C 500 -37.36 10.39 -21.06
C GLY C 500 -36.71 9.27 -20.26
N VAL C 501 -35.51 8.90 -20.70
CA VAL C 501 -34.70 7.96 -19.94
C VAL C 501 -34.25 8.63 -18.64
N GLY C 502 -34.32 7.91 -17.55
CA GLY C 502 -34.22 8.50 -16.24
C GLY C 502 -35.54 8.69 -15.54
N HIS C 503 -36.65 8.36 -16.21
CA HIS C 503 -37.93 8.25 -15.53
C HIS C 503 -38.72 7.01 -15.96
N GLN C 504 -38.32 6.35 -17.04
CA GLN C 504 -38.95 5.15 -17.55
C GLN C 504 -38.71 3.99 -16.59
N PRO C 505 -39.64 3.02 -16.55
CA PRO C 505 -39.48 1.92 -15.57
C PRO C 505 -38.45 0.90 -16.05
N TYR C 506 -37.46 0.65 -15.22
CA TYR C 506 -36.45 -0.37 -15.47
C TYR C 506 -36.74 -1.56 -14.58
N ARG C 507 -36.92 -2.73 -15.19
CA ARG C 507 -37.07 -3.95 -14.41
C ARG C 507 -35.71 -4.38 -13.89
N VAL C 508 -35.68 -4.85 -12.66
CA VAL C 508 -34.43 -5.24 -12.01
C VAL C 508 -34.61 -6.63 -11.44
N VAL C 509 -33.67 -7.52 -11.76
CA VAL C 509 -33.57 -8.85 -11.18
C VAL C 509 -32.21 -8.96 -10.52
N VAL C 510 -32.19 -9.19 -9.22
CA VAL C 510 -30.95 -9.34 -8.48
C VAL C 510 -30.80 -10.80 -8.09
N LEU C 511 -29.78 -11.46 -8.63
CA LEU C 511 -29.47 -12.82 -8.23
C LEU C 511 -28.47 -12.77 -7.09
N SER C 512 -28.67 -13.62 -6.10
CA SER C 512 -27.71 -13.77 -5.01
C SER C 512 -27.29 -15.22 -4.94
N PHE C 513 -25.99 -15.46 -4.84
CA PHE C 513 -25.42 -16.79 -4.86
C PHE C 513 -24.68 -17.04 -3.56
N GLU C 514 -24.75 -18.28 -3.07
CA GLU C 514 -23.80 -18.67 -2.04
C GLU C 514 -23.49 -20.15 -2.20
N LEU C 515 -22.25 -20.52 -1.87
CA LEU C 515 -21.70 -21.86 -2.10
C LEU C 515 -21.00 -22.36 -0.84
N LEU C 516 -21.72 -23.12 -0.01
CA LEU C 516 -21.12 -23.69 1.20
C LEU C 516 -21.11 -25.22 1.24
N HIS C 517 -22.26 -25.88 1.31
CA HIS C 517 -22.14 -27.34 1.43
C HIS C 517 -23.07 -28.26 0.66
N ALA C 518 -24.09 -27.73 0.00
CA ALA C 518 -24.99 -28.61 -0.74
C ALA C 518 -24.25 -29.31 -1.87
N PRO C 519 -24.20 -30.65 -1.88
CA PRO C 519 -23.43 -31.35 -2.92
C PRO C 519 -24.07 -31.29 -4.30
N ALA C 520 -25.37 -31.51 -4.38
CA ALA C 520 -26.10 -31.46 -5.65
C ALA C 520 -26.80 -30.11 -5.73
N THR C 521 -26.31 -29.25 -6.60
CA THR C 521 -26.84 -27.90 -6.72
C THR C 521 -26.66 -27.43 -8.17
N VAL C 522 -26.80 -26.12 -8.39
CA VAL C 522 -27.13 -25.56 -9.69
C VAL C 522 -25.87 -25.11 -10.42
N CYS C 523 -25.65 -25.64 -11.62
CA CYS C 523 -24.46 -25.30 -12.37
C CYS C 523 -24.67 -25.41 -13.86
N GLY C 524 -23.94 -24.59 -14.61
CA GLY C 524 -24.03 -24.57 -16.05
C GLY C 524 -24.04 -25.93 -16.68
N PRO C 525 -24.42 -25.95 -18.02
CA PRO C 525 -24.43 -27.29 -18.63
C PRO C 525 -23.01 -27.83 -18.78
N LYS C 526 -22.12 -27.47 -17.88
CA LYS C 526 -20.74 -27.94 -17.94
C LYS C 526 -20.71 -29.46 -17.78
N LYS C 527 -21.84 -30.01 -17.39
CA LYS C 527 -22.02 -31.44 -17.19
C LYS C 527 -21.20 -32.33 -18.11
N SER C 528 -20.80 -33.47 -17.59
CA SER C 528 -20.00 -34.45 -18.32
C SER C 528 -19.46 -35.38 -17.26
N THR C 529 -18.55 -36.28 -17.63
CA THR C 529 -18.02 -37.21 -16.64
C THR C 529 -16.93 -38.16 -17.15
N ASN C 530 -17.12 -39.45 -16.85
CA ASN C 530 -16.18 -40.48 -17.23
C ASN C 530 -15.00 -40.25 -16.32
N LEU C 531 -14.73 -41.17 -15.40
CA LEU C 531 -13.63 -40.94 -14.48
C LEU C 531 -12.60 -42.07 -14.50
N VAL C 532 -11.39 -41.67 -14.81
CA VAL C 532 -10.23 -42.54 -14.88
C VAL C 532 -9.62 -42.63 -13.50
N LYS C 533 -8.77 -43.63 -13.27
CA LYS C 533 -8.12 -43.77 -11.98
C LYS C 533 -6.65 -44.09 -12.17
N ASN C 534 -5.87 -43.83 -11.13
CA ASN C 534 -4.43 -44.04 -11.10
C ASN C 534 -3.69 -43.21 -12.11
N LYS C 535 -4.17 -42.02 -12.42
CA LYS C 535 -3.52 -41.11 -13.36
C LYS C 535 -3.56 -39.71 -12.80
N CYS C 536 -2.49 -38.95 -13.00
CA CYS C 536 -2.52 -37.54 -12.61
C CYS C 536 -3.41 -36.81 -13.59
N VAL C 537 -4.50 -36.25 -13.08
CA VAL C 537 -5.52 -35.62 -13.89
C VAL C 537 -5.90 -34.30 -13.24
N ASN C 538 -6.63 -33.49 -13.98
CA ASN C 538 -7.23 -32.26 -13.48
C ASN C 538 -8.68 -32.61 -13.15
N PHE C 539 -9.06 -32.47 -11.89
CA PHE C 539 -10.37 -32.92 -11.45
C PHE C 539 -11.20 -31.77 -10.88
N ASN C 540 -12.52 -31.99 -10.91
CA ASN C 540 -13.49 -31.13 -10.26
C ASN C 540 -14.59 -32.03 -9.71
N PHE C 541 -14.77 -32.02 -8.40
CA PHE C 541 -15.80 -32.79 -7.70
C PHE C 541 -16.80 -31.81 -7.10
N ASN C 542 -17.85 -31.59 -7.90
CA ASN C 542 -18.95 -30.69 -7.61
C ASN C 542 -18.58 -29.37 -6.97
N GLY C 543 -17.57 -28.72 -7.52
CA GLY C 543 -17.11 -27.44 -7.04
C GLY C 543 -15.66 -27.43 -6.61
N LEU C 544 -15.19 -28.57 -6.10
CA LEU C 544 -13.80 -28.68 -5.63
C LEU C 544 -12.88 -28.77 -6.83
N THR C 545 -12.07 -27.76 -7.05
CA THR C 545 -11.17 -27.71 -8.20
C THR C 545 -9.77 -28.07 -7.71
N GLY C 546 -9.13 -29.04 -8.37
CA GLY C 546 -7.77 -29.39 -7.99
C GLY C 546 -7.04 -30.29 -8.96
N THR C 547 -5.84 -30.73 -8.56
CA THR C 547 -5.01 -31.59 -9.37
C THR C 547 -4.49 -32.73 -8.51
N GLY C 548 -4.35 -33.90 -9.10
CA GLY C 548 -3.80 -35.02 -8.36
C GLY C 548 -4.23 -36.34 -8.94
N VAL C 549 -3.73 -37.38 -8.31
CA VAL C 549 -3.99 -38.77 -8.67
C VAL C 549 -5.13 -39.28 -7.81
N LEU C 550 -6.08 -39.96 -8.45
CA LEU C 550 -7.26 -40.50 -7.80
C LEU C 550 -7.02 -41.98 -7.52
N THR C 551 -7.26 -42.41 -6.29
CA THR C 551 -7.08 -43.82 -5.95
C THR C 551 -8.19 -44.29 -5.03
N GLU C 552 -8.44 -45.60 -5.02
CA GLU C 552 -9.41 -46.18 -4.10
C GLU C 552 -9.02 -45.90 -2.66
N SER C 553 -9.99 -45.45 -1.88
CA SER C 553 -9.73 -45.11 -0.49
C SER C 553 -10.15 -46.21 0.46
N ASN C 554 -9.87 -45.97 1.74
CA ASN C 554 -10.38 -46.84 2.79
C ASN C 554 -10.99 -46.03 3.92
N LYS C 555 -11.36 -44.77 3.67
CA LYS C 555 -12.02 -43.92 4.64
C LYS C 555 -13.53 -44.11 4.55
N LYS C 556 -14.22 -43.71 5.61
CA LYS C 556 -15.66 -43.84 5.69
C LYS C 556 -16.27 -42.51 6.11
N PHE C 557 -16.96 -41.88 5.16
CA PHE C 557 -17.63 -40.62 5.33
C PHE C 557 -19.01 -40.83 5.91
N LEU C 558 -19.53 -39.82 6.59
CA LEU C 558 -20.87 -39.91 7.15
C LEU C 558 -21.79 -39.50 6.02
N PRO C 559 -22.83 -40.39 5.76
CA PRO C 559 -23.73 -40.06 4.64
C PRO C 559 -23.99 -38.64 4.23
N PHE C 560 -23.68 -37.67 5.06
CA PHE C 560 -23.96 -36.29 4.69
C PHE C 560 -22.73 -35.55 4.22
N GLN C 561 -21.58 -36.16 4.44
CA GLN C 561 -20.33 -35.55 4.02
C GLN C 561 -19.89 -35.87 2.61
N GLN C 562 -19.44 -34.85 1.91
CA GLN C 562 -19.02 -34.97 0.55
C GLN C 562 -17.53 -35.21 0.37
N PHE C 563 -16.73 -34.50 1.11
CA PHE C 563 -15.28 -34.60 1.02
C PHE C 563 -14.66 -34.45 2.40
N GLY C 564 -13.42 -34.91 2.51
CA GLY C 564 -12.67 -34.80 3.74
C GLY C 564 -11.42 -33.97 3.56
N ARG C 565 -10.93 -33.46 4.68
CA ARG C 565 -9.66 -32.75 4.72
C ARG C 565 -8.77 -33.37 5.76
N ASP C 566 -7.46 -33.22 5.57
CA ASP C 566 -6.46 -33.74 6.49
C ASP C 566 -6.06 -32.68 7.49
N ILE C 567 -5.14 -33.03 8.38
CA ILE C 567 -4.54 -32.09 9.30
C ILE C 567 -3.78 -31.10 8.44
N ALA C 568 -3.84 -29.82 8.81
CA ALA C 568 -3.32 -28.68 8.05
C ALA C 568 -4.35 -28.21 7.03
N ASP C 569 -5.58 -28.73 7.14
CA ASP C 569 -6.72 -28.20 6.40
C ASP C 569 -6.59 -28.24 4.88
N THR C 570 -6.24 -29.39 4.31
CA THR C 570 -6.20 -29.54 2.86
C THR C 570 -7.03 -30.76 2.49
N THR C 571 -7.78 -30.64 1.40
CA THR C 571 -8.63 -31.73 0.93
C THR C 571 -7.79 -32.96 0.63
N ASP C 572 -8.18 -34.10 1.18
CA ASP C 572 -7.45 -35.32 0.90
C ASP C 572 -8.30 -36.48 0.43
N ALA C 573 -9.62 -36.34 0.46
CA ALA C 573 -10.51 -37.36 -0.07
C ALA C 573 -11.78 -36.70 -0.53
N VAL C 574 -12.42 -37.26 -1.56
CA VAL C 574 -13.69 -36.77 -2.06
C VAL C 574 -14.60 -37.97 -2.28
N ARG C 575 -15.85 -37.66 -2.57
CA ARG C 575 -16.86 -38.66 -2.86
C ARG C 575 -17.38 -38.30 -4.25
N ASP C 576 -17.34 -39.25 -5.18
CA ASP C 576 -17.79 -38.97 -6.54
C ASP C 576 -19.29 -38.68 -6.51
N PRO C 577 -19.70 -37.52 -7.03
CA PRO C 577 -21.13 -37.22 -7.00
C PRO C 577 -22.00 -38.24 -7.73
N GLN C 578 -21.50 -38.75 -8.85
CA GLN C 578 -22.25 -39.70 -9.67
C GLN C 578 -22.27 -41.16 -9.22
N THR C 579 -21.13 -41.66 -8.76
CA THR C 579 -21.05 -43.06 -8.35
C THR C 579 -21.06 -43.24 -6.84
N LEU C 580 -20.86 -42.16 -6.06
CA LEU C 580 -20.87 -42.19 -4.60
C LEU C 580 -19.79 -43.11 -4.02
N GLU C 581 -18.57 -42.95 -4.51
CA GLU C 581 -17.44 -43.70 -3.99
C GLU C 581 -16.37 -42.76 -3.48
N ILE C 582 -15.71 -43.17 -2.41
CA ILE C 582 -14.71 -42.35 -1.75
C ILE C 582 -13.35 -42.65 -2.36
N LEU C 583 -12.66 -41.59 -2.77
CA LEU C 583 -11.39 -41.68 -3.47
C LEU C 583 -10.37 -40.78 -2.78
N ASP C 584 -9.18 -41.30 -2.54
CA ASP C 584 -8.09 -40.47 -2.03
C ASP C 584 -7.41 -39.72 -3.16
N ILE C 585 -6.85 -38.58 -2.79
CA ILE C 585 -6.14 -37.69 -3.70
C ILE C 585 -4.70 -37.61 -3.22
N THR C 586 -3.80 -38.18 -3.97
CA THR C 586 -2.41 -38.05 -3.58
C THR C 586 -1.70 -37.06 -4.47
N PRO C 587 -0.69 -36.37 -3.97
CA PRO C 587 -0.01 -35.31 -4.73
C PRO C 587 0.82 -35.73 -5.94
N CYS C 588 0.86 -34.89 -6.98
CA CYS C 588 1.66 -35.21 -8.14
C CYS C 588 3.11 -34.91 -7.81
N SER C 589 3.95 -35.93 -7.91
CA SER C 589 5.37 -35.82 -7.56
C SER C 589 6.04 -34.49 -7.88
N PHE C 590 6.95 -34.10 -7.00
CA PHE C 590 7.70 -32.86 -7.16
C PHE C 590 8.98 -32.87 -6.32
N GLY C 591 9.65 -31.72 -6.29
CA GLY C 591 10.90 -31.47 -5.61
C GLY C 591 11.88 -30.68 -6.44
N GLY C 592 12.93 -30.16 -5.83
CA GLY C 592 13.88 -29.37 -6.56
C GLY C 592 14.73 -30.19 -7.52
N VAL C 593 15.29 -29.51 -8.51
CA VAL C 593 16.19 -30.13 -9.46
C VAL C 593 17.51 -29.37 -9.41
N SER C 594 18.60 -30.10 -9.14
CA SER C 594 19.91 -29.50 -9.09
C SER C 594 20.82 -30.17 -10.11
N VAL C 595 21.79 -29.42 -10.60
CA VAL C 595 22.73 -29.89 -11.60
C VAL C 595 24.12 -29.96 -11.00
N ILE C 596 24.78 -31.09 -11.16
CA ILE C 596 26.12 -31.34 -10.65
C ILE C 596 27.08 -31.21 -11.82
N THR C 597 28.00 -30.27 -11.71
CA THR C 597 28.93 -29.96 -12.77
C THR C 597 30.35 -29.83 -12.25
N PRO C 598 31.33 -30.45 -12.90
CA PRO C 598 32.73 -30.26 -12.49
C PRO C 598 33.32 -28.92 -12.88
N GLY C 599 32.62 -28.10 -13.64
CA GLY C 599 33.15 -26.84 -14.14
C GLY C 599 33.48 -27.00 -15.61
N THR C 600 33.14 -25.98 -16.41
CA THR C 600 33.27 -26.07 -17.86
C THR C 600 34.71 -26.13 -18.30
N ASN C 601 35.64 -25.86 -17.38
CA ASN C 601 37.07 -25.93 -17.63
C ASN C 601 37.63 -27.31 -17.29
N THR C 602 36.74 -28.23 -16.96
CA THR C 602 37.13 -29.61 -16.69
C THR C 602 36.37 -30.54 -17.61
N SER C 603 35.08 -30.29 -17.76
CA SER C 603 34.20 -31.12 -18.56
C SER C 603 32.86 -30.41 -18.66
N ASN C 604 32.03 -30.90 -19.58
CA ASN C 604 30.67 -30.42 -19.73
C ASN C 604 29.66 -31.49 -19.38
N GLN C 605 30.10 -32.61 -18.82
CA GLN C 605 29.13 -33.61 -18.47
C GLN C 605 28.43 -33.09 -17.20
N VAL C 606 27.32 -33.70 -16.84
CA VAL C 606 26.56 -33.35 -15.65
C VAL C 606 25.68 -34.53 -15.28
N ALA C 607 25.40 -34.68 -13.99
CA ALA C 607 24.42 -35.64 -13.51
C ALA C 607 23.36 -34.91 -12.71
N VAL C 608 22.17 -35.47 -12.63
CA VAL C 608 21.05 -34.79 -11.99
C VAL C 608 20.45 -35.71 -10.93
N LEU C 609 20.24 -35.18 -9.74
CA LEU C 609 19.57 -35.88 -8.65
C LEU C 609 18.19 -35.26 -8.45
N TYR C 610 17.15 -36.07 -8.53
CA TYR C 610 15.79 -35.66 -8.25
C TYR C 610 15.48 -36.08 -6.84
N GLN C 611 15.44 -35.12 -5.92
CA GLN C 611 15.23 -35.36 -4.48
C GLN C 611 13.96 -36.10 -4.06
N GLY C 612 14.13 -37.29 -3.52
CA GLY C 612 13.05 -38.19 -3.14
C GLY C 612 12.02 -38.39 -4.24
N VAL C 613 12.54 -38.54 -5.45
CA VAL C 613 11.73 -38.89 -6.61
C VAL C 613 12.13 -40.28 -7.06
N ASN C 614 11.13 -41.13 -7.26
CA ASN C 614 11.42 -42.47 -7.74
C ASN C 614 11.80 -42.41 -9.20
N CYS C 615 12.71 -43.30 -9.58
CA CYS C 615 13.23 -43.27 -10.95
C CYS C 615 12.21 -43.75 -11.97
N THR C 616 10.99 -44.05 -11.55
CA THR C 616 9.93 -44.47 -12.46
C THR C 616 8.94 -43.34 -12.73
N GLU C 617 9.11 -42.23 -12.00
CA GLU C 617 8.19 -41.12 -12.10
C GLU C 617 8.92 -39.83 -12.43
N VAL C 618 10.07 -39.95 -13.07
CA VAL C 618 10.88 -38.79 -13.43
C VAL C 618 10.35 -38.14 -14.70
N PRO C 619 10.08 -38.87 -15.78
CA PRO C 619 9.69 -38.13 -16.98
C PRO C 619 8.21 -37.81 -17.01
N SER C 638 21.74 -46.22 -20.11
CA SER C 638 22.37 -45.22 -19.27
C SER C 638 22.53 -45.70 -17.83
N ASN C 639 22.88 -44.77 -16.95
CA ASN C 639 23.22 -45.10 -15.55
C ASN C 639 22.16 -44.53 -14.64
N VAL C 640 21.26 -45.38 -14.17
CA VAL C 640 20.21 -44.97 -13.25
C VAL C 640 20.40 -45.76 -11.97
N PHE C 641 20.46 -45.05 -10.86
CA PHE C 641 20.71 -45.65 -9.56
C PHE C 641 19.69 -45.07 -8.61
N GLN C 642 19.01 -45.94 -7.87
CA GLN C 642 18.06 -45.50 -6.86
C GLN C 642 18.70 -45.51 -5.49
N THR C 643 18.63 -44.38 -4.81
CA THR C 643 19.13 -44.23 -3.46
C THR C 643 18.01 -43.70 -2.59
N ARG C 644 18.19 -43.80 -1.28
CA ARG C 644 17.19 -43.35 -0.33
C ARG C 644 17.05 -41.83 -0.32
N ALA C 645 17.95 -41.15 -1.03
CA ALA C 645 17.93 -39.70 -1.11
C ALA C 645 17.26 -39.18 -2.38
N GLY C 646 16.80 -40.07 -3.25
CA GLY C 646 16.21 -39.68 -4.51
C GLY C 646 16.73 -40.50 -5.67
N CYS C 647 16.46 -40.01 -6.87
CA CYS C 647 16.88 -40.70 -8.08
C CYS C 647 18.10 -40.02 -8.70
N LEU C 648 19.16 -40.80 -8.84
CA LEU C 648 20.43 -40.32 -9.37
C LEU C 648 20.59 -40.81 -10.81
N ILE C 649 20.77 -39.88 -11.74
CA ILE C 649 20.86 -40.20 -13.16
C ILE C 649 22.16 -39.63 -13.70
N GLY C 650 22.89 -40.44 -14.44
CA GLY C 650 24.11 -40.00 -15.10
C GLY C 650 25.39 -40.37 -14.42
N ALA C 651 25.34 -41.13 -13.34
CA ALA C 651 26.51 -41.61 -12.63
C ALA C 651 26.29 -43.07 -12.31
N GLU C 652 27.36 -43.86 -12.38
CA GLU C 652 27.27 -45.26 -12.01
C GLU C 652 27.67 -45.45 -10.55
N TYR C 653 26.92 -46.27 -9.84
CA TYR C 653 27.17 -46.51 -8.43
C TYR C 653 28.07 -47.72 -8.24
N VAL C 654 29.17 -47.51 -7.55
CA VAL C 654 30.15 -48.55 -7.29
C VAL C 654 30.15 -48.88 -5.80
N ASN C 655 30.79 -49.99 -5.45
CA ASN C 655 30.85 -50.46 -4.07
C ASN C 655 32.14 -50.09 -3.37
N ASN C 656 33.11 -49.50 -4.09
CA ASN C 656 34.34 -49.03 -3.50
C ASN C 656 34.09 -47.77 -2.69
N SER C 657 35.17 -47.19 -2.17
CA SER C 657 35.03 -45.96 -1.41
C SER C 657 36.23 -45.04 -1.61
N TYR C 658 35.97 -43.75 -1.69
CA TYR C 658 37.03 -42.77 -1.85
C TYR C 658 36.72 -41.62 -0.93
N GLU C 659 37.46 -40.54 -1.01
CA GLU C 659 37.21 -39.40 -0.15
C GLU C 659 36.09 -38.58 -0.77
N CYS C 660 35.30 -37.92 0.05
CA CYS C 660 34.22 -37.12 -0.46
C CYS C 660 34.77 -36.15 -1.49
N ASP C 661 34.05 -35.97 -2.59
CA ASP C 661 34.46 -35.04 -3.62
C ASP C 661 33.38 -34.01 -3.77
N ILE C 662 32.24 -34.44 -4.27
CA ILE C 662 31.07 -33.59 -4.46
C ILE C 662 30.01 -34.25 -3.64
N PRO C 663 29.71 -33.69 -2.41
CA PRO C 663 28.70 -34.41 -1.62
C PRO C 663 27.33 -34.51 -2.24
N ILE C 664 26.78 -35.71 -2.34
CA ILE C 664 25.45 -35.90 -2.90
C ILE C 664 24.42 -36.02 -1.81
N GLY C 665 24.78 -36.53 -0.65
CA GLY C 665 23.83 -36.66 0.43
C GLY C 665 23.58 -38.06 0.90
N ALA C 666 23.49 -38.24 2.20
CA ALA C 666 23.22 -39.53 2.82
C ALA C 666 24.32 -40.58 2.71
N GLY C 667 25.55 -40.15 2.48
CA GLY C 667 26.66 -41.07 2.37
C GLY C 667 27.29 -41.23 1.00
N ILE C 668 26.68 -40.67 -0.04
CA ILE C 668 27.14 -40.77 -1.43
C ILE C 668 27.86 -39.53 -1.98
N CYS C 669 28.78 -39.73 -2.93
CA CYS C 669 29.55 -38.64 -3.59
C CYS C 669 29.76 -38.91 -5.08
N ALA C 670 30.59 -38.12 -5.77
CA ALA C 670 30.89 -38.34 -7.21
C ALA C 670 32.13 -37.55 -7.68
N SER C 671 32.83 -37.97 -8.75
CA SER C 671 33.95 -37.19 -9.14
C SER C 671 34.13 -37.62 -10.55
N TYR C 672 35.05 -36.97 -11.25
CA TYR C 672 35.33 -37.29 -12.64
C TYR C 672 36.38 -38.40 -12.75
N GLN C 673 36.08 -39.55 -12.15
CA GLN C 673 36.99 -40.69 -12.18
C GLN C 673 36.97 -41.38 -13.54
N THR C 674 38.16 -41.72 -14.04
CA THR C 674 38.28 -42.39 -15.33
C THR C 674 37.61 -43.77 -15.31
N GLN C 688 36.61 -38.53 -16.99
CA GLN C 688 36.31 -39.57 -17.98
C GLN C 688 34.92 -40.17 -17.72
N SER C 689 34.16 -39.52 -16.84
CA SER C 689 32.82 -40.00 -16.50
C SER C 689 32.50 -39.53 -15.11
N ILE C 690 31.32 -38.96 -14.88
CA ILE C 690 31.03 -38.50 -13.56
C ILE C 690 30.74 -39.73 -12.75
N ILE C 691 31.68 -40.24 -11.98
CA ILE C 691 31.30 -41.43 -11.23
C ILE C 691 30.74 -41.09 -9.87
N ALA C 692 29.98 -42.01 -9.29
CA ALA C 692 29.41 -41.81 -7.98
C ALA C 692 29.91 -42.96 -7.11
N TYR C 693 30.05 -42.73 -5.82
CA TYR C 693 30.52 -43.77 -4.93
C TYR C 693 30.12 -43.46 -3.52
N THR C 694 30.38 -44.37 -2.59
CA THR C 694 30.06 -44.14 -1.19
C THR C 694 31.35 -43.70 -0.57
N MET C 695 31.47 -42.43 -0.24
CA MET C 695 32.70 -41.89 0.34
C MET C 695 33.24 -42.76 1.44
N SER C 696 34.55 -42.72 1.64
CA SER C 696 35.20 -43.51 2.66
C SER C 696 35.61 -42.54 3.73
N LEU C 697 35.56 -42.99 4.98
CA LEU C 697 35.87 -42.14 6.10
C LEU C 697 37.34 -41.93 6.40
N GLY C 698 38.22 -42.71 5.81
CA GLY C 698 39.63 -42.54 6.04
C GLY C 698 40.38 -43.84 6.08
N ALA C 699 41.70 -43.76 6.04
CA ALA C 699 42.53 -44.95 6.06
C ALA C 699 42.26 -45.71 7.33
N GLU C 700 42.23 -47.02 7.23
CA GLU C 700 41.97 -47.85 8.39
C GLU C 700 43.28 -48.17 9.07
N ASN C 701 43.25 -48.25 10.40
CA ASN C 701 44.50 -48.62 11.06
C ASN C 701 44.21 -49.21 12.43
N SER C 702 44.82 -50.37 12.66
CA SER C 702 44.82 -51.05 13.94
C SER C 702 46.02 -50.61 14.77
N VAL C 703 45.76 -50.30 16.02
CA VAL C 703 46.79 -50.01 16.99
C VAL C 703 47.28 -51.34 17.54
N ALA C 704 48.59 -51.48 17.65
CA ALA C 704 49.19 -52.74 18.10
C ALA C 704 49.17 -52.84 19.62
N TYR C 705 47.96 -52.87 20.18
CA TYR C 705 47.82 -52.90 21.63
C TYR C 705 48.20 -54.27 22.18
N SER C 706 48.88 -54.27 23.32
CA SER C 706 49.03 -55.47 24.13
C SER C 706 49.05 -55.09 25.61
N ASN C 707 49.11 -56.05 26.51
CA ASN C 707 49.06 -55.70 27.92
C ASN C 707 50.41 -55.37 28.52
N ASN C 708 51.49 -55.40 27.74
CA ASN C 708 52.78 -55.02 28.29
C ASN C 708 53.68 -54.34 27.26
N SER C 709 53.09 -53.67 26.27
CA SER C 709 53.83 -53.05 25.19
C SER C 709 53.60 -51.55 25.22
N ILE C 710 54.64 -50.78 24.89
CA ILE C 710 54.53 -49.33 24.79
C ILE C 710 55.28 -48.86 23.55
N ALA C 711 54.85 -47.71 23.02
CA ALA C 711 55.52 -47.07 21.89
C ALA C 711 55.93 -45.66 22.29
N ILE C 712 57.21 -45.34 22.13
CA ILE C 712 57.77 -44.05 22.53
C ILE C 712 58.49 -43.46 21.32
N PRO C 713 58.31 -42.18 21.02
CA PRO C 713 59.04 -41.56 19.90
C PRO C 713 60.51 -41.38 20.20
N THR C 714 61.33 -41.51 19.15
CA THR C 714 62.76 -41.25 19.26
C THR C 714 63.21 -40.00 18.50
N ASN C 715 62.30 -39.36 17.78
CA ASN C 715 62.61 -38.14 17.06
C ASN C 715 61.34 -37.31 16.97
N PHE C 716 61.44 -36.14 16.37
CA PHE C 716 60.32 -35.22 16.29
C PHE C 716 60.52 -34.27 15.12
N THR C 717 59.44 -33.60 14.74
CA THR C 717 59.51 -32.48 13.81
C THR C 717 58.76 -31.28 14.38
N ILE C 718 59.11 -30.11 13.89
CA ILE C 718 58.42 -28.86 14.18
C ILE C 718 57.52 -28.52 13.00
N SER C 719 56.22 -28.39 13.24
CA SER C 719 55.26 -28.09 12.20
C SER C 719 54.76 -26.66 12.32
N VAL C 720 54.32 -26.10 11.19
CA VAL C 720 53.68 -24.79 11.18
C VAL C 720 52.35 -24.91 10.42
N THR C 721 51.29 -24.38 11.01
CA THR C 721 49.98 -24.40 10.38
C THR C 721 49.32 -23.03 10.48
N THR C 722 48.44 -22.75 9.52
CA THR C 722 47.72 -21.50 9.51
C THR C 722 46.30 -21.66 10.05
N GLU C 723 45.81 -20.58 10.63
CA GLU C 723 44.40 -20.43 10.97
C GLU C 723 44.00 -19.00 10.64
N ILE C 724 42.82 -18.83 10.06
CA ILE C 724 42.38 -17.54 9.57
C ILE C 724 41.07 -17.18 10.24
N LEU C 725 40.95 -15.96 10.73
CA LEU C 725 39.72 -15.52 11.35
C LEU C 725 39.34 -14.13 10.88
N PRO C 726 38.08 -13.93 10.49
CA PRO C 726 37.59 -12.58 10.17
C PRO C 726 37.41 -11.74 11.42
N VAL C 727 37.63 -10.44 11.30
CA VAL C 727 37.42 -9.56 12.44
C VAL C 727 36.46 -8.40 12.17
N SER C 728 36.21 -7.99 10.93
CA SER C 728 35.35 -6.84 10.70
C SER C 728 34.72 -6.86 9.32
N MET C 729 33.65 -6.09 9.17
CA MET C 729 32.97 -5.81 7.91
C MET C 729 33.12 -4.33 7.55
N THR C 730 32.71 -3.99 6.34
CA THR C 730 32.57 -2.61 5.93
C THR C 730 31.37 -1.95 6.60
N LYS C 731 31.56 -0.71 7.01
CA LYS C 731 30.53 0.08 7.66
C LYS C 731 29.70 0.77 6.60
N THR C 732 28.41 0.54 6.61
CA THR C 732 27.53 1.11 5.62
C THR C 732 26.54 2.02 6.30
N SER C 733 26.04 2.99 5.54
CA SER C 733 24.99 3.90 5.99
C SER C 733 24.06 4.24 4.82
N VAL C 734 22.76 4.21 5.08
CA VAL C 734 21.75 4.45 4.05
C VAL C 734 21.03 5.72 4.42
N ASP C 735 20.86 6.61 3.46
CA ASP C 735 20.02 7.79 3.60
C ASP C 735 18.57 7.36 3.33
N CYS C 736 17.77 7.25 4.38
CA CYS C 736 16.41 6.73 4.27
C CYS C 736 15.58 7.55 3.30
N THR C 737 15.64 8.87 3.42
CA THR C 737 14.85 9.74 2.56
C THR C 737 15.30 9.66 1.11
N MET C 738 16.59 9.58 0.85
CA MET C 738 17.07 9.52 -0.52
C MET C 738 16.90 8.14 -1.14
N TYR C 739 16.89 7.10 -0.33
CA TYR C 739 16.62 5.77 -0.87
C TYR C 739 15.16 5.65 -1.26
N ILE C 740 14.26 6.00 -0.37
CA ILE C 740 12.84 5.80 -0.66
C ILE C 740 12.38 6.84 -1.67
N CYS C 741 12.17 8.07 -1.22
CA CYS C 741 11.68 9.13 -2.09
C CYS C 741 12.62 9.29 -3.27
N GLY C 742 13.79 9.87 -3.00
CA GLY C 742 14.75 10.15 -4.05
C GLY C 742 14.52 11.49 -4.72
N ASP C 743 15.16 12.53 -4.17
CA ASP C 743 15.14 13.86 -4.76
C ASP C 743 13.80 14.58 -4.57
N SER C 744 12.71 13.96 -5.00
CA SER C 744 11.38 14.55 -4.90
C SER C 744 11.13 15.15 -3.52
N THR C 745 10.35 16.23 -3.48
CA THR C 745 10.07 16.92 -2.24
C THR C 745 8.61 16.79 -1.80
N GLU C 746 7.75 16.40 -2.73
CA GLU C 746 6.35 16.19 -2.41
C GLU C 746 6.26 14.92 -1.59
N CYS C 747 7.23 14.03 -1.81
CA CYS C 747 7.35 12.77 -1.09
C CYS C 747 7.72 12.97 0.37
N SER C 748 8.57 13.94 0.67
CA SER C 748 9.04 14.10 2.04
C SER C 748 7.91 14.30 3.02
N ASN C 749 6.88 15.07 2.65
CA ASN C 749 5.76 15.25 3.55
C ASN C 749 4.97 13.96 3.73
N LEU C 750 4.94 13.10 2.71
CA LEU C 750 4.25 11.83 2.85
C LEU C 750 5.04 10.86 3.72
N LEU C 751 6.37 10.87 3.61
CA LEU C 751 7.20 9.95 4.38
C LEU C 751 7.15 10.26 5.86
N LEU C 752 6.98 11.52 6.23
CA LEU C 752 6.84 11.90 7.62
C LEU C 752 5.60 11.29 8.29
N GLN C 753 4.65 10.81 7.48
CA GLN C 753 3.39 10.27 7.99
C GLN C 753 3.52 8.83 8.49
N TYR C 754 4.67 8.22 8.33
CA TYR C 754 4.87 6.84 8.79
C TYR C 754 5.59 6.76 10.12
N GLY C 755 5.89 7.88 10.74
CA GLY C 755 6.47 7.85 12.07
C GLY C 755 7.97 7.80 12.02
N SER C 756 8.57 7.08 12.96
CA SER C 756 10.00 7.15 13.19
C SER C 756 10.74 5.97 12.60
N PHE C 757 10.29 5.41 11.48
CA PHE C 757 10.99 4.30 10.88
C PHE C 757 12.39 4.68 10.42
N CYS C 758 12.58 5.88 9.90
CA CYS C 758 13.90 6.34 9.47
C CYS C 758 14.84 6.63 10.63
N THR C 759 14.33 6.98 11.80
CA THR C 759 15.16 7.12 12.99
C THR C 759 15.66 5.76 13.47
N GLN C 760 14.77 4.75 13.44
CA GLN C 760 15.16 3.41 13.83
C GLN C 760 16.27 2.86 12.96
N LEU C 761 16.22 3.12 11.66
CA LEU C 761 17.27 2.62 10.78
C LEU C 761 18.62 3.24 11.09
N LYS C 762 18.64 4.54 11.36
CA LYS C 762 19.90 5.20 11.69
C LYS C 762 20.44 4.75 13.03
N ARG C 763 19.58 4.55 14.02
CA ARG C 763 20.08 4.08 15.30
C ARG C 763 20.63 2.66 15.20
N ALA C 764 19.93 1.79 14.48
CA ALA C 764 20.36 0.41 14.34
C ALA C 764 21.70 0.32 13.62
N LEU C 765 21.86 1.06 12.53
CA LEU C 765 23.11 0.99 11.80
C LEU C 765 24.26 1.64 12.54
N THR C 766 24.01 2.67 13.33
CA THR C 766 25.08 3.26 14.14
C THR C 766 25.61 2.28 15.16
N GLY C 767 24.74 1.48 15.77
CA GLY C 767 25.21 0.46 16.70
C GLY C 767 26.21 -0.49 16.08
N ILE C 768 25.94 -0.95 14.86
CA ILE C 768 26.88 -1.77 14.10
C ILE C 768 28.18 -1.03 13.82
N ALA C 769 28.09 0.21 13.36
CA ALA C 769 29.27 0.98 13.00
C ALA C 769 30.21 1.21 14.16
N VAL C 770 29.68 1.40 15.37
CA VAL C 770 30.56 1.59 16.51
C VAL C 770 31.19 0.28 16.94
N GLU C 771 30.45 -0.83 16.88
CA GLU C 771 31.01 -2.10 17.32
C GLU C 771 32.13 -2.61 16.41
N GLN C 772 32.07 -2.30 15.12
CA GLN C 772 33.05 -2.83 14.19
C GLN C 772 34.44 -2.26 14.42
N ASP C 773 34.57 -1.06 14.97
CA ASP C 773 35.86 -0.54 15.33
C ASP C 773 36.35 -1.08 16.66
N LYS C 774 35.45 -1.33 17.57
CA LYS C 774 35.80 -1.96 18.83
C LYS C 774 36.23 -3.41 18.65
N ASN C 775 35.62 -4.13 17.72
CA ASN C 775 36.05 -5.48 17.40
C ASN C 775 37.54 -5.52 17.07
N THR C 776 38.01 -4.58 16.25
CA THR C 776 39.41 -4.53 15.83
C THR C 776 40.34 -4.15 16.97
N GLN C 777 39.93 -3.19 17.79
CA GLN C 777 40.76 -2.80 18.92
C GLN C 777 40.95 -3.96 19.89
N GLU C 778 39.90 -4.73 20.15
CA GLU C 778 40.04 -5.85 21.07
C GLU C 778 40.91 -6.96 20.53
N VAL C 779 40.93 -7.19 19.22
CA VAL C 779 41.82 -8.24 18.72
C VAL C 779 43.27 -7.76 18.67
N PHE C 780 43.52 -6.55 18.20
CA PHE C 780 44.91 -6.13 17.97
C PHE C 780 45.49 -5.23 19.04
N ALA C 781 44.72 -4.37 19.68
CA ALA C 781 45.30 -3.36 20.57
C ALA C 781 45.46 -3.91 21.98
N GLN C 782 46.26 -4.98 22.06
CA GLN C 782 46.57 -5.66 23.32
C GLN C 782 48.00 -5.41 23.76
N VAL C 783 48.58 -4.29 23.38
CA VAL C 783 49.95 -4.00 23.79
C VAL C 783 50.04 -2.52 24.13
N LYS C 784 50.72 -2.24 25.24
CA LYS C 784 50.83 -0.87 25.73
C LYS C 784 51.82 -0.07 24.90
N GLN C 785 53.04 -0.57 24.76
CA GLN C 785 54.13 0.11 24.10
C GLN C 785 54.39 -0.55 22.77
N ILE C 786 55.03 0.19 21.88
CA ILE C 786 55.36 -0.31 20.55
C ILE C 786 56.80 -0.80 20.63
N TYR C 787 56.97 -2.10 20.61
CA TYR C 787 58.27 -2.73 20.69
C TYR C 787 58.97 -2.78 19.34
N LYS C 788 60.29 -2.70 19.36
CA LYS C 788 61.13 -2.85 18.18
C LYS C 788 62.21 -3.89 18.40
N THR C 789 62.56 -4.60 17.35
CA THR C 789 63.64 -5.56 17.40
C THR C 789 64.99 -4.86 17.25
N PRO C 790 66.07 -5.46 17.74
CA PRO C 790 67.38 -4.85 17.55
C PRO C 790 67.84 -4.95 16.12
N PRO C 791 68.69 -4.02 15.71
CA PRO C 791 69.21 -3.96 14.35
C PRO C 791 69.78 -5.26 13.81
N ILE C 792 70.52 -5.99 14.63
CA ILE C 792 71.24 -7.16 14.17
C ILE C 792 70.27 -8.16 13.56
N LYS C 793 69.16 -8.40 14.24
CA LYS C 793 68.17 -9.37 13.80
C LYS C 793 68.73 -10.77 13.56
N TYR C 794 69.46 -11.31 14.53
CA TYR C 794 69.96 -12.67 14.43
C TYR C 794 69.74 -13.38 15.75
N PHE C 795 68.70 -14.19 15.83
CA PHE C 795 68.27 -14.77 17.11
C PHE C 795 68.73 -16.22 17.17
N GLY C 796 69.99 -16.43 17.52
CA GLY C 796 70.56 -17.75 17.65
C GLY C 796 70.34 -18.68 16.46
N GLY C 797 70.07 -18.11 15.31
CA GLY C 797 69.88 -18.89 14.10
C GLY C 797 68.51 -18.66 13.53
N PHE C 798 67.50 -19.09 14.26
CA PHE C 798 66.15 -18.88 13.81
C PHE C 798 66.07 -17.62 12.96
N ASN C 799 65.44 -17.73 11.81
CA ASN C 799 65.38 -16.66 10.83
C ASN C 799 63.93 -16.26 10.64
N PHE C 800 63.58 -15.05 11.08
CA PHE C 800 62.20 -14.61 11.12
C PHE C 800 61.90 -13.56 10.06
N SER C 801 62.75 -13.47 9.04
CA SER C 801 62.60 -12.38 8.08
C SER C 801 61.30 -12.43 7.31
N GLN C 802 60.65 -13.58 7.24
CA GLN C 802 59.40 -13.66 6.51
C GLN C 802 58.22 -13.14 7.29
N ILE C 803 58.36 -12.89 8.58
CA ILE C 803 57.26 -12.37 9.38
C ILE C 803 57.56 -11.02 9.99
N LEU C 804 58.76 -10.55 9.90
CA LEU C 804 59.05 -9.20 10.37
C LEU C 804 58.90 -8.21 9.22
N PRO C 805 58.68 -6.93 9.53
CA PRO C 805 58.52 -5.94 8.46
C PRO C 805 59.73 -5.83 7.55
N ASP C 806 59.47 -5.47 6.29
CA ASP C 806 60.50 -5.23 5.30
C ASP C 806 60.84 -3.74 5.27
N PRO C 807 62.02 -3.33 5.74
CA PRO C 807 62.33 -1.88 5.77
C PRO C 807 62.37 -1.23 4.40
N SER C 808 62.50 -2.00 3.32
CA SER C 808 62.56 -1.45 1.98
C SER C 808 61.17 -1.43 1.33
N LYS C 809 60.19 -0.87 2.01
CA LYS C 809 58.83 -0.77 1.49
C LYS C 809 58.16 0.46 2.08
N PRO C 810 57.30 1.13 1.31
CA PRO C 810 56.55 2.25 1.88
C PRO C 810 55.56 1.83 2.95
N SER C 811 55.05 0.60 2.86
CA SER C 811 54.01 0.13 3.76
C SER C 811 54.57 -0.55 5.01
N LYS C 812 55.81 -1.03 4.95
CA LYS C 812 56.44 -1.75 6.06
C LYS C 812 55.71 -3.03 6.43
N ARG C 813 55.14 -3.71 5.43
CA ARG C 813 54.53 -5.00 5.67
C ARG C 813 55.59 -6.09 5.62
N SER C 814 55.24 -7.26 6.13
CA SER C 814 56.11 -8.41 5.97
C SER C 814 55.83 -9.06 4.63
N PRO C 815 56.78 -9.88 4.20
CA PRO C 815 56.67 -10.62 2.94
C PRO C 815 55.40 -11.47 2.87
N ILE C 816 54.98 -12.03 4.00
CA ILE C 816 53.79 -12.85 4.02
C ILE C 816 52.54 -12.00 4.06
N GLU C 817 52.57 -10.88 4.76
CA GLU C 817 51.47 -9.95 4.75
C GLU C 817 51.20 -9.36 3.38
N ASP C 818 52.24 -9.16 2.57
CA ASP C 818 52.04 -8.71 1.20
C ASP C 818 51.26 -9.70 0.38
N LEU C 819 51.50 -11.00 0.56
CA LEU C 819 50.65 -11.98 -0.11
C LEU C 819 49.22 -11.96 0.44
N LEU C 820 49.05 -11.76 1.75
CA LEU C 820 47.71 -11.87 2.30
C LEU C 820 46.77 -10.79 1.79
N PHE C 821 47.28 -9.59 1.50
CA PHE C 821 46.41 -8.56 0.95
C PHE C 821 46.30 -8.61 -0.56
N ASN C 822 46.94 -9.56 -1.22
CA ASN C 822 46.87 -9.69 -2.66
C ASN C 822 45.91 -10.77 -3.10
N LYS C 823 45.19 -11.40 -2.17
CA LYS C 823 44.25 -12.44 -2.51
C LYS C 823 42.80 -12.02 -2.31
N VAL C 824 42.55 -10.95 -1.56
CA VAL C 824 41.17 -10.51 -1.33
C VAL C 824 40.95 -9.14 -1.94
N LYS C 852 29.54 4.15 -4.68
CA LYS C 852 28.48 5.00 -4.19
C LYS C 852 27.21 4.78 -5.00
N PHE C 853 26.05 4.95 -4.35
CA PHE C 853 24.77 4.72 -4.99
C PHE C 853 23.74 5.75 -4.54
N ASN C 854 22.47 5.39 -4.72
CA ASN C 854 21.34 6.29 -4.45
C ASN C 854 21.07 6.48 -2.97
N GLY C 855 21.97 7.15 -2.26
CA GLY C 855 21.83 7.32 -0.83
C GLY C 855 22.65 6.36 0.00
N LEU C 856 23.41 5.47 -0.61
CA LEU C 856 24.26 4.53 0.10
C LEU C 856 25.68 5.05 0.18
N THR C 857 26.31 4.93 1.34
CA THR C 857 27.69 5.32 1.51
C THR C 857 28.43 4.35 2.42
N VAL C 858 29.74 4.26 2.19
CA VAL C 858 30.63 3.39 2.95
C VAL C 858 31.57 4.26 3.77
N LEU C 859 31.59 4.06 5.05
CA LEU C 859 32.42 4.85 5.94
C LEU C 859 33.80 4.23 6.09
N PRO C 860 34.85 4.99 6.34
CA PRO C 860 36.16 4.37 6.50
C PRO C 860 36.29 3.74 7.87
N PRO C 861 37.14 2.64 8.04
CA PRO C 861 37.21 2.11 9.39
C PRO C 861 38.18 2.94 10.19
N LEU C 862 38.11 2.93 11.52
CA LEU C 862 38.99 3.76 12.33
C LEU C 862 40.46 3.41 12.49
N LEU C 863 40.89 2.22 12.10
CA LEU C 863 42.29 1.86 12.25
C LEU C 863 42.92 1.54 10.91
N THR C 864 43.67 2.50 10.37
CA THR C 864 44.33 2.33 9.10
C THR C 864 45.04 1.00 9.05
N ASP C 865 45.45 0.56 7.87
CA ASP C 865 46.16 -0.69 7.76
C ASP C 865 47.58 -0.53 8.23
N GLU C 866 48.11 0.68 8.19
CA GLU C 866 49.44 0.92 8.71
C GLU C 866 49.48 0.81 10.22
N MET C 867 48.50 1.39 10.90
CA MET C 867 48.40 1.31 12.35
C MET C 867 48.24 -0.12 12.84
N ILE C 868 47.47 -0.93 12.13
CA ILE C 868 47.34 -2.33 12.49
C ILE C 868 48.66 -3.05 12.32
N ALA C 869 49.39 -2.74 11.25
CA ALA C 869 50.70 -3.35 11.08
C ALA C 869 51.64 -3.02 12.23
N GLN C 870 51.50 -1.84 12.81
CA GLN C 870 52.32 -1.45 13.95
C GLN C 870 51.96 -2.21 15.23
N TYR C 871 50.69 -2.54 15.43
CA TYR C 871 50.33 -3.45 16.52
C TYR C 871 50.91 -4.84 16.31
N THR C 872 50.86 -5.34 15.08
CA THR C 872 51.40 -6.67 14.84
C THR C 872 52.91 -6.73 15.00
N SER C 873 53.64 -5.73 14.53
CA SER C 873 55.08 -5.75 14.73
C SER C 873 55.48 -5.60 16.18
N ALA C 874 54.68 -4.91 17.00
CA ALA C 874 54.94 -4.82 18.42
C ALA C 874 54.74 -6.15 19.12
N LEU C 875 53.70 -6.89 18.74
CA LEU C 875 53.52 -8.22 19.31
C LEU C 875 54.64 -9.15 18.90
N LEU C 876 55.11 -9.06 17.66
CA LEU C 876 56.23 -9.89 17.23
C LEU C 876 57.53 -9.55 17.93
N ALA C 877 57.86 -8.27 18.06
CA ALA C 877 59.06 -7.85 18.75
C ALA C 877 59.02 -8.13 20.24
N GLY C 878 57.87 -8.03 20.89
CA GLY C 878 57.79 -8.39 22.29
C GLY C 878 58.03 -9.86 22.53
N THR C 879 57.37 -10.71 21.75
CA THR C 879 57.47 -12.15 21.91
C THR C 879 58.85 -12.70 21.63
N ILE C 880 59.51 -12.25 20.57
CA ILE C 880 60.77 -12.85 20.17
C ILE C 880 61.87 -12.48 21.15
N THR C 881 61.71 -11.38 21.86
CA THR C 881 62.73 -10.92 22.79
C THR C 881 62.42 -11.20 24.25
N SER C 882 61.15 -11.24 24.64
CA SER C 882 60.81 -11.46 26.02
C SER C 882 59.77 -12.54 26.23
N GLY C 883 59.39 -13.29 25.20
CA GLY C 883 58.46 -14.38 25.38
C GLY C 883 57.09 -13.92 25.78
N TRP C 884 56.60 -14.36 26.93
CA TRP C 884 55.28 -13.99 27.41
C TRP C 884 55.31 -13.09 28.63
N THR C 885 56.46 -12.57 29.01
CA THR C 885 56.53 -11.81 30.23
C THR C 885 55.95 -10.41 30.08
N PHE C 886 56.02 -9.83 28.88
CA PHE C 886 55.54 -8.47 28.70
C PHE C 886 54.03 -8.36 28.76
N GLY C 887 53.30 -9.48 28.64
CA GLY C 887 51.87 -9.44 28.76
C GLY C 887 51.36 -9.47 30.19
N ALA C 888 52.24 -9.67 31.16
CA ALA C 888 51.86 -9.70 32.56
C ALA C 888 52.52 -8.62 33.39
N GLY C 889 53.32 -7.77 32.77
CA GLY C 889 54.06 -6.77 33.50
C GLY C 889 55.11 -6.14 32.62
N PRO C 890 56.30 -5.95 33.19
CA PRO C 890 57.44 -5.41 32.44
C PRO C 890 57.98 -6.49 31.50
N ALA C 891 58.53 -6.09 30.36
CA ALA C 891 59.19 -7.01 29.46
C ALA C 891 60.54 -7.40 30.03
N LEU C 892 60.77 -8.71 30.17
CA LEU C 892 61.99 -9.25 30.74
C LEU C 892 62.75 -9.98 29.64
N GLN C 893 63.91 -9.47 29.28
CA GLN C 893 64.68 -10.11 28.23
C GLN C 893 65.26 -11.43 28.69
N ILE C 894 65.35 -12.37 27.76
CA ILE C 894 65.98 -13.67 27.95
C ILE C 894 66.42 -14.10 26.56
N PRO C 895 67.57 -14.76 26.38
CA PRO C 895 67.95 -15.22 25.04
C PRO C 895 66.89 -16.15 24.43
N PHE C 896 66.70 -16.05 23.12
CA PHE C 896 65.60 -16.77 22.48
C PHE C 896 65.77 -18.28 22.55
N PRO C 897 66.99 -18.77 22.37
CA PRO C 897 67.27 -20.20 22.49
C PRO C 897 66.81 -20.73 23.84
N MET C 898 66.94 -19.91 24.89
CA MET C 898 66.45 -20.29 26.21
C MET C 898 64.94 -20.19 26.31
N GLN C 899 64.34 -19.30 25.53
CA GLN C 899 62.89 -19.22 25.49
C GLN C 899 62.30 -20.50 24.90
N MET C 900 62.90 -21.01 23.84
CA MET C 900 62.44 -22.24 23.20
C MET C 900 62.57 -23.44 24.12
N ALA C 901 63.64 -23.50 24.90
CA ALA C 901 63.85 -24.57 25.85
C ALA C 901 62.80 -24.60 26.96
N TYR C 902 62.39 -23.44 27.47
CA TYR C 902 61.29 -23.41 28.43
C TYR C 902 59.99 -23.90 27.81
N ARG C 903 59.76 -23.56 26.55
CA ARG C 903 58.55 -23.98 25.87
C ARG C 903 58.48 -25.48 25.67
N PHE C 904 59.61 -26.14 25.40
CA PHE C 904 59.59 -27.60 25.39
C PHE C 904 59.35 -28.17 26.77
N ASN C 905 59.89 -27.55 27.81
CA ASN C 905 59.61 -27.99 29.17
C ASN C 905 58.15 -27.91 29.52
N GLY C 906 57.44 -26.91 29.01
CA GLY C 906 56.04 -26.76 29.32
C GLY C 906 55.19 -27.88 28.76
N ILE C 907 55.68 -28.57 27.74
CA ILE C 907 54.95 -29.69 27.16
C ILE C 907 55.49 -31.03 27.63
N GLY C 908 56.35 -31.06 28.65
CA GLY C 908 56.83 -32.30 29.19
C GLY C 908 58.04 -32.89 28.51
N VAL C 909 58.83 -32.09 27.82
CA VAL C 909 60.06 -32.54 27.21
C VAL C 909 61.21 -31.92 27.99
N THR C 910 62.21 -32.72 28.26
CA THR C 910 63.34 -32.28 29.06
C THR C 910 64.17 -31.28 28.27
N GLN C 911 64.67 -30.26 28.95
CA GLN C 911 65.20 -29.12 28.21
C GLN C 911 66.52 -29.37 27.52
N ASN C 912 67.22 -30.47 27.79
CA ASN C 912 68.45 -30.73 27.04
C ASN C 912 68.18 -31.11 25.59
N VAL C 913 66.95 -31.49 25.25
CA VAL C 913 66.65 -31.87 23.88
C VAL C 913 66.88 -30.70 22.95
N LEU C 914 66.61 -29.48 23.39
CA LEU C 914 66.92 -28.33 22.56
C LEU C 914 68.39 -27.97 22.62
N TYR C 915 68.98 -27.92 23.81
CA TYR C 915 70.31 -27.35 23.94
C TYR C 915 71.34 -28.18 23.21
N GLU C 916 71.13 -29.49 23.11
CA GLU C 916 72.05 -30.35 22.39
C GLU C 916 71.73 -30.45 20.91
N ASN C 917 70.58 -29.93 20.47
CA ASN C 917 70.13 -30.03 19.10
C ASN C 917 69.69 -28.69 18.56
N GLN C 918 70.16 -27.60 19.15
CA GLN C 918 69.76 -26.25 18.76
C GLN C 918 69.85 -25.99 17.26
N LYS C 919 70.93 -26.39 16.61
CA LYS C 919 71.07 -26.15 15.18
C LYS C 919 70.04 -26.91 14.36
N LEU C 920 69.76 -28.15 14.74
CA LEU C 920 68.81 -28.95 13.99
C LEU C 920 67.41 -28.34 14.06
N ILE C 921 66.98 -27.90 15.24
CA ILE C 921 65.64 -27.38 15.39
C ILE C 921 65.49 -26.05 14.66
N ALA C 922 66.49 -25.19 14.74
CA ALA C 922 66.47 -23.92 14.04
C ALA C 922 66.46 -24.07 12.53
N ASN C 923 67.28 -24.98 11.98
CA ASN C 923 67.25 -25.24 10.54
C ASN C 923 65.96 -25.88 10.08
N GLN C 924 65.44 -26.87 10.80
CA GLN C 924 64.17 -27.44 10.44
C GLN C 924 63.02 -26.45 10.55
N PHE C 925 63.01 -25.62 11.58
CA PHE C 925 61.99 -24.59 11.66
C PHE C 925 62.03 -23.68 10.44
N ASN C 926 63.23 -23.21 10.06
CA ASN C 926 63.36 -22.23 8.99
C ASN C 926 62.79 -22.74 7.67
N SER C 927 63.00 -24.02 7.36
CA SER C 927 62.34 -24.59 6.19
C SER C 927 60.85 -24.75 6.38
N ALA C 928 60.41 -25.17 7.58
CA ALA C 928 58.98 -25.38 7.78
C ALA C 928 58.18 -24.09 7.66
N ILE C 929 58.72 -22.97 8.11
CA ILE C 929 58.02 -21.71 7.93
C ILE C 929 58.10 -21.26 6.49
N GLY C 930 59.25 -21.51 5.84
CA GLY C 930 59.37 -21.19 4.44
C GLY C 930 58.33 -21.86 3.55
N LYS C 931 57.88 -23.05 3.91
CA LYS C 931 56.85 -23.69 3.11
C LYS C 931 55.51 -22.98 3.14
N ILE C 932 55.29 -22.07 4.09
CA ILE C 932 53.98 -21.43 4.20
C ILE C 932 53.70 -20.58 2.98
N GLN C 933 54.68 -19.84 2.47
CA GLN C 933 54.42 -19.05 1.28
C GLN C 933 54.02 -19.91 0.09
N ASP C 934 54.64 -21.06 -0.08
CA ASP C 934 54.28 -21.93 -1.20
C ASP C 934 52.82 -22.33 -1.15
N SER C 935 52.28 -22.58 0.04
CA SER C 935 50.88 -22.94 0.13
C SER C 935 49.95 -21.78 -0.17
N LEU C 936 50.48 -20.56 -0.22
CA LEU C 936 49.63 -19.39 -0.48
C LEU C 936 49.80 -18.88 -1.91
N SER C 937 51.03 -18.70 -2.35
CA SER C 937 51.31 -18.22 -3.71
C SER C 937 51.28 -19.36 -4.71
N ALA C 942 41.96 -21.06 1.11
CA ALA C 942 42.82 -20.33 2.04
C ALA C 942 42.06 -19.16 2.67
N LEU C 943 42.08 -18.02 1.97
CA LEU C 943 41.46 -16.79 2.48
C LEU C 943 40.02 -16.65 2.02
N GLY C 944 39.33 -17.75 1.78
CA GLY C 944 37.93 -17.69 1.41
C GLY C 944 37.04 -17.16 2.50
N LYS C 945 37.41 -17.33 3.77
CA LYS C 945 36.61 -16.75 4.85
C LYS C 945 36.64 -15.24 4.84
N LEU C 946 37.71 -14.64 4.33
CA LEU C 946 37.79 -13.21 4.25
C LEU C 946 37.08 -12.66 3.02
N GLN C 947 37.13 -13.39 1.91
CA GLN C 947 36.42 -12.98 0.71
C GLN C 947 34.91 -13.10 0.89
N ASP C 948 34.44 -14.12 1.61
CA ASP C 948 33.02 -14.25 1.90
C ASP C 948 32.44 -13.06 2.65
N VAL C 949 33.19 -12.45 3.56
CA VAL C 949 32.67 -11.27 4.24
C VAL C 949 32.44 -10.13 3.25
N VAL C 950 33.40 -9.91 2.36
CA VAL C 950 33.28 -8.90 1.32
C VAL C 950 32.11 -9.22 0.38
N ASN C 951 31.95 -10.47 0.00
CA ASN C 951 30.90 -10.86 -0.92
C ASN C 951 29.52 -10.63 -0.31
N HIS C 952 29.34 -11.02 0.96
CA HIS C 952 28.03 -10.89 1.57
C HIS C 952 27.58 -9.44 1.66
N ASN C 953 28.48 -8.53 1.98
CA ASN C 953 28.05 -7.15 1.99
C ASN C 953 27.85 -6.60 0.57
N ALA C 954 28.72 -6.97 -0.37
CA ALA C 954 28.52 -6.49 -1.73
C ALA C 954 27.19 -6.96 -2.30
N GLN C 955 26.80 -8.18 -1.99
CA GLN C 955 25.54 -8.71 -2.47
C GLN C 955 24.35 -8.00 -1.83
N ALA C 956 24.43 -7.64 -0.56
CA ALA C 956 23.33 -6.90 0.03
C ALA C 956 23.21 -5.48 -0.51
N LEU C 957 24.32 -4.87 -0.88
CA LEU C 957 24.25 -3.53 -1.45
C LEU C 957 23.83 -3.53 -2.91
N ASN C 958 24.18 -4.57 -3.66
CA ASN C 958 23.71 -4.70 -5.03
C ASN C 958 22.22 -5.03 -5.11
N THR C 959 21.72 -5.87 -4.20
CA THR C 959 20.30 -6.15 -4.10
C THR C 959 19.48 -4.94 -3.62
N LEU C 960 19.98 -4.21 -2.62
CA LEU C 960 19.25 -3.05 -2.13
C LEU C 960 19.03 -2.02 -3.21
N VAL C 961 20.02 -1.79 -4.06
CA VAL C 961 19.84 -0.85 -5.15
C VAL C 961 18.91 -1.41 -6.22
N LYS C 962 19.04 -2.68 -6.57
CA LYS C 962 18.19 -3.23 -7.61
C LYS C 962 16.73 -3.23 -7.22
N GLN C 963 16.39 -3.31 -5.95
CA GLN C 963 15.01 -3.29 -5.50
C GLN C 963 14.32 -1.96 -5.73
N LEU C 964 15.01 -0.95 -6.23
CA LEU C 964 14.34 0.29 -6.57
C LEU C 964 13.65 0.23 -7.93
N SER C 965 14.02 -0.73 -8.77
CA SER C 965 13.33 -0.88 -10.04
C SER C 965 12.23 -1.92 -9.97
N SER C 966 11.26 -1.73 -9.07
CA SER C 966 10.15 -2.65 -8.89
C SER C 966 8.89 -1.81 -8.73
N LYS C 967 7.79 -2.22 -9.36
CA LYS C 967 6.54 -1.47 -9.28
C LYS C 967 5.62 -1.85 -8.12
N PHE C 968 5.85 -3.02 -7.54
CA PHE C 968 5.06 -3.48 -6.40
C PHE C 968 3.57 -3.37 -6.65
N GLY C 969 3.16 -3.43 -7.90
CA GLY C 969 1.75 -3.37 -8.23
C GLY C 969 1.21 -1.97 -8.42
N ALA C 970 2.07 -0.99 -8.63
CA ALA C 970 1.69 0.38 -8.85
C ALA C 970 1.68 0.63 -10.35
N ILE C 971 1.24 1.82 -10.76
CA ILE C 971 1.24 2.09 -12.19
C ILE C 971 2.65 2.25 -12.71
N SER C 972 3.55 2.81 -11.91
CA SER C 972 4.92 3.00 -12.33
C SER C 972 5.82 2.81 -11.12
N SER C 973 7.13 2.96 -11.36
CA SER C 973 8.13 2.81 -10.32
C SER C 973 8.90 4.10 -10.08
N VAL C 974 8.46 5.21 -10.65
CA VAL C 974 9.14 6.48 -10.54
C VAL C 974 8.17 7.50 -9.98
N LEU C 975 8.50 8.09 -8.84
CA LEU C 975 7.65 9.02 -8.12
C LEU C 975 7.45 10.35 -8.82
N ASN C 976 8.25 10.69 -9.83
CA ASN C 976 7.95 11.87 -10.63
C ASN C 976 7.01 11.55 -11.78
N ASP C 977 7.16 10.39 -12.42
CA ASP C 977 6.32 10.06 -13.55
C ASP C 977 4.86 9.93 -13.15
N ILE C 978 4.62 9.55 -11.91
CA ILE C 978 3.26 9.39 -11.42
C ILE C 978 2.50 10.71 -11.54
N LEU C 979 3.14 11.78 -11.10
CA LEU C 979 2.52 13.09 -11.08
C LEU C 979 2.30 13.59 -12.49
N SER C 980 3.33 13.44 -13.31
CA SER C 980 3.32 13.86 -14.71
C SER C 980 2.10 13.34 -15.48
N ARG C 981 1.57 12.19 -15.08
CA ARG C 981 0.43 11.59 -15.76
C ARG C 981 -0.64 11.14 -14.77
N LEU C 982 -0.86 11.94 -13.72
CA LEU C 982 -1.92 11.63 -12.78
C LEU C 982 -2.16 12.69 -11.71
N ASP C 983 -3.41 12.76 -11.26
CA ASP C 983 -3.86 13.78 -10.33
C ASP C 983 -3.44 13.41 -8.92
N PRO C 984 -3.43 14.38 -8.02
CA PRO C 984 -2.91 14.11 -6.67
C PRO C 984 -3.70 13.06 -5.90
N PRO C 985 -5.03 13.14 -5.94
CA PRO C 985 -5.87 12.19 -5.17
C PRO C 985 -5.47 10.75 -5.41
N GLU C 986 -5.14 10.43 -6.66
CA GLU C 986 -4.70 9.08 -7.01
C GLU C 986 -3.19 8.89 -6.95
N ALA C 987 -2.42 9.98 -7.05
CA ALA C 987 -0.98 9.86 -6.99
C ALA C 987 -0.48 9.58 -5.60
N GLU C 988 -1.14 10.12 -4.57
CA GLU C 988 -0.82 9.78 -3.19
C GLU C 988 -0.94 8.30 -2.91
N VAL C 989 -1.94 7.63 -3.47
CA VAL C 989 -2.06 6.19 -3.28
C VAL C 989 -0.93 5.45 -3.97
N GLN C 990 -0.57 5.81 -5.20
CA GLN C 990 0.45 5.09 -5.92
C GLN C 990 1.82 5.29 -5.30
N ILE C 991 2.11 6.50 -4.82
CA ILE C 991 3.37 6.74 -4.16
C ILE C 991 3.40 6.07 -2.80
N ASP C 992 2.28 6.04 -2.09
CA ASP C 992 2.29 5.32 -0.83
C ASP C 992 2.59 3.84 -0.98
N ARG C 993 2.15 3.20 -2.06
CA ARG C 993 2.51 1.80 -2.30
C ARG C 993 4.00 1.61 -2.51
N LEU C 994 4.61 2.47 -3.31
CA LEU C 994 6.06 2.38 -3.54
C LEU C 994 6.84 2.64 -2.27
N ILE C 995 6.40 3.61 -1.46
CA ILE C 995 7.07 3.90 -0.21
C ILE C 995 7.03 2.69 0.71
N THR C 996 5.87 2.06 0.85
CA THR C 996 5.79 0.87 1.67
C THR C 996 6.71 -0.23 1.18
N GLY C 997 6.73 -0.46 -0.13
CA GLY C 997 7.62 -1.48 -0.66
C GLY C 997 9.08 -1.22 -0.38
N ARG C 998 9.55 -0.01 -0.66
CA ARG C 998 10.94 0.32 -0.43
C ARG C 998 11.28 0.47 1.04
N LEU C 999 10.33 0.85 1.87
CA LEU C 999 10.56 0.82 3.30
C LEU C 999 10.72 -0.59 3.83
N GLN C 1000 9.96 -1.56 3.30
CA GLN C 1000 10.20 -2.95 3.62
C GLN C 1000 11.59 -3.41 3.20
N SER C 1001 12.10 -2.90 2.08
CA SER C 1001 13.46 -3.23 1.66
C SER C 1001 14.50 -2.83 2.70
N LEU C 1002 14.38 -1.63 3.25
CA LEU C 1002 15.28 -1.18 4.28
C LEU C 1002 15.16 -1.98 5.56
N GLN C 1003 13.96 -2.38 5.94
CA GLN C 1003 13.85 -3.22 7.13
C GLN C 1003 14.51 -4.57 6.94
N THR C 1004 14.37 -5.16 5.76
CA THR C 1004 15.06 -6.41 5.49
C THR C 1004 16.58 -6.22 5.56
N TYR C 1005 17.08 -5.16 4.93
CA TYR C 1005 18.51 -4.91 4.92
C TYR C 1005 19.07 -4.76 6.33
N VAL C 1006 18.45 -3.91 7.14
CA VAL C 1006 19.03 -3.64 8.46
C VAL C 1006 18.92 -4.85 9.37
N THR C 1007 17.83 -5.61 9.29
CA THR C 1007 17.72 -6.80 10.11
C THR C 1007 18.83 -7.81 9.81
N GLN C 1008 19.12 -8.02 8.53
CA GLN C 1008 20.21 -8.92 8.22
C GLN C 1008 21.57 -8.40 8.64
N GLN C 1009 21.81 -7.10 8.60
CA GLN C 1009 23.11 -6.61 9.04
C GLN C 1009 23.33 -6.84 10.53
N LEU C 1010 22.27 -6.70 11.33
CA LEU C 1010 22.38 -7.00 12.75
C LEU C 1010 22.64 -8.46 13.03
N ILE C 1011 21.98 -9.35 12.28
CA ILE C 1011 22.20 -10.78 12.50
C ILE C 1011 23.61 -11.19 12.04
N ARG C 1012 24.05 -10.65 10.92
CA ARG C 1012 25.40 -10.92 10.44
C ARG C 1012 26.49 -10.24 11.25
N ALA C 1013 26.22 -9.09 11.85
CA ALA C 1013 27.22 -8.46 12.68
C ALA C 1013 27.47 -9.22 13.98
N ALA C 1014 26.48 -9.93 14.48
CA ALA C 1014 26.67 -10.78 15.63
C ALA C 1014 27.60 -11.94 15.36
N GLU C 1015 27.65 -12.41 14.13
CA GLU C 1015 28.51 -13.52 13.75
C GLU C 1015 29.97 -13.11 13.61
N ILE C 1016 30.22 -11.93 13.07
CA ILE C 1016 31.57 -11.40 12.96
C ILE C 1016 32.08 -10.95 14.31
N ARG C 1017 31.16 -10.50 15.17
CA ARG C 1017 31.52 -10.19 16.54
C ARG C 1017 31.94 -11.42 17.32
N ALA C 1018 31.23 -12.54 17.14
CA ALA C 1018 31.63 -13.78 17.78
C ALA C 1018 32.98 -14.26 17.28
N SER C 1019 33.30 -14.00 16.01
CA SER C 1019 34.58 -14.31 15.43
C SER C 1019 35.69 -13.41 15.96
N ALA C 1020 35.41 -12.12 16.08
CA ALA C 1020 36.36 -11.22 16.69
C ALA C 1020 36.65 -11.55 18.15
N ASN C 1021 35.67 -12.07 18.88
CA ASN C 1021 35.89 -12.53 20.24
C ASN C 1021 36.80 -13.75 20.32
N LEU C 1022 36.64 -14.69 19.39
CA LEU C 1022 37.51 -15.83 19.28
C LEU C 1022 38.92 -15.44 18.89
N ALA C 1023 39.07 -14.54 17.92
CA ALA C 1023 40.38 -14.03 17.55
C ALA C 1023 41.07 -13.27 18.67
N ALA C 1024 40.35 -12.44 19.42
CA ALA C 1024 40.94 -11.78 20.58
C ALA C 1024 41.37 -12.76 21.67
N THR C 1025 40.58 -13.79 21.91
CA THR C 1025 40.92 -14.83 22.87
C THR C 1025 42.15 -15.61 22.45
N LYS C 1026 42.25 -16.01 21.19
CA LYS C 1026 43.47 -16.63 20.72
C LYS C 1026 44.66 -15.69 20.76
N MET C 1027 44.47 -14.41 20.48
CA MET C 1027 45.58 -13.48 20.57
C MET C 1027 46.17 -13.48 21.96
N SER C 1028 45.34 -13.56 22.99
CA SER C 1028 45.83 -13.60 24.36
C SER C 1028 46.45 -14.94 24.69
N GLU C 1029 45.79 -16.02 24.32
CA GLU C 1029 46.16 -17.33 24.82
C GLU C 1029 47.12 -18.10 23.93
N CYS C 1030 47.26 -17.70 22.66
CA CYS C 1030 48.18 -18.40 21.77
C CYS C 1030 49.44 -17.61 21.48
N VAL C 1031 49.34 -16.29 21.59
CA VAL C 1031 50.44 -15.41 21.20
C VAL C 1031 51.12 -14.84 22.43
N LEU C 1032 50.36 -14.43 23.44
CA LEU C 1032 50.90 -13.90 24.67
C LEU C 1032 51.17 -14.96 25.71
N GLY C 1033 51.00 -16.23 25.38
CA GLY C 1033 51.33 -17.27 26.33
C GLY C 1033 51.36 -18.61 25.65
N GLN C 1034 51.54 -19.64 26.46
CA GLN C 1034 51.51 -21.02 26.01
C GLN C 1034 50.27 -21.72 26.54
N SER C 1035 49.51 -22.33 25.64
CA SER C 1035 48.25 -22.95 25.98
C SER C 1035 48.37 -24.46 26.06
N LYS C 1036 47.61 -25.06 26.98
CA LYS C 1036 47.46 -26.49 27.05
C LYS C 1036 46.14 -26.96 26.45
N ARG C 1037 45.31 -26.05 25.95
CA ARG C 1037 44.03 -26.39 25.35
C ARG C 1037 44.23 -27.13 24.03
N VAL C 1038 43.60 -28.29 23.91
CA VAL C 1038 43.82 -29.18 22.76
C VAL C 1038 43.18 -28.59 21.52
N ASP C 1039 43.97 -28.50 20.45
CA ASP C 1039 43.52 -27.97 19.16
C ASP C 1039 43.09 -26.51 19.14
N PHE C 1040 43.42 -25.76 20.18
CA PHE C 1040 43.02 -24.36 20.25
C PHE C 1040 44.06 -23.50 19.55
N CYS C 1041 45.30 -23.97 19.56
CA CYS C 1041 46.42 -23.25 18.98
C CYS C 1041 47.16 -24.10 17.95
N GLY C 1042 46.42 -24.74 17.04
CA GLY C 1042 47.02 -25.60 16.04
C GLY C 1042 47.01 -27.09 16.37
N LYS C 1043 47.56 -27.89 15.45
CA LYS C 1043 47.57 -29.35 15.60
C LYS C 1043 48.96 -29.79 16.09
N GLY C 1044 48.99 -30.50 17.22
CA GLY C 1044 50.22 -30.90 17.83
C GLY C 1044 50.35 -30.24 19.17
N TYR C 1045 51.52 -30.30 19.74
CA TYR C 1045 51.77 -29.69 21.03
C TYR C 1045 52.23 -28.25 20.86
N HIS C 1046 51.45 -27.33 21.39
CA HIS C 1046 51.68 -25.91 21.18
C HIS C 1046 53.02 -25.49 21.73
N LEU C 1047 53.85 -24.87 20.88
CA LEU C 1047 55.03 -24.18 21.34
C LEU C 1047 54.85 -22.67 21.32
N MET C 1048 54.48 -22.10 20.18
CA MET C 1048 54.40 -20.65 20.07
C MET C 1048 53.59 -20.29 18.84
N SER C 1049 53.16 -19.03 18.75
CA SER C 1049 52.42 -18.54 17.59
C SER C 1049 52.85 -17.12 17.26
N PHE C 1050 52.78 -16.77 15.98
CA PHE C 1050 53.10 -15.44 15.45
C PHE C 1050 51.93 -14.87 14.68
N PRO C 1051 51.45 -13.68 15.01
CA PRO C 1051 50.37 -13.07 14.24
C PRO C 1051 50.81 -12.40 12.95
N GLN C 1052 49.91 -12.37 11.98
CA GLN C 1052 50.08 -11.61 10.76
C GLN C 1052 48.77 -10.88 10.47
N SER C 1053 48.85 -9.71 9.88
CA SER C 1053 47.65 -8.94 9.57
C SER C 1053 47.13 -9.34 8.21
N ALA C 1054 45.81 -9.46 8.10
CA ALA C 1054 45.17 -9.74 6.83
C ALA C 1054 44.08 -8.69 6.65
N PRO C 1055 43.57 -8.45 5.45
CA PRO C 1055 42.50 -7.46 5.31
C PRO C 1055 41.19 -7.94 5.93
N HIS C 1056 40.72 -7.19 6.93
CA HIS C 1056 39.53 -7.51 7.74
C HIS C 1056 39.70 -8.79 8.56
N GLY C 1057 40.92 -9.18 8.86
CA GLY C 1057 41.08 -10.42 9.59
C GLY C 1057 42.45 -10.58 10.18
N VAL C 1058 42.68 -11.75 10.76
CA VAL C 1058 43.96 -12.06 11.36
C VAL C 1058 44.35 -13.47 10.94
N VAL C 1059 45.64 -13.68 10.77
CA VAL C 1059 46.23 -14.96 10.44
C VAL C 1059 47.17 -15.33 11.58
N PHE C 1060 47.08 -16.57 12.04
CA PHE C 1060 47.91 -17.08 13.11
C PHE C 1060 48.83 -18.12 12.51
N LEU C 1061 50.12 -17.97 12.76
CA LEU C 1061 51.12 -18.98 12.39
C LEU C 1061 51.40 -19.81 13.63
N HIS C 1062 50.89 -21.03 13.66
CA HIS C 1062 50.97 -21.90 14.82
C HIS C 1062 52.18 -22.82 14.70
N VAL C 1063 53.06 -22.76 15.69
CA VAL C 1063 54.24 -23.61 15.81
C VAL C 1063 53.97 -24.69 16.83
N THR C 1064 54.08 -25.94 16.40
CA THR C 1064 53.72 -27.10 17.21
C THR C 1064 54.86 -28.11 17.23
N TYR C 1065 54.81 -28.97 18.24
CA TYR C 1065 55.73 -30.07 18.46
C TYR C 1065 55.04 -31.37 18.09
N VAL C 1066 55.60 -32.12 17.16
CA VAL C 1066 54.99 -33.37 16.71
C VAL C 1066 56.00 -34.50 16.88
N PRO C 1067 55.71 -35.53 17.66
CA PRO C 1067 56.65 -36.66 17.78
C PRO C 1067 56.70 -37.50 16.51
N ALA C 1068 57.81 -38.20 16.31
CA ALA C 1068 57.99 -39.01 15.12
C ALA C 1068 58.85 -40.24 15.41
N GLN C 1069 58.68 -41.25 14.58
CA GLN C 1069 59.52 -42.46 14.55
C GLN C 1069 59.49 -43.23 15.87
N GLU C 1070 58.35 -43.83 16.16
CA GLU C 1070 58.21 -44.56 17.40
C GLU C 1070 58.80 -45.97 17.31
N LYS C 1071 59.27 -46.47 18.44
CA LYS C 1071 59.62 -47.87 18.62
C LYS C 1071 58.79 -48.45 19.75
N ASN C 1072 58.58 -49.76 19.71
CA ASN C 1072 57.81 -50.43 20.75
C ASN C 1072 58.79 -51.03 21.77
N PHE C 1073 58.34 -51.07 23.02
CA PHE C 1073 59.08 -51.61 24.14
C PHE C 1073 58.11 -52.34 25.04
N THR C 1074 58.67 -53.19 25.89
CA THR C 1074 57.96 -53.85 26.97
C THR C 1074 58.08 -52.96 28.20
N THR C 1075 57.04 -52.92 29.01
CA THR C 1075 56.99 -52.01 30.13
C THR C 1075 56.44 -52.71 31.36
N ALA C 1076 56.54 -52.06 32.51
CA ALA C 1076 56.02 -52.56 33.76
C ALA C 1076 55.77 -51.38 34.66
N PRO C 1077 54.76 -51.44 35.51
CA PRO C 1077 54.43 -50.28 36.33
C PRO C 1077 55.43 -49.97 37.44
N ALA C 1078 56.12 -50.97 37.97
CA ALA C 1078 57.00 -50.77 39.11
C ALA C 1078 58.09 -51.82 39.05
N ILE C 1079 59.11 -51.67 39.89
CA ILE C 1079 60.21 -52.62 39.96
C ILE C 1079 60.39 -53.04 41.40
N CYS C 1080 60.65 -54.34 41.62
CA CYS C 1080 60.87 -54.83 42.97
C CYS C 1080 62.37 -54.88 43.27
N HIS C 1081 62.74 -54.39 44.44
CA HIS C 1081 64.10 -54.48 44.92
C HIS C 1081 64.08 -54.49 46.44
N ASP C 1082 64.77 -55.46 47.04
CA ASP C 1082 64.75 -55.70 48.49
C ASP C 1082 63.35 -55.94 49.02
N GLY C 1083 62.46 -56.52 48.23
CA GLY C 1083 61.12 -56.74 48.70
C GLY C 1083 60.25 -55.52 48.75
N LYS C 1084 60.68 -54.42 48.12
CA LYS C 1084 59.92 -53.19 48.12
C LYS C 1084 59.61 -52.78 46.70
N ALA C 1085 58.50 -52.08 46.52
CA ALA C 1085 58.07 -51.62 45.21
C ALA C 1085 58.63 -50.24 44.95
N HIS C 1086 59.21 -50.04 43.77
CA HIS C 1086 59.74 -48.76 43.34
C HIS C 1086 58.93 -48.28 42.14
N PHE C 1087 58.57 -47.07 42.16
CA PHE C 1087 57.79 -46.39 41.16
C PHE C 1087 58.57 -45.23 40.59
N PRO C 1088 58.43 -44.90 39.31
CA PRO C 1088 59.17 -43.78 38.77
C PRO C 1088 58.64 -42.46 39.28
N ARG C 1089 59.55 -41.51 39.47
CA ARG C 1089 59.15 -40.14 39.77
C ARG C 1089 58.48 -39.48 38.58
N GLU C 1090 59.15 -39.48 37.44
CA GLU C 1090 58.56 -39.14 36.16
C GLU C 1090 59.14 -40.11 35.14
N GLY C 1091 58.30 -40.58 34.24
CA GLY C 1091 58.75 -41.47 33.19
C GLY C 1091 58.08 -42.82 33.26
N VAL C 1092 58.53 -43.70 32.38
CA VAL C 1092 58.03 -45.06 32.26
C VAL C 1092 59.22 -46.00 32.23
N PHE C 1093 59.00 -47.21 32.74
CA PHE C 1093 60.00 -48.27 32.64
C PHE C 1093 59.86 -48.93 31.27
N VAL C 1094 60.99 -49.14 30.61
CA VAL C 1094 61.03 -49.83 29.32
C VAL C 1094 62.08 -50.93 29.37
N SER C 1095 61.93 -51.89 28.47
CA SER C 1095 62.90 -52.98 28.31
C SER C 1095 63.32 -53.06 26.85
N ASN C 1096 64.62 -53.14 26.61
CA ASN C 1096 65.10 -53.25 25.24
C ASN C 1096 65.22 -54.68 24.78
N GLY C 1097 64.85 -55.64 25.61
CA GLY C 1097 64.94 -57.04 25.29
C GLY C 1097 65.69 -57.79 26.36
N THR C 1098 66.71 -57.16 26.93
CA THR C 1098 67.54 -57.79 27.95
C THR C 1098 67.72 -56.97 29.21
N HIS C 1099 67.64 -55.64 29.14
CA HIS C 1099 67.81 -54.78 30.29
C HIS C 1099 66.68 -53.77 30.35
N TRP C 1100 66.38 -53.31 31.56
CA TRP C 1100 65.32 -52.34 31.81
C TRP C 1100 65.90 -50.98 32.15
N PHE C 1101 65.25 -49.93 31.66
CA PHE C 1101 65.69 -48.55 31.85
C PHE C 1101 64.49 -47.69 32.21
N VAL C 1102 64.76 -46.48 32.69
CA VAL C 1102 63.75 -45.43 32.88
C VAL C 1102 63.89 -44.44 31.75
N THR C 1103 62.76 -44.06 31.16
CA THR C 1103 62.78 -43.04 30.12
C THR C 1103 61.76 -41.97 30.45
N GLN C 1104 61.98 -40.77 29.93
CA GLN C 1104 60.94 -39.76 29.95
C GLN C 1104 59.89 -40.10 28.90
N ARG C 1105 58.68 -39.62 29.11
CA ARG C 1105 57.57 -40.09 28.30
C ARG C 1105 57.49 -39.49 26.90
N ASN C 1106 58.18 -38.40 26.61
CA ASN C 1106 57.99 -37.70 25.35
C ASN C 1106 59.17 -37.82 24.41
N PHE C 1107 60.28 -38.37 24.85
CA PHE C 1107 61.47 -38.52 24.03
C PHE C 1107 62.23 -39.70 24.57
N TYR C 1108 62.68 -40.60 23.69
CA TYR C 1108 63.41 -41.77 24.16
C TYR C 1108 64.81 -41.40 24.59
N GLU C 1109 65.07 -41.52 25.89
CA GLU C 1109 66.37 -41.15 26.47
C GLU C 1109 66.55 -41.95 27.74
N PRO C 1110 67.10 -43.16 27.65
CA PRO C 1110 67.18 -44.06 28.80
C PRO C 1110 68.29 -43.75 29.78
N GLN C 1111 67.98 -43.93 31.07
CA GLN C 1111 68.95 -43.81 32.14
C GLN C 1111 68.84 -45.02 33.05
N ILE C 1112 69.88 -45.24 33.86
CA ILE C 1112 69.84 -46.40 34.73
C ILE C 1112 68.93 -46.12 35.92
N ILE C 1113 68.23 -47.14 36.37
CA ILE C 1113 67.27 -47.02 37.47
C ILE C 1113 68.02 -47.03 38.78
N THR C 1114 67.96 -45.91 39.50
CA THR C 1114 68.69 -45.70 40.73
C THR C 1114 67.71 -45.29 41.81
N THR C 1115 68.23 -45.07 43.02
CA THR C 1115 67.42 -44.62 44.15
C THR C 1115 67.16 -43.13 44.12
N ASP C 1116 67.76 -42.40 43.18
CA ASP C 1116 67.54 -40.96 43.07
C ASP C 1116 66.54 -40.66 41.98
N ASN C 1117 66.26 -41.66 41.15
CA ASN C 1117 65.32 -41.58 40.05
C ASN C 1117 63.93 -42.04 40.42
N THR C 1118 63.78 -42.76 41.53
CA THR C 1118 62.56 -43.45 41.87
C THR C 1118 62.17 -43.08 43.28
N PHE C 1119 60.98 -43.49 43.68
CA PHE C 1119 60.56 -43.41 45.07
C PHE C 1119 59.89 -44.72 45.44
N VAL C 1120 59.82 -44.96 46.75
CA VAL C 1120 59.32 -46.21 47.30
C VAL C 1120 57.93 -45.96 47.86
N SER C 1121 57.03 -46.90 47.60
CA SER C 1121 55.71 -46.86 48.19
C SER C 1121 55.09 -48.24 48.17
N GLY C 1122 54.82 -48.80 49.33
CA GLY C 1122 54.18 -50.10 49.41
C GLY C 1122 55.10 -51.26 49.13
N ASN C 1123 54.53 -52.45 49.16
CA ASN C 1123 55.26 -53.68 49.00
C ASN C 1123 54.88 -54.32 47.68
N CYS C 1124 55.67 -55.28 47.20
CA CYS C 1124 55.36 -55.97 45.97
C CYS C 1124 54.36 -57.10 46.17
N ASP C 1125 53.15 -56.74 46.59
CA ASP C 1125 52.07 -57.70 46.74
C ASP C 1125 50.75 -57.14 46.24
N VAL C 1126 50.73 -55.84 45.94
CA VAL C 1126 49.53 -55.13 45.53
C VAL C 1126 49.58 -54.64 44.09
N VAL C 1127 50.76 -54.55 43.49
CA VAL C 1127 50.90 -54.06 42.13
C VAL C 1127 50.80 -55.23 41.18
N ILE C 1128 49.92 -55.12 40.19
CA ILE C 1128 49.71 -56.16 39.19
C ILE C 1128 50.65 -55.88 38.04
N GLY C 1129 51.50 -56.84 37.71
CA GLY C 1129 52.45 -56.69 36.65
C GLY C 1129 53.80 -56.18 37.06
N ILE C 1130 54.12 -56.15 38.35
CA ILE C 1130 55.43 -55.72 38.81
C ILE C 1130 56.48 -56.78 38.49
N VAL C 1131 57.68 -56.32 38.18
CA VAL C 1131 58.75 -57.18 37.68
C VAL C 1131 59.98 -57.01 38.54
N ASN C 1132 60.83 -58.03 38.55
CA ASN C 1132 62.09 -58.00 39.28
C ASN C 1132 63.18 -57.32 38.46
N ASN C 1133 63.95 -56.47 39.09
CA ASN C 1133 65.12 -55.88 38.47
C ASN C 1133 66.02 -55.37 39.58
N THR C 1134 67.15 -54.79 39.18
CA THR C 1134 68.10 -54.21 40.11
C THR C 1134 67.99 -52.69 40.08
N VAL C 1135 67.86 -52.10 41.25
CA VAL C 1135 67.91 -50.64 41.41
C VAL C 1135 69.19 -50.31 42.14
N TYR C 1136 70.04 -49.52 41.51
CA TYR C 1136 71.40 -49.32 41.96
C TYR C 1136 71.47 -48.14 42.93
N ASP C 1137 72.13 -48.33 44.03
CA ASP C 1137 72.38 -47.36 45.07
C ASP C 1137 73.75 -46.74 44.87
N PRO C 1138 73.88 -45.44 44.70
CA PRO C 1138 75.21 -44.86 44.46
C PRO C 1138 76.13 -44.86 45.67
N LEU C 1139 75.52 -45.02 46.84
CA LEU C 1139 76.28 -44.89 48.08
C LEU C 1139 77.32 -45.98 48.23
N GLN C 1140 76.93 -47.24 48.02
CA GLN C 1140 77.85 -48.33 48.33
C GLN C 1140 79.08 -48.36 47.44
N PRO C 1141 79.00 -48.11 46.12
CA PRO C 1141 80.24 -48.10 45.33
C PRO C 1141 81.09 -46.89 45.59
N GLU C 1142 80.55 -45.85 46.21
CA GLU C 1142 81.42 -44.77 46.67
C GLU C 1142 82.18 -45.21 47.92
N LEU C 1143 81.54 -46.01 48.76
CA LEU C 1143 82.18 -46.50 49.99
C LEU C 1143 82.98 -47.78 49.75
N ASP C 1144 83.12 -48.18 48.50
CA ASP C 1144 83.85 -49.39 48.12
C ASP C 1144 83.37 -50.65 48.85
N GLN D 1 -37.44 53.00 -13.53
CA GLN D 1 -37.67 54.19 -14.36
C GLN D 1 -36.76 54.17 -15.57
N LEU D 2 -37.34 54.36 -16.76
CA LEU D 2 -36.56 54.43 -17.99
C LEU D 2 -36.83 55.76 -18.69
N VAL D 3 -35.82 56.22 -19.43
CA VAL D 3 -35.95 57.44 -20.21
C VAL D 3 -35.29 57.17 -21.56
N GLN D 4 -35.74 57.89 -22.58
CA GLN D 4 -35.44 57.59 -23.97
C GLN D 4 -34.63 58.73 -24.59
N SER D 5 -34.14 58.47 -25.80
CA SER D 5 -33.44 59.46 -26.59
C SER D 5 -34.45 60.25 -27.42
N GLY D 6 -33.97 61.03 -28.37
CA GLY D 6 -34.86 61.83 -29.18
C GLY D 6 -35.54 61.05 -30.29
N ALA D 7 -36.57 61.67 -30.85
CA ALA D 7 -37.31 61.13 -31.99
C ALA D 7 -37.13 62.07 -33.17
N GLU D 8 -36.66 61.54 -34.29
CA GLU D 8 -36.26 62.38 -35.40
C GLU D 8 -36.31 61.58 -36.70
N VAL D 9 -36.42 62.32 -37.80
CA VAL D 9 -36.51 61.73 -39.14
C VAL D 9 -35.11 61.60 -39.71
N LYS D 10 -34.85 60.47 -40.36
CA LYS D 10 -33.57 60.17 -41.00
C LYS D 10 -33.78 59.98 -42.50
N LYS D 11 -32.72 59.54 -43.17
CA LYS D 11 -32.75 59.26 -44.59
C LYS D 11 -32.56 57.77 -44.83
N PRO D 12 -33.04 57.22 -45.96
CA PRO D 12 -32.91 55.78 -46.20
C PRO D 12 -31.48 55.30 -46.36
N GLY D 13 -31.24 54.06 -45.97
CA GLY D 13 -29.93 53.45 -46.04
C GLY D 13 -28.95 53.90 -44.98
N SER D 14 -29.39 54.69 -44.01
CA SER D 14 -28.50 55.30 -43.03
C SER D 14 -28.24 54.33 -41.88
N SER D 15 -27.65 54.85 -40.80
CA SER D 15 -27.44 54.12 -39.56
C SER D 15 -27.92 54.98 -38.41
N VAL D 16 -28.72 54.40 -37.52
CA VAL D 16 -29.47 55.15 -36.52
C VAL D 16 -29.13 54.62 -35.14
N LYS D 17 -28.79 55.52 -34.22
CA LYS D 17 -28.54 55.21 -32.82
C LYS D 17 -29.72 55.64 -31.98
N VAL D 18 -30.19 54.73 -31.12
CA VAL D 18 -31.17 55.06 -30.09
C VAL D 18 -30.66 54.52 -28.75
N SER D 19 -30.92 55.25 -27.67
CA SER D 19 -30.39 54.91 -26.36
C SER D 19 -31.45 55.04 -25.29
N CYS D 20 -31.53 54.02 -24.44
CA CYS D 20 -32.42 54.02 -23.28
C CYS D 20 -31.58 54.02 -22.00
N LYS D 21 -32.02 54.82 -21.02
CA LYS D 21 -31.26 55.04 -19.80
C LYS D 21 -32.13 54.70 -18.60
N ALA D 22 -31.55 53.95 -17.65
CA ALA D 22 -32.27 53.42 -16.50
C ALA D 22 -31.95 54.23 -15.24
N SER D 23 -32.93 54.28 -14.35
CA SER D 23 -32.83 54.99 -13.08
C SER D 23 -33.95 54.52 -12.17
N GLY D 24 -33.61 54.17 -10.93
CA GLY D 24 -34.62 53.81 -9.95
C GLY D 24 -34.24 52.62 -9.08
N ASP D 25 -33.39 51.74 -9.61
CA ASP D 25 -32.96 50.55 -8.91
C ASP D 25 -31.62 50.08 -9.51
N THR D 26 -31.24 48.85 -9.22
CA THR D 26 -30.07 48.26 -9.86
C THR D 26 -30.33 48.04 -11.35
N PHE D 27 -29.24 47.89 -12.09
CA PHE D 27 -29.29 47.88 -13.54
C PHE D 27 -28.76 46.59 -14.16
N SER D 28 -27.72 45.98 -13.58
CA SER D 28 -27.11 44.81 -14.18
C SER D 28 -27.96 43.56 -13.99
N SER D 29 -28.70 43.49 -12.88
CA SER D 29 -29.52 42.34 -12.57
C SER D 29 -30.52 42.07 -13.68
N TYR D 30 -31.27 43.11 -14.05
CA TYR D 30 -32.27 42.99 -15.08
C TYR D 30 -31.60 42.74 -16.44
N THR D 31 -32.41 42.36 -17.41
CA THR D 31 -32.04 42.31 -18.81
C THR D 31 -32.85 43.36 -19.55
N PHE D 32 -32.67 43.44 -20.87
CA PHE D 32 -33.43 44.44 -21.61
C PHE D 32 -33.83 43.92 -22.98
N SER D 33 -35.12 43.92 -23.26
CA SER D 33 -35.59 43.59 -24.59
C SER D 33 -35.83 44.85 -25.40
N TRP D 34 -36.01 44.67 -26.69
CA TRP D 34 -36.19 45.78 -27.61
C TRP D 34 -37.22 45.35 -28.65
N VAL D 35 -38.37 46.00 -28.67
CA VAL D 35 -39.46 45.62 -29.55
C VAL D 35 -39.76 46.78 -30.50
N ARG D 36 -40.53 46.48 -31.52
CA ARG D 36 -40.77 47.40 -32.63
C ARG D 36 -42.25 47.38 -32.95
N GLN D 37 -42.78 48.54 -33.29
CA GLN D 37 -44.22 48.67 -33.52
C GLN D 37 -44.44 49.53 -34.76
N ALA D 38 -44.95 48.91 -35.81
CA ALA D 38 -45.45 49.67 -36.95
C ALA D 38 -46.66 50.49 -36.51
N PRO D 39 -46.83 51.71 -37.05
CA PRO D 39 -47.89 52.59 -36.54
C PRO D 39 -49.27 52.10 -36.93
N GLY D 40 -50.17 52.06 -35.94
CA GLY D 40 -51.51 51.56 -36.14
C GLY D 40 -51.64 50.05 -36.05
N GLN D 41 -50.54 49.33 -35.82
CA GLN D 41 -50.56 47.87 -35.87
C GLN D 41 -50.02 47.26 -34.59
N GLY D 42 -49.76 45.97 -34.62
CA GLY D 42 -49.34 45.23 -33.45
C GLY D 42 -47.85 45.06 -33.34
N LEU D 43 -47.41 44.69 -32.14
CA LEU D 43 -46.00 44.58 -31.82
C LEU D 43 -45.39 43.36 -32.50
N GLU D 44 -44.07 43.25 -32.34
CA GLU D 44 -43.31 42.04 -32.66
C GLU D 44 -42.07 42.08 -31.78
N TRP D 45 -41.08 41.25 -32.09
CA TRP D 45 -39.89 41.18 -31.27
C TRP D 45 -38.65 41.38 -32.12
N MET D 46 -37.73 42.20 -31.65
CA MET D 46 -36.59 42.62 -32.46
C MET D 46 -35.26 42.19 -31.86
N GLY D 47 -34.96 42.54 -30.62
CA GLY D 47 -33.65 42.21 -30.11
C GLY D 47 -33.51 42.22 -28.60
N ARG D 48 -32.99 41.12 -28.05
CA ARG D 48 -32.79 40.99 -26.63
C ARG D 48 -31.34 41.34 -26.31
N SER D 49 -31.11 41.88 -25.12
CA SER D 49 -29.77 42.27 -24.71
C SER D 49 -29.58 41.96 -23.24
N ILE D 50 -28.41 41.42 -22.93
CA ILE D 50 -28.04 41.03 -21.58
C ILE D 50 -26.87 41.92 -21.14
N PRO D 51 -27.10 42.89 -20.25
CA PRO D 51 -26.01 43.77 -19.82
C PRO D 51 -25.00 43.13 -18.88
N ILE D 52 -25.11 41.85 -18.57
CA ILE D 52 -24.15 41.21 -17.68
C ILE D 52 -22.86 40.89 -18.42
N VAL D 53 -22.95 40.14 -19.51
CA VAL D 53 -21.77 39.73 -20.26
C VAL D 53 -21.65 40.45 -21.59
N GLY D 54 -22.53 41.39 -21.88
CA GLY D 54 -22.50 42.09 -23.15
C GLY D 54 -23.05 41.31 -24.33
N LYS D 55 -23.56 40.11 -24.09
CA LYS D 55 -24.09 39.29 -25.18
C LYS D 55 -25.39 39.89 -25.70
N ALA D 56 -25.60 39.78 -27.00
CA ALA D 56 -26.85 40.15 -27.65
C ALA D 56 -27.43 38.93 -28.32
N ILE D 57 -28.75 38.92 -28.48
CA ILE D 57 -29.43 37.81 -29.12
C ILE D 57 -30.63 38.39 -29.87
N TYR D 58 -30.94 37.79 -31.03
CA TYR D 58 -31.82 38.46 -31.98
C TYR D 58 -32.92 37.55 -32.48
N ALA D 59 -33.67 38.04 -33.46
CA ALA D 59 -34.69 37.25 -34.13
C ALA D 59 -34.21 36.89 -35.53
N GLN D 60 -34.63 35.71 -36.01
CA GLN D 60 -34.24 35.25 -37.33
C GLN D 60 -34.87 36.06 -38.45
N GLU D 61 -35.91 36.84 -38.17
CA GLU D 61 -36.44 37.73 -39.20
C GLU D 61 -35.53 38.93 -39.41
N PHE D 62 -34.99 39.50 -38.35
CA PHE D 62 -34.22 40.73 -38.44
C PHE D 62 -32.91 40.61 -37.67
N GLN D 63 -32.19 39.53 -37.92
CA GLN D 63 -30.82 39.37 -37.44
C GLN D 63 -29.87 40.10 -38.37
N GLY D 64 -28.98 40.91 -37.80
CA GLY D 64 -27.84 41.40 -38.53
C GLY D 64 -27.87 42.87 -38.83
N ARG D 65 -29.03 43.38 -39.22
CA ARG D 65 -29.15 44.77 -39.61
C ARG D 65 -29.33 45.69 -38.41
N VAL D 66 -29.42 45.11 -37.21
CA VAL D 66 -29.43 45.85 -35.96
C VAL D 66 -28.36 45.27 -35.07
N THR D 67 -27.60 46.13 -34.39
CA THR D 67 -26.76 45.72 -33.29
C THR D 67 -27.27 46.37 -32.01
N ILE D 68 -26.94 45.76 -30.89
CA ILE D 68 -27.47 46.18 -29.60
C ILE D 68 -26.46 45.85 -28.52
N SER D 69 -26.13 46.86 -27.71
CA SER D 69 -25.25 46.64 -26.57
C SER D 69 -25.63 47.64 -25.49
N ALA D 70 -24.91 47.57 -24.38
CA ALA D 70 -25.20 48.46 -23.25
C ALA D 70 -23.95 48.61 -22.41
N ASP D 71 -23.96 49.63 -21.57
CA ASP D 71 -22.91 49.82 -20.58
C ASP D 71 -23.54 50.14 -19.24
N ARG D 72 -23.00 49.52 -18.20
CA ARG D 72 -23.42 49.74 -16.82
C ARG D 72 -22.62 50.85 -16.15
N SER D 73 -21.73 51.52 -16.89
CA SER D 73 -21.00 52.65 -16.33
C SER D 73 -21.93 53.83 -16.08
N THR D 74 -22.88 54.03 -16.98
CA THR D 74 -23.95 55.01 -16.78
C THR D 74 -25.31 54.46 -17.17
N THR D 75 -25.42 53.12 -17.23
CA THR D 75 -26.69 52.38 -17.43
C THR D 75 -27.41 52.79 -18.71
N THR D 76 -26.66 52.84 -19.81
CA THR D 76 -27.22 53.25 -21.10
C THR D 76 -27.14 52.11 -22.10
N VAL D 77 -28.25 51.88 -22.81
CA VAL D 77 -28.37 50.82 -23.80
C VAL D 77 -28.48 51.45 -25.17
N TYR D 78 -27.60 51.05 -26.08
CA TYR D 78 -27.53 51.58 -27.44
C TYR D 78 -27.97 50.51 -28.43
N MET D 79 -29.00 50.84 -29.21
CA MET D 79 -29.44 50.05 -30.34
C MET D 79 -29.14 50.81 -31.62
N GLU D 80 -28.38 50.19 -32.53
CA GLU D 80 -28.04 50.79 -33.81
C GLU D 80 -28.72 49.99 -34.91
N LEU D 81 -29.54 50.66 -35.70
CA LEU D 81 -30.26 50.04 -36.80
C LEU D 81 -29.66 50.49 -38.13
N SER D 82 -29.50 49.53 -39.04
CA SER D 82 -29.02 49.78 -40.38
C SER D 82 -30.03 49.21 -41.37
N SER D 83 -29.88 49.64 -42.63
CA SER D 83 -30.75 49.26 -43.76
C SER D 83 -32.20 49.64 -43.50
N LEU D 84 -32.42 50.89 -43.13
CA LEU D 84 -33.78 51.39 -42.98
C LEU D 84 -34.43 51.59 -44.35
N ARG D 85 -35.76 51.56 -44.34
CA ARG D 85 -36.55 51.74 -45.55
C ARG D 85 -37.84 52.46 -45.15
N SER D 86 -38.86 52.41 -46.00
CA SER D 86 -40.19 52.86 -45.63
C SER D 86 -40.98 51.79 -44.90
N ASP D 87 -40.34 50.70 -44.48
CA ASP D 87 -40.96 49.65 -43.70
C ASP D 87 -40.47 49.61 -42.27
N ASP D 88 -39.59 50.53 -41.86
CA ASP D 88 -39.14 50.63 -40.49
C ASP D 88 -39.53 51.95 -39.85
N THR D 89 -40.38 52.74 -40.52
CA THR D 89 -40.86 54.02 -39.99
C THR D 89 -41.83 53.73 -38.85
N ALA D 90 -41.25 53.47 -37.67
CA ALA D 90 -41.94 52.75 -36.63
C ALA D 90 -41.53 53.31 -35.27
N VAL D 91 -42.28 52.92 -34.25
CA VAL D 91 -41.98 53.34 -32.89
C VAL D 91 -41.24 52.19 -32.23
N TYR D 92 -40.21 52.51 -31.47
CA TYR D 92 -39.30 51.50 -30.95
C TYR D 92 -39.26 51.60 -29.45
N TYR D 93 -39.49 50.48 -28.76
CA TYR D 93 -39.65 50.46 -27.31
C TYR D 93 -38.56 49.58 -26.70
N CYS D 94 -37.70 50.18 -25.88
CA CYS D 94 -36.94 49.36 -24.96
C CYS D 94 -37.86 48.89 -23.84
N ALA D 95 -37.49 47.77 -23.22
CA ALA D 95 -38.38 47.22 -22.21
C ALA D 95 -37.61 46.42 -21.19
N ARG D 96 -38.13 46.42 -19.96
CA ARG D 96 -37.56 45.67 -18.85
C ARG D 96 -38.21 44.29 -18.83
N ASP D 97 -37.42 43.27 -19.10
CA ASP D 97 -37.92 41.90 -19.06
C ASP D 97 -38.14 41.50 -17.61
N GLN D 98 -39.40 41.39 -17.19
CA GLN D 98 -39.70 40.85 -15.86
C GLN D 98 -39.37 39.37 -15.87
N SER D 99 -38.41 38.97 -15.04
CA SER D 99 -37.85 37.64 -15.17
C SER D 99 -38.81 36.61 -14.56
N GLY D 100 -39.46 36.97 -13.46
CA GLY D 100 -40.62 36.27 -12.94
C GLY D 100 -40.41 34.84 -12.50
N PHE D 101 -41.27 33.95 -13.03
CA PHE D 101 -41.03 32.53 -13.32
C PHE D 101 -42.21 32.06 -14.14
N ASP D 102 -41.94 31.33 -15.23
CA ASP D 102 -43.01 30.83 -16.10
C ASP D 102 -43.73 31.89 -16.96
N PHE D 103 -43.42 33.17 -16.75
CA PHE D 103 -44.07 34.23 -17.52
C PHE D 103 -43.04 35.31 -17.81
N PHE D 104 -43.36 36.17 -18.76
CA PHE D 104 -42.40 37.18 -19.19
C PHE D 104 -42.87 38.59 -18.85
N TYR D 105 -44.06 38.98 -19.27
CA TYR D 105 -44.87 40.02 -18.65
C TYR D 105 -44.37 41.45 -18.82
N TYR D 106 -43.09 41.65 -19.21
CA TYR D 106 -42.59 42.94 -19.69
C TYR D 106 -42.82 44.12 -18.73
N ASP D 107 -41.94 44.30 -17.73
CA ASP D 107 -42.07 44.98 -16.44
C ASP D 107 -42.34 46.47 -16.55
N HIS D 108 -41.69 47.31 -15.73
CA HIS D 108 -41.78 48.78 -15.73
C HIS D 108 -41.92 49.43 -17.12
N TRP D 109 -41.24 48.88 -18.12
CA TRP D 109 -41.55 48.85 -19.54
C TRP D 109 -41.16 50.13 -20.25
N GLY D 110 -40.86 51.20 -19.55
CA GLY D 110 -40.29 52.42 -20.12
C GLY D 110 -41.09 53.13 -21.19
N GLN D 111 -40.37 53.86 -22.03
CA GLN D 111 -40.95 54.68 -23.08
C GLN D 111 -39.90 54.77 -24.18
N GLY D 112 -40.34 54.67 -25.43
CA GLY D 112 -39.43 54.55 -26.55
C GLY D 112 -39.55 55.71 -27.52
N THR D 113 -38.80 55.59 -28.61
CA THR D 113 -38.58 56.68 -29.55
C THR D 113 -39.29 56.39 -30.86
N LEU D 114 -39.93 57.40 -31.43
CA LEU D 114 -40.39 57.29 -32.80
C LEU D 114 -39.20 57.37 -33.74
N VAL D 115 -39.29 56.67 -34.86
CA VAL D 115 -38.30 56.75 -35.92
C VAL D 115 -39.04 56.91 -37.23
N ALA D 116 -38.80 58.02 -37.92
CA ALA D 116 -39.35 58.25 -39.25
C ALA D 116 -38.22 58.35 -40.26
N VAL D 117 -38.57 58.21 -41.53
CA VAL D 117 -37.57 58.11 -42.59
C VAL D 117 -37.77 59.20 -43.65
N GLN E 1 -50.67 39.36 -37.22
CA GLN E 1 -50.08 38.72 -38.39
C GLN E 1 -49.01 37.74 -37.90
N SER E 2 -48.60 37.91 -36.64
CA SER E 2 -47.58 37.05 -36.05
C SER E 2 -48.22 35.73 -35.62
N VAL E 3 -47.49 34.95 -34.81
CA VAL E 3 -47.85 33.56 -34.56
C VAL E 3 -49.08 33.38 -33.67
N LEU E 4 -49.60 34.44 -33.07
CA LEU E 4 -50.78 34.37 -32.20
C LEU E 4 -51.84 35.31 -32.75
N THR E 5 -52.84 34.72 -33.40
CA THR E 5 -53.82 35.50 -34.14
C THR E 5 -54.82 36.15 -33.18
N GLN E 6 -54.97 37.47 -33.32
CA GLN E 6 -55.90 38.27 -32.56
C GLN E 6 -57.06 38.69 -33.44
N PRO E 7 -58.30 38.51 -33.03
CA PRO E 7 -59.43 39.13 -33.75
C PRO E 7 -59.34 40.64 -33.69
N PRO E 8 -59.62 41.32 -34.80
CA PRO E 8 -59.23 42.74 -34.91
C PRO E 8 -60.12 43.74 -34.17
N SER E 9 -61.43 43.54 -34.16
CA SER E 9 -62.32 44.56 -33.64
C SER E 9 -63.39 43.94 -32.77
N ALA E 10 -63.91 44.76 -31.85
CA ALA E 10 -65.03 44.44 -30.96
C ALA E 10 -65.50 45.75 -30.34
N SER E 11 -66.81 45.85 -30.14
CA SER E 11 -67.41 47.02 -29.49
C SER E 11 -68.77 46.59 -28.95
N GLY E 12 -69.54 47.56 -28.49
CA GLY E 12 -70.87 47.28 -28.00
C GLY E 12 -71.24 48.20 -26.85
N THR E 13 -72.20 47.73 -26.05
CA THR E 13 -72.79 48.56 -25.01
C THR E 13 -71.82 48.74 -23.84
N PRO E 14 -71.84 49.90 -23.19
CA PRO E 14 -71.05 50.08 -21.97
C PRO E 14 -71.74 49.45 -20.78
N GLY E 15 -71.02 49.41 -19.66
CA GLY E 15 -71.57 48.91 -18.41
C GLY E 15 -71.88 47.43 -18.39
N GLN E 16 -71.28 46.66 -19.29
CA GLN E 16 -71.60 45.26 -19.46
C GLN E 16 -70.31 44.46 -19.51
N ARG E 17 -70.38 43.23 -19.02
CA ARG E 17 -69.28 42.28 -19.21
C ARG E 17 -69.15 41.95 -20.70
N VAL E 18 -67.91 41.90 -21.17
CA VAL E 18 -67.57 41.41 -22.50
C VAL E 18 -66.37 40.50 -22.39
N THR E 19 -66.06 39.80 -23.47
CA THR E 19 -64.92 38.90 -23.49
C THR E 19 -64.15 39.06 -24.79
N ILE E 20 -62.87 38.77 -24.73
CA ILE E 20 -62.01 38.80 -25.90
C ILE E 20 -61.00 37.66 -25.78
N SER E 21 -60.79 36.94 -26.88
CA SER E 21 -60.01 35.71 -26.81
C SER E 21 -58.91 35.69 -27.85
N CYS E 22 -57.88 34.90 -27.54
CA CYS E 22 -56.67 34.81 -28.31
C CYS E 22 -56.34 33.32 -28.40
N SER E 23 -56.07 32.84 -29.62
CA SER E 23 -55.86 31.42 -29.85
C SER E 23 -54.92 31.23 -31.03
N GLY E 24 -53.80 30.57 -30.79
CA GLY E 24 -52.84 30.31 -31.84
C GLY E 24 -52.35 28.88 -31.85
N SER E 25 -51.15 28.67 -32.36
CA SER E 25 -50.58 27.33 -32.44
C SER E 25 -50.23 26.80 -31.06
N GLY E 26 -50.29 25.48 -30.91
CA GLY E 26 -49.96 24.83 -29.66
C GLY E 26 -48.49 24.81 -29.30
N SER E 27 -47.63 25.40 -30.13
CA SER E 27 -46.22 25.54 -29.78
C SER E 27 -46.02 26.43 -28.57
N ASN E 28 -46.83 27.47 -28.42
CA ASN E 28 -46.69 28.34 -27.26
C ASN E 28 -47.99 28.56 -26.51
N ILE E 29 -49.12 28.69 -27.20
CA ILE E 29 -50.35 29.11 -26.55
C ILE E 29 -51.01 27.96 -25.82
N GLY E 30 -50.66 26.72 -26.15
CA GLY E 30 -51.04 25.56 -25.36
C GLY E 30 -49.90 24.95 -24.59
N SER E 31 -48.77 25.65 -24.45
CA SER E 31 -47.62 25.10 -23.78
C SER E 31 -47.06 26.07 -22.74
N ASN E 32 -47.32 27.37 -22.93
CA ASN E 32 -46.81 28.40 -22.03
C ASN E 32 -47.93 29.40 -21.73
N THR E 33 -47.61 30.38 -20.88
CA THR E 33 -48.63 31.29 -20.37
C THR E 33 -49.07 32.28 -21.44
N ILE E 34 -50.10 33.06 -21.12
CA ILE E 34 -50.60 34.12 -21.99
C ILE E 34 -50.80 35.35 -21.12
N ASN E 35 -49.85 36.27 -21.17
CA ASN E 35 -50.00 37.54 -20.49
C ASN E 35 -50.80 38.48 -21.36
N TRP E 36 -51.30 39.56 -20.77
CA TRP E 36 -52.14 40.50 -21.50
C TRP E 36 -51.74 41.92 -21.14
N TYR E 37 -51.62 42.78 -22.17
CA TYR E 37 -51.32 44.19 -22.00
C TYR E 37 -52.43 45.05 -22.59
N GLN E 38 -52.42 46.32 -22.20
CA GLN E 38 -53.36 47.32 -22.69
C GLN E 38 -52.60 48.53 -23.23
N GLN E 39 -52.98 48.98 -24.41
CA GLN E 39 -52.37 50.12 -25.08
C GLN E 39 -53.33 51.29 -25.06
N LEU E 40 -52.95 52.35 -24.35
CA LEU E 40 -53.66 53.62 -24.43
C LEU E 40 -53.07 54.46 -25.56
N PRO E 41 -53.90 55.04 -26.43
CA PRO E 41 -53.37 55.75 -27.60
C PRO E 41 -52.72 57.07 -27.21
N GLY E 42 -51.71 57.44 -27.99
CA GLY E 42 -50.97 58.66 -27.77
C GLY E 42 -49.90 58.58 -26.71
N THR E 43 -49.69 57.41 -26.11
CA THR E 43 -48.75 57.28 -25.00
C THR E 43 -48.18 55.87 -24.98
N ALA E 44 -47.42 55.56 -23.95
CA ALA E 44 -46.86 54.22 -23.81
C ALA E 44 -47.88 53.29 -23.15
N PRO E 45 -48.05 52.08 -23.67
CA PRO E 45 -48.96 51.10 -23.05
C PRO E 45 -48.56 50.60 -21.67
N LYS E 46 -49.40 49.74 -21.09
CA LYS E 46 -49.28 49.24 -19.73
C LYS E 46 -49.16 47.72 -19.73
N VAL E 47 -49.23 47.15 -18.52
CA VAL E 47 -49.44 45.72 -18.33
C VAL E 47 -50.79 45.52 -17.64
N LEU E 48 -51.45 44.41 -17.96
CA LEU E 48 -52.74 44.10 -17.35
C LEU E 48 -52.70 42.84 -16.51
N ILE E 49 -52.28 41.69 -17.05
CA ILE E 49 -52.35 40.46 -16.28
C ILE E 49 -51.29 39.47 -16.73
N TYR E 50 -50.55 38.93 -15.77
CA TYR E 50 -49.58 37.88 -15.98
C TYR E 50 -50.07 36.58 -15.36
N ARG E 51 -49.58 35.46 -15.92
CA ARG E 51 -49.90 34.08 -15.51
C ARG E 51 -51.40 33.77 -15.57
N ASN E 52 -52.14 34.53 -16.39
CA ASN E 52 -53.55 34.35 -16.73
C ASN E 52 -54.54 34.55 -15.58
N ASN E 53 -54.06 34.74 -14.36
CA ASN E 53 -55.02 34.90 -13.29
C ASN E 53 -54.74 36.12 -12.42
N GLU E 54 -53.47 36.40 -12.12
CA GLU E 54 -53.11 37.37 -11.09
C GLU E 54 -52.80 38.72 -11.72
N ARG E 55 -53.48 39.75 -11.24
CA ARG E 55 -53.15 41.11 -11.61
C ARG E 55 -51.86 41.53 -10.90
N PRO E 56 -51.24 42.62 -11.33
CA PRO E 56 -50.24 43.27 -10.46
C PRO E 56 -50.90 44.25 -9.51
N SER E 57 -50.10 44.92 -8.68
CA SER E 57 -50.62 45.91 -7.77
C SER E 57 -51.05 47.16 -8.50
N GLY E 58 -51.95 47.92 -7.89
CA GLY E 58 -52.42 49.19 -8.41
C GLY E 58 -53.52 49.13 -9.43
N VAL E 59 -53.46 48.17 -10.35
CA VAL E 59 -54.44 48.03 -11.43
C VAL E 59 -55.75 47.53 -10.83
N PRO E 60 -56.91 47.83 -11.46
CA PRO E 60 -58.19 47.45 -10.84
C PRO E 60 -58.48 45.96 -10.84
N ASP E 61 -59.67 45.61 -10.35
CA ASP E 61 -60.06 44.22 -10.13
C ASP E 61 -60.95 43.66 -11.23
N ARG E 62 -61.70 44.52 -11.94
CA ARG E 62 -62.80 44.05 -12.79
C ARG E 62 -62.35 43.28 -14.02
N PHE E 63 -61.10 43.45 -14.45
CA PHE E 63 -60.56 42.62 -15.51
C PHE E 63 -60.21 41.25 -14.95
N SER E 64 -60.42 40.21 -15.76
CA SER E 64 -59.97 38.88 -15.33
C SER E 64 -59.57 38.06 -16.54
N GLY E 65 -58.43 37.42 -16.44
CA GLY E 65 -57.99 36.56 -17.51
C GLY E 65 -58.34 35.11 -17.26
N SER E 66 -58.32 34.33 -18.33
CA SER E 66 -58.52 32.89 -18.23
C SER E 66 -57.73 32.22 -19.34
N LYS E 67 -56.95 31.20 -19.00
CA LYS E 67 -56.34 30.34 -20.00
C LYS E 67 -57.20 29.09 -20.18
N SER E 68 -58.39 29.30 -20.77
CA SER E 68 -59.31 28.19 -21.03
C SER E 68 -58.76 27.42 -22.23
N GLY E 69 -57.79 26.56 -21.94
CA GLY E 69 -57.12 25.77 -22.97
C GLY E 69 -56.37 26.65 -23.96
N THR E 70 -56.61 26.39 -25.24
CA THR E 70 -56.07 27.22 -26.30
C THR E 70 -56.77 28.57 -26.42
N SER E 71 -57.90 28.76 -25.72
CA SER E 71 -58.62 30.03 -25.74
C SER E 71 -58.21 30.83 -24.51
N ALA E 72 -57.43 31.89 -24.72
CA ALA E 72 -57.13 32.82 -23.65
C ALA E 72 -58.13 33.96 -23.73
N SER E 73 -58.91 34.17 -22.66
CA SER E 73 -60.00 35.12 -22.71
C SER E 73 -59.93 36.09 -21.55
N LEU E 74 -60.00 37.38 -21.88
CA LEU E 74 -60.23 38.43 -20.90
C LEU E 74 -61.72 38.66 -20.79
N THR E 75 -62.22 38.64 -19.55
CA THR E 75 -63.58 39.06 -19.25
C THR E 75 -63.53 40.39 -18.52
N ILE E 76 -64.40 41.31 -18.96
CA ILE E 76 -64.48 42.67 -18.47
C ILE E 76 -65.90 42.83 -17.92
N SER E 77 -66.06 42.66 -16.61
CA SER E 77 -67.33 42.83 -15.94
C SER E 77 -67.42 44.26 -15.41
N GLY E 78 -68.52 44.94 -15.74
CA GLY E 78 -68.67 46.32 -15.34
C GLY E 78 -67.77 47.24 -16.14
N LEU E 79 -68.04 47.34 -17.44
CA LEU E 79 -67.20 48.13 -18.33
C LEU E 79 -67.37 49.62 -18.06
N GLN E 80 -66.27 50.34 -18.00
CA GLN E 80 -66.24 51.74 -17.62
C GLN E 80 -65.87 52.61 -18.83
N SER E 81 -65.79 53.92 -18.60
CA SER E 81 -65.74 54.90 -19.68
C SER E 81 -64.36 55.53 -19.84
N GLU E 82 -63.30 54.76 -19.63
CA GLU E 82 -61.97 55.31 -19.85
C GLU E 82 -61.01 54.40 -20.60
N ASP E 83 -61.32 53.11 -20.77
CA ASP E 83 -60.36 52.15 -21.32
C ASP E 83 -60.64 51.78 -22.77
N GLU E 84 -61.04 52.76 -23.58
CA GLU E 84 -61.03 52.60 -25.03
C GLU E 84 -59.58 52.44 -25.50
N ALA E 85 -59.21 51.23 -25.92
CA ALA E 85 -57.79 50.89 -25.94
C ALA E 85 -57.54 49.77 -26.94
N TYR E 86 -56.29 49.32 -26.99
CA TYR E 86 -55.88 48.19 -27.81
C TYR E 86 -55.35 47.09 -26.90
N TYR E 87 -56.04 45.95 -26.87
CA TYR E 87 -55.67 44.88 -25.95
C TYR E 87 -54.83 43.84 -26.67
N HIS E 88 -53.68 43.51 -26.09
CA HIS E 88 -52.63 42.77 -26.78
C HIS E 88 -52.29 41.50 -26.02
N CYS E 89 -52.36 40.36 -26.71
CA CYS E 89 -51.89 39.10 -26.17
C CYS E 89 -50.39 39.12 -26.04
N ALA E 90 -49.86 38.17 -25.29
CA ALA E 90 -48.42 37.96 -25.26
C ALA E 90 -48.16 36.55 -24.78
N ALA E 91 -47.08 35.95 -25.29
CA ALA E 91 -46.72 34.64 -24.78
C ALA E 91 -45.24 34.40 -25.01
N TRP E 92 -44.60 33.75 -24.06
CA TRP E 92 -43.30 33.17 -24.34
C TRP E 92 -43.47 32.03 -25.34
N ASP E 93 -42.50 31.88 -26.25
CA ASP E 93 -42.53 30.81 -27.24
C ASP E 93 -41.16 30.17 -27.34
N ASP E 94 -41.15 28.84 -27.23
CA ASP E 94 -39.92 28.07 -27.32
C ASP E 94 -39.48 27.80 -28.74
N SER E 95 -40.36 28.01 -29.72
CA SER E 95 -39.99 27.76 -31.12
C SER E 95 -39.06 28.85 -31.64
N LEU E 96 -39.51 30.10 -31.58
CA LEU E 96 -38.67 31.21 -31.96
C LEU E 96 -37.72 31.63 -30.86
N ASN E 97 -37.85 31.02 -29.67
CA ASN E 97 -37.05 31.31 -28.47
C ASN E 97 -37.15 32.79 -28.10
N GLY E 98 -38.37 33.22 -27.79
CA GLY E 98 -38.62 34.61 -27.50
C GLY E 98 -40.06 34.89 -27.17
N PRO E 99 -40.34 36.06 -26.62
CA PRO E 99 -41.73 36.51 -26.54
C PRO E 99 -42.27 36.78 -27.91
N VAL E 100 -43.55 36.50 -28.10
CA VAL E 100 -44.24 36.81 -29.33
C VAL E 100 -45.57 37.42 -28.96
N PHE E 101 -45.92 38.47 -29.68
CA PHE E 101 -47.06 39.30 -29.33
C PHE E 101 -48.11 39.15 -30.42
N GLY E 102 -49.17 39.95 -30.30
CA GLY E 102 -50.27 39.87 -31.24
C GLY E 102 -50.77 41.27 -31.55
N GLY E 103 -51.64 41.35 -32.56
CA GLY E 103 -52.06 42.64 -33.09
C GLY E 103 -52.84 43.48 -32.10
N GLY E 104 -53.63 42.83 -31.24
CA GLY E 104 -54.39 43.57 -30.26
C GLY E 104 -55.70 44.04 -30.82
N THR E 105 -56.80 43.68 -30.17
CA THR E 105 -58.11 44.13 -30.61
C THR E 105 -58.29 45.59 -30.20
N LYS E 106 -58.81 46.40 -31.14
CA LYS E 106 -59.07 47.82 -30.89
C LYS E 106 -60.44 47.94 -30.23
N LEU E 107 -60.46 47.68 -28.93
CA LEU E 107 -61.73 47.63 -28.21
C LEU E 107 -62.17 49.05 -27.87
N THR E 108 -63.38 49.40 -28.29
CA THR E 108 -63.89 50.77 -28.20
C THR E 108 -65.13 50.80 -27.33
N VAL E 109 -65.12 51.66 -26.32
CA VAL E 109 -66.26 51.85 -25.42
C VAL E 109 -67.13 52.96 -25.98
N LEU E 110 -68.38 52.65 -26.25
CA LEU E 110 -69.31 53.62 -26.80
C LEU E 110 -69.75 54.62 -25.73
N GLY E 111 -70.44 55.67 -26.17
CA GLY E 111 -70.99 56.66 -25.28
C GLY E 111 -72.39 56.30 -24.82
N GLN F 1 -18.99 29.19 -71.36
CA GLN F 1 -19.63 29.31 -72.66
C GLN F 1 -21.14 29.22 -72.53
N LEU F 2 -21.86 30.17 -73.10
CA LEU F 2 -23.32 30.14 -73.09
C LEU F 2 -23.84 30.18 -74.52
N VAL F 3 -25.01 29.59 -74.73
CA VAL F 3 -25.68 29.60 -76.02
C VAL F 3 -27.16 29.85 -75.76
N GLN F 4 -27.83 30.43 -76.75
CA GLN F 4 -29.15 30.99 -76.60
C GLN F 4 -30.15 30.23 -77.46
N SER F 5 -31.42 30.54 -77.24
CA SER F 5 -32.51 30.00 -78.04
C SER F 5 -32.73 30.90 -79.26
N GLY F 6 -33.83 30.68 -79.97
CA GLY F 6 -34.09 31.47 -81.16
C GLY F 6 -34.66 32.85 -80.85
N ALA F 7 -34.63 33.69 -81.88
CA ALA F 7 -35.20 35.03 -81.84
C ALA F 7 -36.35 35.11 -82.83
N GLU F 8 -37.52 35.51 -82.36
CA GLU F 8 -38.72 35.41 -83.17
C GLU F 8 -39.76 36.40 -82.67
N VAL F 9 -40.68 36.76 -83.57
CA VAL F 9 -41.75 37.70 -83.28
C VAL F 9 -42.96 36.94 -82.75
N LYS F 10 -43.60 37.49 -81.73
CA LYS F 10 -44.80 36.92 -81.12
C LYS F 10 -45.96 37.90 -81.26
N LYS F 11 -47.06 37.58 -80.60
CA LYS F 11 -48.26 38.40 -80.57
C LYS F 11 -48.49 38.94 -79.17
N PRO F 12 -49.18 40.08 -79.02
CA PRO F 12 -49.38 40.66 -77.68
C PRO F 12 -50.24 39.79 -76.77
N GLY F 13 -49.98 39.90 -75.47
CA GLY F 13 -50.69 39.14 -74.47
C GLY F 13 -50.31 37.68 -74.37
N SER F 14 -49.28 37.24 -75.09
CA SER F 14 -48.94 35.83 -75.17
C SER F 14 -48.04 35.43 -74.00
N SER F 15 -47.45 34.25 -74.10
CA SER F 15 -46.47 33.75 -73.14
C SER F 15 -45.27 33.22 -73.92
N VAL F 16 -44.07 33.64 -73.53
CA VAL F 16 -42.86 33.44 -74.32
C VAL F 16 -41.83 32.70 -73.48
N LYS F 17 -41.27 31.63 -74.04
CA LYS F 17 -40.19 30.87 -73.43
C LYS F 17 -38.87 31.22 -74.10
N VAL F 18 -37.85 31.51 -73.29
CA VAL F 18 -36.48 31.64 -73.77
C VAL F 18 -35.57 30.79 -72.88
N SER F 19 -34.55 30.18 -73.47
CA SER F 19 -33.69 29.25 -72.75
C SER F 19 -32.22 29.51 -73.07
N CYS F 20 -31.41 29.54 -72.01
CA CYS F 20 -29.96 29.66 -72.14
C CYS F 20 -29.30 28.39 -71.64
N LYS F 21 -28.28 27.94 -72.35
CA LYS F 21 -27.64 26.65 -72.10
C LYS F 21 -26.15 26.88 -71.89
N ALA F 22 -25.59 26.25 -70.85
CA ALA F 22 -24.22 26.44 -70.42
C ALA F 22 -23.35 25.27 -70.83
N SER F 23 -22.07 25.58 -71.09
CA SER F 23 -21.08 24.60 -71.49
C SER F 23 -19.70 25.20 -71.31
N GLY F 24 -18.80 24.47 -70.67
CA GLY F 24 -17.43 24.91 -70.52
C GLY F 24 -16.83 24.65 -69.15
N ASP F 25 -17.68 24.58 -68.13
CA ASP F 25 -17.25 24.35 -66.75
C ASP F 25 -18.43 23.79 -65.97
N THR F 26 -18.33 23.82 -64.65
CA THR F 26 -19.44 23.45 -63.80
C THR F 26 -20.58 24.46 -63.94
N PHE F 27 -21.77 24.04 -63.53
CA PHE F 27 -22.99 24.79 -63.77
C PHE F 27 -23.73 25.17 -62.50
N SER F 28 -23.75 24.31 -61.48
CA SER F 28 -24.52 24.59 -60.29
C SER F 28 -23.86 25.63 -59.40
N SER F 29 -22.53 25.69 -59.42
CA SER F 29 -21.79 26.62 -58.58
C SER F 29 -22.20 28.06 -58.88
N TYR F 30 -22.17 28.43 -60.15
CA TYR F 30 -22.54 29.76 -60.57
C TYR F 30 -24.04 29.99 -60.32
N THR F 31 -24.43 31.26 -60.41
CA THR F 31 -25.83 31.67 -60.46
C THR F 31 -26.09 32.27 -61.83
N PHE F 32 -27.30 32.75 -62.07
CA PHE F 32 -27.59 33.32 -63.37
C PHE F 32 -28.54 34.51 -63.26
N SER F 33 -28.11 35.65 -63.76
CA SER F 33 -28.98 36.81 -63.84
C SER F 33 -29.60 36.90 -65.22
N TRP F 34 -30.62 37.75 -65.33
CA TRP F 34 -31.35 37.91 -66.58
C TRP F 34 -31.69 39.39 -66.70
N VAL F 35 -31.14 40.05 -67.70
CA VAL F 35 -31.32 41.47 -67.88
C VAL F 35 -32.02 41.73 -69.21
N ARG F 36 -32.49 42.97 -69.37
CA ARG F 36 -33.34 43.33 -70.48
C ARG F 36 -32.86 44.65 -71.04
N GLN F 37 -32.92 44.80 -72.36
CA GLN F 37 -32.39 45.99 -73.02
C GLN F 37 -33.37 46.43 -74.09
N ALA F 38 -33.98 47.59 -73.87
CA ALA F 38 -34.73 48.24 -74.93
C ALA F 38 -33.77 48.65 -76.04
N PRO F 39 -34.19 48.58 -77.30
CA PRO F 39 -33.25 48.82 -78.41
C PRO F 39 -32.84 50.28 -78.51
N GLY F 40 -31.54 50.51 -78.63
CA GLY F 40 -30.99 51.86 -78.66
C GLY F 40 -30.78 52.49 -77.30
N GLN F 41 -31.11 51.79 -76.22
CA GLN F 41 -31.08 52.40 -74.90
C GLN F 41 -30.24 51.58 -73.93
N GLY F 42 -30.35 51.88 -72.64
CA GLY F 42 -29.52 51.27 -71.64
C GLY F 42 -30.20 50.11 -70.93
N LEU F 43 -29.38 49.33 -70.24
CA LEU F 43 -29.84 48.11 -69.59
C LEU F 43 -30.68 48.43 -68.36
N GLU F 44 -31.21 47.37 -67.77
CA GLU F 44 -31.82 47.38 -66.44
C GLU F 44 -31.72 45.97 -65.89
N TRP F 45 -32.46 45.68 -64.84
CA TRP F 45 -32.36 44.37 -64.23
C TRP F 45 -33.75 43.75 -64.11
N MET F 46 -33.86 42.47 -64.47
CA MET F 46 -35.15 41.83 -64.59
C MET F 46 -35.31 40.66 -63.63
N GLY F 47 -34.42 39.68 -63.65
CA GLY F 47 -34.64 38.53 -62.78
C GLY F 47 -33.43 37.68 -62.50
N ARG F 48 -33.18 37.42 -61.23
CA ARG F 48 -32.06 36.61 -60.79
C ARG F 48 -32.55 35.19 -60.56
N SER F 49 -31.67 34.21 -60.78
CA SER F 49 -32.03 32.82 -60.60
C SER F 49 -30.87 32.06 -60.01
N ILE F 50 -31.18 31.20 -59.05
CA ILE F 50 -30.20 30.40 -58.34
C ILE F 50 -30.46 28.94 -58.68
N PRO F 51 -29.64 28.30 -59.51
CA PRO F 51 -29.87 26.90 -59.87
C PRO F 51 -29.55 25.89 -58.77
N ILE F 52 -29.18 26.32 -57.57
CA ILE F 52 -28.88 25.37 -56.51
C ILE F 52 -30.16 24.85 -55.88
N VAL F 53 -31.02 25.75 -55.39
CA VAL F 53 -32.25 25.35 -54.72
C VAL F 53 -33.49 25.64 -55.57
N GLY F 54 -33.32 26.11 -56.80
CA GLY F 54 -34.44 26.45 -57.63
C GLY F 54 -35.14 27.75 -57.30
N LYS F 55 -34.62 28.50 -56.34
CA LYS F 55 -35.24 29.76 -55.94
C LYS F 55 -35.04 30.80 -57.03
N ALA F 56 -36.04 31.64 -57.22
CA ALA F 56 -35.96 32.79 -58.11
C ALA F 56 -36.18 34.05 -57.30
N ILE F 57 -35.63 35.16 -57.78
CA ILE F 57 -35.78 36.45 -57.10
C ILE F 57 -35.83 37.52 -58.17
N TYR F 58 -36.64 38.56 -57.92
CA TYR F 58 -37.02 39.46 -59.00
C TYR F 58 -36.84 40.91 -58.64
N ALA F 59 -37.31 41.80 -59.51
CA ALA F 59 -37.33 43.22 -59.25
C ALA F 59 -38.76 43.68 -58.98
N GLN F 60 -38.89 44.70 -58.12
CA GLN F 60 -40.20 45.22 -57.77
C GLN F 60 -40.88 45.95 -58.91
N GLU F 61 -40.14 46.32 -59.96
CA GLU F 61 -40.77 46.90 -61.12
C GLU F 61 -41.48 45.84 -61.96
N PHE F 62 -40.88 44.67 -62.12
CA PHE F 62 -41.41 43.64 -63.00
C PHE F 62 -41.43 42.28 -62.30
N GLN F 63 -41.95 42.26 -61.08
CA GLN F 63 -42.25 41.03 -60.39
C GLN F 63 -43.58 40.45 -60.88
N GLY F 64 -43.58 39.17 -61.22
CA GLY F 64 -44.82 38.44 -61.39
C GLY F 64 -45.12 38.05 -62.81
N ARG F 65 -44.88 38.96 -63.74
CA ARG F 65 -45.21 38.70 -65.14
C ARG F 65 -44.13 37.90 -65.84
N VAL F 66 -43.03 37.60 -65.16
CA VAL F 66 -41.99 36.71 -65.64
C VAL F 66 -41.75 35.65 -64.57
N THR F 67 -41.61 34.40 -64.99
CA THR F 67 -41.08 33.37 -64.13
C THR F 67 -39.76 32.89 -64.70
N ILE F 68 -38.94 32.30 -63.85
CA ILE F 68 -37.58 31.93 -64.20
C ILE F 68 -37.15 30.73 -63.37
N SER F 69 -36.68 29.69 -64.04
CA SER F 69 -36.15 28.52 -63.36
C SER F 69 -35.08 27.90 -64.23
N ALA F 70 -34.49 26.82 -63.74
CA ALA F 70 -33.43 26.16 -64.47
C ALA F 70 -33.36 24.71 -64.03
N ASP F 71 -32.68 23.90 -64.84
CA ASP F 71 -32.38 22.53 -64.49
C ASP F 71 -30.92 22.24 -64.78
N ARG F 72 -30.28 21.54 -63.85
CA ARG F 72 -28.91 21.11 -63.97
C ARG F 72 -28.79 19.72 -64.61
N SER F 73 -29.90 19.13 -65.03
CA SER F 73 -29.87 17.86 -65.72
C SER F 73 -29.23 18.01 -67.09
N THR F 74 -29.50 19.12 -67.77
CA THR F 74 -28.83 19.47 -69.01
C THR F 74 -28.43 20.94 -69.04
N THR F 75 -28.37 21.58 -67.86
CA THR F 75 -27.85 22.95 -67.65
C THR F 75 -28.59 23.98 -68.49
N THR F 76 -29.92 23.92 -68.46
CA THR F 76 -30.75 24.84 -69.24
C THR F 76 -31.59 25.70 -68.33
N VAL F 77 -31.62 27.00 -68.62
CA VAL F 77 -32.35 27.99 -67.84
C VAL F 77 -33.50 28.50 -68.70
N TYR F 78 -34.72 28.41 -68.16
CA TYR F 78 -35.94 28.82 -68.85
C TYR F 78 -36.51 30.07 -68.18
N MET F 79 -36.67 31.12 -68.97
CA MET F 79 -37.36 32.35 -68.58
C MET F 79 -38.65 32.44 -69.39
N GLU F 80 -39.79 32.53 -68.70
CA GLU F 80 -41.09 32.67 -69.35
C GLU F 80 -41.64 34.04 -69.02
N LEU F 81 -41.92 34.82 -70.06
CA LEU F 81 -42.46 36.16 -69.92
C LEU F 81 -43.93 36.17 -70.33
N SER F 82 -44.75 36.86 -69.54
CA SER F 82 -46.15 37.06 -69.84
C SER F 82 -46.46 38.55 -69.82
N SER F 83 -47.63 38.89 -70.37
CA SER F 83 -48.13 40.26 -70.52
C SER F 83 -47.17 41.13 -71.32
N LEU F 84 -46.81 40.63 -72.50
CA LEU F 84 -46.00 41.43 -73.41
C LEU F 84 -46.83 42.53 -74.05
N ARG F 85 -46.15 43.58 -74.50
CA ARG F 85 -46.77 44.73 -75.14
C ARG F 85 -45.79 45.26 -76.18
N SER F 86 -46.00 46.49 -76.63
CA SER F 86 -45.01 47.17 -77.45
C SER F 86 -43.92 47.85 -76.62
N ASP F 87 -43.86 47.56 -75.32
CA ASP F 87 -42.82 48.07 -74.44
C ASP F 87 -41.85 46.99 -73.99
N ASP F 88 -42.00 45.76 -74.48
CA ASP F 88 -41.05 44.69 -74.18
C ASP F 88 -40.36 44.17 -75.44
N THR F 89 -40.53 44.86 -76.57
CA THR F 89 -39.89 44.47 -77.83
C THR F 89 -38.40 44.78 -77.71
N ALA F 90 -37.69 43.86 -77.08
CA ALA F 90 -36.40 44.16 -76.48
C ALA F 90 -35.48 42.96 -76.64
N VAL F 91 -34.21 43.19 -76.38
CA VAL F 91 -33.22 42.12 -76.44
C VAL F 91 -32.97 41.67 -75.01
N TYR F 92 -32.87 40.37 -74.81
CA TYR F 92 -32.87 39.79 -73.47
C TYR F 92 -31.59 38.98 -73.30
N TYR F 93 -30.84 39.25 -72.24
CA TYR F 93 -29.52 38.67 -72.03
C TYR F 93 -29.52 37.85 -70.76
N CYS F 94 -29.28 36.54 -70.87
CA CYS F 94 -28.86 35.82 -69.70
C CYS F 94 -27.41 36.17 -69.40
N ALA F 95 -27.02 36.00 -68.14
CA ALA F 95 -25.67 36.41 -67.77
C ALA F 95 -25.17 35.61 -66.59
N ARG F 96 -23.85 35.41 -66.58
CA ARG F 96 -23.14 34.71 -65.51
C ARG F 96 -22.73 35.74 -64.47
N ASP F 97 -23.33 35.65 -63.29
CA ASP F 97 -22.97 36.55 -62.19
C ASP F 97 -21.60 36.17 -61.67
N GLN F 98 -20.59 36.98 -61.93
CA GLN F 98 -19.29 36.77 -61.32
C GLN F 98 -19.39 37.08 -59.84
N SER F 99 -19.16 36.09 -59.01
CA SER F 99 -19.49 36.21 -57.60
C SER F 99 -18.44 37.06 -56.89
N GLY F 100 -17.17 36.88 -57.27
CA GLY F 100 -16.10 37.81 -56.94
C GLY F 100 -15.77 37.98 -55.48
N PHE F 101 -15.74 39.26 -55.05
CA PHE F 101 -16.04 39.75 -53.70
C PHE F 101 -16.12 41.27 -53.81
N ASP F 102 -17.16 41.86 -53.23
CA ASP F 102 -17.32 43.32 -53.28
C ASP F 102 -17.74 43.90 -54.65
N PHE F 103 -17.78 43.06 -55.70
CA PHE F 103 -18.15 43.54 -57.02
C PHE F 103 -18.97 42.47 -57.71
N PHE F 104 -19.66 42.86 -58.77
CA PHE F 104 -20.57 41.93 -59.43
C PHE F 104 -20.10 41.58 -60.84
N TYR F 105 -19.86 42.57 -61.69
CA TYR F 105 -18.95 42.51 -62.82
C TYR F 105 -19.42 41.64 -64.00
N TYR F 106 -20.42 40.76 -63.81
CA TYR F 106 -21.15 40.10 -64.90
C TYR F 106 -20.26 39.36 -65.90
N ASP F 107 -19.87 38.11 -65.59
CA ASP F 107 -18.72 37.32 -66.06
C ASP F 107 -18.75 37.02 -67.56
N HIS F 108 -18.41 35.77 -67.96
CA HIS F 108 -18.45 35.29 -69.34
C HIS F 108 -19.58 35.83 -70.21
N TRP F 109 -20.77 35.99 -69.63
CA TRP F 109 -21.81 36.96 -69.95
C TRP F 109 -22.68 36.51 -71.11
N GLY F 110 -22.29 35.50 -71.88
CA GLY F 110 -23.12 34.87 -72.89
C GLY F 110 -23.66 35.75 -74.01
N GLN F 111 -24.78 35.32 -74.57
CA GLN F 111 -25.42 35.98 -75.70
C GLN F 111 -26.90 35.66 -75.60
N GLY F 112 -27.75 36.66 -75.85
CA GLY F 112 -29.16 36.55 -75.62
C GLY F 112 -29.98 36.68 -76.89
N THR F 113 -31.29 36.67 -76.69
CA THR F 113 -32.26 36.55 -77.77
C THR F 113 -33.00 37.86 -77.97
N LEU F 114 -33.21 38.24 -79.22
CA LEU F 114 -34.14 39.32 -79.51
C LEU F 114 -35.55 38.82 -79.31
N VAL F 115 -36.43 39.72 -78.88
CA VAL F 115 -37.86 39.42 -78.78
C VAL F 115 -38.60 40.60 -79.41
N ALA F 116 -39.37 40.32 -80.46
CA ALA F 116 -40.23 41.32 -81.08
C ALA F 116 -41.68 40.88 -80.94
N VAL F 117 -42.59 41.84 -81.15
CA VAL F 117 -44.00 41.61 -80.88
C VAL F 117 -44.85 41.89 -82.12
N GLN G 1 -31.80 56.42 -67.30
CA GLN G 1 -33.08 56.78 -66.69
C GLN G 1 -33.17 56.07 -65.34
N SER G 2 -32.32 55.07 -65.14
CA SER G 2 -32.29 54.32 -63.89
C SER G 2 -31.54 55.11 -62.82
N VAL G 3 -31.18 54.44 -61.72
CA VAL G 3 -30.73 55.14 -60.53
C VAL G 3 -29.33 55.73 -60.65
N LEU G 4 -28.59 55.43 -61.71
CA LEU G 4 -27.23 55.95 -61.90
C LEU G 4 -27.19 56.70 -63.24
N THR G 5 -27.22 58.01 -63.16
CA THR G 5 -27.37 58.85 -64.35
C THR G 5 -26.06 58.91 -65.14
N GLN G 6 -26.16 58.59 -66.42
CA GLN G 6 -25.07 58.63 -67.37
C GLN G 6 -25.25 59.81 -68.29
N PRO G 7 -24.23 60.64 -68.51
CA PRO G 7 -24.31 61.64 -69.57
C PRO G 7 -24.36 60.96 -70.93
N PRO G 8 -25.20 61.46 -71.85
CA PRO G 8 -25.56 60.67 -73.03
C PRO G 8 -24.51 60.61 -74.14
N SER G 9 -23.81 61.71 -74.42
CA SER G 9 -22.95 61.76 -75.59
C SER G 9 -21.62 62.41 -75.25
N ALA G 10 -20.61 62.04 -76.03
CA ALA G 10 -19.27 62.60 -76.00
C ALA G 10 -18.55 62.16 -77.27
N SER G 11 -17.70 63.04 -77.79
CA SER G 11 -16.89 62.75 -78.96
C SER G 11 -15.70 63.71 -78.95
N GLY G 12 -14.95 63.71 -80.04
CA GLY G 12 -13.84 64.62 -80.17
C GLY G 12 -12.71 63.98 -80.97
N THR G 13 -11.51 64.52 -80.73
CA THR G 13 -10.35 64.15 -81.53
C THR G 13 -9.85 62.75 -81.17
N PRO G 14 -9.34 62.00 -82.14
CA PRO G 14 -8.72 60.71 -81.83
C PRO G 14 -7.31 60.91 -81.29
N GLY G 15 -6.72 59.81 -80.83
CA GLY G 15 -5.35 59.82 -80.36
C GLY G 15 -5.10 60.62 -79.09
N GLN G 16 -6.15 60.89 -78.32
CA GLN G 16 -6.06 61.76 -77.16
C GLN G 16 -6.75 61.08 -75.97
N ARG G 17 -6.23 61.37 -74.79
CA ARG G 17 -6.92 60.99 -73.57
C ARG G 17 -8.25 61.73 -73.46
N VAL G 18 -9.29 61.01 -73.04
CA VAL G 18 -10.58 61.60 -72.70
C VAL G 18 -11.06 60.95 -71.42
N THR G 19 -12.11 61.51 -70.84
CA THR G 19 -12.68 60.97 -69.62
C THR G 19 -14.19 60.96 -69.71
N ILE G 20 -14.79 60.02 -68.98
CA ILE G 20 -16.24 59.93 -68.90
C ILE G 20 -16.61 59.51 -67.48
N SER G 21 -17.62 60.16 -66.91
CA SER G 21 -17.91 59.99 -65.50
C SER G 21 -19.38 59.66 -65.27
N CYS G 22 -19.60 59.00 -64.13
CA CYS G 22 -20.89 58.47 -63.73
C CYS G 22 -21.07 58.84 -62.27
N SER G 23 -22.22 59.40 -61.93
CA SER G 23 -22.46 59.90 -60.59
C SER G 23 -23.95 59.82 -60.28
N GLY G 24 -24.30 59.08 -59.24
CA GLY G 24 -25.68 58.94 -58.84
C GLY G 24 -25.88 59.12 -57.35
N SER G 25 -26.93 58.51 -56.81
CA SER G 25 -27.23 58.63 -55.39
C SER G 25 -26.20 57.87 -54.55
N GLY G 26 -25.99 58.35 -53.34
CA GLY G 26 -25.06 57.73 -52.41
C GLY G 26 -25.50 56.41 -51.82
N SER G 27 -26.69 55.92 -52.21
CA SER G 27 -27.13 54.59 -51.77
C SER G 27 -26.23 53.50 -52.32
N ASN G 28 -25.74 53.66 -53.55
CA ASN G 28 -24.86 52.65 -54.10
C ASN G 28 -23.55 53.21 -54.64
N ILE G 29 -23.57 54.39 -55.28
CA ILE G 29 -22.40 54.86 -55.98
C ILE G 29 -21.37 55.46 -55.03
N GLY G 30 -21.78 55.82 -53.82
CA GLY G 30 -20.86 56.18 -52.77
C GLY G 30 -20.76 55.14 -51.67
N SER G 31 -21.26 53.93 -51.89
CA SER G 31 -21.25 52.90 -50.87
C SER G 31 -20.70 51.59 -51.41
N ASN G 32 -20.78 51.37 -52.73
CA ASN G 32 -20.32 50.14 -53.35
C ASN G 32 -19.53 50.49 -54.61
N THR G 33 -19.01 49.45 -55.27
CA THR G 33 -18.09 49.64 -56.38
C THR G 33 -18.82 50.13 -57.62
N ILE G 34 -18.05 50.47 -58.65
CA ILE G 34 -18.58 50.88 -59.94
C ILE G 34 -17.80 50.14 -61.00
N ASN G 35 -18.37 49.07 -61.54
CA ASN G 35 -17.76 48.36 -62.65
C ASN G 35 -18.14 49.06 -63.94
N TRP G 36 -17.43 48.74 -65.00
CA TRP G 36 -17.66 49.39 -66.29
C TRP G 36 -17.62 48.36 -67.41
N TYR G 37 -18.59 48.44 -68.32
CA TYR G 37 -18.68 47.58 -69.49
C TYR G 37 -18.64 48.41 -70.76
N GLN G 38 -18.37 47.71 -71.87
CA GLN G 38 -18.36 48.31 -73.20
C GLN G 38 -19.25 47.51 -74.13
N GLN G 39 -20.09 48.23 -74.89
CA GLN G 39 -21.02 47.64 -75.83
C GLN G 39 -20.57 47.93 -77.25
N LEU G 40 -20.20 46.88 -77.97
CA LEU G 40 -19.96 46.98 -79.40
C LEU G 40 -21.26 46.75 -80.15
N PRO G 41 -21.60 47.60 -81.11
CA PRO G 41 -22.91 47.49 -81.78
C PRO G 41 -22.98 46.29 -82.71
N GLY G 42 -24.18 45.74 -82.82
CA GLY G 42 -24.43 44.58 -83.65
C GLY G 42 -24.06 43.26 -83.03
N THR G 43 -23.61 43.24 -81.77
CA THR G 43 -23.14 42.01 -81.14
C THR G 43 -23.36 42.11 -79.64
N ALA G 44 -22.85 41.12 -78.92
CA ALA G 44 -22.96 41.13 -77.47
C ALA G 44 -21.84 41.96 -76.86
N PRO G 45 -22.14 42.82 -75.88
CA PRO G 45 -21.10 43.59 -75.19
C PRO G 45 -20.09 42.80 -74.38
N LYS G 46 -19.13 43.50 -73.79
CA LYS G 46 -18.01 42.93 -73.06
C LYS G 46 -18.00 43.42 -71.61
N VAL G 47 -16.91 43.10 -70.91
CA VAL G 47 -16.57 43.72 -69.63
C VAL G 47 -15.28 44.51 -69.80
N LEU G 48 -15.15 45.61 -69.06
CA LEU G 48 -13.95 46.43 -69.14
C LEU G 48 -13.20 46.47 -67.82
N ILE G 49 -13.83 46.85 -66.72
CA ILE G 49 -13.07 47.00 -65.47
C ILE G 49 -13.97 46.78 -64.26
N TYR G 50 -13.50 45.93 -63.35
CA TYR G 50 -14.15 45.68 -62.07
C TYR G 50 -13.31 46.27 -60.94
N ARG G 51 -13.98 46.59 -59.82
CA ARG G 51 -13.41 47.17 -58.60
C ARG G 51 -12.67 48.49 -58.84
N ASN G 52 -13.01 49.19 -59.94
CA ASN G 52 -12.57 50.52 -60.34
C ASN G 52 -11.10 50.64 -60.67
N ASN G 53 -10.31 49.60 -60.48
CA ASN G 53 -8.90 49.75 -60.79
C ASN G 53 -8.35 48.64 -61.67
N GLU G 54 -8.77 47.39 -61.44
CA GLU G 54 -8.13 46.24 -62.03
C GLU G 54 -8.88 45.78 -63.28
N ARG G 55 -8.16 45.68 -64.38
CA ARG G 55 -8.71 45.08 -65.59
C ARG G 55 -8.78 43.56 -65.40
N PRO G 56 -9.52 42.87 -66.26
CA PRO G 56 -9.31 41.42 -66.36
C PRO G 56 -8.21 41.08 -67.35
N SER G 57 -7.96 39.79 -67.55
CA SER G 57 -6.93 39.37 -68.48
C SER G 57 -7.41 39.58 -69.92
N GLY G 58 -6.44 39.70 -70.82
CA GLY G 58 -6.71 39.82 -72.25
C GLY G 58 -7.01 41.22 -72.75
N VAL G 59 -7.78 42.00 -71.99
CA VAL G 59 -8.20 43.34 -72.38
C VAL G 59 -6.99 44.27 -72.29
N PRO G 60 -6.94 45.36 -73.07
CA PRO G 60 -5.72 46.20 -73.08
C PRO G 60 -5.51 47.00 -71.80
N ASP G 61 -4.46 47.83 -71.82
CA ASP G 61 -4.01 48.56 -70.64
C ASP G 61 -4.47 50.02 -70.61
N ARG G 62 -4.72 50.62 -71.78
CA ARG G 62 -4.85 52.07 -71.87
C ARG G 62 -6.11 52.61 -71.20
N PHE G 63 -7.13 51.79 -70.99
CA PHE G 63 -8.28 52.22 -70.21
C PHE G 63 -7.92 52.18 -68.73
N SER G 64 -8.45 53.14 -67.98
CA SER G 64 -8.26 53.09 -66.53
C SER G 64 -9.46 53.69 -65.83
N GLY G 65 -9.94 53.00 -64.82
CA GLY G 65 -11.05 53.52 -64.04
C GLY G 65 -10.59 54.22 -62.80
N SER G 66 -11.48 55.04 -62.24
CA SER G 66 -11.22 55.69 -60.96
C SER G 66 -12.56 55.88 -60.26
N LYS G 67 -12.61 55.50 -58.99
CA LYS G 67 -13.75 55.85 -58.15
C LYS G 67 -13.40 57.09 -57.33
N SER G 68 -13.30 58.22 -58.03
CA SER G 68 -13.00 59.49 -57.38
C SER G 68 -14.27 59.95 -56.67
N GLY G 69 -14.49 59.37 -55.48
CA GLY G 69 -15.68 59.67 -54.70
C GLY G 69 -16.95 59.24 -55.40
N THR G 70 -17.91 60.16 -55.46
CA THR G 70 -19.14 59.93 -56.22
C THR G 70 -18.93 60.02 -57.72
N SER G 71 -17.77 60.49 -58.17
CA SER G 71 -17.47 60.56 -59.60
C SER G 71 -16.67 59.33 -60.00
N ALA G 72 -17.30 58.42 -60.73
CA ALA G 72 -16.57 57.31 -61.31
C ALA G 72 -16.17 57.69 -62.72
N SER G 73 -14.88 57.68 -63.01
CA SER G 73 -14.38 58.20 -64.29
C SER G 73 -13.48 57.19 -64.96
N LEU G 74 -13.77 56.92 -66.23
CA LEU G 74 -12.87 56.21 -67.12
C LEU G 74 -12.01 57.24 -67.84
N THR G 75 -10.70 57.03 -67.79
CA THR G 75 -9.75 57.78 -68.60
C THR G 75 -9.21 56.86 -69.70
N ILE G 76 -9.18 57.41 -70.91
CA ILE G 76 -8.78 56.72 -72.12
C ILE G 76 -7.59 57.48 -72.67
N SER G 77 -6.39 57.02 -72.35
CA SER G 77 -5.16 57.63 -72.85
C SER G 77 -4.72 56.90 -74.11
N GLY G 78 -4.47 57.65 -75.18
CA GLY G 78 -4.11 57.03 -76.44
C GLY G 78 -5.30 56.37 -77.09
N LEU G 79 -6.27 57.18 -77.51
CA LEU G 79 -7.50 56.65 -78.08
C LEU G 79 -7.24 56.10 -79.47
N GLN G 80 -7.80 54.92 -79.74
CA GLN G 80 -7.55 54.18 -80.97
C GLN G 80 -8.81 54.15 -81.82
N SER G 81 -8.72 53.47 -82.97
CA SER G 81 -9.71 53.58 -84.03
C SER G 81 -10.59 52.34 -84.17
N GLU G 82 -10.93 51.71 -83.05
CA GLU G 82 -11.82 50.56 -83.12
C GLU G 82 -12.91 50.53 -82.06
N ASP G 83 -12.86 51.36 -81.02
CA ASP G 83 -13.77 51.24 -79.88
C ASP G 83 -14.85 52.32 -79.88
N GLU G 84 -15.38 52.66 -81.05
CA GLU G 84 -16.62 53.43 -81.13
C GLU G 84 -17.76 52.59 -80.56
N ALA G 85 -18.25 52.97 -79.39
CA ALA G 85 -18.98 52.00 -78.58
C ALA G 85 -19.93 52.72 -77.62
N TYR G 86 -20.60 51.94 -76.78
CA TYR G 86 -21.46 52.46 -75.72
C TYR G 86 -20.90 52.03 -74.38
N TYR G 87 -20.48 52.98 -73.56
CA TYR G 87 -19.83 52.66 -72.30
C TYR G 87 -20.83 52.76 -71.15
N HIS G 88 -20.92 51.70 -70.36
CA HIS G 88 -22.02 51.50 -69.42
C HIS G 88 -21.49 51.35 -68.01
N CYS G 89 -21.99 52.19 -67.09
CA CYS G 89 -21.72 52.04 -65.67
C CYS G 89 -22.39 50.78 -65.15
N ALA G 90 -21.97 50.37 -63.96
CA ALA G 90 -22.67 49.31 -63.25
C ALA G 90 -22.34 49.42 -61.78
N ALA G 91 -23.31 49.06 -60.95
CA ALA G 91 -23.00 49.03 -59.52
C ALA G 91 -23.95 48.07 -58.83
N TRP G 92 -23.44 47.36 -57.83
CA TRP G 92 -24.33 46.71 -56.89
C TRP G 92 -25.04 47.77 -56.07
N ASP G 93 -26.31 47.51 -55.75
CA ASP G 93 -27.09 48.44 -54.93
C ASP G 93 -27.85 47.67 -53.86
N ASP G 94 -27.71 48.10 -52.62
CA ASP G 94 -28.39 47.48 -51.50
C ASP G 94 -29.83 47.95 -51.33
N SER G 95 -30.22 49.04 -51.98
CA SER G 95 -31.59 49.54 -51.85
C SER G 95 -32.55 48.65 -52.62
N LEU G 96 -32.34 48.50 -53.92
CA LEU G 96 -33.14 47.60 -54.71
C LEU G 96 -32.71 46.15 -54.58
N ASN G 97 -31.61 45.89 -53.87
CA ASN G 97 -31.00 44.57 -53.68
C ASN G 97 -30.69 43.90 -55.01
N GLY G 98 -29.82 44.53 -55.78
CA GLY G 98 -29.51 44.05 -57.10
C GLY G 98 -28.49 44.90 -57.81
N PRO G 99 -27.93 44.40 -58.90
CA PRO G 99 -27.16 45.27 -59.77
C PRO G 99 -28.08 46.27 -60.44
N VAL G 100 -27.55 47.46 -60.66
CA VAL G 100 -28.26 48.50 -61.39
C VAL G 100 -27.30 49.12 -62.38
N PHE G 101 -27.77 49.34 -63.58
CA PHE G 101 -26.92 49.74 -64.68
C PHE G 101 -27.30 51.15 -65.10
N GLY G 102 -26.69 51.62 -66.18
CA GLY G 102 -26.93 52.97 -66.65
C GLY G 102 -27.00 52.97 -68.17
N GLY G 103 -27.41 54.12 -68.71
CA GLY G 103 -27.70 54.20 -70.13
C GLY G 103 -26.48 54.02 -71.02
N GLY G 104 -25.31 54.45 -70.56
CA GLY G 104 -24.11 54.28 -71.34
C GLY G 104 -23.94 55.40 -72.33
N THR G 105 -22.80 56.08 -72.28
CA THR G 105 -22.52 57.14 -73.23
C THR G 105 -22.15 56.53 -74.56
N LYS G 106 -22.72 57.08 -75.64
CA LYS G 106 -22.43 56.60 -77.00
C LYS G 106 -21.17 57.30 -77.49
N LEU G 107 -20.02 56.79 -77.05
CA LEU G 107 -18.75 57.45 -77.33
C LEU G 107 -18.30 57.07 -78.74
N THR G 108 -18.04 58.09 -79.55
CA THR G 108 -17.77 57.92 -80.97
C THR G 108 -16.38 58.46 -81.29
N VAL G 109 -15.56 57.61 -81.92
CA VAL G 109 -14.22 57.98 -82.34
C VAL G 109 -14.29 58.51 -83.77
N LEU G 110 -13.86 59.75 -83.96
CA LEU G 110 -13.89 60.37 -85.28
C LEU G 110 -12.80 59.81 -86.17
N GLY G 111 -12.87 60.16 -87.45
CA GLY G 111 -11.86 59.76 -88.41
C GLY G 111 -10.74 60.77 -88.50
N GLN H 1 -68.11 -3.96 -11.54
CA GLN H 1 -69.46 -3.46 -11.27
C GLN H 1 -69.41 -2.22 -10.39
N LEU H 2 -70.09 -1.16 -10.81
CA LEU H 2 -70.16 0.07 -10.02
C LEU H 2 -71.62 0.41 -9.74
N VAL H 3 -71.84 1.08 -8.61
CA VAL H 3 -73.17 1.53 -8.23
C VAL H 3 -73.00 2.95 -7.67
N GLN H 4 -74.06 3.73 -7.79
CA GLN H 4 -74.03 5.17 -7.57
C GLN H 4 -74.90 5.55 -6.38
N SER H 5 -74.77 6.81 -5.98
CA SER H 5 -75.59 7.38 -4.92
C SER H 5 -76.88 7.93 -5.54
N GLY H 6 -77.63 8.69 -4.76
CA GLY H 6 -78.88 9.23 -5.24
C GLY H 6 -78.72 10.45 -6.13
N ALA H 7 -79.81 10.78 -6.82
CA ALA H 7 -79.89 11.95 -7.67
C ALA H 7 -80.95 12.89 -7.11
N GLU H 8 -80.57 14.13 -6.84
CA GLU H 8 -81.45 15.03 -6.11
C GLU H 8 -81.08 16.47 -6.42
N VAL H 9 -82.04 17.36 -6.20
CA VAL H 9 -81.89 18.79 -6.47
C VAL H 9 -81.38 19.46 -5.21
N LYS H 10 -80.44 20.38 -5.38
CA LYS H 10 -79.85 21.15 -4.28
C LYS H 10 -80.13 22.63 -4.50
N LYS H 11 -79.51 23.46 -3.66
CA LYS H 11 -79.61 24.92 -3.75
C LYS H 11 -78.26 25.52 -4.14
N PRO H 12 -78.24 26.71 -4.75
CA PRO H 12 -76.96 27.29 -5.18
C PRO H 12 -76.04 27.65 -4.01
N GLY H 13 -74.74 27.60 -4.30
CA GLY H 13 -73.73 27.90 -3.31
C GLY H 13 -73.49 26.82 -2.26
N SER H 14 -74.12 25.66 -2.41
CA SER H 14 -74.08 24.63 -1.39
C SER H 14 -72.83 23.76 -1.56
N SER H 15 -72.81 22.63 -0.85
CA SER H 15 -71.77 21.61 -0.98
C SER H 15 -72.44 20.26 -1.13
N VAL H 16 -72.01 19.49 -2.13
CA VAL H 16 -72.71 18.29 -2.56
C VAL H 16 -71.76 17.10 -2.50
N LYS H 17 -72.21 16.02 -1.87
CA LYS H 17 -71.49 14.76 -1.81
C LYS H 17 -72.11 13.76 -2.77
N VAL H 18 -71.27 13.12 -3.58
CA VAL H 18 -71.68 11.98 -4.39
C VAL H 18 -70.68 10.85 -4.17
N SER H 19 -71.17 9.61 -4.18
CA SER H 19 -70.34 8.45 -3.85
C SER H 19 -70.58 7.32 -4.82
N CYS H 20 -69.50 6.73 -5.32
CA CYS H 20 -69.54 5.55 -6.17
C CYS H 20 -68.91 4.37 -5.45
N LYS H 21 -69.54 3.20 -5.58
CA LYS H 21 -69.16 2.01 -4.83
C LYS H 21 -68.87 0.88 -5.81
N ALA H 22 -67.76 0.17 -5.59
CA ALA H 22 -67.27 -0.86 -6.49
C ALA H 22 -67.55 -2.24 -5.94
N SER H 23 -67.76 -3.19 -6.86
CA SER H 23 -68.03 -4.58 -6.53
C SER H 23 -67.81 -5.42 -7.78
N GLY H 24 -67.07 -6.51 -7.64
CA GLY H 24 -66.88 -7.43 -8.74
C GLY H 24 -65.47 -7.97 -8.88
N ASP H 25 -64.49 -7.19 -8.41
CA ASP H 25 -63.08 -7.55 -8.49
C ASP H 25 -62.32 -6.77 -7.41
N THR H 26 -61.00 -6.73 -7.53
CA THR H 26 -60.19 -5.89 -6.67
C THR H 26 -60.47 -4.42 -6.94
N PHE H 27 -60.11 -3.59 -5.96
CA PHE H 27 -60.46 -2.19 -5.96
C PHE H 27 -59.27 -1.25 -5.94
N SER H 28 -58.20 -1.60 -5.23
CA SER H 28 -57.06 -0.69 -5.11
C SER H 28 -56.22 -0.63 -6.37
N SER H 29 -56.17 -1.73 -7.11
CA SER H 29 -55.37 -1.81 -8.33
C SER H 29 -55.79 -0.74 -9.33
N TYR H 30 -57.08 -0.68 -9.60
CA TYR H 30 -57.62 0.29 -10.53
C TYR H 30 -57.47 1.71 -9.96
N THR H 31 -57.68 2.69 -10.82
CA THR H 31 -57.83 4.08 -10.44
C THR H 31 -59.26 4.50 -10.78
N PHE H 32 -59.60 5.76 -10.54
CA PHE H 32 -60.96 6.19 -10.82
C PHE H 32 -60.98 7.62 -11.35
N SER H 33 -61.54 7.81 -12.53
CA SER H 33 -61.75 9.14 -13.05
C SER H 33 -63.17 9.60 -12.76
N TRP H 34 -63.40 10.90 -12.94
CA TRP H 34 -64.69 11.50 -12.66
C TRP H 34 -64.94 12.54 -13.73
N VAL H 35 -65.96 12.33 -14.54
CA VAL H 35 -66.26 13.21 -15.67
C VAL H 35 -67.64 13.82 -15.46
N ARG H 36 -67.92 14.85 -16.27
CA ARG H 36 -69.10 15.66 -16.09
C ARG H 36 -69.73 15.89 -17.45
N GLN H 37 -71.05 15.90 -17.49
CA GLN H 37 -71.77 16.01 -18.76
C GLN H 37 -72.92 16.98 -18.60
N ALA H 38 -72.82 18.12 -19.27
CA ALA H 38 -73.96 19.01 -19.40
C ALA H 38 -75.05 18.32 -20.22
N PRO H 39 -76.33 18.52 -19.89
CA PRO H 39 -77.39 17.75 -20.55
C PRO H 39 -77.58 18.16 -22.00
N GLY H 40 -77.64 17.15 -22.88
CA GLY H 40 -77.74 17.38 -24.30
C GLY H 40 -76.43 17.65 -25.00
N GLN H 41 -75.32 17.67 -24.27
CA GLN H 41 -74.03 18.07 -24.85
C GLN H 41 -72.97 17.01 -24.62
N GLY H 42 -71.72 17.37 -24.87
CA GLY H 42 -70.62 16.43 -24.81
C GLY H 42 -69.87 16.47 -23.50
N LEU H 43 -69.08 15.43 -23.28
CA LEU H 43 -68.37 15.24 -22.02
C LEU H 43 -67.22 16.23 -21.90
N GLU H 44 -66.57 16.18 -20.75
CA GLU H 44 -65.29 16.83 -20.49
C GLU H 44 -64.63 16.05 -19.35
N TRP H 45 -63.61 16.62 -18.75
CA TRP H 45 -62.89 15.91 -17.71
C TRP H 45 -62.81 16.77 -16.47
N MET H 46 -63.08 16.17 -15.31
CA MET H 46 -63.22 16.93 -14.07
C MET H 46 -62.18 16.55 -13.03
N GLY H 47 -62.08 15.28 -12.65
CA GLY H 47 -61.15 14.94 -11.59
C GLY H 47 -60.74 13.49 -11.51
N ARG H 48 -59.44 13.26 -11.46
CA ARG H 48 -58.88 11.92 -11.37
C ARG H 48 -58.57 11.62 -9.92
N SER H 49 -58.67 10.35 -9.54
CA SER H 49 -58.41 9.95 -8.17
C SER H 49 -57.69 8.62 -8.16
N ILE H 50 -56.69 8.52 -7.29
CA ILE H 50 -55.87 7.33 -7.14
C ILE H 50 -56.12 6.76 -5.76
N PRO H 51 -56.85 5.65 -5.62
CA PRO H 51 -57.12 5.10 -4.28
C PRO H 51 -55.93 4.40 -3.63
N ILE H 52 -54.75 4.41 -4.24
CA ILE H 52 -53.60 3.76 -3.63
C ILE H 52 -53.01 4.62 -2.53
N VAL H 53 -52.64 5.86 -2.86
CA VAL H 53 -52.02 6.76 -1.89
C VAL H 53 -52.94 7.89 -1.47
N GLY H 54 -54.19 7.88 -1.92
CA GLY H 54 -55.12 8.94 -1.58
C GLY H 54 -54.92 10.23 -2.35
N LYS H 55 -53.98 10.27 -3.29
CA LYS H 55 -53.72 11.49 -4.04
C LYS H 55 -54.87 11.76 -4.99
N ALA H 56 -55.17 13.04 -5.19
CA ALA H 56 -56.14 13.49 -6.17
C ALA H 56 -55.44 14.40 -7.16
N ILE H 57 -55.97 14.47 -8.38
CA ILE H 57 -55.40 15.31 -9.41
C ILE H 57 -56.54 15.83 -10.26
N TYR H 58 -56.42 17.07 -10.74
CA TYR H 58 -57.59 17.76 -11.26
C TYR H 58 -57.31 18.41 -12.61
N ALA H 59 -58.28 19.19 -13.09
CA ALA H 59 -58.13 19.97 -14.30
C ALA H 59 -57.97 21.44 -13.96
N GLN H 60 -57.20 22.16 -14.77
CA GLN H 60 -56.95 23.58 -14.55
C GLN H 60 -58.19 24.43 -14.78
N GLU H 61 -59.22 23.90 -15.44
CA GLU H 61 -60.47 24.64 -15.56
C GLU H 61 -61.26 24.62 -14.27
N PHE H 62 -61.29 23.49 -13.58
CA PHE H 62 -62.12 23.33 -12.39
C PHE H 62 -61.33 22.70 -11.26
N GLN H 63 -60.14 23.25 -11.00
CA GLN H 63 -59.38 22.91 -9.81
C GLN H 63 -59.89 23.70 -8.62
N GLY H 64 -60.14 23.00 -7.51
CA GLY H 64 -60.31 23.66 -6.24
C GLY H 64 -61.72 23.60 -5.69
N ARG H 65 -62.70 23.78 -6.56
CA ARG H 65 -64.09 23.81 -6.13
C ARG H 65 -64.67 22.42 -5.98
N VAL H 66 -63.91 21.39 -6.33
CA VAL H 66 -64.26 20.00 -6.10
C VAL H 66 -63.11 19.34 -5.35
N THR H 67 -63.43 18.53 -4.35
CA THR H 67 -62.46 17.62 -3.78
C THR H 67 -62.93 16.19 -4.04
N ILE H 68 -61.98 15.27 -4.01
CA ILE H 68 -62.24 13.89 -4.39
C ILE H 68 -61.30 12.99 -3.62
N SER H 69 -61.87 11.98 -2.95
CA SER H 69 -61.06 10.99 -2.26
C SER H 69 -61.82 9.67 -2.27
N ALA H 70 -61.23 8.65 -1.67
CA ALA H 70 -61.84 7.34 -1.64
C ALA H 70 -61.29 6.56 -0.45
N ASP H 71 -62.00 5.50 -0.09
CA ASP H 71 -61.53 4.56 0.91
C ASP H 71 -61.72 3.14 0.40
N ARG H 72 -60.70 2.32 0.63
CA ARG H 72 -60.72 0.91 0.28
C ARG H 72 -61.24 0.05 1.42
N SER H 73 -61.68 0.65 2.52
CA SER H 73 -62.28 -0.11 3.61
C SER H 73 -63.61 -0.70 3.20
N THR H 74 -64.38 0.06 2.42
CA THR H 74 -65.61 -0.44 1.81
C THR H 74 -65.73 -0.02 0.35
N THR H 75 -64.60 0.37 -0.27
CA THR H 75 -64.46 0.66 -1.71
C THR H 75 -65.41 1.75 -2.18
N THR H 76 -65.45 2.85 -1.43
CA THR H 76 -66.34 3.97 -1.75
C THR H 76 -65.54 5.21 -2.08
N VAL H 77 -65.93 5.88 -3.15
CA VAL H 77 -65.27 7.09 -3.64
C VAL H 77 -66.22 8.26 -3.46
N TYR H 78 -65.76 9.29 -2.75
CA TYR H 78 -66.54 10.48 -2.45
C TYR H 78 -66.00 11.67 -3.23
N MET H 79 -66.87 12.28 -4.02
CA MET H 79 -66.62 13.54 -4.70
C MET H 79 -67.50 14.62 -4.10
N GLU H 80 -66.88 15.69 -3.59
CA GLU H 80 -67.61 16.81 -3.01
C GLU H 80 -67.42 18.03 -3.90
N LEU H 81 -68.53 18.57 -4.38
CA LEU H 81 -68.52 19.75 -5.23
C LEU H 81 -69.01 20.96 -4.47
N SER H 82 -68.32 22.09 -4.65
CA SER H 82 -68.70 23.36 -4.07
C SER H 82 -68.82 24.39 -5.19
N SER H 83 -69.46 25.52 -4.84
CA SER H 83 -69.73 26.64 -5.74
C SER H 83 -70.55 26.21 -6.95
N LEU H 84 -71.67 25.54 -6.69
CA LEU H 84 -72.58 25.18 -7.76
C LEU H 84 -73.35 26.41 -8.23
N ARG H 85 -73.83 26.33 -9.47
CA ARG H 85 -74.58 27.41 -10.10
C ARG H 85 -75.60 26.75 -11.02
N SER H 86 -76.16 27.53 -11.95
CA SER H 86 -76.97 26.98 -13.03
C SER H 86 -76.14 26.47 -14.19
N ASP H 87 -74.82 26.39 -14.03
CA ASP H 87 -73.92 25.84 -15.03
C ASP H 87 -73.34 24.49 -14.64
N ASP H 88 -73.75 23.94 -13.50
CA ASP H 88 -73.32 22.60 -13.09
C ASP H 88 -74.48 21.65 -12.97
N THR H 89 -75.67 22.04 -13.42
CA THR H 89 -76.86 21.19 -13.39
C THR H 89 -76.69 20.10 -14.44
N ALA H 90 -75.95 19.07 -14.04
CA ALA H 90 -75.30 18.18 -14.98
C ALA H 90 -75.32 16.76 -14.46
N VAL H 91 -75.00 15.82 -15.33
CA VAL H 91 -74.93 14.42 -14.93
C VAL H 91 -73.46 14.10 -14.72
N TYR H 92 -73.16 13.35 -13.67
CA TYR H 92 -71.79 13.16 -13.23
C TYR H 92 -71.49 11.67 -13.21
N TYR H 93 -70.41 11.27 -13.87
CA TYR H 93 -70.09 9.86 -14.07
C TYR H 93 -68.75 9.54 -13.42
N CYS H 94 -68.75 8.66 -12.43
CA CYS H 94 -67.52 8.02 -12.07
C CYS H 94 -67.15 6.99 -13.14
N ALA H 95 -65.87 6.69 -13.25
CA ALA H 95 -65.46 5.78 -14.32
C ALA H 95 -64.20 5.03 -13.94
N ARG H 96 -64.10 3.81 -14.46
CA ARG H 96 -62.94 2.95 -14.27
C ARG H 96 -61.95 3.22 -15.39
N ASP H 97 -60.81 3.78 -15.05
CA ASP H 97 -59.77 4.04 -16.03
C ASP H 97 -59.13 2.72 -16.44
N GLN H 98 -59.41 2.27 -17.66
CA GLN H 98 -58.70 1.10 -18.18
C GLN H 98 -57.26 1.47 -18.44
N SER H 99 -56.34 0.84 -17.74
CA SER H 99 -54.97 1.30 -17.73
C SER H 99 -54.27 0.91 -19.02
N GLY H 100 -54.57 -0.29 -19.52
CA GLY H 100 -54.25 -0.70 -20.88
C GLY H 100 -52.78 -0.76 -21.25
N PHE H 101 -52.45 -0.09 -22.37
CA PHE H 101 -51.16 0.54 -22.67
C PHE H 101 -51.38 1.39 -23.92
N ASP H 102 -50.90 2.63 -23.92
CA ASP H 102 -51.08 3.52 -25.06
C ASP H 102 -52.51 4.05 -25.29
N PHE H 103 -53.49 3.56 -24.52
CA PHE H 103 -54.87 4.01 -24.69
C PHE H 103 -55.52 4.10 -23.32
N PHE H 104 -56.64 4.80 -23.26
CA PHE H 104 -57.28 5.02 -21.97
C PHE H 104 -58.63 4.32 -21.87
N TYR H 105 -59.53 4.56 -22.81
CA TYR H 105 -60.61 3.66 -23.19
C TYR H 105 -61.74 3.51 -22.17
N TYR H 106 -61.53 3.92 -20.90
CA TYR H 106 -62.61 4.10 -19.92
C TYR H 106 -63.51 2.88 -19.71
N ASP H 107 -63.09 1.93 -18.87
CA ASP H 107 -63.43 0.50 -18.77
C ASP H 107 -64.90 0.23 -18.46
N HIS H 108 -65.18 -0.74 -17.56
CA HIS H 108 -66.54 -1.07 -17.07
C HIS H 108 -67.51 0.10 -16.92
N TRP H 109 -67.00 1.24 -16.45
CA TRP H 109 -67.45 2.60 -16.72
C TRP H 109 -68.62 3.01 -15.84
N GLY H 110 -69.29 2.08 -15.17
CA GLY H 110 -70.30 2.37 -14.17
C GLY H 110 -71.51 3.19 -14.59
N GLN H 111 -72.10 3.88 -13.62
CA GLN H 111 -73.30 4.66 -13.80
C GLN H 111 -73.26 5.77 -12.77
N GLY H 112 -73.64 6.98 -13.17
CA GLY H 112 -73.48 8.14 -12.33
C GLY H 112 -74.80 8.81 -11.97
N THR H 113 -74.68 9.93 -11.28
CA THR H 113 -75.78 10.59 -10.64
C THR H 113 -76.12 11.88 -11.36
N LEU H 114 -77.42 12.15 -11.53
CA LEU H 114 -77.83 13.48 -11.96
C LEU H 114 -77.68 14.44 -10.79
N VAL H 115 -77.36 15.70 -11.11
CA VAL H 115 -77.32 16.76 -10.12
C VAL H 115 -78.08 17.94 -10.71
N ALA H 116 -79.14 18.36 -10.04
CA ALA H 116 -79.88 19.55 -10.41
C ALA H 116 -79.80 20.58 -9.29
N VAL H 117 -80.11 21.83 -9.62
CA VAL H 117 -79.92 22.94 -8.70
C VAL H 117 -81.22 23.69 -8.44
N GLN I 1 -66.82 21.43 -28.16
CA GLN I 1 -66.31 22.75 -27.81
C GLN I 1 -64.91 22.58 -27.21
N SER I 2 -64.60 21.35 -26.81
CA SER I 2 -63.30 21.05 -26.22
C SER I 2 -62.25 20.91 -27.33
N VAL I 3 -61.09 20.36 -26.99
CA VAL I 3 -59.92 20.43 -27.86
C VAL I 3 -60.00 19.54 -29.08
N LEU I 4 -60.99 18.66 -29.19
CA LEU I 4 -61.16 17.76 -30.33
C LEU I 4 -62.53 18.01 -30.94
N THR I 5 -62.56 18.71 -32.06
CA THR I 5 -63.81 19.17 -32.65
C THR I 5 -64.52 18.03 -33.34
N GLN I 6 -65.78 17.84 -32.99
CA GLN I 6 -66.67 16.84 -33.56
C GLN I 6 -67.69 17.53 -34.44
N PRO I 7 -67.91 17.08 -35.67
CA PRO I 7 -69.05 17.56 -36.45
C PRO I 7 -70.36 17.15 -35.80
N PRO I 8 -71.35 18.04 -35.75
CA PRO I 8 -72.49 17.83 -34.85
C PRO I 8 -73.53 16.82 -35.31
N SER I 9 -73.85 16.77 -36.60
CA SER I 9 -74.97 15.97 -37.05
C SER I 9 -74.61 15.20 -38.32
N ALA I 10 -75.31 14.08 -38.50
CA ALA I 10 -75.23 13.23 -39.68
C ALA I 10 -76.42 12.27 -39.64
N SER I 11 -76.96 11.98 -40.82
CA SER I 11 -78.06 11.03 -40.96
C SER I 11 -78.06 10.51 -42.39
N GLY I 12 -79.11 9.79 -42.75
CA GLY I 12 -79.24 9.30 -44.10
C GLY I 12 -79.92 7.94 -44.12
N THR I 13 -79.66 7.22 -45.21
CA THR I 13 -80.36 5.97 -45.48
C THR I 13 -79.87 4.85 -44.56
N PRO I 14 -80.75 3.95 -44.16
CA PRO I 14 -80.31 2.77 -43.39
C PRO I 14 -79.72 1.73 -44.32
N GLY I 15 -79.14 0.69 -43.71
CA GLY I 15 -78.59 -0.43 -44.45
C GLY I 15 -77.38 -0.11 -45.30
N GLN I 16 -76.69 0.98 -45.01
CA GLN I 16 -75.59 1.47 -45.84
C GLN I 16 -74.40 1.79 -44.95
N ARG I 17 -73.21 1.62 -45.50
CA ARG I 17 -72.01 2.11 -44.85
C ARG I 17 -72.02 3.62 -44.80
N VAL I 18 -71.62 4.17 -43.66
CA VAL I 18 -71.40 5.60 -43.49
C VAL I 18 -70.09 5.79 -42.73
N THR I 19 -69.63 7.03 -42.68
CA THR I 19 -68.40 7.33 -41.96
C THR I 19 -68.57 8.60 -41.15
N ILE I 20 -67.80 8.70 -40.07
CA ILE I 20 -67.80 9.88 -39.22
C ILE I 20 -66.38 10.10 -38.74
N SER I 21 -65.92 11.35 -38.78
CA SER I 21 -64.52 11.64 -38.54
C SER I 21 -64.34 12.72 -37.48
N CYS I 22 -63.18 12.67 -36.85
CA CYS I 22 -62.81 13.52 -35.73
C CYS I 22 -61.39 13.99 -36.00
N SER I 23 -61.16 15.30 -35.90
CA SER I 23 -59.87 15.88 -36.24
C SER I 23 -59.64 17.12 -35.39
N GLY I 24 -58.57 17.12 -34.62
CA GLY I 24 -58.23 18.27 -33.79
C GLY I 24 -56.78 18.65 -33.89
N SER I 25 -56.25 19.28 -32.84
CA SER I 25 -54.87 19.71 -32.83
C SER I 25 -53.92 18.52 -32.76
N GLY I 26 -52.72 18.69 -33.33
CA GLY I 26 -51.70 17.66 -33.31
C GLY I 26 -51.06 17.41 -31.97
N SER I 27 -51.47 18.13 -30.92
CA SER I 27 -50.96 17.85 -29.57
C SER I 27 -51.38 16.47 -29.09
N ASN I 28 -52.58 16.03 -29.45
CA ASN I 28 -53.01 14.70 -29.03
C ASN I 28 -53.51 13.83 -30.17
N ILE I 29 -54.23 14.41 -31.13
CA ILE I 29 -54.91 13.60 -32.14
C ILE I 29 -53.95 13.11 -33.21
N GLY I 30 -52.79 13.76 -33.35
CA GLY I 30 -51.72 13.25 -34.18
C GLY I 30 -50.54 12.73 -33.38
N SER I 31 -50.71 12.50 -32.08
CA SER I 31 -49.61 12.06 -31.24
C SER I 31 -50.01 10.85 -30.39
N ASN I 32 -51.31 10.70 -30.12
CA ASN I 32 -51.82 9.62 -29.30
C ASN I 32 -53.06 9.01 -29.96
N THR I 33 -53.60 7.97 -29.33
CA THR I 33 -54.68 7.19 -29.93
C THR I 33 -55.98 7.96 -29.92
N ILE I 34 -56.99 7.39 -30.58
CA ILE I 34 -58.34 7.95 -30.61
C ILE I 34 -59.30 6.80 -30.35
N ASN I 35 -59.78 6.68 -29.13
CA ASN I 35 -60.80 5.70 -28.81
C ASN I 35 -62.16 6.28 -29.16
N TRP I 36 -63.16 5.42 -29.22
CA TRP I 36 -64.49 5.84 -29.60
C TRP I 36 -65.53 5.17 -28.71
N TYR I 37 -66.50 5.97 -28.24
CA TYR I 37 -67.60 5.48 -27.43
C TYR I 37 -68.94 5.77 -28.10
N GLN I 38 -69.97 5.09 -27.62
CA GLN I 38 -71.34 5.27 -28.09
C GLN I 38 -72.26 5.54 -26.92
N GLN I 39 -73.11 6.55 -27.05
CA GLN I 39 -74.06 6.97 -26.03
C GLN I 39 -75.46 6.60 -26.47
N LEU I 40 -76.08 5.69 -25.74
CA LEU I 40 -77.51 5.41 -25.90
C LEU I 40 -78.30 6.33 -25.01
N PRO I 41 -79.35 6.98 -25.52
CA PRO I 41 -80.07 7.98 -24.71
C PRO I 41 -80.91 7.34 -23.62
N GLY I 42 -81.06 8.07 -22.51
CA GLY I 42 -81.80 7.60 -21.38
C GLY I 42 -81.06 6.65 -20.46
N THR I 43 -79.79 6.36 -20.73
CA THR I 43 -79.06 5.38 -19.94
C THR I 43 -77.57 5.75 -19.96
N ALA I 44 -76.75 4.87 -19.42
CA ALA I 44 -75.31 5.10 -19.41
C ALA I 44 -74.70 4.62 -20.73
N PRO I 45 -73.81 5.40 -21.34
CA PRO I 45 -73.13 4.98 -22.57
C PRO I 45 -72.20 3.79 -22.45
N LYS I 46 -71.61 3.39 -23.57
CA LYS I 46 -70.78 2.19 -23.70
C LYS I 46 -69.37 2.56 -24.16
N VAL I 47 -68.59 1.53 -24.49
CA VAL I 47 -67.34 1.68 -25.24
C VAL I 47 -67.50 0.97 -26.58
N LEU I 48 -66.84 1.51 -27.61
CA LEU I 48 -66.91 0.91 -28.93
C LEU I 48 -65.56 0.40 -29.41
N ILE I 49 -64.52 1.23 -29.44
CA ILE I 49 -63.24 0.77 -29.99
C ILE I 49 -62.08 1.52 -29.37
N TYR I 50 -61.08 0.76 -28.94
CA TYR I 50 -59.83 1.29 -28.44
C TYR I 50 -58.70 0.97 -29.41
N ARG I 51 -57.65 1.82 -29.37
CA ARG I 51 -56.45 1.73 -30.21
C ARG I 51 -56.74 1.78 -31.70
N ASN I 52 -57.90 2.34 -32.07
CA ASN I 52 -58.38 2.62 -33.43
C ASN I 52 -58.63 1.39 -34.30
N ASN I 53 -58.32 0.20 -33.84
CA ASN I 53 -58.57 -0.95 -34.70
C ASN I 53 -59.32 -2.07 -34.00
N GLU I 54 -59.02 -2.33 -32.73
CA GLU I 54 -59.49 -3.54 -32.06
C GLU I 54 -60.74 -3.24 -31.24
N ARG I 55 -61.80 -4.00 -31.49
CA ARG I 55 -62.97 -3.95 -30.64
C ARG I 55 -62.69 -4.66 -29.33
N PRO I 56 -63.53 -4.47 -28.32
CA PRO I 56 -63.52 -5.40 -27.19
C PRO I 56 -64.41 -6.60 -27.44
N SER I 57 -64.49 -7.50 -26.47
CA SER I 57 -65.34 -8.67 -26.62
C SER I 57 -66.81 -8.29 -26.50
N GLY I 58 -67.67 -9.12 -27.07
CA GLY I 58 -69.11 -8.95 -27.00
C GLY I 58 -69.73 -8.02 -28.01
N VAL I 59 -69.08 -6.89 -28.29
CA VAL I 59 -69.58 -5.88 -29.20
C VAL I 59 -69.49 -6.42 -30.63
N PRO I 60 -70.36 -5.96 -31.56
CA PRO I 60 -70.35 -6.55 -32.91
C PRO I 60 -69.13 -6.21 -33.75
N ASP I 61 -69.14 -6.67 -35.00
CA ASP I 61 -68.00 -6.57 -35.89
C ASP I 61 -68.11 -5.43 -36.89
N ARG I 62 -69.33 -5.00 -37.24
CA ARG I 62 -69.55 -4.14 -38.40
C ARG I 62 -68.98 -2.73 -38.24
N PHE I 63 -68.77 -2.28 -37.01
CA PHE I 63 -68.08 -1.01 -36.78
C PHE I 63 -66.59 -1.20 -37.00
N SER I 64 -65.94 -0.18 -37.56
CA SER I 64 -64.49 -0.26 -37.67
C SER I 64 -63.89 1.14 -37.58
N GLY I 65 -62.87 1.29 -36.78
CA GLY I 65 -62.20 2.55 -36.66
C GLY I 65 -60.98 2.64 -37.55
N SER I 66 -60.55 3.86 -37.79
CA SER I 66 -59.31 4.10 -38.53
C SER I 66 -58.69 5.39 -38.01
N LYS I 67 -57.41 5.35 -37.69
CA LYS I 67 -56.66 6.57 -37.43
C LYS I 67 -55.91 6.99 -38.70
N SER I 68 -56.69 7.43 -39.68
CA SER I 68 -56.12 7.90 -40.95
C SER I 68 -55.51 9.27 -40.70
N GLY I 69 -54.31 9.27 -40.14
CA GLY I 69 -53.61 10.49 -39.79
C GLY I 69 -54.35 11.29 -38.72
N THR I 70 -54.53 12.58 -39.01
CA THR I 70 -55.33 13.44 -38.15
C THR I 70 -56.82 13.18 -38.28
N SER I 71 -57.25 12.39 -39.27
CA SER I 71 -58.65 12.06 -39.45
C SER I 71 -58.91 10.70 -38.80
N ALA I 72 -59.62 10.70 -37.68
CA ALA I 72 -60.06 9.45 -37.08
C ALA I 72 -61.48 9.19 -37.58
N SER I 73 -61.70 8.07 -38.24
CA SER I 73 -62.97 7.80 -38.89
C SER I 73 -63.53 6.45 -38.49
N LEU I 74 -64.78 6.45 -38.06
CA LEU I 74 -65.56 5.24 -37.90
C LEU I 74 -66.30 4.98 -39.19
N THR I 75 -66.17 3.76 -39.70
CA THR I 75 -66.99 3.27 -40.81
C THR I 75 -67.98 2.25 -40.28
N ILE I 76 -69.22 2.39 -40.72
CA ILE I 76 -70.35 1.58 -40.30
C ILE I 76 -70.90 0.93 -41.55
N SER I 77 -70.48 -0.31 -41.80
CA SER I 77 -70.94 -1.08 -42.94
C SER I 77 -72.12 -1.94 -42.51
N GLY I 78 -73.23 -1.86 -43.24
CA GLY I 78 -74.41 -2.59 -42.86
C GLY I 78 -75.09 -1.98 -41.65
N LEU I 79 -75.61 -0.77 -41.82
CA LEU I 79 -76.21 -0.04 -40.71
C LEU I 79 -77.54 -0.67 -40.32
N GLN I 80 -77.75 -0.84 -39.02
CA GLN I 80 -78.89 -1.54 -38.47
C GLN I 80 -79.82 -0.56 -37.76
N SER I 81 -80.91 -1.09 -37.20
CA SER I 81 -82.04 -0.28 -36.74
C SER I 81 -82.12 -0.19 -35.21
N GLU I 82 -80.98 -0.13 -34.54
CA GLU I 82 -81.01 0.03 -33.08
C GLU I 82 -80.03 1.04 -32.53
N ASP I 83 -79.04 1.50 -33.30
CA ASP I 83 -77.95 2.32 -32.76
C ASP I 83 -78.09 3.80 -33.11
N GLU I 84 -79.31 4.32 -33.08
CA GLU I 84 -79.52 5.77 -33.08
C GLU I 84 -78.95 6.36 -31.79
N ALA I 85 -77.83 7.06 -31.89
CA ALA I 85 -77.00 7.26 -30.72
C ALA I 85 -76.16 8.52 -30.87
N TYR I 86 -75.29 8.76 -29.88
CA TYR I 86 -74.33 9.85 -29.91
C TYR I 86 -72.93 9.27 -29.88
N TYR I 87 -72.16 9.47 -30.94
CA TYR I 87 -70.84 8.87 -31.06
C TYR I 87 -69.77 9.87 -30.65
N HIS I 88 -68.90 9.46 -29.72
CA HIS I 88 -68.01 10.38 -29.02
C HIS I 88 -66.56 9.97 -29.22
N CYS I 89 -65.75 10.90 -29.69
CA CYS I 89 -64.31 10.72 -29.76
C CYS I 89 -63.72 10.68 -28.35
N ALA I 90 -62.48 10.21 -28.27
CA ALA I 90 -61.75 10.32 -27.03
C ALA I 90 -60.28 10.23 -27.34
N ALA I 91 -59.47 10.93 -26.55
CA ALA I 91 -58.03 10.78 -26.72
C ALA I 91 -57.32 11.15 -25.45
N TRP I 92 -56.26 10.42 -25.14
CA TRP I 92 -55.32 10.93 -24.15
C TRP I 92 -54.61 12.16 -24.71
N ASP I 93 -54.34 13.14 -23.84
CA ASP I 93 -53.64 14.35 -24.24
C ASP I 93 -52.58 14.69 -23.23
N ASP I 94 -51.36 14.90 -23.72
CA ASP I 94 -50.22 15.25 -22.87
C ASP I 94 -50.17 16.73 -22.52
N SER I 95 -50.93 17.58 -23.22
CA SER I 95 -50.91 19.01 -22.93
C SER I 95 -51.67 19.30 -21.65
N LEU I 96 -52.93 18.92 -21.59
CA LEU I 96 -53.70 19.07 -20.36
C LEU I 96 -53.44 17.95 -19.36
N ASN I 97 -52.65 16.96 -19.75
CA ASN I 97 -52.32 15.77 -18.96
C ASN I 97 -53.59 15.05 -18.49
N GLY I 98 -54.35 14.57 -19.47
CA GLY I 98 -55.62 13.93 -19.17
C GLY I 98 -56.32 13.45 -20.41
N PRO I 99 -57.34 12.61 -20.24
CA PRO I 99 -58.24 12.34 -21.35
C PRO I 99 -59.03 13.58 -21.69
N VAL I 100 -59.31 13.74 -22.98
CA VAL I 100 -60.15 14.82 -23.47
C VAL I 100 -61.13 14.23 -24.47
N PHE I 101 -62.37 14.65 -24.37
CA PHE I 101 -63.45 14.04 -25.10
C PHE I 101 -63.98 15.05 -26.10
N GLY I 102 -65.06 14.69 -26.78
CA GLY I 102 -65.64 15.54 -27.79
C GLY I 102 -67.15 15.48 -27.70
N GLY I 103 -67.81 16.37 -28.45
CA GLY I 103 -69.24 16.54 -28.32
C GLY I 103 -70.04 15.34 -28.77
N GLY I 104 -69.55 14.61 -29.76
CA GLY I 104 -70.25 13.43 -30.22
C GLY I 104 -71.31 13.77 -31.23
N THR I 105 -71.25 13.17 -32.40
CA THR I 105 -72.24 13.40 -33.43
C THR I 105 -73.52 12.65 -33.06
N LYS I 106 -74.66 13.32 -33.18
CA LYS I 106 -75.96 12.71 -32.88
C LYS I 106 -76.43 11.96 -34.13
N LEU I 107 -75.88 10.77 -34.31
CA LEU I 107 -76.15 10.00 -35.52
C LEU I 107 -77.50 9.30 -35.39
N THR I 108 -78.37 9.54 -36.37
CA THR I 108 -79.75 9.10 -36.32
C THR I 108 -80.04 8.16 -37.49
N VAL I 109 -80.56 6.97 -37.17
CA VAL I 109 -80.93 5.99 -38.17
C VAL I 109 -82.39 6.20 -38.54
N LEU I 110 -82.65 6.46 -39.82
CA LEU I 110 -84.01 6.70 -40.28
C LEU I 110 -84.80 5.40 -40.35
N GLY I 111 -86.10 5.53 -40.56
CA GLY I 111 -86.97 4.39 -40.72
C GLY I 111 -87.07 3.95 -42.16
#